data_5WC3
#
_entry.id   5WC3
#
_cell.length_a   1
_cell.length_b   1
_cell.length_c   1
_cell.angle_alpha   90
_cell.angle_beta   90
_cell.angle_gamma   90
#
_symmetry.space_group_name_H-M   'P 1'
#
_entity_poly.entity_id   1
_entity_poly.type   'polypeptide(L)'
_entity_poly.pdbx_seq_one_letter_code
;GSHMKTENAKTITAVSSQHSADSKEKTAEVFKASKSDKPKDSIDDYEKEYENQLKEILETIIGVDDVSVVVNVDATSLKV
YEKNKSNKNTTTEETDKEGGKRSVTDQSSEEEIVMIKNGDKETPVVVQTKKPDIRGVLVVAQGVDNVQIKQTIIEAVTRV
LDVPSHRVAVAPKKIKEDS
;
_entity_poly.pdbx_strand_id   A,B,C,D,E,F,G,H,I,J,K,L,M,N,O,P,Q,R,S,T,U,V,W,X,Y,Z,0,1,2,3
#
# COMPACT_ATOMS: atom_id res chain seq x y z
N PRO A 39 66.66 5.01 17.73
CA PRO A 39 66.85 6.44 17.41
C PRO A 39 68.18 6.66 16.69
N LYS A 40 68.78 7.85 16.85
CA LYS A 40 70.07 8.13 16.20
C LYS A 40 71.09 7.01 16.40
N ASP A 41 71.18 6.45 17.60
CA ASP A 41 72.32 5.61 17.97
C ASP A 41 72.67 4.60 16.89
N SER A 42 71.69 3.85 16.38
CA SER A 42 71.99 2.90 15.32
C SER A 42 72.55 3.59 14.08
N ILE A 43 72.48 4.92 14.02
CA ILE A 43 73.17 5.64 12.95
C ILE A 43 74.67 5.64 13.21
N ASP A 44 75.05 6.15 14.39
CA ASP A 44 76.45 6.50 14.61
C ASP A 44 77.34 5.30 14.33
N ASP A 45 76.86 4.11 14.69
CA ASP A 45 77.59 2.90 14.35
C ASP A 45 77.84 2.81 12.85
N TYR A 46 76.79 2.99 12.05
CA TYR A 46 76.95 2.81 10.62
C TYR A 46 78.07 3.67 10.08
N GLU A 47 78.03 4.97 10.34
CA GLU A 47 79.01 5.87 9.75
C GLU A 47 80.42 5.37 10.02
N LYS A 48 80.76 5.15 11.28
CA LYS A 48 82.11 4.71 11.60
C LYS A 48 82.44 3.41 10.90
N GLU A 49 81.49 2.49 10.86
CA GLU A 49 81.70 1.24 10.15
C GLU A 49 82.11 1.51 8.71
N TYR A 50 81.53 2.54 8.09
CA TYR A 50 82.02 3.00 6.81
C TYR A 50 83.37 3.68 6.97
N GLU A 51 83.44 4.66 7.86
CA GLU A 51 84.60 5.54 7.93
C GLU A 51 85.90 4.74 8.03
N ASN A 52 85.85 3.61 8.71
CA ASN A 52 87.06 2.85 8.95
C ASN A 52 87.43 2.02 7.72
N GLN A 53 86.44 1.48 7.02
CA GLN A 53 86.73 0.62 5.89
C GLN A 53 87.49 1.37 4.81
N LEU A 54 86.89 2.41 4.28
CA LEU A 54 87.55 3.19 3.24
C LEU A 54 88.94 3.57 3.66
N LYS A 55 89.08 4.00 4.91
CA LYS A 55 90.38 4.33 5.45
C LYS A 55 91.36 3.19 5.22
N GLU A 56 91.14 2.09 5.92
CA GLU A 56 92.08 0.97 5.88
C GLU A 56 92.29 0.47 4.46
N ILE A 57 91.28 0.66 3.60
CA ILE A 57 91.37 0.15 2.23
C ILE A 57 92.13 1.12 1.34
N LEU A 58 91.81 2.41 1.47
CA LEU A 58 92.31 3.37 0.50
C LEU A 58 93.78 3.67 0.70
N GLU A 59 94.32 3.34 1.87
CA GLU A 59 95.77 3.37 2.01
C GLU A 59 96.44 2.35 1.10
N THR A 60 95.66 1.42 0.56
CA THR A 60 96.18 0.26 -0.12
C THR A 60 96.23 0.45 -1.63
N ILE A 61 95.89 1.62 -2.12
CA ILE A 61 96.11 1.91 -3.52
C ILE A 61 97.48 2.57 -3.64
N ILE A 62 97.71 3.24 -4.76
CA ILE A 62 99.04 3.37 -5.31
C ILE A 62 100.18 3.66 -4.32
N GLY A 63 100.24 4.80 -3.62
CA GLY A 63 99.12 5.65 -3.25
C GLY A 63 99.63 7.07 -3.06
N VAL A 64 98.85 7.99 -2.48
CA VAL A 64 97.70 7.74 -1.60
C VAL A 64 98.18 6.96 -0.39
N ASP A 65 98.98 7.64 0.45
CA ASP A 65 99.64 7.00 1.58
C ASP A 65 98.92 7.20 2.91
N ASP A 66 97.81 7.92 2.94
CA ASP A 66 97.08 8.13 4.20
C ASP A 66 95.82 8.92 3.94
N VAL A 67 94.84 8.84 4.86
CA VAL A 67 93.53 9.44 4.65
C VAL A 67 92.82 9.70 5.96
N SER A 68 91.82 10.58 5.86
CA SER A 68 90.90 10.89 6.94
C SER A 68 89.59 11.27 6.27
N VAL A 69 88.47 10.87 6.86
CA VAL A 69 87.19 10.94 6.17
C VAL A 69 86.08 11.33 7.13
N VAL A 70 84.93 11.62 6.53
CA VAL A 70 83.69 11.91 7.24
C VAL A 70 82.56 11.47 6.33
N VAL A 71 81.42 11.13 6.92
CA VAL A 71 80.27 10.68 6.17
C VAL A 71 78.98 11.11 6.87
N ASN A 72 77.94 11.32 6.08
CA ASN A 72 76.62 11.69 6.59
C ASN A 72 75.59 10.70 6.09
N VAL A 73 74.96 10.02 7.02
CA VAL A 73 73.84 9.14 6.72
C VAL A 73 72.56 9.95 6.74
N ASP A 74 71.62 9.61 5.87
CA ASP A 74 70.42 10.41 5.72
C ASP A 74 69.27 9.86 6.53
N ALA A 75 69.47 8.76 7.22
CA ALA A 75 68.35 8.09 7.87
C ALA A 75 68.85 7.01 8.81
N THR A 76 67.90 6.37 9.46
CA THR A 76 68.16 5.11 10.15
C THR A 76 67.65 3.99 9.25
N SER A 77 67.68 2.77 9.76
CA SER A 77 67.30 1.62 8.96
C SER A 77 65.83 1.67 8.60
N LEU A 78 65.55 1.32 7.35
CA LEU A 78 64.21 1.38 6.78
C LEU A 78 63.49 0.06 6.89
N LYS A 79 62.31 0.09 7.50
CA LYS A 79 61.38 -1.02 7.47
C LYS A 79 60.72 -1.15 6.12
N VAL A 80 60.13 -2.31 5.89
CA VAL A 80 59.14 -2.51 4.84
C VAL A 80 58.04 -3.37 5.42
N TYR A 81 56.81 -3.10 5.01
CA TYR A 81 55.65 -3.80 5.51
C TYR A 81 54.82 -4.29 4.34
N GLU A 82 54.20 -5.45 4.53
CA GLU A 82 53.50 -6.08 3.42
C GLU A 82 52.20 -5.36 3.17
N LYS A 83 51.71 -5.44 1.93
CA LYS A 83 50.47 -4.79 1.57
C LYS A 83 49.69 -5.61 0.57
N ASN A 84 48.38 -5.71 0.81
CA ASN A 84 47.45 -6.03 -0.24
C ASN A 84 47.46 -4.91 -1.26
N LYS A 85 47.02 -5.22 -2.47
CA LYS A 85 47.17 -4.27 -3.55
C LYS A 85 46.08 -4.45 -4.60
N SER A 86 45.88 -3.37 -5.35
CA SER A 86 44.97 -3.34 -6.49
C SER A 86 45.56 -2.34 -7.46
N ASN A 87 45.50 -2.65 -8.74
CA ASN A 87 46.10 -1.83 -9.77
C ASN A 87 45.23 -1.86 -11.01
N LYS A 88 45.02 -0.70 -11.60
CA LYS A 88 44.23 -0.59 -12.81
C LYS A 88 44.92 0.38 -13.76
N ASN A 89 45.30 -0.11 -14.93
CA ASN A 89 45.84 0.72 -15.99
C ASN A 89 44.95 0.59 -17.20
N THR A 90 44.24 1.66 -17.50
CA THR A 90 43.39 1.73 -18.69
C THR A 90 43.88 2.89 -19.54
N THR A 91 44.46 2.56 -20.69
CA THR A 91 44.93 3.59 -21.60
C THR A 91 44.45 3.25 -23.00
N THR A 92 44.25 4.28 -23.81
CA THR A 92 43.89 4.07 -25.20
C THR A 92 44.49 5.17 -26.05
N GLU A 93 44.53 4.91 -27.36
CA GLU A 93 45.04 5.86 -28.34
C GLU A 93 44.29 5.67 -29.64
N GLU A 94 44.12 6.76 -30.39
CA GLU A 94 43.32 6.75 -31.60
C GLU A 94 43.93 7.68 -32.64
N THR A 95 43.92 7.22 -33.89
CA THR A 95 44.09 8.09 -35.04
C THR A 95 43.22 7.52 -36.16
N ASP A 96 42.95 8.35 -37.16
CA ASP A 96 42.07 7.94 -38.23
C ASP A 96 42.40 8.75 -39.49
N LYS A 97 41.51 8.65 -40.48
CA LYS A 97 41.67 9.27 -41.78
C LYS A 97 41.94 10.77 -41.67
N GLU A 98 41.10 11.50 -40.94
CA GLU A 98 41.27 12.93 -40.75
C GLU A 98 42.29 13.16 -39.64
N GLY A 99 41.84 12.96 -38.41
CA GLY A 99 42.72 12.54 -37.34
C GLY A 99 41.90 12.15 -36.13
N GLY A 100 42.37 11.14 -35.42
CA GLY A 100 41.72 10.68 -34.21
C GLY A 100 42.58 10.92 -32.99
N LYS A 101 43.62 11.74 -33.14
CA LYS A 101 44.70 11.76 -32.15
C LYS A 101 44.09 12.04 -30.79
N ARG A 102 44.24 11.09 -29.89
CA ARG A 102 43.75 11.16 -28.54
C ARG A 102 44.62 10.26 -27.70
N SER A 103 44.91 10.69 -26.48
CA SER A 103 45.56 9.84 -25.50
C SER A 103 44.72 9.91 -24.25
N VAL A 104 44.27 8.76 -23.75
CA VAL A 104 43.58 8.67 -22.48
C VAL A 104 44.35 7.65 -21.66
N THR A 105 45.01 8.10 -20.61
CA THR A 105 45.82 7.23 -19.79
C THR A 105 45.28 7.26 -18.37
N ASP A 106 44.68 6.15 -17.94
CA ASP A 106 44.11 6.03 -16.62
C ASP A 106 44.96 5.10 -15.78
N GLN A 107 45.31 5.57 -14.59
CA GLN A 107 46.09 4.77 -13.66
C GLN A 107 45.48 4.93 -12.28
N SER A 108 45.03 3.83 -11.70
CA SER A 108 44.44 3.83 -10.37
C SER A 108 45.07 2.71 -9.55
N SER A 109 45.53 3.06 -8.36
CA SER A 109 46.22 2.12 -7.50
C SER A 109 45.74 2.32 -6.08
N GLU A 110 45.32 1.25 -5.45
CA GLU A 110 45.03 1.23 -4.03
C GLU A 110 46.03 0.32 -3.35
N GLU A 111 46.42 0.70 -2.15
CA GLU A 111 47.25 -0.14 -1.32
C GLU A 111 46.66 -0.17 0.08
N GLU A 112 46.81 -1.31 0.73
CA GLU A 112 46.35 -1.49 2.08
C GLU A 112 47.35 -2.37 2.80
N ILE A 113 47.66 -2.01 4.03
CA ILE A 113 48.60 -2.80 4.80
C ILE A 113 47.91 -4.03 5.34
N VAL A 114 48.71 -5.00 5.72
CA VAL A 114 48.23 -6.24 6.30
C VAL A 114 48.52 -6.23 7.79
N MET A 115 47.66 -6.88 8.56
CA MET A 115 47.78 -6.88 10.00
C MET A 115 47.50 -8.27 10.55
N ILE A 116 48.48 -8.78 11.29
CA ILE A 116 48.36 -10.01 12.05
C ILE A 116 47.34 -9.79 13.14
N LYS A 117 46.80 -10.89 13.68
CA LYS A 117 45.91 -10.83 14.82
C LYS A 117 46.23 -11.94 15.80
N ASN A 118 46.41 -11.55 17.05
CA ASN A 118 46.53 -12.50 18.16
C ASN A 118 45.66 -11.95 19.29
N GLY A 119 44.66 -12.72 19.66
CA GLY A 119 43.73 -12.27 20.67
C GLY A 119 43.14 -10.92 20.30
N ASP A 120 43.35 -9.94 21.18
CA ASP A 120 43.04 -8.56 20.89
C ASP A 120 44.11 -7.90 20.03
N LYS A 121 45.35 -8.35 20.14
CA LYS A 121 46.47 -7.69 19.50
C LYS A 121 46.35 -7.74 17.98
N GLU A 122 46.92 -6.73 17.34
CA GLU A 122 46.96 -6.61 15.89
C GLU A 122 48.30 -5.99 15.54
N THR A 123 49.05 -6.63 14.66
CA THR A 123 50.41 -6.18 14.38
C THR A 123 50.76 -6.33 12.92
N PRO A 124 51.62 -5.46 12.41
CA PRO A 124 51.97 -5.48 11.00
C PRO A 124 52.97 -6.57 10.67
N VAL A 125 53.13 -6.81 9.37
CA VAL A 125 54.05 -7.81 8.89
C VAL A 125 55.38 -7.16 8.55
N VAL A 126 56.46 -7.87 8.79
CA VAL A 126 57.81 -7.40 8.49
C VAL A 126 58.35 -8.22 7.33
N VAL A 127 58.52 -7.57 6.19
CA VAL A 127 59.09 -8.22 5.03
C VAL A 127 60.61 -8.21 5.09
N GLN A 128 61.22 -7.07 4.86
CA GLN A 128 62.67 -6.96 4.95
C GLN A 128 63.01 -5.58 5.46
N THR A 129 64.29 -5.25 5.36
CA THR A 129 64.89 -4.08 5.98
C THR A 129 65.98 -3.59 5.06
N LYS A 130 66.12 -2.28 4.93
CA LYS A 130 67.09 -1.70 4.04
C LYS A 130 68.06 -0.79 4.77
N LYS A 131 69.18 -0.60 4.14
CA LYS A 131 70.15 0.35 4.62
C LYS A 131 70.00 1.71 3.95
N PRO A 132 70.39 2.76 4.65
CA PRO A 132 70.17 4.12 4.18
C PRO A 132 71.16 4.56 3.11
N ASP A 133 70.82 5.66 2.45
CA ASP A 133 71.73 6.29 1.51
C ASP A 133 72.80 7.08 2.26
N ILE A 134 73.59 7.85 1.53
CA ILE A 134 74.89 8.30 2.01
C ILE A 134 75.24 9.66 1.45
N ARG A 135 76.05 10.41 2.22
CA ARG A 135 76.73 11.62 1.76
C ARG A 135 78.09 11.71 2.44
N GLY A 136 79.16 11.90 1.66
CA GLY A 136 80.50 11.73 2.23
C GLY A 136 81.58 12.44 1.44
N VAL A 137 82.69 12.74 2.16
CA VAL A 137 83.93 13.23 1.57
C VAL A 137 85.12 12.69 2.34
N LEU A 138 86.28 13.27 2.07
CA LEU A 138 87.56 12.59 2.24
C LEU A 138 88.71 13.56 2.40
N VAL A 139 89.80 13.08 3.00
CA VAL A 139 91.10 13.72 2.97
C VAL A 139 92.16 12.66 2.73
N VAL A 140 93.23 13.03 2.05
CA VAL A 140 94.25 12.07 1.64
C VAL A 140 95.58 12.76 1.42
N ALA A 141 96.69 12.05 1.72
CA ALA A 141 98.02 12.63 1.65
C ALA A 141 98.42 13.01 0.23
N GLN A 142 97.59 12.62 -0.73
CA GLN A 142 97.81 12.93 -2.13
C GLN A 142 96.46 12.81 -2.81
N GLY A 143 96.27 13.38 -3.99
CA GLY A 143 94.90 13.55 -4.40
C GLY A 143 94.70 14.33 -5.68
N VAL A 144 93.55 15.01 -5.73
CA VAL A 144 93.01 15.57 -6.95
C VAL A 144 94.03 16.36 -7.77
N ASP A 145 95.12 16.81 -7.17
CA ASP A 145 96.17 17.42 -7.99
C ASP A 145 96.70 16.47 -9.03
N ASN A 146 96.65 15.15 -8.79
CA ASN A 146 97.06 14.17 -9.78
C ASN A 146 95.78 13.49 -10.29
N VAL A 147 95.43 13.81 -11.53
CA VAL A 147 94.12 13.51 -12.07
C VAL A 147 93.87 12.01 -12.02
N GLN A 148 94.93 11.21 -12.12
CA GLN A 148 94.75 9.77 -12.21
C GLN A 148 94.60 9.14 -10.84
N ILE A 149 94.98 9.85 -9.78
CA ILE A 149 94.55 9.44 -8.46
C ILE A 149 93.28 10.18 -8.09
N LYS A 150 92.90 11.16 -8.90
CA LYS A 150 91.61 11.82 -8.73
C LYS A 150 90.48 10.92 -9.20
N GLN A 151 90.54 10.52 -10.47
CA GLN A 151 89.41 9.83 -11.08
C GLN A 151 89.30 8.43 -10.54
N THR A 152 90.44 7.83 -10.21
CA THR A 152 90.46 6.49 -9.62
C THR A 152 89.51 6.41 -8.43
N ILE A 153 89.56 7.43 -7.58
CA ILE A 153 88.84 7.38 -6.31
C ILE A 153 87.35 7.57 -6.53
N ILE A 154 86.98 8.63 -7.23
CA ILE A 154 85.57 8.92 -7.46
C ILE A 154 84.87 7.66 -7.93
N GLU A 155 85.41 7.03 -8.96
CA GLU A 155 84.75 5.88 -9.54
C GLU A 155 84.78 4.72 -8.57
N ALA A 156 85.72 4.76 -7.62
CA ALA A 156 85.79 3.72 -6.60
C ALA A 156 84.78 3.98 -5.50
N VAL A 157 84.62 5.24 -5.11
CA VAL A 157 83.72 5.55 -3.99
C VAL A 157 82.28 5.45 -4.42
N THR A 158 81.94 6.12 -5.52
CA THR A 158 80.55 6.16 -5.94
C THR A 158 80.00 4.76 -6.16
N ARG A 159 80.79 3.90 -6.81
CA ARG A 159 80.32 2.60 -7.20
C ARG A 159 80.21 1.65 -6.03
N VAL A 160 80.81 1.98 -4.90
CA VAL A 160 80.62 1.20 -3.69
C VAL A 160 79.29 1.54 -3.02
N LEU A 161 79.04 2.83 -2.86
CA LEU A 161 77.99 3.30 -1.97
C LEU A 161 76.72 3.69 -2.70
N ASP A 162 76.72 3.65 -4.03
CA ASP A 162 75.62 4.20 -4.84
C ASP A 162 75.45 5.69 -4.56
N VAL A 163 76.55 6.43 -4.65
CA VAL A 163 76.57 7.84 -4.37
C VAL A 163 76.94 8.57 -5.65
N PRO A 164 76.04 9.35 -6.24
CA PRO A 164 76.41 10.15 -7.40
C PRO A 164 77.54 11.10 -7.09
N SER A 165 78.18 11.62 -8.14
CA SER A 165 79.36 12.44 -7.94
C SER A 165 79.05 13.69 -7.15
N HIS A 166 77.99 14.41 -7.52
CA HIS A 166 77.78 15.73 -6.94
C HIS A 166 77.59 15.68 -5.43
N ARG A 167 77.34 14.52 -4.86
CA ARG A 167 77.21 14.38 -3.42
C ARG A 167 78.47 13.89 -2.74
N VAL A 168 79.54 13.71 -3.50
CA VAL A 168 80.81 13.26 -2.95
C VAL A 168 81.89 14.19 -3.41
N ALA A 169 82.88 14.42 -2.55
CA ALA A 169 83.91 15.38 -2.85
C ALA A 169 85.16 15.04 -2.07
N VAL A 170 86.28 15.61 -2.50
CA VAL A 170 87.59 15.24 -2.00
C VAL A 170 88.47 16.48 -1.90
N ALA A 171 89.56 16.35 -1.15
CA ALA A 171 90.41 17.47 -0.87
C ALA A 171 91.89 17.07 -0.93
N PRO A 172 92.74 17.92 -1.50
CA PRO A 172 94.16 17.61 -1.50
C PRO A 172 94.84 17.78 -0.15
N LYS A 173 96.01 17.15 -0.09
CA LYS A 173 96.83 16.81 1.07
C LYS A 173 96.10 16.17 2.23
N LYS A 174 96.77 16.10 3.38
CA LYS A 174 96.21 15.63 4.63
C LYS A 174 96.82 16.37 5.81
N ILE A 175 98.08 16.05 6.11
CA ILE A 175 98.83 16.77 7.14
C ILE A 175 100.25 17.03 6.63
N LYS A 176 100.98 15.95 6.39
CA LYS A 176 102.42 16.00 6.18
C LYS A 176 102.70 15.86 4.68
N GLU A 177 103.65 16.65 4.18
CA GLU A 177 104.05 16.55 2.80
C GLU A 177 105.56 16.73 2.69
N PRO B 39 67.55 -7.93 12.58
CA PRO B 39 67.98 -6.59 12.22
C PRO B 39 69.27 -6.61 11.40
N LYS B 40 70.11 -5.57 11.49
CA LYS B 40 71.36 -5.55 10.75
C LYS B 40 72.16 -6.84 10.88
N ASP B 41 72.23 -7.41 12.09
CA ASP B 41 73.21 -8.44 12.38
C ASP B 41 73.28 -9.51 11.29
N SER B 42 72.14 -10.06 10.88
CA SER B 42 72.16 -11.05 9.81
C SER B 42 72.75 -10.49 8.52
N ILE B 43 72.93 -9.17 8.44
CA ILE B 43 73.66 -8.61 7.31
C ILE B 43 75.15 -8.88 7.46
N ASP B 44 75.72 -8.46 8.59
CA ASP B 44 77.16 -8.38 8.71
C ASP B 44 77.78 -9.73 8.38
N ASP B 45 77.12 -10.81 8.79
CA ASP B 45 77.58 -12.13 8.43
C ASP B 45 77.68 -12.28 6.91
N TYR B 46 76.62 -11.91 6.18
CA TYR B 46 76.63 -12.11 4.75
C TYR B 46 77.86 -11.48 4.12
N GLU B 47 78.09 -10.19 4.35
CA GLU B 47 79.18 -9.52 3.67
C GLU B 47 80.48 -10.27 3.85
N LYS B 48 80.86 -10.55 5.09
CA LYS B 48 82.13 -11.24 5.31
C LYS B 48 82.15 -12.58 4.61
N GLU B 49 81.03 -13.30 4.66
CA GLU B 49 80.95 -14.57 3.96
C GLU B 49 81.29 -14.39 2.49
N TYR B 50 80.86 -13.28 1.90
CA TYR B 50 81.34 -12.91 0.57
C TYR B 50 82.80 -12.51 0.61
N GLU B 51 83.13 -11.55 1.48
CA GLU B 51 84.45 -10.92 1.44
C GLU B 51 85.56 -11.94 1.47
N ASN B 52 85.35 -13.05 2.16
CA ASN B 52 86.41 -14.04 2.32
C ASN B 52 86.52 -14.92 1.10
N GLN B 53 85.39 -15.25 0.47
CA GLN B 53 85.41 -16.17 -0.66
C GLN B 53 86.23 -15.58 -1.81
N LEU B 54 85.79 -14.43 -2.31
CA LEU B 54 86.50 -13.81 -3.41
C LEU B 54 87.97 -13.70 -3.09
N LYS B 55 88.29 -13.30 -1.87
CA LYS B 55 89.68 -13.22 -1.44
C LYS B 55 90.39 -14.54 -1.73
N GLU B 56 90.02 -15.58 -0.99
CA GLU B 56 90.72 -16.85 -1.08
C GLU B 56 90.72 -17.38 -2.51
N ILE B 57 89.71 -17.01 -3.29
CA ILE B 57 89.59 -17.54 -4.65
C ILE B 57 90.44 -16.72 -5.61
N LEU B 58 90.39 -15.40 -5.49
CA LEU B 58 90.99 -14.55 -6.51
C LEU B 58 92.50 -14.55 -6.42
N GLU B 59 93.06 -14.97 -5.29
CA GLU B 59 94.49 -15.22 -5.25
C GLU B 59 94.88 -16.34 -6.19
N THR B 60 93.90 -17.12 -6.66
CA THR B 60 94.14 -18.37 -7.36
C THR B 60 94.10 -18.20 -8.87
N ILE B 61 93.95 -16.98 -9.35
CA ILE B 61 94.12 -16.73 -10.77
C ILE B 61 95.57 -16.35 -11.01
N ILE B 62 95.85 -15.76 -12.15
CA ILE B 62 97.13 -15.87 -12.80
C ILE B 62 98.38 -15.81 -11.90
N GLY B 63 98.70 -14.69 -11.23
CA GLY B 63 97.80 -13.65 -10.80
C GLY B 63 98.58 -12.35 -10.67
N VAL B 64 98.05 -11.30 -10.04
CA VAL B 64 96.94 -11.33 -9.07
C VAL B 64 97.36 -12.17 -7.89
N ASP B 65 98.33 -11.66 -7.12
CA ASP B 65 98.94 -12.42 -6.04
C ASP B 65 98.39 -12.08 -4.67
N ASP B 66 97.44 -11.15 -4.57
CA ASP B 66 96.86 -10.81 -3.26
C ASP B 66 95.75 -9.78 -3.43
N VAL B 67 94.85 -9.67 -2.44
CA VAL B 67 93.68 -8.83 -2.57
C VAL B 67 93.13 -8.43 -1.21
N SER B 68 92.32 -7.38 -1.25
CA SER B 68 91.56 -6.89 -0.10
C SER B 68 90.30 -6.27 -0.68
N VAL B 69 89.17 -6.44 0.00
CA VAL B 69 87.88 -6.12 -0.59
C VAL B 69 86.94 -5.52 0.44
N VAL B 70 85.83 -5.02 -0.08
CA VAL B 70 84.72 -4.49 0.71
C VAL B 70 83.46 -4.71 -0.09
N VAL B 71 82.33 -4.82 0.59
CA VAL B 71 81.05 -5.04 -0.07
C VAL B 71 79.94 -4.37 0.71
N ASN B 72 78.89 -3.96 0.00
CA ASN B 72 77.72 -3.34 0.61
C ASN B 72 76.48 -4.12 0.20
N VAL B 73 75.80 -4.66 1.18
CA VAL B 73 74.52 -5.31 0.98
C VAL B 73 73.42 -4.26 1.10
N ASP B 74 72.36 -4.43 0.30
CA ASP B 74 71.33 -3.41 0.23
C ASP B 74 70.17 -3.71 1.13
N ALA B 75 70.20 -4.84 1.83
CA ALA B 75 69.03 -5.28 2.56
C ALA B 75 69.38 -6.43 3.48
N THR B 76 68.38 -6.87 4.22
CA THR B 76 68.44 -8.16 4.90
C THR B 76 67.66 -9.16 4.06
N SER B 77 67.49 -10.36 4.60
CA SER B 77 66.85 -11.41 3.85
C SER B 77 65.38 -11.08 3.59
N LEU B 78 64.94 -11.38 2.37
CA LEU B 78 63.61 -11.05 1.91
C LEU B 78 62.65 -12.21 2.10
N LYS B 79 61.55 -11.95 2.79
CA LYS B 79 60.43 -12.87 2.85
C LYS B 79 59.65 -12.87 1.55
N VAL B 80 58.83 -13.90 1.39
CA VAL B 80 57.75 -13.89 0.42
C VAL B 80 56.54 -14.53 1.10
N TYR B 81 55.37 -14.02 0.77
CA TYR B 81 54.13 -14.49 1.37
C TYR B 81 53.14 -14.81 0.27
N GLU B 82 52.33 -15.82 0.53
CA GLU B 82 51.43 -16.30 -0.51
C GLU B 82 50.27 -15.35 -0.68
N LYS B 83 49.69 -15.34 -1.87
CA LYS B 83 48.57 -14.46 -2.15
C LYS B 83 47.56 -15.12 -3.08
N ASN B 84 46.30 -14.96 -2.73
CA ASN B 84 45.24 -15.10 -3.70
C ASN B 84 45.38 -14.00 -4.74
N LYS B 85 44.80 -14.23 -5.91
CA LYS B 85 45.05 -13.33 -7.02
C LYS B 85 43.88 -13.29 -7.98
N SER B 86 43.82 -12.20 -8.73
CA SER B 86 42.85 -12.00 -9.80
C SER B 86 43.55 -11.14 -10.83
N ASN B 87 43.32 -11.43 -12.09
CA ASN B 87 43.99 -10.73 -13.18
C ASN B 87 43.04 -10.60 -14.35
N LYS B 88 43.02 -9.42 -14.94
CA LYS B 88 42.17 -9.17 -16.09
C LYS B 88 42.96 -8.36 -17.10
N ASN B 89 43.14 -8.91 -18.29
CA ASN B 89 43.75 -8.21 -19.40
C ASN B 89 42.76 -8.17 -20.54
N THR B 90 42.25 -6.98 -20.81
CA THR B 90 41.35 -6.74 -21.93
C THR B 90 41.99 -5.71 -22.82
N THR B 91 42.39 -6.14 -24.01
CA THR B 91 42.98 -5.22 -24.97
C THR B 91 42.35 -5.47 -26.33
N THR B 92 42.27 -4.42 -27.14
CA THR B 92 41.78 -4.56 -28.49
C THR B 92 42.53 -3.61 -29.41
N GLU B 93 42.40 -3.86 -30.71
CA GLU B 93 43.01 -3.03 -31.74
C GLU B 93 42.13 -3.07 -32.98
N GLU B 94 42.12 -1.97 -33.73
CA GLU B 94 41.24 -1.84 -34.88
C GLU B 94 41.93 -1.05 -35.98
N THR B 95 41.74 -1.50 -37.22
CA THR B 95 41.99 -0.69 -38.40
C THR B 95 40.95 -1.07 -39.43
N ASP B 96 40.76 -0.21 -40.42
CA ASP B 96 39.74 -0.44 -41.42
C ASP B 96 40.11 0.29 -42.72
N LYS B 97 39.15 0.35 -43.63
CA LYS B 97 39.33 0.94 -44.95
C LYS B 97 39.89 2.36 -44.89
N GLU B 98 39.27 3.23 -44.11
CA GLU B 98 39.72 4.60 -43.95
C GLU B 98 40.85 4.63 -42.93
N GLY B 99 40.48 4.52 -41.67
CA GLY B 99 41.34 3.94 -40.66
C GLY B 99 40.55 3.73 -39.38
N GLY B 100 40.87 2.65 -38.69
CA GLY B 100 40.24 2.32 -37.43
C GLY B 100 41.21 2.38 -36.28
N LYS B 101 42.38 2.99 -36.51
CA LYS B 101 43.52 2.81 -35.62
C LYS B 101 43.08 3.21 -34.22
N ARG B 102 43.12 2.25 -33.32
CA ARG B 102 42.75 2.41 -31.94
C ARG B 102 43.50 1.36 -31.15
N SER B 103 43.95 1.73 -29.96
CA SER B 103 44.50 0.78 -29.02
C SER B 103 43.79 1.02 -27.71
N VAL B 104 43.17 -0.02 -27.16
CA VAL B 104 42.58 0.02 -25.84
C VAL B 104 43.19 -1.12 -25.07
N THR B 105 44.00 -0.81 -24.07
CA THR B 105 44.69 -1.83 -23.30
C THR B 105 44.28 -1.69 -21.85
N ASP B 106 43.52 -2.66 -21.35
CA ASP B 106 43.02 -2.66 -19.99
C ASP B 106 43.76 -3.73 -19.20
N GLN B 107 44.28 -3.34 -18.05
CA GLN B 107 44.96 -4.28 -17.17
C GLN B 107 44.49 -3.99 -15.75
N SER B 108 43.89 -4.98 -15.12
CA SER B 108 43.41 -4.87 -13.75
C SER B 108 43.88 -6.09 -12.96
N SER B 109 44.48 -5.83 -11.81
CA SER B 109 45.04 -6.88 -10.99
C SER B 109 44.73 -6.59 -9.55
N GLU B 110 44.16 -7.57 -8.87
CA GLU B 110 43.98 -7.52 -7.43
C GLU B 110 44.83 -8.61 -6.79
N GLU B 111 45.38 -8.30 -5.65
CA GLU B 111 46.09 -9.28 -4.86
C GLU B 111 45.62 -9.20 -3.43
N GLU B 112 45.61 -10.34 -2.77
CA GLU B 112 45.22 -10.43 -1.39
C GLU B 112 46.07 -11.49 -0.73
N ILE B 113 46.55 -11.19 0.46
CA ILE B 113 47.37 -12.14 1.18
C ILE B 113 46.50 -13.21 1.79
N VAL B 114 47.13 -14.32 2.14
CA VAL B 114 46.47 -15.45 2.77
C VAL B 114 46.87 -15.48 4.22
N MET B 115 45.96 -15.95 5.07
CA MET B 115 46.19 -15.98 6.49
C MET B 115 45.70 -17.28 7.09
N ILE B 116 46.61 -17.97 7.76
CA ILE B 116 46.31 -19.16 8.55
C ILE B 116 45.44 -18.74 9.71
N LYS B 117 44.74 -19.70 10.30
CA LYS B 117 43.96 -19.48 11.51
C LYS B 117 44.14 -20.62 12.48
N ASN B 118 44.49 -20.28 13.71
CA ASN B 118 44.52 -21.22 14.82
C ASN B 118 43.86 -20.52 16.00
N GLY B 119 42.75 -21.07 16.46
CA GLY B 119 42.01 -20.45 17.53
C GLY B 119 41.67 -19.02 17.19
N ASP B 120 42.12 -18.10 18.02
CA ASP B 120 42.07 -16.68 17.73
C ASP B 120 43.18 -16.24 16.78
N LYS B 121 44.31 -16.93 16.81
CA LYS B 121 45.48 -16.49 16.07
C LYS B 121 45.24 -16.52 14.58
N GLU B 122 45.94 -15.64 13.88
CA GLU B 122 45.89 -15.54 12.43
C GLU B 122 47.29 -15.19 11.96
N THR B 123 47.84 -15.96 11.04
CA THR B 123 49.24 -15.80 10.66
C THR B 123 49.43 -16.01 9.17
N PRO B 124 50.40 -15.32 8.58
CA PRO B 124 50.64 -15.40 7.15
C PRO B 124 51.37 -16.68 6.76
N VAL B 125 51.39 -16.93 5.46
CA VAL B 125 52.06 -18.11 4.92
C VAL B 125 53.46 -17.73 4.48
N VAL B 126 54.39 -18.63 4.66
CA VAL B 126 55.78 -18.43 4.24
C VAL B 126 56.07 -19.34 3.06
N VAL B 127 56.27 -18.74 1.90
CA VAL B 127 56.62 -19.48 0.71
C VAL B 127 58.11 -19.77 0.67
N GLN B 128 58.91 -18.77 0.36
CA GLN B 128 60.35 -18.94 0.34
C GLN B 128 60.99 -17.65 0.80
N THR B 129 62.29 -17.58 0.59
CA THR B 129 63.15 -16.55 1.15
C THR B 129 64.25 -16.28 0.14
N LYS B 130 64.62 -15.02 -0.02
CA LYS B 130 65.62 -14.65 -0.99
C LYS B 130 66.80 -13.94 -0.35
N LYS B 131 67.88 -13.96 -1.06
CA LYS B 131 69.06 -13.22 -0.68
C LYS B 131 69.11 -11.86 -1.36
N PRO B 132 69.76 -10.91 -0.70
CA PRO B 132 69.77 -9.53 -1.18
C PRO B 132 70.73 -9.30 -2.34
N ASP B 133 70.56 -8.15 -2.98
CA ASP B 133 71.50 -7.71 -4.00
C ASP B 133 72.75 -7.14 -3.34
N ILE B 134 73.62 -6.54 -4.15
CA ILE B 134 75.01 -6.35 -3.77
C ILE B 134 75.58 -5.07 -4.38
N ARG B 135 76.57 -4.50 -3.69
CA ARG B 135 77.44 -3.44 -4.22
C ARG B 135 78.84 -3.62 -3.65
N GLY B 136 79.87 -3.64 -4.50
CA GLY B 136 81.18 -4.06 -4.04
C GLY B 136 82.32 -3.58 -4.92
N VAL B 137 83.51 -3.51 -4.29
CA VAL B 137 84.77 -3.26 -4.98
C VAL B 137 85.89 -4.02 -4.29
N LEU B 138 87.12 -3.67 -4.66
CA LEU B 138 88.25 -4.58 -4.57
C LEU B 138 89.58 -3.85 -4.51
N VAL B 139 90.60 -4.54 -3.99
CA VAL B 139 92.00 -4.16 -4.13
C VAL B 139 92.81 -5.41 -4.42
N VAL B 140 93.88 -5.25 -5.19
CA VAL B 140 94.65 -6.40 -5.66
C VAL B 140 96.08 -5.98 -6.00
N ALA B 141 97.04 -6.89 -5.77
CA ALA B 141 98.45 -6.58 -5.94
C ALA B 141 98.80 -6.29 -7.40
N GLN B 142 97.84 -6.51 -8.29
CA GLN B 142 98.01 -6.24 -9.71
C GLN B 142 96.62 -6.11 -10.28
N GLY B 143 96.45 -5.51 -11.45
CA GLY B 143 95.11 -5.08 -11.76
C GLY B 143 94.96 -4.28 -13.03
N VAL B 144 93.96 -3.39 -13.00
CA VAL B 144 93.45 -2.74 -14.19
C VAL B 144 94.54 -2.16 -15.10
N ASP B 145 95.75 -1.93 -14.60
CA ASP B 145 96.82 -1.53 -15.49
C ASP B 145 97.09 -2.58 -16.57
N ASN B 146 96.78 -3.85 -16.29
CA ASN B 146 96.92 -4.91 -17.29
C ASN B 146 95.51 -5.32 -17.70
N VAL B 147 95.13 -4.95 -18.91
CA VAL B 147 93.75 -5.00 -19.35
C VAL B 147 93.21 -6.42 -19.25
N GLN B 148 94.10 -7.40 -19.41
CA GLN B 148 93.64 -8.78 -19.47
C GLN B 148 93.46 -9.37 -18.08
N ILE B 149 94.06 -8.75 -17.07
CA ILE B 149 93.66 -9.06 -15.71
C ILE B 149 92.58 -8.09 -15.26
N LYS B 150 92.34 -7.05 -16.05
CA LYS B 150 91.22 -6.16 -15.80
C LYS B 150 89.91 -6.81 -16.16
N GLN B 151 89.79 -7.23 -17.43
CA GLN B 151 88.51 -7.68 -17.94
C GLN B 151 88.17 -9.04 -17.37
N THR B 152 89.19 -9.85 -17.12
CA THR B 152 89.00 -11.15 -16.50
C THR B 152 88.15 -11.04 -15.25
N ILE B 153 88.46 -10.06 -14.42
CA ILE B 153 87.85 -9.96 -13.10
C ILE B 153 86.41 -9.50 -13.21
N ILE B 154 86.19 -8.38 -13.90
CA ILE B 154 84.86 -7.83 -14.03
C ILE B 154 83.88 -8.92 -14.42
N GLU B 155 84.22 -9.65 -15.48
CA GLU B 155 83.31 -10.66 -15.99
C GLU B 155 83.18 -11.80 -14.99
N ALA B 156 84.18 -11.95 -14.13
CA ALA B 156 84.13 -12.97 -13.10
C ALA B 156 83.27 -12.52 -11.93
N VAL B 157 83.39 -11.25 -11.55
CA VAL B 157 82.67 -10.77 -10.37
C VAL B 157 81.20 -10.60 -10.69
N THR B 158 80.91 -9.87 -11.77
CA THR B 158 79.53 -9.56 -12.09
C THR B 158 78.71 -10.83 -12.24
N ARG B 159 79.26 -11.82 -12.93
CA ARG B 159 78.52 -13.01 -13.26
C ARG B 159 78.32 -13.91 -12.07
N VAL B 160 79.06 -13.70 -10.99
CA VAL B 160 78.81 -14.43 -9.76
C VAL B 160 77.63 -13.84 -9.01
N LEU B 161 77.64 -12.53 -8.84
CA LEU B 161 76.78 -11.86 -7.89
C LEU B 161 75.55 -11.23 -8.53
N ASP B 162 75.44 -11.27 -9.85
CA ASP B 162 74.42 -10.53 -10.58
C ASP B 162 74.56 -9.03 -10.32
N VAL B 163 75.76 -8.52 -10.51
CA VAL B 163 76.08 -7.13 -10.25
C VAL B 163 76.49 -6.49 -11.57
N PRO B 164 75.72 -5.55 -12.10
CA PRO B 164 76.14 -4.85 -13.31
C PRO B 164 77.45 -4.13 -13.09
N SER B 165 78.09 -3.76 -14.20
CA SER B 165 79.42 -3.17 -14.10
C SER B 165 79.42 -1.87 -13.32
N HIS B 166 78.49 -0.97 -13.62
CA HIS B 166 78.58 0.36 -13.04
C HIS B 166 78.50 0.35 -11.52
N ARG B 167 78.09 -0.75 -10.91
CA ARG B 167 78.04 -0.84 -9.47
C ARG B 167 79.23 -1.56 -8.87
N VAL B 168 80.19 -1.95 -9.71
CA VAL B 168 81.37 -2.64 -9.24
C VAL B 168 82.59 -1.93 -9.80
N ALA B 169 83.66 -1.90 -9.02
CA ALA B 169 84.83 -1.16 -9.41
C ALA B 169 86.05 -1.73 -8.72
N VAL B 170 87.22 -1.39 -9.25
CA VAL B 170 88.48 -2.01 -8.85
C VAL B 170 89.57 -0.95 -8.84
N ALA B 171 90.67 -1.29 -8.17
CA ALA B 171 91.75 -0.36 -7.96
C ALA B 171 93.11 -1.04 -8.14
N PRO B 172 94.06 -0.37 -8.77
CA PRO B 172 95.40 -0.96 -8.88
C PRO B 172 96.19 -0.92 -7.59
N LYS B 173 97.22 -1.75 -7.60
CA LYS B 173 98.05 -2.24 -6.51
C LYS B 173 97.29 -2.73 -5.28
N LYS B 174 98.03 -2.93 -4.19
CA LYS B 174 97.48 -3.27 -2.89
C LYS B 174 98.32 -2.66 -1.77
N ILE B 175 99.51 -3.22 -1.56
CA ILE B 175 100.47 -2.66 -0.61
C ILE B 175 101.86 -2.68 -1.22
N LYS B 176 102.35 -3.87 -1.50
CA LYS B 176 103.75 -4.11 -1.82
C LYS B 176 103.88 -4.31 -3.33
N GLU B 177 104.92 -3.72 -3.91
CA GLU B 177 105.20 -3.90 -5.32
C GLU B 177 106.70 -4.01 -5.54
N PRO C 39 65.51 -20.82 7.59
CA PRO C 39 66.17 -19.58 7.17
C PRO C 39 67.36 -19.86 6.26
N LYS C 40 68.39 -18.99 6.26
CA LYS C 40 69.56 -19.22 5.43
C LYS C 40 70.10 -20.64 5.54
N ASP C 41 70.16 -21.21 6.74
CA ASP C 41 70.94 -22.42 6.97
C ASP C 41 70.73 -23.48 5.90
N SER C 42 69.46 -23.80 5.58
CA SER C 42 69.21 -24.79 4.54
C SER C 42 69.80 -24.34 3.20
N ILE C 43 70.22 -23.09 3.08
CA ILE C 43 70.97 -22.68 1.89
C ILE C 43 72.37 -23.23 1.94
N ASP C 44 73.10 -22.93 3.01
CA ASP C 44 74.54 -23.14 3.01
C ASP C 44 74.85 -24.58 2.67
N ASP C 45 74.03 -25.50 3.14
CA ASP C 45 74.20 -26.90 2.77
C ASP C 45 74.15 -27.06 1.26
N TYR C 46 73.13 -26.49 0.61
CA TYR C 46 73.00 -26.70 -0.83
C TYR C 46 74.27 -26.32 -1.57
N GLU C 47 74.75 -25.10 -1.37
CA GLU C 47 75.90 -24.64 -2.13
C GLU C 47 77.05 -25.65 -2.05
N LYS C 48 77.46 -25.98 -0.84
CA LYS C 48 78.57 -26.91 -0.69
C LYS C 48 78.28 -28.22 -1.38
N GLU C 49 77.06 -28.72 -1.22
CA GLU C 49 76.68 -29.95 -1.89
C GLU C 49 76.93 -29.84 -3.39
N TYR C 50 76.69 -28.66 -3.97
CA TYR C 50 77.13 -28.41 -5.33
C TYR C 50 78.63 -28.29 -5.40
N GLU C 51 79.20 -27.42 -4.58
CA GLU C 51 80.61 -27.05 -4.72
C GLU C 51 81.50 -28.27 -4.77
N ASN C 52 81.14 -29.32 -4.04
CA ASN C 52 81.99 -30.49 -3.94
C ASN C 52 81.83 -31.38 -5.16
N GLN C 53 80.62 -31.49 -5.69
CA GLN C 53 80.39 -32.40 -6.80
C GLN C 53 81.20 -31.99 -8.01
N LEU C 54 80.96 -30.77 -8.51
CA LEU C 54 81.69 -30.30 -9.67
C LEU C 54 83.17 -30.48 -9.47
N LYS C 55 83.65 -30.14 -8.27
CA LYS C 55 85.06 -30.34 -7.96
C LYS C 55 85.48 -31.77 -8.27
N GLU C 56 84.97 -32.71 -7.49
CA GLU C 56 85.41 -34.10 -7.62
C GLU C 56 85.19 -34.62 -9.03
N ILE C 57 84.22 -34.07 -9.74
CA ILE C 57 83.89 -34.56 -11.07
C ILE C 57 84.81 -33.93 -12.10
N LEU C 58 85.03 -32.62 -12.00
CA LEU C 58 85.70 -31.91 -13.07
C LEU C 58 87.18 -32.19 -13.11
N GLU C 59 87.74 -32.71 -12.02
CA GLU C 59 89.09 -33.24 -12.08
C GLU C 59 89.18 -34.43 -13.02
N THR C 60 88.03 -34.99 -13.40
CA THR C 60 87.97 -36.26 -14.11
C THR C 60 87.85 -36.09 -15.61
N ILE C 61 87.91 -34.87 -16.09
CA ILE C 61 88.00 -34.67 -17.53
C ILE C 61 89.48 -34.58 -17.88
N ILE C 62 89.78 -34.05 -19.05
CA ILE C 62 90.97 -34.41 -19.79
C ILE C 62 92.27 -34.59 -18.99
N GLY C 63 92.86 -33.56 -18.37
CA GLY C 63 92.20 -32.36 -17.88
C GLY C 63 93.22 -31.24 -17.84
N VAL C 64 92.96 -30.10 -17.19
CA VAL C 64 91.95 -29.91 -16.15
C VAL C 64 92.28 -30.82 -14.99
N ASP C 65 93.38 -30.50 -14.30
CA ASP C 65 93.92 -31.36 -13.25
C ASP C 65 93.56 -30.91 -11.85
N ASP C 66 92.81 -29.82 -11.68
CA ASP C 66 92.42 -29.36 -10.35
C ASP C 66 91.52 -28.15 -10.45
N VAL C 67 90.73 -27.86 -9.41
CA VAL C 67 89.73 -26.81 -9.46
C VAL C 67 89.38 -26.30 -8.07
N SER C 68 88.79 -25.11 -8.06
CA SER C 68 88.23 -24.49 -6.87
C SER C 68 87.07 -23.63 -7.36
N VAL C 69 85.98 -23.58 -6.59
CA VAL C 69 84.74 -23.02 -7.10
C VAL C 69 84.02 -22.25 -6.00
N VAL C 70 82.99 -21.54 -6.45
CA VAL C 70 82.07 -20.81 -5.58
C VAL C 70 80.73 -20.78 -6.29
N VAL C 71 79.65 -20.66 -5.53
CA VAL C 71 78.31 -20.64 -6.09
C VAL C 71 77.41 -19.76 -5.24
N ASN C 72 76.41 -19.15 -5.87
CA ASN C 72 75.43 -18.32 -5.19
C ASN C 72 74.04 -18.84 -5.49
N VAL C 73 73.34 -19.24 -4.45
CA VAL C 73 71.94 -19.63 -4.54
C VAL C 73 71.09 -18.38 -4.36
N ASP C 74 69.96 -18.35 -5.07
CA ASP C 74 69.14 -17.15 -5.09
C ASP C 74 68.00 -17.22 -4.10
N ALA C 75 67.88 -18.33 -3.39
CA ALA C 75 66.71 -18.52 -2.55
C ALA C 75 66.90 -19.72 -1.65
N THR C 76 65.89 -19.96 -0.82
CA THR C 76 65.76 -21.23 -0.13
C THR C 76 64.73 -22.06 -0.89
N SER C 77 64.38 -23.20 -0.32
CA SER C 77 63.48 -24.12 -0.99
C SER C 77 62.10 -23.51 -1.16
N LEU C 78 61.51 -23.72 -2.33
CA LEU C 78 60.24 -23.14 -2.70
C LEU C 78 59.09 -24.10 -2.42
N LYS C 79 58.12 -23.62 -1.66
CA LYS C 79 56.86 -24.30 -1.48
C LYS C 79 55.99 -24.16 -2.72
N VAL C 80 54.98 -25.00 -2.81
CA VAL C 80 53.84 -24.80 -3.69
C VAL C 80 52.59 -25.18 -2.92
N TYR C 81 51.52 -24.46 -3.16
CA TYR C 81 50.27 -24.67 -2.46
C TYR C 81 49.15 -24.80 -3.48
N GLU C 82 48.18 -25.64 -3.14
CA GLU C 82 47.12 -25.94 -4.10
C GLU C 82 46.16 -24.78 -4.20
N LYS C 83 45.50 -24.66 -5.34
CA LYS C 83 44.56 -23.58 -5.55
C LYS C 83 43.38 -24.04 -6.39
N ASN C 84 42.19 -23.64 -5.96
CA ASN C 84 41.06 -23.57 -6.84
C ASN C 84 41.32 -22.52 -7.91
N LYS C 85 40.63 -22.63 -9.02
CA LYS C 85 40.95 -21.80 -10.16
C LYS C 85 39.74 -21.54 -11.03
N SER C 86 39.85 -20.46 -11.80
CA SER C 86 38.85 -20.08 -12.79
C SER C 86 39.62 -19.37 -13.89
N ASN C 87 39.25 -19.61 -15.13
CA ASN C 87 39.96 -19.07 -16.27
C ASN C 87 38.96 -18.76 -17.37
N LYS C 88 39.11 -17.61 -17.99
CA LYS C 88 38.25 -17.19 -19.07
C LYS C 88 39.09 -16.55 -20.15
N ASN C 89 39.08 -17.13 -21.34
CA ASN C 89 39.73 -16.57 -22.50
C ASN C 89 38.68 -16.33 -23.57
N THR C 90 38.38 -15.07 -23.82
CA THR C 90 37.46 -14.67 -24.87
C THR C 90 38.21 -13.77 -25.83
N THR C 91 38.44 -14.29 -27.04
CA THR C 91 39.11 -13.50 -28.06
C THR C 91 38.35 -13.63 -29.36
N THR C 92 38.41 -12.59 -30.18
CA THR C 92 37.79 -12.63 -31.50
C THR C 92 38.64 -11.83 -32.48
N GLU C 93 38.37 -12.07 -33.76
CA GLU C 93 39.05 -11.38 -34.84
C GLU C 93 38.09 -11.26 -36.02
N GLU C 94 38.23 -10.18 -36.78
CA GLU C 94 37.31 -9.87 -37.86
C GLU C 94 38.05 -9.23 -39.03
N THR C 95 37.68 -9.65 -40.24
CA THR C 95 37.99 -8.90 -41.44
C THR C 95 36.82 -9.08 -42.39
N ASP C 96 36.73 -8.20 -43.38
CA ASP C 96 35.60 -8.23 -44.30
C ASP C 96 36.01 -7.59 -45.62
N LYS C 97 35.01 -7.35 -46.47
CA LYS C 97 35.20 -6.82 -47.81
C LYS C 97 36.03 -5.53 -47.82
N GLU C 98 35.64 -4.55 -47.00
CA GLU C 98 36.37 -3.29 -46.92
C GLU C 98 37.55 -3.48 -45.98
N GLY C 99 37.27 -3.50 -44.68
CA GLY C 99 38.07 -4.23 -43.73
C GLY C 99 37.36 -4.29 -42.40
N GLY C 100 37.51 -5.41 -41.71
CA GLY C 100 36.93 -5.61 -40.40
C GLY C 100 37.98 -5.73 -39.34
N LYS C 101 39.22 -5.36 -39.67
CA LYS C 101 40.37 -5.75 -38.86
C LYS C 101 40.13 -5.28 -37.43
N ARG C 102 40.05 -6.23 -36.52
CA ARG C 102 39.83 -5.99 -35.11
C ARG C 102 40.42 -7.16 -34.37
N SER C 103 41.02 -6.88 -33.23
CA SER C 103 41.45 -7.92 -32.31
C SER C 103 40.91 -7.54 -30.95
N VAL C 104 40.14 -8.44 -30.35
CA VAL C 104 39.67 -8.27 -28.98
C VAL C 104 40.11 -9.52 -28.23
N THR C 105 41.04 -9.37 -27.32
CA THR C 105 41.58 -10.50 -26.57
C THR C 105 41.31 -10.28 -25.10
N ASP C 106 40.42 -11.08 -24.54
CA ASP C 106 40.04 -10.98 -23.14
C ASP C 106 40.61 -12.17 -22.38
N GLN C 107 41.28 -11.88 -21.28
CA GLN C 107 41.84 -12.93 -20.44
C GLN C 107 41.54 -12.56 -19.00
N SER C 108 40.81 -13.42 -18.30
CA SER C 108 40.47 -13.21 -16.91
C SER C 108 40.75 -14.49 -16.14
N SER C 109 41.48 -14.35 -15.04
CA SER C 109 41.89 -15.49 -14.24
C SER C 109 41.75 -15.14 -12.77
N GLU C 110 41.06 -15.98 -12.04
CA GLU C 110 41.00 -15.90 -10.60
C GLU C 110 41.67 -17.12 -10.01
N GLU C 111 42.36 -16.93 -8.91
CA GLU C 111 42.93 -18.03 -8.16
C GLU C 111 42.59 -17.85 -6.70
N GLU C 112 42.41 -18.97 -6.03
CA GLU C 112 42.11 -18.98 -4.61
C GLU C 112 42.80 -20.18 -4.01
N ILE C 113 43.42 -19.97 -2.85
CA ILE C 113 44.09 -21.07 -2.19
C ILE C 113 43.08 -21.95 -1.50
N VAL C 114 43.51 -23.16 -1.19
CA VAL C 114 42.68 -24.13 -0.48
C VAL C 114 43.19 -24.24 0.94
N MET C 115 42.28 -24.52 1.86
CA MET C 115 42.60 -24.59 3.27
C MET C 115 41.91 -25.77 3.92
N ILE C 116 42.72 -26.62 4.54
CA ILE C 116 42.27 -27.71 5.36
C ILE C 116 41.59 -27.14 6.58
N LYS C 117 40.76 -27.95 7.24
CA LYS C 117 40.13 -27.57 8.49
C LYS C 117 40.16 -28.73 9.47
N ASN C 118 40.66 -28.45 10.67
CA ASN C 118 40.59 -29.37 11.78
C ASN C 118 40.18 -28.56 12.99
N GLY C 119 39.02 -28.89 13.55
CA GLY C 119 38.51 -28.13 14.67
C GLY C 119 38.41 -26.66 14.32
N ASP C 120 39.11 -25.84 15.11
CA ASP C 120 39.30 -24.44 14.79
C ASP C 120 40.40 -24.23 13.76
N LYS C 121 41.37 -25.12 13.71
CA LYS C 121 42.55 -24.92 12.88
C LYS C 121 42.19 -24.91 11.40
N GLU C 122 42.99 -24.18 10.64
CA GLU C 122 42.85 -24.07 9.20
C GLU C 122 44.26 -24.01 8.63
N THR C 123 44.57 -24.87 7.67
CA THR C 123 45.94 -24.98 7.18
C THR C 123 45.98 -25.24 5.69
N PRO C 124 47.01 -24.75 5.02
CA PRO C 124 47.12 -24.88 3.58
C PRO C 124 47.56 -26.27 3.16
N VAL C 125 47.42 -26.53 1.87
CA VAL C 125 47.82 -27.81 1.30
C VAL C 125 49.22 -27.71 0.74
N VAL C 126 49.98 -28.79 0.87
CA VAL C 126 51.33 -28.86 0.35
C VAL C 126 51.35 -29.81 -0.84
N VAL C 127 51.56 -29.26 -2.02
CA VAL C 127 51.68 -30.06 -3.22
C VAL C 127 53.07 -30.63 -3.37
N GLN C 128 54.03 -29.81 -3.75
CA GLN C 128 55.40 -30.26 -3.88
C GLN C 128 56.32 -29.11 -3.48
N THR C 129 57.59 -29.29 -3.79
CA THR C 129 58.67 -28.45 -3.32
C THR C 129 59.72 -28.40 -4.42
N LYS C 130 60.31 -27.23 -4.62
CA LYS C 130 61.29 -27.07 -5.68
C LYS C 130 62.63 -26.60 -5.14
N LYS C 131 63.62 -26.84 -5.92
CA LYS C 131 64.95 -26.34 -5.64
C LYS C 131 65.22 -25.01 -6.35
N PRO C 132 66.08 -24.19 -5.77
CA PRO C 132 66.32 -22.85 -6.27
C PRO C 132 67.22 -22.82 -7.49
N ASP C 133 67.22 -21.66 -8.14
CA ASP C 133 68.15 -21.40 -9.24
C ASP C 133 69.53 -21.10 -8.69
N ILE C 134 70.44 -20.67 -9.57
CA ILE C 134 71.87 -20.75 -9.30
C ILE C 134 72.61 -19.61 -9.96
N ARG C 135 73.75 -19.24 -9.37
CA ARG C 135 74.76 -18.38 -9.97
C ARG C 135 76.15 -18.82 -9.51
N GLY C 136 77.08 -19.04 -10.44
CA GLY C 136 78.32 -19.71 -10.07
C GLY C 136 79.46 -19.46 -11.04
N VAL C 137 80.68 -19.62 -10.51
CA VAL C 137 81.91 -19.62 -11.30
C VAL C 137 82.91 -20.58 -10.67
N LEU C 138 84.16 -20.48 -11.13
CA LEU C 138 85.09 -21.59 -11.13
C LEU C 138 86.54 -21.14 -11.17
N VAL C 139 87.44 -22.00 -10.72
CA VAL C 139 88.87 -21.91 -10.97
C VAL C 139 89.40 -23.29 -11.30
N VAL C 140 90.42 -23.35 -12.15
CA VAL C 140 90.92 -24.62 -12.66
C VAL C 140 92.37 -24.49 -13.11
N ALA C 141 93.14 -25.56 -12.93
CA ALA C 141 94.58 -25.53 -13.22
C ALA C 141 94.86 -25.32 -14.70
N GLN C 142 93.81 -25.35 -15.51
CA GLN C 142 93.92 -25.13 -16.94
C GLN C 142 92.54 -24.73 -17.41
N GLY C 143 92.40 -24.11 -18.57
CA GLY C 143 91.15 -23.43 -18.80
C GLY C 143 91.07 -22.62 -20.06
N VAL C 144 90.27 -21.56 -19.98
CA VAL C 144 89.80 -20.81 -21.14
C VAL C 144 90.89 -20.47 -22.14
N ASP C 145 92.17 -20.48 -21.73
CA ASP C 145 93.22 -20.29 -22.71
C ASP C 145 93.20 -21.37 -23.78
N ASN C 146 92.68 -22.57 -23.45
CA ASN C 146 92.54 -23.63 -24.45
C ASN C 146 91.04 -23.76 -24.73
N VAL C 147 90.64 -23.33 -25.92
CA VAL C 147 89.26 -23.11 -26.26
C VAL C 147 88.46 -24.39 -26.10
N GLN C 148 89.13 -25.53 -26.31
CA GLN C 148 88.41 -26.79 -26.30
C GLN C 148 88.23 -27.34 -24.90
N ILE C 149 89.01 -26.84 -23.95
CA ILE C 149 88.66 -27.06 -22.56
C ILE C 149 87.83 -25.91 -22.05
N LYS C 150 87.74 -24.84 -22.84
CA LYS C 150 86.83 -23.75 -22.50
C LYS C 150 85.39 -24.14 -22.77
N GLN C 151 85.09 -24.51 -24.01
CA GLN C 151 83.72 -24.71 -24.42
C GLN C 151 83.16 -25.99 -23.79
N THR C 152 84.03 -26.98 -23.61
CA THR C 152 83.63 -28.22 -22.95
C THR C 152 82.92 -27.94 -21.65
N ILE C 153 83.48 -27.03 -20.86
CA ILE C 153 82.99 -26.82 -19.50
C ILE C 153 81.67 -26.09 -19.52
N ILE C 154 81.63 -24.94 -20.20
CA ILE C 154 80.42 -24.14 -20.24
C ILE C 154 79.23 -25.03 -20.54
N GLU C 155 79.33 -25.81 -21.60
CA GLU C 155 78.20 -26.62 -22.03
C GLU C 155 77.94 -27.72 -21.01
N ALA C 156 78.96 -28.05 -20.22
CA ALA C 156 78.79 -29.04 -19.17
C ALA C 156 78.13 -28.44 -17.94
N VAL C 157 78.51 -27.21 -17.59
CA VAL C 157 77.99 -26.60 -16.38
C VAL C 157 76.57 -26.14 -16.59
N THR C 158 76.34 -25.37 -17.65
CA THR C 158 75.02 -24.81 -17.87
C THR C 158 73.96 -25.90 -17.94
N ARG C 159 74.26 -26.98 -18.65
CA ARG C 159 73.27 -28.00 -18.91
C ARG C 159 72.99 -28.84 -17.68
N VAL C 160 73.84 -28.77 -16.67
CA VAL C 160 73.56 -29.44 -15.41
C VAL C 160 72.58 -28.63 -14.58
N LEU C 161 72.85 -27.34 -14.44
CA LEU C 161 72.21 -26.52 -13.44
C LEU C 161 71.09 -25.66 -13.99
N ASP C 162 70.87 -25.69 -15.31
CA ASP C 162 69.95 -24.76 -15.97
C ASP C 162 70.40 -23.32 -15.75
N VAL C 163 71.66 -23.06 -16.03
CA VAL C 163 72.26 -21.74 -15.82
C VAL C 163 72.68 -21.20 -17.18
N PRO C 164 72.06 -20.14 -17.66
CA PRO C 164 72.52 -19.53 -18.91
C PRO C 164 73.96 -19.08 -18.82
N SER C 165 74.57 -18.84 -19.97
CA SER C 165 75.99 -18.53 -19.98
C SER C 165 76.30 -17.25 -19.23
N HIS C 166 75.55 -16.18 -19.48
CA HIS C 166 75.94 -14.89 -18.92
C HIS C 166 75.97 -14.88 -17.41
N ARG C 167 75.40 -15.87 -16.74
CA ARG C 167 75.45 -15.96 -15.29
C ARG C 167 76.52 -16.90 -14.79
N VAL C 168 77.32 -17.46 -15.68
CA VAL C 168 78.38 -18.37 -15.30
C VAL C 168 79.66 -17.91 -15.96
N ALA C 169 80.78 -18.08 -15.26
CA ALA C 169 82.04 -17.58 -15.76
C ALA C 169 83.17 -18.38 -15.14
N VAL C 170 84.34 -18.27 -15.76
CA VAL C 170 85.48 -19.12 -15.44
C VAL C 170 86.76 -18.30 -15.54
N ALA C 171 87.82 -18.84 -14.95
CA ALA C 171 89.07 -18.15 -14.84
C ALA C 171 90.26 -19.06 -15.10
N PRO C 172 91.26 -18.59 -15.83
CA PRO C 172 92.45 -19.42 -16.02
C PRO C 172 93.34 -19.54 -14.79
N LYS C 173 94.18 -20.56 -14.87
CA LYS C 173 94.98 -21.20 -13.83
C LYS C 173 94.24 -21.53 -12.54
N LYS C 174 95.01 -21.87 -11.50
CA LYS C 174 94.51 -22.09 -10.16
C LYS C 174 95.52 -21.65 -9.11
N ILE C 175 96.60 -22.43 -8.99
CA ILE C 175 97.71 -22.06 -8.11
C ILE C 175 99.03 -22.35 -8.83
N LYS C 176 99.26 -23.63 -9.13
CA LYS C 176 100.56 -24.13 -9.55
C LYS C 176 100.54 -24.36 -11.07
N GLU C 177 101.62 -23.98 -11.73
CA GLU C 177 101.74 -24.20 -13.15
C GLU C 177 103.18 -24.61 -13.49
N PRO D 39 60.65 -33.09 3.00
CA PRO D 39 61.50 -32.01 2.52
C PRO D 39 62.54 -32.51 1.51
N LYS D 40 63.71 -31.87 1.43
CA LYS D 40 64.75 -32.31 0.52
C LYS D 40 65.02 -33.82 0.61
N ASP D 41 65.05 -34.38 1.81
CA ASP D 41 65.61 -35.71 2.01
C ASP D 41 65.09 -36.71 0.98
N SER D 42 63.78 -36.78 0.76
CA SER D 42 63.26 -37.71 -0.26
C SER D 42 63.83 -37.38 -1.63
N ILE D 43 64.47 -36.23 -1.81
CA ILE D 43 65.18 -35.98 -3.05
C ILE D 43 66.45 -36.80 -3.11
N ASP D 44 67.30 -36.63 -2.09
CA ASP D 44 68.68 -37.12 -2.19
C ASP D 44 68.68 -38.60 -2.54
N ASP D 45 67.73 -39.34 -1.99
CA ASP D 45 67.59 -40.74 -2.35
C ASP D 45 67.40 -40.91 -3.85
N TYR D 46 66.47 -40.14 -4.44
CA TYR D 46 66.18 -40.32 -5.85
C TYR D 46 67.45 -40.21 -6.69
N GLU D 47 68.17 -39.10 -6.55
CA GLU D 47 69.33 -38.88 -7.40
C GLU D 47 70.24 -40.08 -7.39
N LYS D 48 70.69 -40.49 -6.21
CA LYS D 48 71.61 -41.61 -6.14
C LYS D 48 71.02 -42.85 -6.77
N GLU D 49 69.74 -43.10 -6.52
CA GLU D 49 69.08 -44.23 -7.14
C GLU D 49 69.23 -44.19 -8.65
N TYR D 50 69.17 -42.98 -9.22
CA TYR D 50 69.54 -42.81 -10.62
C TYR D 50 71.03 -43.00 -10.82
N GLU D 51 71.83 -42.25 -10.05
CA GLU D 51 73.26 -42.16 -10.31
C GLU D 51 73.89 -43.53 -10.40
N ASN D 52 73.39 -44.48 -9.62
CA ASN D 52 74.01 -45.80 -9.58
C ASN D 52 73.59 -46.65 -10.76
N GLN D 53 72.34 -46.52 -11.19
CA GLN D 53 71.85 -47.36 -12.27
C GLN D 53 72.63 -47.11 -13.54
N LEU D 54 72.59 -45.88 -14.04
CA LEU D 54 73.31 -45.57 -15.26
C LEU D 54 74.75 -46.02 -15.17
N LYS D 55 75.37 -45.79 -14.02
CA LYS D 55 76.73 -46.25 -13.80
C LYS D 55 76.85 -47.73 -14.12
N GLU D 56 76.22 -48.57 -13.29
CA GLU D 56 76.36 -50.01 -13.42
C GLU D 56 75.94 -50.48 -14.80
N ILE D 57 75.04 -49.76 -15.45
CA ILE D 57 74.54 -50.17 -16.75
C ILE D 57 75.48 -49.74 -17.87
N LEU D 58 75.95 -48.50 -17.80
CA LEU D 58 76.65 -47.93 -18.93
C LEU D 58 78.05 -48.49 -19.07
N GLU D 59 78.58 -49.11 -18.01
CA GLU D 59 79.79 -49.89 -18.17
C GLU D 59 79.58 -51.07 -19.09
N THR D 60 78.32 -51.41 -19.38
CA THR D 60 77.96 -52.64 -20.05
C THR D 60 77.76 -52.45 -21.55
N ILE D 61 78.01 -51.26 -22.05
CA ILE D 61 78.04 -51.09 -23.50
C ILE D 61 79.48 -51.29 -23.95
N ILE D 62 79.78 -50.83 -25.15
CA ILE D 62 80.81 -51.43 -25.98
C ILE D 62 82.11 -51.84 -25.28
N GLY D 63 82.93 -50.95 -24.71
CA GLY D 63 82.57 -49.64 -24.20
C GLY D 63 83.78 -48.74 -24.26
N VAL D 64 83.79 -47.57 -23.61
CA VAL D 64 82.92 -47.19 -22.50
C VAL D 64 83.16 -48.14 -21.35
N ASP D 65 84.35 -48.04 -20.75
CA ASP D 65 84.80 -48.98 -19.73
C ASP D 65 84.63 -48.47 -18.31
N ASP D 66 84.12 -47.25 -18.12
CA ASP D 66 83.93 -46.73 -16.76
C ASP D 66 83.28 -45.35 -16.82
N VAL D 67 82.65 -44.93 -15.72
CA VAL D 67 81.87 -43.70 -15.72
C VAL D 67 81.73 -43.13 -14.31
N SER D 68 81.38 -41.85 -14.28
CA SER D 68 81.04 -41.13 -13.06
C SER D 68 80.04 -40.06 -13.48
N VAL D 69 79.04 -39.80 -12.64
CA VAL D 69 77.89 -39.02 -13.05
C VAL D 69 77.43 -38.11 -11.92
N VAL D 70 76.52 -37.22 -12.29
CA VAL D 70 75.83 -36.32 -11.38
C VAL D 70 74.46 -36.03 -11.99
N VAL D 71 73.49 -35.71 -11.14
CA VAL D 71 72.14 -35.42 -11.60
C VAL D 71 71.50 -34.39 -10.70
N ASN D 72 70.59 -33.60 -11.27
CA ASN D 72 69.84 -32.59 -10.53
C ASN D 72 68.35 -32.83 -10.72
N VAL D 73 67.67 -33.09 -9.62
CA VAL D 73 66.24 -33.19 -9.59
C VAL D 73 65.64 -31.82 -9.38
N ASP D 74 64.50 -31.55 -10.00
CA ASP D 74 63.93 -30.21 -9.98
C ASP D 74 62.88 -30.06 -8.89
N ALA D 75 62.60 -31.14 -8.16
CA ALA D 75 61.48 -31.09 -7.23
C ALA D 75 61.51 -32.31 -6.33
N THR D 76 60.53 -32.34 -5.43
CA THR D 76 60.21 -33.55 -4.71
C THR D 76 58.99 -34.18 -5.37
N SER D 77 58.46 -35.23 -4.76
CA SER D 77 57.36 -35.96 -5.35
C SER D 77 56.12 -35.09 -5.41
N LEU D 78 55.41 -35.19 -6.53
CA LEU D 78 54.25 -34.37 -6.82
C LEU D 78 52.97 -35.09 -6.43
N LYS D 79 52.16 -34.43 -5.61
CA LYS D 79 50.81 -34.85 -5.34
C LYS D 79 49.89 -34.54 -6.50
N VAL D 80 48.73 -35.18 -6.49
CA VAL D 80 47.59 -34.76 -7.29
C VAL D 80 46.36 -34.89 -6.43
N TYR D 81 45.42 -33.98 -6.59
CA TYR D 81 44.21 -33.94 -5.80
C TYR D 81 43.02 -33.85 -6.73
N GLU D 82 41.92 -34.48 -6.31
CA GLU D 82 40.78 -34.58 -7.18
C GLU D 82 40.04 -33.26 -7.23
N LYS D 83 39.34 -33.01 -8.32
CA LYS D 83 38.60 -31.78 -8.47
C LYS D 83 37.30 -31.99 -9.21
N ASN D 84 36.25 -31.37 -8.71
CA ASN D 84 35.08 -31.09 -9.51
C ASN D 84 35.46 -30.11 -10.60
N LYS D 85 34.67 -30.08 -11.66
CA LYS D 85 35.07 -29.34 -12.84
C LYS D 85 33.86 -28.85 -13.62
N SER D 86 34.11 -27.82 -14.40
CA SER D 86 33.14 -27.25 -15.32
C SER D 86 33.95 -26.70 -16.49
N ASN D 87 33.43 -26.87 -17.69
CA ASN D 87 34.14 -26.48 -18.90
C ASN D 87 33.14 -25.99 -19.92
N LYS D 88 33.48 -24.88 -20.56
CA LYS D 88 32.62 -24.31 -21.58
C LYS D 88 33.49 -23.85 -22.75
N ASN D 89 33.27 -24.42 -23.91
CA ASN D 89 33.93 -23.99 -25.13
C ASN D 89 32.87 -23.56 -26.12
N THR D 90 32.80 -22.26 -26.37
CA THR D 90 31.90 -21.70 -27.35
C THR D 90 32.72 -20.97 -28.39
N THR D 91 32.75 -21.51 -29.60
CA THR D 91 33.48 -20.88 -30.68
C THR D 91 32.60 -20.86 -31.92
N THR D 92 32.81 -19.85 -32.76
CA THR D 92 32.10 -19.77 -34.01
C THR D 92 33.00 -19.17 -35.08
N GLU D 93 32.59 -19.35 -36.33
CA GLU D 93 33.31 -18.80 -37.48
C GLU D 93 32.31 -18.49 -38.57
N GLU D 94 32.59 -17.46 -39.36
CA GLU D 94 31.66 -17.00 -40.38
C GLU D 94 32.42 -16.51 -41.60
N THR D 95 31.89 -16.85 -42.77
CA THR D 95 32.24 -16.18 -44.02
C THR D 95 30.99 -16.13 -44.87
N ASP D 96 30.99 -15.24 -45.87
CA ASP D 96 29.82 -15.06 -46.70
C ASP D 96 30.24 -14.53 -48.06
N LYS D 97 29.25 -14.09 -48.82
CA LYS D 97 29.43 -13.61 -50.19
C LYS D 97 30.48 -12.50 -50.28
N GLU D 98 30.35 -11.47 -49.46
CA GLU D 98 31.32 -10.37 -49.44
C GLU D 98 32.51 -10.78 -48.60
N GLY D 99 32.32 -10.75 -47.29
CA GLY D 99 33.05 -11.62 -46.39
C GLY D 99 32.44 -11.54 -45.00
N GLY D 100 32.43 -12.67 -44.31
CA GLY D 100 31.93 -12.74 -42.96
C GLY D 100 33.01 -13.05 -41.97
N LYS D 101 34.27 -12.95 -42.40
CA LYS D 101 35.38 -13.55 -41.67
C LYS D 101 35.35 -13.03 -40.25
N ARG D 102 35.15 -13.95 -39.32
CA ARG D 102 35.08 -13.66 -37.90
C ARG D 102 35.50 -14.93 -37.18
N SER D 103 36.24 -14.76 -36.09
CA SER D 103 36.52 -15.87 -35.19
C SER D 103 36.16 -15.38 -33.80
N VAL D 104 35.29 -16.12 -33.12
CA VAL D 104 34.96 -15.86 -31.73
C VAL D 104 35.21 -17.17 -31.00
N THR D 105 36.22 -17.20 -30.15
CA THR D 105 36.59 -18.41 -29.44
C THR D 105 36.48 -18.13 -27.95
N ASP D 106 35.50 -18.75 -27.31
CA ASP D 106 35.26 -18.58 -25.89
C ASP D 106 35.64 -19.85 -25.16
N GLN D 107 36.44 -19.70 -24.12
CA GLN D 107 36.85 -20.83 -23.30
C GLN D 107 36.74 -20.41 -21.84
N SER D 108 35.91 -21.10 -21.09
CA SER D 108 35.73 -20.83 -19.67
C SER D 108 35.81 -22.14 -18.89
N SER D 109 36.65 -22.14 -17.86
CA SER D 109 36.89 -23.34 -17.08
C SER D 109 36.93 -22.96 -15.62
N GLU D 110 36.14 -23.66 -14.82
CA GLU D 110 36.22 -23.56 -13.37
C GLU D 110 36.67 -24.88 -12.82
N GLU D 111 37.47 -24.83 -11.77
CA GLU D 111 37.88 -26.01 -11.06
C GLU D 111 37.70 -25.77 -9.57
N GLU D 112 37.35 -26.82 -8.87
CA GLU D 112 37.18 -26.78 -7.44
C GLU D 112 37.66 -28.08 -6.86
N ILE D 113 38.40 -28.01 -5.77
CA ILE D 113 38.89 -29.21 -5.13
C ILE D 113 37.79 -29.88 -4.36
N VAL D 114 37.99 -31.14 -4.05
CA VAL D 114 37.06 -31.93 -3.27
C VAL D 114 37.64 -32.14 -1.88
N MET D 115 36.76 -32.23 -0.89
CA MET D 115 37.18 -32.35 0.49
C MET D 115 36.33 -33.38 1.21
N ILE D 116 37.00 -34.37 1.77
CA ILE D 116 36.40 -35.36 2.65
C ILE D 116 35.94 -34.66 3.91
N LYS D 117 35.03 -35.28 4.64
CA LYS D 117 34.59 -34.80 5.93
C LYS D 117 34.47 -35.94 6.92
N ASN D 118 35.10 -35.75 8.07
CA ASN D 118 34.95 -36.65 9.20
C ASN D 118 34.79 -35.76 10.43
N GLY D 119 33.63 -35.86 11.08
CA GLY D 119 33.36 -35.02 12.21
C GLY D 119 33.53 -33.55 11.85
N ASP D 120 34.43 -32.88 12.57
CA ASP D 120 34.86 -31.54 12.21
C ASP D 120 35.90 -31.55 11.10
N LYS D 121 36.68 -32.61 10.99
CA LYS D 121 37.80 -32.66 10.07
C LYS D 121 37.34 -32.58 8.63
N GLU D 122 38.20 -32.02 7.80
CA GLU D 122 37.97 -31.89 6.37
C GLU D 122 39.32 -32.10 5.69
N THR D 123 39.39 -33.01 4.73
CA THR D 123 40.67 -33.38 4.15
C THR D 123 40.54 -33.65 2.66
N PRO D 124 41.59 -33.37 1.90
CA PRO D 124 41.55 -33.52 0.45
C PRO D 124 41.69 -34.97 0.03
N VAL D 125 41.41 -35.21 -1.24
CA VAL D 125 41.51 -36.54 -1.81
C VAL D 125 42.86 -36.71 -2.49
N VAL D 126 43.40 -37.91 -2.39
CA VAL D 126 44.66 -38.25 -3.01
C VAL D 126 44.41 -39.18 -4.17
N VAL D 127 44.64 -38.69 -5.39
CA VAL D 127 44.51 -39.50 -6.57
C VAL D 127 45.74 -40.34 -6.83
N GLN D 128 46.80 -39.71 -7.29
CA GLN D 128 48.05 -40.41 -7.51
C GLN D 128 49.20 -39.47 -7.21
N THR D 129 50.39 -39.90 -7.61
CA THR D 129 51.64 -39.27 -7.23
C THR D 129 52.59 -39.43 -8.40
N LYS D 130 53.37 -38.41 -8.68
CA LYS D 130 54.29 -38.43 -9.80
C LYS D 130 55.72 -38.23 -9.37
N LYS D 131 56.60 -38.66 -10.23
CA LYS D 131 58.00 -38.42 -10.06
C LYS D 131 58.47 -37.19 -10.81
N PRO D 132 59.51 -36.55 -10.30
CA PRO D 132 59.98 -35.27 -10.84
C PRO D 132 60.77 -35.42 -12.13
N ASP D 133 60.94 -34.28 -12.80
CA ASP D 133 61.81 -34.21 -13.96
C ASP D 133 63.27 -34.18 -13.53
N ILE D 134 64.17 -33.94 -14.48
CA ILE D 134 65.57 -34.30 -14.31
C ILE D 134 66.47 -33.33 -15.06
N ARG D 135 67.71 -33.18 -14.55
CA ARG D 135 68.81 -32.52 -15.25
C ARG D 135 70.11 -33.23 -14.88
N GLY D 136 70.92 -33.63 -15.88
CA GLY D 136 72.03 -34.52 -15.59
C GLY D 136 73.11 -34.50 -16.64
N VAL D 137 74.32 -34.89 -16.20
CA VAL D 137 75.47 -35.14 -17.08
C VAL D 137 76.31 -36.27 -16.51
N LEU D 138 77.50 -36.41 -17.07
CA LEU D 138 78.20 -37.69 -17.11
C LEU D 138 79.72 -37.52 -17.29
N VAL D 139 80.46 -38.54 -16.88
CA VAL D 139 81.86 -38.72 -17.24
C VAL D 139 82.09 -40.18 -17.58
N VAL D 140 83.00 -40.44 -18.51
CA VAL D 140 83.20 -41.78 -19.03
C VAL D 140 84.61 -41.94 -19.59
N ALA D 141 85.18 -43.14 -19.45
CA ALA D 141 86.56 -43.39 -19.85
C ALA D 141 86.77 -43.24 -21.35
N GLN D 142 85.67 -43.08 -22.08
CA GLN D 142 85.71 -42.87 -23.52
C GLN D 142 84.40 -42.22 -23.90
N GLY D 143 84.30 -41.59 -25.05
CA GLY D 143 83.19 -40.67 -25.19
C GLY D 143 83.16 -39.87 -26.46
N VAL D 144 82.58 -38.67 -26.34
CA VAL D 144 82.18 -37.86 -27.47
C VAL D 144 83.25 -37.73 -28.55
N ASP D 145 84.52 -37.98 -28.24
CA ASP D 145 85.51 -38.02 -29.30
C ASP D 145 85.20 -39.07 -30.35
N ASN D 146 84.49 -40.14 -29.97
CA ASN D 146 84.06 -41.15 -30.92
C ASN D 146 82.55 -41.00 -31.09
N VAL D 147 82.17 -40.50 -32.26
CA VAL D 147 80.82 -40.00 -32.49
C VAL D 147 79.81 -41.12 -32.25
N GLN D 148 80.22 -42.37 -32.49
CA GLN D 148 79.26 -43.46 -32.41
C GLN D 148 79.10 -43.96 -30.99
N ILE D 149 80.04 -43.62 -30.10
CA ILE D 149 79.77 -43.77 -28.68
C ILE D 149 79.21 -42.47 -28.13
N LYS D 150 79.26 -41.41 -28.93
CA LYS D 150 78.61 -40.16 -28.56
C LYS D 150 77.11 -40.27 -28.71
N GLN D 151 76.66 -40.58 -29.91
CA GLN D 151 75.23 -40.52 -30.21
C GLN D 151 74.49 -41.65 -29.53
N THR D 152 75.16 -42.79 -29.39
CA THR D 152 74.59 -43.93 -28.69
C THR D 152 74.04 -43.52 -27.33
N ILE D 153 74.83 -42.73 -26.60
CA ILE D 153 74.50 -42.42 -25.22
C ILE D 153 73.35 -41.45 -25.14
N ILE D 154 73.48 -40.33 -25.85
CA ILE D 154 72.45 -39.31 -25.80
C ILE D 154 71.08 -39.94 -25.99
N GLU D 155 70.95 -40.73 -27.05
CA GLU D 155 69.66 -41.31 -27.38
C GLU D 155 69.26 -42.33 -26.33
N ALA D 156 70.26 -42.86 -25.61
CA ALA D 156 69.98 -43.80 -24.53
C ALA D 156 69.55 -43.07 -23.28
N VAL D 157 70.19 -41.94 -22.97
CA VAL D 157 69.89 -41.23 -21.73
C VAL D 157 68.56 -40.51 -21.85
N THR D 158 68.41 -39.72 -22.90
CA THR D 158 67.21 -38.90 -23.03
C THR D 158 65.96 -39.77 -23.00
N ARG D 159 65.99 -40.89 -23.71
CA ARG D 159 64.81 -41.70 -23.88
C ARG D 159 64.47 -42.47 -22.62
N VAL D 160 65.39 -42.57 -21.67
CA VAL D 160 65.08 -43.16 -20.39
C VAL D 160 64.35 -42.17 -19.50
N LEU D 161 64.86 -40.97 -19.41
CA LEU D 161 64.48 -40.03 -18.37
C LEU D 161 63.50 -38.97 -18.85
N ASP D 162 63.18 -38.96 -20.14
CA ASP D 162 62.41 -37.88 -20.75
C ASP D 162 63.13 -36.54 -20.59
N VAL D 163 64.40 -36.53 -20.98
CA VAL D 163 65.26 -35.36 -20.84
C VAL D 163 65.67 -34.91 -22.23
N PRO D 164 65.24 -33.74 -22.69
CA PRO D 164 65.70 -33.24 -23.97
C PRO D 164 67.21 -33.08 -23.99
N SER D 165 67.76 -32.97 -25.19
CA SER D 165 69.21 -32.94 -25.32
C SER D 165 69.82 -31.75 -24.60
N HIS D 166 69.27 -30.55 -24.81
CA HIS D 166 69.94 -29.36 -24.32
C HIS D 166 70.10 -29.35 -22.81
N ARG D 167 69.40 -30.21 -22.09
CA ARG D 167 69.54 -30.30 -20.65
C ARG D 167 70.45 -31.43 -20.21
N VAL D 168 71.04 -32.14 -21.15
CA VAL D 168 71.94 -33.23 -20.83
C VAL D 168 73.23 -33.03 -21.59
N ALA D 169 74.34 -33.41 -20.98
CA ALA D 169 75.63 -33.17 -21.57
C ALA D 169 76.63 -34.18 -21.03
N VAL D 170 77.75 -34.30 -21.75
CA VAL D 170 78.72 -35.34 -21.50
C VAL D 170 80.13 -34.79 -21.70
N ALA D 171 81.11 -35.52 -21.17
CA ALA D 171 82.47 -35.07 -21.18
C ALA D 171 83.43 -36.21 -21.52
N PRO D 172 84.46 -35.95 -22.32
CA PRO D 172 85.44 -37.00 -22.59
C PRO D 172 86.38 -37.29 -21.43
N LYS D 173 87.00 -38.45 -21.55
CA LYS D 173 87.75 -39.22 -20.56
C LYS D 173 87.06 -39.40 -19.22
N LYS D 174 87.83 -39.88 -18.24
CA LYS D 174 87.39 -40.00 -16.85
C LYS D 174 88.56 -39.76 -15.89
N ILE D 175 89.47 -40.72 -15.84
CA ILE D 175 90.69 -40.58 -15.06
C ILE D 175 91.86 -41.13 -15.87
N LYS D 176 91.83 -42.42 -16.16
CA LYS D 176 92.98 -43.17 -16.66
C LYS D 176 92.78 -43.38 -18.17
N GLU D 177 93.87 -43.23 -18.92
CA GLU D 177 93.84 -43.47 -20.35
C GLU D 177 95.13 -44.15 -20.77
N PRO E 39 53.18 -44.21 -1.01
CA PRO E 39 54.18 -43.30 -1.57
C PRO E 39 55.02 -44.00 -2.64
N LYS E 40 56.28 -43.60 -2.82
CA LYS E 40 57.16 -44.24 -3.80
C LYS E 40 57.13 -45.77 -3.71
N ASP E 41 57.15 -46.33 -2.50
CA ASP E 41 57.44 -47.74 -2.32
C ASP E 41 56.68 -48.63 -3.30
N SER E 42 55.36 -48.44 -3.41
CA SER E 42 54.60 -49.25 -4.37
C SER E 42 55.10 -49.05 -5.79
N ILE E 43 55.94 -48.04 -6.04
CA ILE E 43 56.59 -47.94 -7.33
C ILE E 43 57.67 -48.99 -7.47
N ASP E 44 58.62 -48.98 -6.53
CA ASP E 44 59.85 -49.72 -6.72
C ASP E 44 59.55 -51.17 -7.05
N ASP E 45 58.51 -51.72 -6.41
CA ASP E 45 58.08 -53.07 -6.73
C ASP E 45 57.75 -53.19 -8.22
N TYR E 46 56.93 -52.27 -8.74
CA TYR E 46 56.52 -52.39 -10.12
C TYR E 46 57.70 -52.52 -11.05
N GLU E 47 58.64 -51.58 -10.99
CA GLU E 47 59.74 -51.58 -11.93
C GLU E 47 60.42 -52.95 -11.97
N LYS E 48 60.87 -53.43 -10.81
CA LYS E 48 61.56 -54.71 -10.79
C LYS E 48 60.68 -55.81 -11.36
N GLU E 49 59.40 -55.81 -11.01
CA GLU E 49 58.50 -56.79 -11.56
C GLU E 49 58.54 -56.77 -13.08
N TYR E 50 58.67 -55.59 -13.66
CA TYR E 50 58.95 -55.50 -15.10
C TYR E 50 60.37 -55.96 -15.39
N GLU E 51 61.35 -55.38 -14.71
CA GLU E 51 62.74 -55.57 -15.07
C GLU E 51 63.09 -57.05 -15.18
N ASN E 52 62.47 -57.87 -14.36
CA ASN E 52 62.83 -59.29 -14.33
C ASN E 52 62.16 -60.04 -15.47
N GLN E 53 60.93 -59.68 -15.80
CA GLN E 53 60.21 -60.41 -16.83
C GLN E 53 60.92 -60.32 -18.16
N LEU E 54 61.08 -59.10 -18.68
CA LEU E 54 61.76 -58.93 -19.95
C LEU E 54 63.07 -59.67 -19.96
N LYS E 55 63.82 -59.55 -18.86
CA LYS E 55 65.08 -60.26 -18.75
C LYS E 55 64.87 -61.74 -19.05
N GLU E 56 64.18 -62.43 -18.16
CA GLU E 56 64.03 -63.88 -18.28
C GLU E 56 63.42 -64.26 -19.62
N ILE E 57 62.63 -63.37 -20.20
CA ILE E 57 61.94 -63.69 -21.46
C ILE E 57 62.87 -63.45 -22.64
N LEU E 58 63.57 -62.32 -22.63
CA LEU E 58 64.28 -61.91 -23.82
C LEU E 58 65.53 -62.74 -24.06
N GLU E 59 66.01 -63.43 -23.04
CA GLU E 59 67.04 -64.43 -23.27
C GLU E 59 66.53 -65.55 -24.16
N THR E 60 65.21 -65.64 -24.34
CA THR E 60 64.57 -66.78 -24.96
C THR E 60 64.29 -66.56 -26.43
N ILE E 61 64.74 -65.45 -26.99
CA ILE E 61 64.69 -65.29 -28.42
C ILE E 61 66.01 -65.76 -28.99
N ILE E 62 66.30 -65.36 -30.21
CA ILE E 62 67.14 -66.14 -31.10
C ILE E 62 68.38 -66.81 -30.49
N GLY E 63 69.39 -66.09 -30.01
CA GLY E 63 69.33 -64.74 -29.50
C GLY E 63 70.70 -64.09 -29.66
N VAL E 64 70.98 -62.95 -29.03
CA VAL E 64 70.28 -62.39 -27.87
C VAL E 64 70.43 -63.37 -26.71
N ASP E 65 71.66 -63.50 -26.22
CA ASP E 65 71.99 -64.51 -25.22
C ASP E 65 72.03 -63.98 -23.79
N ASP E 66 71.79 -62.68 -23.58
CA ASP E 66 71.80 -62.13 -22.23
C ASP E 66 71.42 -60.65 -22.26
N VAL E 67 70.98 -60.11 -21.11
CA VAL E 67 70.46 -58.75 -21.08
C VAL E 67 70.53 -58.17 -19.68
N SER E 68 70.44 -56.85 -19.64
CA SER E 68 70.34 -56.07 -18.42
C SER E 68 69.53 -54.83 -18.78
N VAL E 69 68.67 -54.37 -17.86
CA VAL E 69 67.67 -53.38 -18.21
C VAL E 69 67.47 -52.41 -17.06
N VAL E 70 66.73 -51.35 -17.37
CA VAL E 70 66.29 -50.34 -16.43
C VAL E 70 64.97 -49.80 -16.94
N VAL E 71 64.15 -49.28 -16.03
CA VAL E 71 62.85 -48.75 -16.38
C VAL E 71 62.49 -47.61 -15.46
N ASN E 72 61.71 -46.66 -15.97
CA ASN E 72 61.22 -45.53 -15.19
C ASN E 72 59.71 -45.47 -15.27
N VAL E 73 59.09 -45.58 -14.11
CA VAL E 73 57.65 -45.41 -13.98
C VAL E 73 57.35 -43.94 -13.74
N ASP E 74 56.25 -43.47 -14.29
CA ASP E 74 55.94 -42.05 -14.25
C ASP E 74 55.03 -41.70 -13.08
N ALA E 75 54.60 -42.69 -12.31
CA ALA E 75 53.59 -42.43 -11.31
C ALA E 75 53.45 -43.63 -10.38
N THR E 76 52.56 -43.46 -9.41
CA THR E 76 52.07 -44.59 -8.65
C THR E 76 50.70 -44.98 -9.21
N SER E 77 50.03 -45.90 -8.54
CA SER E 77 48.76 -46.40 -9.04
C SER E 77 47.71 -45.31 -9.02
N LEU E 78 46.92 -45.28 -10.08
CA LEU E 78 45.91 -44.25 -10.29
C LEU E 78 44.54 -44.70 -9.80
N LYS E 79 43.95 -43.89 -8.93
CA LYS E 79 42.57 -44.04 -8.55
C LYS E 79 41.64 -43.57 -9.65
N VAL E 80 40.38 -43.98 -9.54
CA VAL E 80 39.29 -43.33 -10.25
C VAL E 80 38.13 -43.23 -9.30
N TYR E 81 37.38 -42.15 -9.41
CA TYR E 81 36.26 -41.88 -8.53
C TYR E 81 35.03 -41.57 -9.36
N GLU E 82 33.88 -41.97 -8.86
CA GLU E 82 32.66 -41.85 -9.64
C GLU E 82 32.21 -40.40 -9.65
N LYS E 83 31.47 -40.03 -10.69
CA LYS E 83 30.99 -38.68 -10.81
C LYS E 83 29.61 -38.64 -11.44
N ASN E 84 28.73 -37.81 -10.87
CA ASN E 84 27.58 -37.32 -11.59
C ASN E 84 28.07 -36.44 -12.73
N LYS E 85 27.22 -36.26 -13.72
CA LYS E 85 27.65 -35.61 -14.94
C LYS E 85 26.51 -34.89 -15.63
N SER E 86 26.90 -33.94 -16.45
CA SER E 86 25.98 -33.19 -17.30
C SER E 86 26.79 -32.81 -18.54
N ASN E 87 26.16 -32.88 -19.70
CA ASN E 87 26.84 -32.64 -20.96
C ASN E 87 25.87 -31.96 -21.91
N LYS E 88 26.36 -30.95 -22.59
CA LYS E 88 25.56 -30.22 -23.56
C LYS E 88 26.41 -29.93 -24.79
N ASN E 89 26.00 -30.46 -25.92
CA ASN E 89 26.62 -30.16 -27.19
C ASN E 89 25.59 -29.54 -28.11
N THR E 90 25.76 -28.25 -28.37
CA THR E 90 24.91 -27.53 -29.30
C THR E 90 25.78 -26.97 -30.40
N THR E 91 25.61 -27.51 -31.61
CA THR E 91 26.36 -27.04 -32.75
C THR E 91 25.41 -26.85 -33.92
N THR E 92 25.75 -25.90 -34.79
CA THR E 92 24.96 -25.69 -35.99
C THR E 92 25.88 -25.27 -37.13
N GLU E 93 25.35 -25.37 -38.34
CA GLU E 93 26.07 -24.98 -39.55
C GLU E 93 25.06 -24.49 -40.57
N GLU E 94 25.48 -23.54 -41.40
CA GLU E 94 24.59 -22.90 -42.35
C GLU E 94 25.33 -22.57 -43.63
N THR E 95 24.65 -22.80 -44.75
CA THR E 95 25.03 -22.21 -46.04
C THR E 95 23.74 -21.92 -46.80
N ASP E 96 23.85 -21.05 -47.80
CA ASP E 96 22.67 -20.65 -48.54
C ASP E 96 23.08 -20.21 -49.94
N LYS E 97 22.12 -19.59 -50.64
CA LYS E 97 22.29 -19.15 -52.02
C LYS E 97 23.53 -18.28 -52.21
N GLU E 98 23.67 -17.24 -51.40
CA GLU E 98 24.82 -16.35 -51.47
C GLU E 98 25.98 -16.98 -50.71
N GLY E 99 25.90 -16.91 -49.39
CA GLY E 99 26.51 -17.90 -48.53
C GLY E 99 26.04 -17.70 -47.11
N GLY E 100 25.87 -18.80 -46.40
CA GLY E 100 25.46 -18.77 -45.01
C GLY E 100 26.54 -19.30 -44.10
N LYS E 101 27.77 -19.43 -44.62
CA LYS E 101 28.79 -20.23 -43.97
C LYS E 101 28.97 -19.72 -42.56
N ARG E 102 28.66 -20.58 -41.60
CA ARG E 102 28.77 -20.28 -40.19
C ARG E 102 28.98 -21.60 -39.48
N SER E 103 29.82 -21.58 -38.45
CA SER E 103 29.95 -22.71 -37.56
C SER E 103 29.80 -22.17 -36.16
N VAL E 104 28.86 -22.72 -35.40
CA VAL E 104 28.70 -22.41 -34.00
C VAL E 104 28.74 -23.73 -33.26
N THR E 105 29.80 -23.95 -32.49
CA THR E 105 29.98 -25.21 -31.79
C THR E 105 30.04 -24.92 -30.30
N ASP E 106 29.01 -25.33 -29.57
CA ASP E 106 28.92 -25.11 -28.14
C ASP E 106 29.09 -26.44 -27.43
N GLN E 107 29.99 -26.43 -26.45
CA GLN E 107 30.23 -27.63 -25.64
C GLN E 107 30.33 -27.19 -24.19
N SER E 108 29.44 -27.72 -23.36
CA SER E 108 29.42 -27.41 -21.94
C SER E 108 29.31 -28.70 -21.15
N SER E 109 30.20 -28.86 -20.19
CA SER E 109 30.27 -30.08 -19.40
C SER E 109 30.50 -29.71 -17.96
N GLU E 110 29.65 -30.25 -17.09
CA GLU E 110 29.85 -30.15 -15.65
C GLU E 110 30.09 -31.56 -15.11
N GLU E 111 30.96 -31.65 -14.14
CA GLU E 111 31.19 -32.89 -13.43
C GLU E 111 31.17 -32.61 -11.94
N GLU E 112 30.68 -33.58 -11.19
CA GLU E 112 30.64 -33.49 -9.74
C GLU E 112 30.90 -34.87 -9.20
N ILE E 113 31.71 -34.93 -8.16
CA ILE E 113 32.01 -36.21 -7.54
C ILE E 113 30.86 -36.64 -6.67
N VAL E 114 30.85 -37.93 -6.36
CA VAL E 114 29.85 -38.52 -5.50
C VAL E 114 30.48 -38.83 -4.16
N MET E 115 29.68 -38.74 -3.11
CA MET E 115 30.16 -38.95 -1.76
C MET E 115 29.19 -39.79 -0.96
N ILE E 116 29.70 -40.89 -0.43
CA ILE E 116 28.99 -41.74 0.50
C ILE E 116 28.78 -40.96 1.79
N LYS E 117 27.82 -41.40 2.59
CA LYS E 117 27.58 -40.84 3.90
C LYS E 117 27.32 -41.94 4.91
N ASN E 118 28.06 -41.87 6.01
CA ASN E 118 27.82 -42.72 7.17
C ASN E 118 27.94 -41.81 8.39
N GLY E 119 26.83 -41.68 9.13
CA GLY E 119 26.83 -40.79 10.26
C GLY E 119 27.25 -39.40 9.87
N ASP E 120 28.30 -38.91 10.50
CA ASP E 120 28.96 -37.68 10.10
C ASP E 120 29.88 -37.90 8.90
N LYS E 121 30.44 -39.10 8.76
CA LYS E 121 31.46 -39.35 7.76
C LYS E 121 30.91 -39.18 6.35
N GLU E 122 31.79 -38.81 5.45
CA GLU E 122 31.48 -38.63 4.03
C GLU E 122 32.70 -39.10 3.26
N THR E 123 32.52 -40.01 2.32
CA THR E 123 33.66 -40.63 1.64
C THR E 123 33.37 -40.86 0.18
N PRO E 124 34.40 -40.80 -0.66
CA PRO E 124 34.22 -40.94 -2.09
C PRO E 124 34.04 -42.39 -2.51
N VAL E 125 33.62 -42.57 -3.75
CA VAL E 125 33.41 -43.89 -4.30
C VAL E 125 34.65 -44.33 -5.08
N VAL E 126 34.96 -45.61 -5.00
CA VAL E 126 36.09 -46.18 -5.71
C VAL E 126 35.57 -47.06 -6.84
N VAL E 127 35.79 -46.63 -8.07
CA VAL E 127 35.40 -47.39 -9.23
C VAL E 127 36.43 -48.45 -9.56
N GLN E 128 37.57 -48.04 -10.11
CA GLN E 128 38.64 -48.98 -10.41
C GLN E 128 39.96 -48.28 -10.21
N THR E 129 41.01 -48.92 -10.69
CA THR E 129 42.38 -48.55 -10.42
C THR E 129 43.19 -48.89 -11.65
N LYS E 130 44.14 -48.04 -12.01
CA LYS E 130 44.94 -48.24 -13.21
C LYS E 130 46.42 -48.32 -12.88
N LYS E 131 47.13 -48.91 -13.80
CA LYS E 131 48.56 -48.96 -13.74
C LYS E 131 49.19 -47.83 -14.54
N PRO E 132 50.38 -47.40 -14.12
CA PRO E 132 51.03 -46.25 -14.72
C PRO E 132 51.68 -46.55 -16.06
N ASP E 133 52.01 -45.47 -16.76
CA ASP E 133 52.79 -45.57 -17.98
C ASP E 133 54.26 -45.82 -17.66
N ILE E 134 55.11 -45.75 -18.68
CA ILE E 134 56.43 -46.38 -18.62
C ILE E 134 57.44 -45.60 -19.45
N ARG E 135 58.71 -45.69 -19.03
CA ARG E 135 59.86 -45.27 -19.83
C ARG E 135 61.04 -46.21 -19.55
N GLY E 136 61.66 -46.76 -20.59
CA GLY E 136 62.60 -47.85 -20.37
C GLY E 136 63.58 -48.04 -21.50
N VAL E 137 64.72 -48.66 -21.15
CA VAL E 137 65.73 -49.12 -22.10
C VAL E 137 66.38 -50.40 -21.58
N LEU E 138 67.49 -50.77 -22.23
CA LEU E 138 67.92 -52.15 -22.30
C LEU E 138 69.41 -52.27 -22.58
N VAL E 139 69.97 -53.44 -22.22
CA VAL E 139 71.28 -53.87 -22.68
C VAL E 139 71.20 -55.36 -23.02
N VAL E 140 71.97 -55.78 -24.01
CA VAL E 140 71.87 -57.15 -24.52
C VAL E 140 73.18 -57.57 -25.18
N ALA E 141 73.51 -58.86 -25.08
CA ALA E 141 74.78 -59.37 -25.57
C ALA E 141 74.89 -59.27 -27.08
N GLN E 142 73.80 -58.89 -27.73
CA GLN E 142 73.77 -58.71 -29.16
C GLN E 142 72.58 -57.81 -29.45
N GLY E 143 72.51 -57.18 -30.60
CA GLY E 143 71.60 -56.07 -30.68
C GLY E 143 71.62 -55.27 -31.96
N VAL E 144 71.30 -53.99 -31.81
CA VAL E 144 70.98 -53.11 -32.92
C VAL E 144 71.97 -53.20 -34.07
N ASP E 145 73.18 -53.69 -33.86
CA ASP E 145 74.06 -53.91 -34.99
C ASP E 145 73.47 -54.89 -35.99
N ASN E 146 72.61 -55.80 -35.54
CA ASN E 146 71.92 -56.72 -36.46
C ASN E 146 70.46 -56.27 -36.51
N VAL E 147 70.09 -55.71 -37.65
CA VAL E 147 68.84 -54.97 -37.79
C VAL E 147 67.66 -55.86 -37.45
N GLN E 148 67.80 -57.16 -37.71
CA GLN E 148 66.67 -58.06 -37.53
C GLN E 148 66.52 -58.51 -36.10
N ILE E 149 67.56 -58.35 -35.29
CA ILE E 149 67.38 -58.45 -33.86
C ILE E 149 67.12 -57.06 -33.29
N LYS E 150 67.32 -56.03 -34.11
CA LYS E 150 66.96 -54.68 -33.70
C LYS E 150 65.45 -54.49 -33.73
N GLN E 151 64.85 -54.72 -34.90
CA GLN E 151 63.45 -54.38 -35.09
C GLN E 151 62.56 -55.35 -34.33
N THR E 152 63.00 -56.60 -34.23
CA THR E 152 62.29 -57.61 -33.46
C THR E 152 61.94 -57.10 -32.08
N ILE E 153 62.91 -56.47 -31.43
CA ILE E 153 62.76 -56.10 -30.03
C ILE E 153 61.82 -54.92 -29.88
N ILE E 154 62.11 -53.84 -30.60
CA ILE E 154 61.29 -52.64 -30.51
C ILE E 154 59.83 -53.00 -30.59
N GLU E 155 59.47 -53.76 -31.62
CA GLU E 155 58.06 -54.07 -31.84
C GLU E 155 57.57 -55.00 -30.74
N ALA E 156 58.50 -55.70 -30.09
CA ALA E 156 58.12 -56.57 -28.98
C ALA E 156 57.94 -55.76 -27.70
N VAL E 157 58.80 -54.79 -27.47
CA VAL E 157 58.73 -54.03 -26.23
C VAL E 157 57.58 -53.06 -26.25
N THR E 158 57.50 -52.26 -27.30
CA THR E 158 56.47 -51.23 -27.35
C THR E 158 55.09 -51.83 -27.22
N ARG E 159 54.85 -52.94 -27.91
CA ARG E 159 53.52 -53.51 -27.97
C ARG E 159 53.13 -54.20 -26.68
N VAL E 160 54.09 -54.47 -25.81
CA VAL E 160 53.77 -54.99 -24.49
C VAL E 160 53.31 -53.88 -23.57
N LEU E 161 54.06 -52.80 -23.53
CA LEU E 161 53.94 -51.80 -22.49
C LEU E 161 53.15 -50.57 -22.91
N ASP E 162 52.73 -50.50 -24.16
CA ASP E 162 52.15 -49.28 -24.74
C ASP E 162 53.14 -48.12 -24.66
N VAL E 163 54.35 -48.36 -25.13
CA VAL E 163 55.42 -47.37 -25.08
C VAL E 163 55.80 -47.02 -26.51
N PRO E 164 55.57 -45.79 -26.95
CA PRO E 164 56.02 -45.39 -28.27
C PRO E 164 57.52 -45.52 -28.40
N SER E 165 57.99 -45.51 -29.65
CA SER E 165 59.41 -45.76 -29.89
C SER E 165 60.29 -44.72 -29.24
N HIS E 166 59.96 -43.44 -29.43
CA HIS E 166 60.89 -42.40 -29.01
C HIS E 166 61.16 -42.41 -27.51
N ARG E 167 60.36 -43.12 -26.73
CA ARG E 167 60.59 -43.23 -25.30
C ARG E 167 61.30 -44.51 -24.91
N VAL E 168 61.67 -45.33 -25.88
CA VAL E 168 62.37 -46.58 -25.61
C VAL E 168 63.61 -46.63 -26.47
N ALA E 169 64.66 -47.23 -25.94
CA ALA E 169 65.93 -47.23 -26.63
C ALA E 169 66.76 -48.41 -26.16
N VAL E 170 67.77 -48.75 -26.94
CA VAL E 170 68.54 -49.96 -26.75
C VAL E 170 70.00 -49.70 -27.06
N ALA E 171 70.86 -50.60 -26.61
CA ALA E 171 72.28 -50.43 -26.73
C ALA E 171 72.97 -51.72 -27.11
N PRO E 172 73.97 -51.67 -27.99
CA PRO E 172 74.71 -52.89 -28.31
C PRO E 172 75.67 -53.34 -27.22
N LYS E 173 76.04 -54.61 -27.38
CA LYS E 173 76.68 -55.52 -26.42
C LYS E 173 76.09 -55.55 -25.03
N LYS E 174 76.81 -56.16 -24.10
CA LYS E 174 76.48 -56.19 -22.69
C LYS E 174 77.73 -56.19 -21.83
N ILE E 175 78.45 -57.31 -21.83
CA ILE E 175 79.74 -57.41 -21.15
C ILE E 175 80.72 -58.16 -22.02
N LYS E 176 80.40 -59.43 -22.29
CA LYS E 176 81.34 -60.38 -22.88
C LYS E 176 81.00 -60.57 -24.35
N GLU E 177 82.02 -60.62 -25.19
CA GLU E 177 81.84 -60.86 -26.60
C GLU E 177 82.94 -61.78 -27.11
N PRO F 39 43.41 -53.68 -4.24
CA PRO F 39 44.52 -52.98 -4.89
C PRO F 39 45.12 -53.84 -6.01
N LYS F 40 46.43 -53.68 -6.29
CA LYS F 40 47.08 -54.48 -7.33
C LYS F 40 46.76 -55.97 -7.20
N ASP F 41 46.76 -56.52 -5.98
CA ASP F 41 46.79 -57.97 -5.81
C ASP F 41 45.80 -58.69 -6.72
N SER F 42 44.54 -58.25 -6.74
CA SER F 42 43.57 -58.89 -7.61
C SER F 42 43.98 -58.80 -9.08
N ILE F 43 44.98 -57.98 -9.40
CA ILE F 43 45.54 -58.00 -10.75
C ILE F 43 46.39 -59.25 -10.94
N ASP F 44 47.38 -59.42 -10.08
CA ASP F 44 48.43 -60.39 -10.35
C ASP F 44 47.83 -61.75 -10.62
N ASP F 45 46.76 -62.09 -9.90
CA ASP F 45 46.05 -63.33 -10.17
C ASP F 45 45.59 -63.39 -11.61
N TYR F 46 44.94 -62.33 -12.09
CA TYR F 46 44.39 -62.37 -13.44
C TYR F 46 45.47 -62.72 -14.46
N GLU F 47 46.56 -61.98 -14.48
CA GLU F 47 47.57 -62.20 -15.50
C GLU F 47 47.96 -63.67 -15.57
N LYS F 48 48.39 -64.23 -14.44
CA LYS F 48 48.83 -65.61 -14.45
C LYS F 48 47.72 -66.53 -14.93
N GLU F 49 46.50 -66.28 -14.48
CA GLU F 49 45.36 -67.06 -14.95
C GLU F 49 45.30 -67.06 -16.47
N TYR F 50 45.61 -65.93 -17.08
CA TYR F 50 45.79 -65.90 -18.52
C TYR F 50 47.07 -66.63 -18.93
N GLU F 51 48.19 -66.24 -18.32
CA GLU F 51 49.49 -66.70 -18.78
C GLU F 51 49.54 -68.21 -18.90
N ASN F 52 48.85 -68.91 -18.01
CA ASN F 52 48.92 -70.36 -18.00
C ASN F 52 48.03 -70.97 -19.06
N GLN F 53 46.87 -70.37 -19.31
CA GLN F 53 45.95 -70.96 -20.27
C GLN F 53 46.56 -71.01 -21.65
N LEU F 54 46.91 -69.85 -22.19
CA LEU F 54 47.51 -69.82 -23.52
C LEU F 54 48.66 -70.79 -23.62
N LYS F 55 49.48 -70.83 -22.59
CA LYS F 55 50.58 -71.76 -22.55
C LYS F 55 50.09 -73.18 -22.80
N GLU F 56 49.33 -73.71 -21.86
CA GLU F 56 48.90 -75.10 -21.94
C GLU F 56 48.13 -75.37 -23.23
N ILE F 57 47.48 -74.35 -23.77
CA ILE F 57 46.66 -74.52 -24.95
C ILE F 57 47.51 -74.47 -26.21
N LEU F 58 48.42 -73.50 -26.27
CA LEU F 58 49.11 -73.24 -27.52
C LEU F 58 50.16 -74.29 -27.83
N GLU F 59 50.56 -75.07 -26.83
CA GLU F 59 51.35 -76.24 -27.13
C GLU F 59 50.58 -77.25 -27.96
N THR F 60 49.25 -77.08 -28.05
CA THR F 60 48.36 -78.08 -28.59
C THR F 60 48.02 -77.81 -30.05
N ILE F 61 48.63 -76.80 -30.65
CA ILE F 61 48.49 -76.63 -32.08
C ILE F 61 49.66 -77.36 -32.74
N ILE F 62 49.93 -77.04 -33.99
CA ILE F 62 50.52 -77.97 -34.93
C ILE F 62 51.66 -78.86 -34.40
N GLY F 63 52.82 -78.35 -34.01
CA GLY F 63 53.06 -77.00 -33.51
C GLY F 63 54.51 -76.62 -33.78
N VAL F 64 55.05 -75.56 -33.20
CA VAL F 64 54.58 -74.89 -31.99
C VAL F 64 54.61 -75.87 -30.84
N ASP F 65 55.83 -76.23 -30.43
CA ASP F 65 56.03 -77.28 -29.45
C ASP F 65 56.28 -76.76 -28.04
N ASP F 66 56.31 -75.45 -27.83
CA ASP F 66 56.54 -74.91 -26.49
C ASP F 66 56.45 -73.38 -26.52
N VAL F 67 56.21 -72.77 -25.36
CA VAL F 67 55.96 -71.33 -25.30
C VAL F 67 56.25 -70.77 -23.93
N SER F 68 56.43 -69.45 -23.90
CA SER F 68 56.57 -68.66 -22.68
C SER F 68 55.99 -67.30 -23.00
N VAL F 69 55.31 -66.69 -22.04
CA VAL F 69 54.49 -65.52 -22.32
C VAL F 69 54.58 -64.52 -21.18
N VAL F 70 54.03 -63.34 -21.46
CA VAL F 70 53.87 -62.26 -20.50
C VAL F 70 52.64 -61.47 -20.91
N VAL F 71 52.01 -60.81 -19.95
CA VAL F 71 50.81 -60.03 -20.23
C VAL F 71 50.75 -58.83 -19.29
N ASN F 72 50.12 -57.75 -19.76
CA ASN F 72 49.93 -56.55 -18.97
C ASN F 72 48.46 -56.21 -18.92
N VAL F 73 47.91 -56.19 -17.73
CA VAL F 73 46.55 -55.74 -17.49
C VAL F 73 46.57 -54.24 -17.26
N ASP F 74 45.53 -53.57 -17.71
CA ASP F 74 45.51 -52.12 -17.68
C ASP F 74 44.78 -51.59 -16.46
N ALA F 75 44.23 -52.48 -15.65
CA ALA F 75 43.36 -52.03 -14.58
C ALA F 75 43.06 -53.17 -13.62
N THR F 76 42.31 -52.84 -12.58
CA THR F 76 41.66 -53.86 -11.77
C THR F 76 40.21 -53.96 -12.22
N SER F 77 39.42 -54.73 -11.48
CA SER F 77 38.05 -54.98 -11.88
C SER F 77 37.23 -53.71 -11.80
N LEU F 78 36.38 -53.52 -12.80
CA LEU F 78 35.58 -52.32 -12.95
C LEU F 78 34.20 -52.50 -12.35
N LYS F 79 33.83 -51.60 -11.45
CA LYS F 79 32.48 -51.47 -10.97
C LYS F 79 31.57 -50.83 -12.00
N VAL F 80 30.29 -50.98 -11.79
CA VAL F 80 29.28 -50.15 -12.44
C VAL F 80 28.23 -49.82 -11.40
N TYR F 81 27.70 -48.61 -11.47
CA TYR F 81 26.73 -48.13 -10.51
C TYR F 81 25.53 -47.59 -11.26
N GLU F 82 24.36 -47.76 -10.66
CA GLU F 82 23.12 -47.41 -11.35
C GLU F 82 22.95 -45.90 -11.36
N LYS F 83 22.24 -45.40 -12.34
CA LYS F 83 22.01 -43.97 -12.44
C LYS F 83 20.62 -43.67 -12.97
N ASN F 84 19.98 -42.69 -12.35
CA ASN F 84 18.89 -41.99 -12.99
C ASN F 84 19.44 -41.22 -14.18
N LYS F 85 18.57 -40.88 -15.11
CA LYS F 85 19.03 -40.32 -16.36
C LYS F 85 17.99 -39.41 -16.98
N SER F 86 18.49 -38.54 -17.85
CA SER F 86 17.68 -37.63 -18.64
C SER F 86 18.44 -37.42 -19.93
N ASN F 87 17.72 -37.37 -21.04
CA ASN F 87 18.33 -37.26 -22.35
C ASN F 87 17.46 -36.42 -23.25
N LYS F 88 18.08 -35.51 -23.98
CA LYS F 88 17.35 -34.65 -24.90
C LYS F 88 18.14 -34.54 -26.19
N ASN F 89 17.55 -34.98 -27.28
CA ASN F 89 18.12 -34.82 -28.60
C ASN F 89 17.16 -34.00 -29.44
N THR F 90 17.56 -32.77 -29.74
CA THR F 90 16.79 -31.90 -30.61
C THR F 90 17.67 -31.53 -31.79
N THR F 91 17.30 -32.03 -32.97
CA THR F 91 18.05 -31.71 -34.17
C THR F 91 17.07 -31.34 -35.27
N THR F 92 17.51 -30.47 -36.17
CA THR F 92 16.69 -30.12 -37.32
C THR F 92 17.58 -29.89 -38.53
N GLU F 93 16.95 -29.89 -39.70
CA GLU F 93 17.64 -29.64 -40.96
C GLU F 93 16.66 -28.97 -41.92
N GLU F 94 17.19 -28.11 -42.78
CA GLU F 94 16.38 -27.32 -43.67
C GLU F 94 17.06 -27.14 -45.02
N THR F 95 16.26 -27.23 -46.09
CA THR F 95 16.66 -26.74 -47.40
C THR F 95 15.39 -26.22 -48.07
N ASP F 96 15.58 -25.39 -49.09
CA ASP F 96 14.45 -24.76 -49.75
C ASP F 96 14.83 -24.41 -51.19
N LYS F 97 13.96 -23.62 -51.81
CA LYS F 97 14.10 -23.23 -53.21
C LYS F 97 15.47 -22.61 -53.51
N GLU F 98 15.87 -21.61 -52.73
CA GLU F 98 17.16 -20.96 -52.91
C GLU F 98 18.23 -21.80 -52.23
N GLY F 99 18.27 -21.72 -50.90
CA GLY F 99 18.74 -22.81 -50.08
C GLY F 99 18.43 -22.51 -48.62
N GLY F 100 18.10 -23.56 -47.89
CA GLY F 100 17.81 -23.45 -46.47
C GLY F 100 18.85 -24.17 -45.64
N LYS F 101 19.97 -24.54 -46.25
CA LYS F 101 20.86 -25.52 -45.66
C LYS F 101 21.25 -25.05 -44.27
N ARG F 102 20.87 -25.83 -43.28
CA ARG F 102 21.13 -25.56 -41.89
C ARG F 102 21.13 -26.89 -41.18
N SER F 103 22.04 -27.04 -40.21
CA SER F 103 22.02 -28.17 -39.31
C SER F 103 22.09 -27.61 -37.91
N VAL F 104 21.12 -27.97 -37.08
CA VAL F 104 21.13 -27.61 -35.67
C VAL F 104 20.97 -28.93 -34.92
N THR F 105 22.02 -29.34 -34.22
CA THR F 105 22.01 -30.61 -33.52
C THR F 105 22.25 -30.33 -32.03
N ASP F 106 21.21 -30.54 -31.23
CA ASP F 106 21.27 -30.30 -29.80
C ASP F 106 21.24 -31.64 -29.08
N GLN F 107 22.19 -31.80 -28.18
CA GLN F 107 22.26 -33.02 -27.37
C GLN F 107 22.55 -32.60 -25.93
N SER F 108 21.64 -32.94 -25.02
CA SER F 108 21.80 -32.64 -23.62
C SER F 108 21.50 -33.88 -22.80
N SER F 109 22.41 -34.21 -21.91
CA SER F 109 22.31 -35.41 -21.10
C SER F 109 22.71 -35.10 -19.69
N GLU F 110 21.85 -35.45 -18.75
CA GLU F 110 22.18 -35.41 -17.34
C GLU F 110 22.18 -36.82 -16.79
N GLU F 111 23.09 -37.08 -15.87
CA GLU F 111 23.12 -38.34 -15.16
C GLU F 111 23.27 -38.06 -13.69
N GLU F 112 22.66 -38.92 -12.89
CA GLU F 112 22.74 -38.82 -11.45
C GLU F 112 22.78 -40.21 -10.89
N ILE F 113 23.65 -40.43 -9.91
CA ILE F 113 23.75 -41.73 -9.30
C ILE F 113 22.60 -41.94 -8.35
N VAL F 114 22.36 -43.20 -8.01
CA VAL F 114 21.32 -43.59 -7.07
C VAL F 114 21.99 -44.01 -5.77
N MET F 115 21.31 -43.77 -4.67
CA MET F 115 21.85 -44.05 -3.35
C MET F 115 20.80 -44.70 -2.47
N ILE F 116 21.13 -45.88 -1.97
CA ILE F 116 20.34 -46.57 -0.97
C ILE F 116 20.38 -45.76 0.31
N LYS F 117 19.41 -46.00 1.20
CA LYS F 117 19.39 -45.40 2.52
C LYS F 117 19.01 -46.42 3.56
N ASN F 118 19.83 -46.50 4.60
CA ASN F 118 19.52 -47.29 5.79
C ASN F 118 19.90 -46.42 6.98
N GLY F 119 18.90 -46.08 7.79
CA GLY F 119 19.14 -45.20 8.91
C GLY F 119 19.80 -43.91 8.46
N ASP F 120 20.98 -43.64 9.00
CA ASP F 120 21.82 -42.56 8.54
C ASP F 120 22.60 -42.95 7.28
N LYS F 121 22.90 -44.23 7.11
CA LYS F 121 23.77 -44.68 6.04
C LYS F 121 23.15 -44.42 4.68
N GLU F 122 24.03 -44.22 3.70
CA GLU F 122 23.65 -43.99 2.32
C GLU F 122 24.69 -44.69 1.46
N THR F 123 24.27 -45.55 0.55
CA THR F 123 25.21 -46.37 -0.19
C THR F 123 24.77 -46.56 -1.64
N PRO F 124 25.71 -46.69 -2.54
CA PRO F 124 25.40 -46.81 -3.96
C PRO F 124 24.93 -48.19 -4.33
N VAL F 125 24.38 -48.29 -5.54
CA VAL F 125 23.88 -49.55 -6.05
C VAL F 125 24.95 -50.22 -6.91
N VAL F 126 25.00 -51.53 -6.84
CA VAL F 126 25.95 -52.32 -7.61
C VAL F 126 25.17 -53.07 -8.69
N VAL F 127 25.39 -52.69 -9.94
CA VAL F 127 24.77 -53.37 -11.05
C VAL F 127 25.56 -54.62 -11.44
N GLN F 128 26.70 -54.44 -12.08
CA GLN F 128 27.54 -55.56 -12.45
C GLN F 128 28.99 -55.12 -12.36
N THR F 129 29.85 -55.96 -12.91
CA THR F 129 31.28 -55.86 -12.74
C THR F 129 31.92 -56.36 -14.03
N LYS F 130 32.99 -55.70 -14.47
CA LYS F 130 33.63 -56.06 -15.72
C LYS F 130 35.09 -56.43 -15.51
N LYS F 131 35.59 -57.14 -16.46
CA LYS F 131 37.00 -57.47 -16.51
C LYS F 131 37.77 -56.49 -17.38
N PRO F 132 39.04 -56.30 -17.05
CA PRO F 132 39.86 -55.29 -17.72
C PRO F 132 40.33 -55.71 -19.09
N ASP F 133 40.82 -54.72 -19.84
CA ASP F 133 41.46 -54.97 -21.12
C ASP F 133 42.88 -55.49 -20.90
N ILE F 134 43.64 -55.60 -21.98
CA ILE F 134 44.81 -56.46 -22.01
C ILE F 134 45.89 -55.90 -22.91
N ARG F 135 47.15 -56.23 -22.60
CA ARG F 135 48.29 -56.05 -23.48
C ARG F 135 49.28 -57.20 -23.27
N GLY F 136 49.71 -57.86 -24.35
CA GLY F 136 50.43 -59.11 -24.19
C GLY F 136 51.27 -59.49 -25.40
N VAL F 137 52.30 -60.31 -25.12
CA VAL F 137 53.12 -60.96 -26.14
C VAL F 137 53.55 -62.34 -25.65
N LEU F 138 54.50 -62.93 -26.37
CA LEU F 138 54.66 -64.36 -26.44
C LEU F 138 56.07 -64.78 -26.83
N VAL F 139 56.43 -66.01 -26.50
CA VAL F 139 57.59 -66.70 -27.04
C VAL F 139 57.19 -68.14 -27.35
N VAL F 140 57.79 -68.71 -28.38
CA VAL F 140 57.39 -70.03 -28.86
C VAL F 140 58.53 -70.70 -29.61
N ALA F 141 58.62 -72.04 -29.51
CA ALA F 141 59.74 -72.79 -30.09
C ALA F 141 59.74 -72.70 -31.60
N GLN F 142 58.70 -72.13 -32.18
CA GLN F 142 58.59 -71.95 -33.62
C GLN F 142 57.58 -70.83 -33.83
N GLY F 143 57.54 -70.20 -34.99
CA GLY F 143 56.86 -68.94 -35.00
C GLY F 143 56.94 -68.16 -36.29
N VAL F 144 56.89 -66.84 -36.14
CA VAL F 144 56.65 -65.92 -37.24
C VAL F 144 57.51 -66.20 -38.47
N ASP F 145 58.62 -66.91 -38.34
CA ASP F 145 59.35 -67.31 -39.53
C ASP F 145 58.51 -68.16 -40.47
N ASN F 146 57.52 -68.88 -39.94
CA ASN F 146 56.61 -69.65 -40.78
C ASN F 146 55.26 -68.93 -40.73
N VAL F 147 54.91 -68.30 -41.85
CA VAL F 147 53.83 -67.34 -41.91
C VAL F 147 52.52 -67.99 -41.47
N GLN F 148 52.39 -69.29 -41.70
CA GLN F 148 51.13 -69.95 -41.44
C GLN F 148 51.01 -70.37 -39.98
N ILE F 149 52.12 -70.41 -39.26
CA ILE F 149 52.04 -70.46 -37.81
C ILE F 149 52.09 -69.05 -37.25
N LYS F 150 52.42 -68.08 -38.10
CA LYS F 150 52.36 -66.68 -37.69
C LYS F 150 50.92 -66.20 -37.62
N GLN F 151 50.19 -66.32 -38.73
CA GLN F 151 48.88 -65.71 -38.81
C GLN F 151 47.88 -66.49 -37.98
N THR F 152 48.08 -67.80 -37.89
CA THR F 152 47.24 -68.64 -37.06
C THR F 152 47.11 -68.07 -35.66
N ILE F 153 48.22 -67.64 -35.10
CA ILE F 153 48.26 -67.26 -33.70
C ILE F 153 47.59 -65.92 -33.49
N ILE F 154 48.01 -64.92 -34.26
CA ILE F 154 47.46 -63.59 -34.12
C ILE F 154 45.95 -63.65 -34.08
N GLU F 155 45.36 -64.33 -35.07
CA GLU F 155 43.92 -64.36 -35.18
C GLU F 155 43.34 -65.18 -34.03
N ALA F 156 44.16 -66.04 -33.44
CA ALA F 156 43.71 -66.82 -32.30
C ALA F 156 43.78 -65.99 -31.01
N VAL F 157 44.83 -65.20 -30.86
CA VAL F 157 45.01 -64.45 -29.63
C VAL F 157 44.06 -63.26 -29.59
N THR F 158 44.05 -62.46 -30.65
CA THR F 158 43.25 -61.25 -30.64
C THR F 158 41.80 -61.58 -30.39
N ARG F 159 41.29 -62.62 -31.03
CA ARG F 159 39.87 -62.92 -31.00
C ARG F 159 39.46 -63.52 -29.66
N VAL F 160 40.41 -63.97 -28.86
CA VAL F 160 40.10 -64.42 -27.51
C VAL F 160 39.93 -63.23 -26.58
N LEU F 161 40.89 -62.31 -26.62
CA LEU F 161 41.04 -61.30 -25.59
C LEU F 161 40.47 -59.95 -25.96
N ASP F 162 39.99 -59.81 -27.19
CA ASP F 162 39.60 -58.52 -27.74
C ASP F 162 40.79 -57.56 -27.75
N VAL F 163 41.89 -58.02 -28.32
CA VAL F 163 43.14 -57.27 -28.36
C VAL F 163 43.47 -56.98 -29.82
N PRO F 164 43.44 -55.75 -30.25
CA PRO F 164 43.86 -55.43 -31.62
C PRO F 164 45.29 -55.86 -31.86
N SER F 165 45.66 -55.95 -33.13
CA SER F 165 46.98 -56.47 -33.47
C SER F 165 48.09 -55.60 -32.92
N HIS F 166 48.01 -54.29 -33.10
CA HIS F 166 49.15 -53.45 -32.76
C HIS F 166 49.53 -53.51 -31.29
N ARG F 167 48.67 -54.05 -30.44
CA ARG F 167 48.98 -54.21 -29.03
C ARG F 167 49.46 -55.60 -28.68
N VAL F 168 49.59 -56.47 -29.66
CA VAL F 168 50.04 -57.83 -29.41
C VAL F 168 51.19 -58.12 -30.37
N ALA F 169 52.14 -58.91 -29.90
CA ALA F 169 53.33 -59.16 -30.70
C ALA F 169 53.94 -60.48 -30.26
N VAL F 170 54.82 -61.01 -31.11
CA VAL F 170 55.35 -62.35 -30.96
C VAL F 170 56.80 -62.36 -31.39
N ALA F 171 57.50 -63.42 -30.99
CA ALA F 171 58.92 -63.53 -31.21
C ALA F 171 59.32 -64.94 -31.62
N PRO F 172 60.23 -65.07 -32.57
CA PRO F 172 60.70 -66.41 -32.93
C PRO F 172 61.63 -67.04 -31.90
N LYS F 173 61.74 -68.35 -32.07
CA LYS F 173 62.27 -69.36 -31.16
C LYS F 173 61.78 -69.28 -29.72
N LYS F 174 62.45 -70.03 -28.83
CA LYS F 174 62.22 -69.99 -27.40
C LYS F 174 63.52 -70.22 -26.64
N ILE F 175 64.00 -71.46 -26.67
CA ILE F 175 65.29 -71.81 -26.09
C ILE F 175 66.04 -72.74 -27.02
N LYS F 176 65.47 -73.93 -27.24
CA LYS F 176 66.15 -75.04 -27.88
C LYS F 176 65.68 -75.15 -29.33
N GLU F 177 66.60 -75.41 -30.23
CA GLU F 177 66.27 -75.62 -31.62
C GLU F 177 67.13 -76.72 -32.21
N PRO G 39 31.79 -61.07 -6.57
CA PRO G 39 32.96 -60.61 -7.32
C PRO G 39 33.30 -61.57 -8.46
N LYS G 40 34.59 -61.67 -8.84
CA LYS G 40 34.98 -62.58 -9.91
C LYS G 40 34.40 -63.98 -9.74
N ASP G 41 34.39 -64.52 -8.53
CA ASP G 41 34.16 -65.95 -8.32
C ASP G 41 32.97 -66.46 -9.13
N SER G 42 31.82 -65.79 -9.07
CA SER G 42 30.68 -66.24 -9.86
C SER G 42 30.99 -66.23 -11.35
N ILE G 43 32.11 -65.62 -11.76
CA ILE G 43 32.54 -65.74 -13.14
C ILE G 43 33.11 -67.13 -13.39
N ASP G 44 34.12 -67.50 -12.59
CA ASP G 44 34.94 -68.64 -12.92
C ASP G 44 34.07 -69.88 -13.13
N ASP G 45 33.01 -69.99 -12.32
CA ASP G 45 32.06 -71.07 -12.52
C ASP G 45 31.49 -71.04 -13.93
N TYR G 46 31.01 -69.88 -14.38
CA TYR G 46 30.37 -69.81 -15.67
C TYR G 46 31.26 -70.38 -16.76
N GLU G 47 32.48 -69.86 -16.87
CA GLU G 47 33.35 -70.28 -17.96
C GLU G 47 33.44 -71.79 -18.04
N LYS G 48 33.85 -72.42 -16.94
CA LYS G 48 34.00 -73.85 -16.95
C LYS G 48 32.71 -74.55 -17.33
N GLU G 49 31.58 -74.06 -16.80
CA GLU G 49 30.30 -74.61 -17.16
C GLU G 49 30.12 -74.60 -18.68
N TYR G 50 30.59 -73.54 -19.33
CA TYR G 50 30.67 -73.56 -20.79
C TYR G 50 31.74 -74.52 -21.27
N GLU G 51 32.96 -74.36 -20.75
CA GLU G 51 34.10 -75.07 -21.31
C GLU G 51 33.85 -76.55 -21.40
N ASN G 52 33.11 -77.10 -20.45
CA ASN G 52 32.90 -78.54 -20.42
C ASN G 52 31.84 -78.97 -21.40
N GLN G 53 30.79 -78.17 -21.57
CA GLN G 53 29.70 -78.57 -22.45
C GLN G 53 30.19 -78.73 -23.87
N LEU G 54 30.71 -77.67 -24.47
CA LEU G 54 31.19 -77.75 -25.83
C LEU G 54 32.13 -78.93 -26.00
N LYS G 55 33.02 -79.12 -25.03
CA LYS G 55 33.92 -80.25 -25.06
C LYS G 55 33.13 -81.54 -25.26
N GLU G 56 32.36 -81.93 -24.24
CA GLU G 56 31.66 -83.21 -24.27
C GLU G 56 30.76 -83.32 -25.48
N ILE G 57 30.29 -82.19 -25.99
CA ILE G 57 29.35 -82.20 -27.11
C ILE G 57 30.10 -82.33 -28.43
N LEU G 58 31.17 -81.56 -28.58
CA LEU G 58 31.80 -81.42 -29.88
C LEU G 58 32.60 -82.65 -30.25
N GLU G 59 32.91 -83.50 -29.28
CA GLU G 59 33.44 -84.81 -29.61
C GLU G 59 32.43 -85.65 -30.36
N THR G 60 31.16 -85.22 -30.34
CA THR G 60 30.05 -86.03 -30.81
C THR G 60 29.65 -85.71 -32.23
N ILE G 61 30.39 -84.84 -32.90
CA ILE G 61 30.19 -84.65 -34.32
C ILE G 61 31.13 -85.58 -35.05
N ILE G 62 31.37 -85.32 -36.32
CA ILE G 62 31.69 -86.35 -37.28
C ILE G 62 32.67 -87.44 -36.83
N GLY G 63 33.94 -87.17 -36.53
CA GLY G 63 34.48 -85.90 -36.08
C GLY G 63 35.94 -85.82 -36.47
N VAL G 64 36.72 -84.86 -35.95
CA VAL G 64 36.48 -84.11 -34.72
C VAL G 64 36.42 -85.07 -33.55
N ASP G 65 37.56 -85.67 -33.24
CA ASP G 65 37.64 -86.74 -32.25
C ASP G 65 38.10 -86.28 -30.87
N ASP G 66 38.39 -84.99 -30.69
CA ASP G 66 38.82 -84.49 -29.39
C ASP G 66 39.03 -82.99 -29.43
N VAL G 67 39.00 -82.33 -28.26
CA VAL G 67 39.03 -80.87 -28.22
C VAL G 67 39.54 -80.37 -26.87
N SER G 68 39.96 -79.12 -26.89
CA SER G 68 40.35 -78.37 -25.71
C SER G 68 40.02 -76.92 -26.00
N VAL G 69 39.55 -76.18 -24.99
CA VAL G 69 38.96 -74.88 -25.23
C VAL G 69 39.31 -73.91 -24.12
N VAL G 70 38.98 -72.66 -24.37
CA VAL G 70 39.12 -71.56 -23.42
C VAL G 70 38.03 -70.55 -23.76
N VAL G 71 37.62 -69.78 -22.77
CA VAL G 71 36.58 -68.78 -22.96
C VAL G 71 36.81 -67.59 -22.04
N ASN G 72 36.37 -66.42 -22.48
CA ASN G 72 36.49 -65.19 -21.70
C ASN G 72 35.11 -64.57 -21.55
N VAL G 73 34.67 -64.46 -20.32
CA VAL G 73 33.44 -63.75 -19.99
C VAL G 73 33.77 -62.28 -19.78
N ASP G 74 32.84 -61.41 -20.18
CA ASP G 74 33.11 -59.99 -20.16
C ASP G 74 32.59 -59.32 -18.90
N ALA G 75 31.94 -60.09 -18.03
CA ALA G 75 31.26 -59.47 -16.90
C ALA G 75 30.83 -60.53 -15.91
N THR G 76 30.22 -60.06 -14.83
CA THR G 76 29.46 -60.93 -13.94
C THR G 76 27.99 -60.76 -14.28
N SER G 77 27.12 -61.36 -13.48
CA SER G 77 25.71 -61.34 -13.76
C SER G 77 25.15 -59.93 -13.64
N LEU G 78 24.28 -59.59 -14.58
CA LEU G 78 23.72 -58.25 -14.70
C LEU G 78 22.37 -58.16 -13.99
N LYS G 79 22.27 -57.20 -13.09
CA LYS G 79 21.01 -56.81 -12.49
C LYS G 79 20.16 -56.01 -13.47
N VAL G 80 18.89 -55.92 -13.16
CA VAL G 80 18.02 -54.90 -13.74
C VAL G 80 17.14 -54.37 -12.64
N TYR G 81 16.84 -53.09 -12.69
CA TYR G 81 16.06 -52.43 -11.67
C TYR G 81 14.93 -51.65 -12.33
N GLU G 82 13.80 -51.60 -11.65
CA GLU G 82 12.61 -51.02 -12.24
C GLU G 82 12.73 -49.50 -12.26
N LYS G 83 12.06 -48.87 -13.19
CA LYS G 83 12.10 -47.43 -13.31
C LYS G 83 10.75 -46.86 -13.74
N ASN G 84 10.36 -45.78 -13.09
CA ASN G 84 9.39 -44.88 -13.65
C ASN G 84 9.98 -44.23 -14.89
N LYS G 85 9.11 -43.73 -15.76
CA LYS G 85 9.58 -43.28 -17.05
C LYS G 85 8.70 -42.19 -17.61
N SER G 86 9.28 -41.43 -18.52
CA SER G 86 8.60 -40.39 -19.28
C SER G 86 9.28 -40.34 -20.62
N ASN G 87 8.51 -40.15 -21.67
CA ASN G 87 9.02 -40.16 -23.03
C ASN G 87 8.26 -39.17 -23.87
N LYS G 88 8.98 -38.40 -24.67
CA LYS G 88 8.38 -37.41 -25.54
C LYS G 88 9.08 -37.46 -26.88
N ASN G 89 8.33 -37.78 -27.92
CA ASN G 89 8.82 -37.74 -29.28
C ASN G 89 7.96 -36.76 -30.07
N THR G 90 8.57 -35.62 -30.41
CA THR G 90 7.92 -34.62 -31.23
C THR G 90 8.75 -34.43 -32.48
N THR G 91 8.21 -34.85 -33.62
CA THR G 91 8.90 -34.69 -34.88
C THR G 91 7.93 -34.14 -35.91
N THR G 92 8.46 -33.37 -36.86
CA THR G 92 7.64 -32.88 -37.95
C THR G 92 8.46 -32.82 -39.23
N GLU G 93 7.76 -32.70 -40.35
CA GLU G 93 8.37 -32.59 -41.66
C GLU G 93 7.48 -31.75 -42.55
N GLU G 94 8.09 -31.02 -43.47
CA GLU G 94 7.38 -30.07 -44.31
C GLU G 94 7.97 -30.05 -45.70
N THR G 95 7.11 -29.99 -46.71
CA THR G 95 7.47 -29.57 -48.05
C THR G 95 6.30 -28.81 -48.63
N ASP G 96 6.56 -28.04 -49.69
CA ASP G 96 5.52 -27.20 -50.26
C ASP G 96 5.85 -26.94 -51.73
N LYS G 97 5.10 -26.00 -52.31
CA LYS G 97 5.21 -25.64 -53.72
C LYS G 97 6.64 -25.30 -54.13
N GLU G 98 7.29 -24.40 -53.40
CA GLU G 98 8.66 -24.01 -53.68
C GLU G 98 9.60 -25.04 -53.07
N GLY G 99 9.76 -24.97 -51.75
CA GLY G 99 10.07 -26.12 -50.95
C GLY G 99 9.94 -25.77 -49.48
N GLY G 100 9.46 -26.73 -48.70
CA GLY G 100 9.32 -26.56 -47.27
C GLY G 100 10.25 -27.47 -46.51
N LYS G 101 11.24 -28.05 -47.19
CA LYS G 101 11.96 -29.19 -46.65
C LYS G 101 12.55 -28.79 -45.31
N ARG G 102 12.09 -29.48 -44.28
CA ARG G 102 12.51 -29.27 -42.92
C ARG G 102 12.32 -30.57 -42.18
N SER G 103 13.25 -30.89 -41.29
CA SER G 103 13.07 -32.00 -40.37
C SER G 103 13.36 -31.45 -38.99
N VAL G 104 12.40 -31.61 -38.08
CA VAL G 104 12.60 -31.27 -36.68
C VAL G 104 12.24 -32.52 -35.90
N THR G 105 13.25 -33.14 -35.28
CA THR G 105 13.04 -34.36 -34.55
C THR G 105 13.44 -34.14 -33.10
N ASP G 106 12.45 -34.14 -32.21
CA ASP G 106 12.67 -33.92 -30.80
C ASP G 106 12.45 -35.21 -30.05
N GLN G 107 13.40 -35.57 -29.22
CA GLN G 107 13.30 -36.77 -28.39
C GLN G 107 13.77 -36.41 -27.00
N SER G 108 12.89 -36.58 -26.02
CA SER G 108 13.21 -36.29 -24.63
C SER G 108 12.74 -37.46 -23.77
N SER G 109 13.64 -37.95 -22.94
CA SER G 109 13.36 -39.12 -22.11
C SER G 109 13.93 -38.88 -20.73
N GLU G 110 13.10 -39.06 -19.73
CA GLU G 110 13.53 -39.07 -18.35
C GLU G 110 13.31 -40.46 -17.78
N GLU G 111 14.22 -40.88 -16.93
CA GLU G 111 14.06 -42.13 -16.21
C GLU G 111 14.37 -41.87 -14.75
N GLU G 112 13.67 -42.60 -13.89
CA GLU G 112 13.89 -42.52 -12.46
C GLU G 112 13.69 -43.90 -11.89
N ILE G 113 14.58 -44.27 -10.98
CA ILE G 113 14.47 -45.57 -10.35
C ILE G 113 13.38 -45.55 -9.30
N VAL G 114 12.93 -46.73 -8.93
CA VAL G 114 11.92 -46.90 -7.90
C VAL G 114 12.59 -47.45 -6.66
N MET G 115 12.05 -47.08 -5.51
CA MET G 115 12.62 -47.46 -4.23
C MET G 115 11.54 -47.89 -3.26
N ILE G 116 11.67 -49.11 -2.77
CA ILE G 116 10.85 -49.63 -1.69
C ILE G 116 11.14 -48.83 -0.44
N LYS G 117 10.23 -48.89 0.52
CA LYS G 117 10.42 -48.30 1.83
C LYS G 117 9.93 -49.21 2.92
N ASN G 118 10.79 -49.45 3.89
CA ASN G 118 10.43 -50.16 5.11
C ASN G 118 11.06 -49.38 6.26
N GLY G 119 10.22 -48.85 7.14
CA GLY G 119 10.71 -48.03 8.22
C GLY G 119 11.56 -46.90 7.70
N ASP G 120 12.81 -46.86 8.15
CA ASP G 120 13.81 -45.96 7.60
C ASP G 120 14.39 -46.50 6.29
N LYS G 121 14.43 -47.81 6.13
CA LYS G 121 15.11 -48.43 5.00
C LYS G 121 14.45 -48.06 3.69
N GLU G 122 15.27 -48.03 2.64
CA GLU G 122 14.83 -47.74 1.28
C GLU G 122 15.66 -48.63 0.37
N THR G 123 15.01 -49.39 -0.50
CA THR G 123 15.71 -50.38 -1.30
C THR G 123 15.13 -50.48 -2.70
N PRO G 124 15.97 -50.79 -3.68
CA PRO G 124 15.53 -50.84 -5.06
C PRO G 124 14.75 -52.12 -5.38
N VAL G 125 14.12 -52.10 -6.53
CA VAL G 125 13.34 -53.26 -6.98
C VAL G 125 14.20 -54.11 -7.90
N VAL G 126 14.00 -55.41 -7.81
CA VAL G 126 14.71 -56.37 -8.64
C VAL G 126 13.73 -56.96 -9.65
N VAL G 127 13.91 -56.64 -10.92
CA VAL G 127 13.10 -57.19 -11.96
C VAL G 127 13.59 -58.56 -12.39
N GLN G 128 14.69 -58.60 -13.12
CA GLN G 128 15.27 -59.87 -13.53
C GLN G 128 16.78 -59.73 -13.56
N THR G 129 17.42 -60.72 -14.15
CA THR G 129 18.85 -60.90 -14.10
C THR G 129 19.27 -61.51 -15.42
N LYS G 130 20.41 -61.08 -15.95
CA LYS G 130 20.88 -61.55 -17.24
C LYS G 130 22.24 -62.20 -17.13
N LYS G 131 22.53 -63.00 -18.11
CA LYS G 131 23.84 -63.58 -18.25
C LYS G 131 24.72 -62.77 -19.20
N PRO G 132 26.03 -62.83 -18.97
CA PRO G 132 26.97 -62.00 -19.72
C PRO G 132 27.24 -62.51 -21.12
N ASP G 133 27.85 -61.63 -21.92
CA ASP G 133 28.33 -62.00 -23.23
C ASP G 133 29.63 -62.79 -23.11
N ILE G 134 30.28 -63.05 -24.25
CA ILE G 134 31.25 -64.13 -24.35
C ILE G 134 32.35 -63.78 -25.35
N ARG G 135 33.54 -64.36 -25.12
CA ARG G 135 34.62 -64.39 -26.09
C ARG G 135 35.38 -65.71 -25.94
N GLY G 136 35.59 -66.44 -27.04
CA GLY G 136 36.08 -67.81 -26.90
C GLY G 136 36.73 -68.35 -28.16
N VAL G 137 37.59 -69.36 -27.94
CA VAL G 137 38.19 -70.16 -29.01
C VAL G 137 38.38 -71.59 -28.53
N LEU G 138 39.16 -72.34 -29.31
CA LEU G 138 39.02 -73.79 -29.38
C LEU G 138 40.29 -74.47 -29.87
N VAL G 139 40.42 -75.75 -29.53
CA VAL G 139 41.38 -76.66 -30.16
C VAL G 139 40.70 -77.98 -30.40
N VAL G 140 41.09 -78.67 -31.47
CA VAL G 140 40.41 -79.88 -31.90
C VAL G 140 41.35 -80.77 -32.72
N ALA G 141 41.18 -82.09 -32.60
CA ALA G 141 42.07 -83.03 -33.25
C ALA G 141 41.98 -82.96 -34.77
N GLN G 142 41.03 -82.20 -35.27
CA GLN G 142 40.85 -82.01 -36.69
C GLN G 142 40.06 -80.73 -36.84
N GLY G 143 40.06 -80.10 -38.01
CA GLY G 143 39.62 -78.72 -38.00
C GLY G 143 39.76 -77.98 -39.30
N VAL G 144 39.97 -76.68 -39.18
CA VAL G 144 39.83 -75.73 -40.27
C VAL G 144 40.52 -76.17 -41.55
N ASP G 145 41.49 -77.08 -41.48
CA ASP G 145 42.04 -77.62 -42.72
C ASP G 145 40.97 -78.29 -43.58
N ASN G 146 39.91 -78.81 -42.97
CA ASN G 146 38.79 -79.39 -43.72
C ASN G 146 37.63 -78.41 -43.59
N VAL G 147 37.31 -77.75 -44.69
CA VAL G 147 36.44 -76.59 -44.68
C VAL G 147 35.08 -76.97 -44.13
N GLN G 148 34.68 -78.22 -44.34
CA GLN G 148 33.32 -78.62 -43.96
C GLN G 148 33.24 -79.00 -42.50
N ILE G 149 34.38 -79.25 -41.86
CA ILE G 149 34.39 -79.28 -40.41
C ILE G 149 34.78 -77.92 -39.87
N LYS G 150 35.22 -77.03 -40.76
CA LYS G 150 35.44 -75.64 -40.37
C LYS G 150 34.14 -74.90 -40.20
N GLN G 151 33.33 -74.87 -41.25
CA GLN G 151 32.15 -74.02 -41.26
C GLN G 151 31.09 -74.59 -40.33
N THR G 152 31.04 -75.92 -40.24
CA THR G 152 30.12 -76.58 -39.32
C THR G 152 30.21 -75.99 -37.93
N ILE G 153 31.42 -75.78 -37.46
CA ILE G 153 31.64 -75.40 -36.07
C ILE G 153 31.25 -73.96 -35.85
N ILE G 154 31.81 -73.07 -36.66
CA ILE G 154 31.54 -71.64 -36.50
C ILE G 154 30.04 -71.43 -36.35
N GLU G 155 29.27 -71.98 -37.28
CA GLU G 155 27.84 -71.73 -37.27
C GLU G 155 27.20 -72.41 -36.07
N ALA G 156 27.89 -73.42 -35.53
CA ALA G 156 27.39 -74.09 -34.34
C ALA G 156 27.71 -73.29 -33.08
N VAL G 157 28.91 -72.71 -33.03
CA VAL G 157 29.32 -72.01 -31.82
C VAL G 157 28.62 -70.67 -31.73
N THR G 158 28.70 -69.88 -32.80
CA THR G 158 28.13 -68.55 -32.75
C THR G 158 26.66 -68.58 -32.39
N ARG G 159 25.92 -69.51 -32.99
CA ARG G 159 24.49 -69.53 -32.82
C ARG G 159 24.07 -70.03 -31.45
N VAL G 160 24.98 -70.65 -30.72
CA VAL G 160 24.69 -71.03 -29.35
C VAL G 160 24.83 -69.83 -28.42
N LEU G 161 25.93 -69.11 -28.55
CA LEU G 161 26.35 -68.15 -27.55
C LEU G 161 26.03 -66.72 -27.91
N ASP G 162 25.48 -66.48 -29.09
CA ASP G 162 25.31 -65.13 -29.64
C ASP G 162 26.66 -64.43 -29.75
N VAL G 163 27.61 -65.10 -30.39
CA VAL G 163 28.97 -64.60 -30.54
C VAL G 163 29.23 -64.40 -32.02
N PRO G 164 29.41 -63.16 -32.48
CA PRO G 164 29.78 -62.96 -33.88
C PRO G 164 31.09 -63.64 -34.22
N SER G 165 31.33 -63.81 -35.51
CA SER G 165 32.49 -64.57 -35.94
C SER G 165 33.78 -63.94 -35.48
N HIS G 166 33.94 -62.63 -35.68
CA HIS G 166 35.24 -62.02 -35.45
C HIS G 166 35.72 -62.16 -34.02
N ARG G 167 34.84 -62.52 -33.09
CA ARG G 167 35.22 -62.73 -31.70
C ARG G 167 35.44 -64.19 -31.36
N VAL G 168 35.33 -65.07 -32.34
CA VAL G 168 35.54 -66.49 -32.11
C VAL G 168 36.52 -67.00 -33.14
N ALA G 169 37.34 -67.95 -32.73
CA ALA G 169 38.39 -68.45 -33.61
C ALA G 169 38.78 -69.85 -33.19
N VAL G 170 39.46 -70.54 -34.11
CA VAL G 170 39.74 -71.96 -33.97
C VAL G 170 41.12 -72.26 -34.50
N ALA G 171 41.63 -73.43 -34.13
CA ALA G 171 42.99 -73.81 -34.46
C ALA G 171 43.07 -75.26 -34.88
N PRO G 172 43.86 -75.58 -35.90
CA PRO G 172 44.03 -76.99 -36.27
C PRO G 172 44.90 -77.78 -35.30
N LYS G 173 44.74 -79.09 -35.45
CA LYS G 173 45.14 -80.18 -34.56
C LYS G 173 44.78 -80.00 -33.09
N LYS G 174 45.37 -80.86 -32.26
CA LYS G 174 45.26 -80.77 -30.81
C LYS G 174 46.54 -81.26 -30.14
N ILE G 175 46.78 -82.56 -30.19
CA ILE G 175 48.02 -83.15 -29.70
C ILE G 175 48.49 -84.21 -30.67
N LYS G 176 47.69 -85.26 -30.83
CA LYS G 176 48.09 -86.49 -31.49
C LYS G 176 47.49 -86.52 -32.89
N GLU G 177 48.29 -86.95 -33.87
CA GLU G 177 47.81 -87.08 -35.22
C GLU G 177 48.39 -88.35 -35.85
N PRO H 39 18.81 -66.08 -7.90
CA PRO H 39 19.99 -65.85 -8.74
C PRO H 39 20.06 -66.86 -9.89
N LYS H 40 21.26 -67.21 -10.36
CA LYS H 40 21.40 -68.18 -11.45
C LYS H 40 20.57 -69.44 -11.21
N ASP H 41 20.55 -69.96 -9.98
CA ASP H 41 20.06 -71.32 -9.74
C ASP H 41 18.74 -71.60 -10.45
N SER H 42 17.75 -70.72 -10.31
CA SER H 42 16.49 -70.94 -11.00
C SER H 42 16.67 -70.99 -12.52
N ILE H 43 17.85 -70.61 -13.02
CA ILE H 43 18.14 -70.82 -14.43
C ILE H 43 18.42 -72.29 -14.68
N ASP H 44 19.39 -72.85 -13.97
CA ASP H 44 19.95 -74.13 -14.34
C ASP H 44 18.84 -75.17 -14.46
N ASP H 45 17.85 -75.08 -13.58
CA ASP H 45 16.70 -75.96 -13.67
C ASP H 45 16.03 -75.82 -15.03
N TYR H 46 15.75 -74.59 -15.46
CA TYR H 46 15.03 -74.40 -16.72
C TYR H 46 15.72 -75.12 -17.86
N GLU H 47 17.01 -74.85 -18.07
CA GLU H 47 17.68 -75.44 -19.22
C GLU H 47 17.49 -76.94 -19.27
N LYS H 48 17.84 -77.63 -18.20
CA LYS H 48 17.72 -79.08 -18.19
C LYS H 48 16.28 -79.50 -18.47
N GLU H 49 15.33 -78.81 -17.86
CA GLU H 49 13.93 -79.11 -18.11
C GLU H 49 13.64 -79.06 -19.61
N TYR H 50 14.25 -78.12 -20.32
CA TYR H 50 14.21 -78.15 -21.77
C TYR H 50 15.03 -79.30 -22.31
N GLU H 51 16.30 -79.38 -21.90
CA GLU H 51 17.25 -80.29 -22.52
C GLU H 51 16.71 -81.71 -22.57
N ASN H 52 15.94 -82.10 -21.56
CA ASN H 52 15.47 -83.47 -21.48
C ASN H 52 14.27 -83.69 -22.38
N GLN H 53 13.39 -82.70 -22.49
CA GLN H 53 12.18 -82.87 -23.26
C GLN H 53 12.50 -83.15 -24.72
N LEU H 54 13.18 -82.19 -25.37
CA LEU H 54 13.52 -82.37 -26.77
C LEU H 54 14.20 -83.71 -26.98
N LYS H 55 15.11 -84.06 -26.07
CA LYS H 55 15.76 -85.36 -26.16
C LYS H 55 14.74 -86.46 -26.27
N GLU H 56 13.99 -86.70 -25.20
CA GLU H 56 13.05 -87.81 -25.15
C GLU H 56 12.05 -87.75 -26.29
N ILE H 57 11.77 -86.55 -26.78
CA ILE H 57 10.77 -86.40 -27.83
C ILE H 57 11.37 -86.65 -29.19
N LEU H 58 12.56 -86.11 -29.43
CA LEU H 58 13.10 -86.11 -30.78
C LEU H 58 13.60 -87.47 -31.19
N GLU H 59 13.84 -88.36 -30.23
CA GLU H 59 14.08 -89.75 -30.58
C GLU H 59 12.86 -90.37 -31.23
N THR H 60 11.71 -89.71 -31.13
CA THR H 60 10.43 -90.29 -31.50
C THR H 60 9.99 -89.90 -32.90
N ILE H 61 10.83 -89.19 -33.63
CA ILE H 61 10.56 -88.97 -35.03
C ILE H 61 11.24 -90.07 -35.81
N ILE H 62 11.42 -89.86 -37.11
CA ILE H 62 11.47 -90.94 -38.07
C ILE H 62 12.26 -92.20 -37.67
N GLY H 63 13.58 -92.17 -37.48
CA GLY H 63 14.38 -91.03 -37.09
C GLY H 63 15.79 -91.23 -37.59
N VAL H 64 16.78 -90.45 -37.15
CA VAL H 64 16.79 -89.65 -35.92
C VAL H 64 16.62 -90.59 -34.73
N ASP H 65 17.66 -91.39 -34.50
CA ASP H 65 17.60 -92.46 -33.49
C ASP H 65 18.25 -92.08 -32.17
N ASP H 66 18.80 -90.88 -32.03
CA ASP H 66 19.41 -90.48 -30.77
C ASP H 66 19.91 -89.03 -30.85
N VAL H 67 20.09 -88.38 -29.70
CA VAL H 67 20.42 -86.97 -29.68
C VAL H 67 21.11 -86.57 -28.39
N SER H 68 21.76 -85.41 -28.46
CA SER H 68 22.37 -84.76 -27.32
C SER H 68 22.31 -83.27 -27.61
N VAL H 69 22.07 -82.45 -26.58
CA VAL H 69 21.72 -81.05 -26.80
C VAL H 69 22.34 -80.17 -25.73
N VAL H 70 22.25 -78.87 -25.99
CA VAL H 70 22.66 -77.83 -25.07
C VAL H 70 21.77 -76.63 -25.34
N VAL H 71 21.58 -75.78 -24.34
CA VAL H 71 20.74 -74.61 -24.47
C VAL H 71 21.27 -73.48 -23.59
N ASN H 72 21.04 -72.24 -24.02
CA ASN H 72 21.44 -71.07 -23.27
C ASN H 72 20.23 -70.19 -23.03
N VAL H 73 19.91 -69.98 -21.77
CA VAL H 73 18.88 -69.05 -21.36
C VAL H 73 19.50 -67.68 -21.20
N ASP H 74 18.72 -66.65 -21.53
CA ASP H 74 19.27 -65.30 -21.56
C ASP H 74 18.97 -64.55 -20.29
N ALA H 75 18.27 -65.17 -19.36
CA ALA H 75 17.81 -64.43 -18.19
C ALA H 75 17.25 -65.39 -17.15
N THR H 76 16.85 -64.81 -16.03
CA THR H 76 16.01 -65.50 -15.08
C THR H 76 14.57 -65.05 -15.31
N SER H 77 13.66 -65.48 -14.43
CA SER H 77 12.26 -65.19 -14.61
C SER H 77 12.00 -63.69 -14.47
N LEU H 78 11.14 -63.19 -15.35
CA LEU H 78 10.84 -61.77 -15.44
C LEU H 78 9.60 -61.41 -14.64
N LYS H 79 9.75 -60.45 -13.74
CA LYS H 79 8.63 -59.82 -13.07
C LYS H 79 7.89 -58.89 -13.99
N VAL H 80 6.68 -58.54 -13.59
CA VAL H 80 5.98 -57.37 -14.12
C VAL H 80 5.31 -56.68 -12.95
N TYR H 81 5.26 -55.36 -13.01
CA TYR H 81 4.71 -54.55 -11.94
C TYR H 81 3.70 -53.59 -12.54
N GLU H 82 2.65 -53.31 -11.76
CA GLU H 82 1.56 -52.51 -12.28
C GLU H 82 1.97 -51.06 -12.33
N LYS H 83 1.35 -50.30 -13.23
CA LYS H 83 1.67 -48.90 -13.37
C LYS H 83 0.43 -48.09 -13.71
N ASN H 84 0.30 -46.95 -13.04
CA ASN H 84 -0.52 -45.87 -13.55
C ASN H 84 0.09 -45.36 -14.83
N LYS H 85 -0.73 -44.71 -15.64
CA LYS H 85 -0.29 -44.36 -16.98
C LYS H 85 -0.99 -43.11 -17.48
N SER H 86 -0.34 -42.49 -18.46
CA SER H 86 -0.86 -41.33 -19.17
C SER H 86 -0.29 -41.42 -20.57
N ASN H 87 -1.09 -41.09 -21.57
CA ASN H 87 -0.69 -41.20 -22.96
C ASN H 87 -1.32 -40.08 -23.74
N LYS H 88 -0.52 -39.47 -24.61
CA LYS H 88 -1.00 -38.38 -25.45
C LYS H 88 -0.43 -38.57 -26.84
N ASN H 89 -1.31 -38.74 -27.82
CA ASN H 89 -0.91 -38.79 -29.22
C ASN H 89 -1.61 -37.66 -29.95
N THR H 90 -0.84 -36.67 -30.36
CA THR H 90 -1.35 -35.57 -31.15
C THR H 90 -0.59 -35.54 -32.46
N THR H 91 -1.29 -35.85 -33.55
CA THR H 91 -0.67 -35.83 -34.86
C THR H 91 -1.60 -35.11 -35.81
N THR H 92 -1.00 -34.47 -36.82
CA THR H 92 -1.80 -33.82 -37.85
C THR H 92 -1.08 -33.92 -39.19
N GLU H 93 -1.84 -33.68 -40.25
CA GLU H 93 -1.32 -33.69 -41.61
C GLU H 93 -2.09 -32.70 -42.44
N GLU H 94 -1.42 -32.09 -43.42
CA GLU H 94 -2.02 -31.04 -44.23
C GLU H 94 -1.53 -31.13 -45.66
N THR H 95 -2.44 -30.90 -46.59
CA THR H 95 -2.10 -30.57 -47.96
C THR H 95 -3.15 -29.60 -48.46
N ASP H 96 -2.83 -28.90 -49.55
CA ASP H 96 -3.73 -27.87 -50.07
C ASP H 96 -3.48 -27.69 -51.56
N LYS H 97 -4.07 -26.61 -52.10
CA LYS H 97 -4.01 -26.29 -53.51
C LYS H 97 -2.57 -26.24 -54.04
N GLU H 98 -1.71 -25.48 -53.37
CA GLU H 98 -0.31 -25.36 -53.77
C GLU H 98 0.46 -26.55 -53.20
N GLY H 99 0.73 -26.50 -51.90
CA GLY H 99 0.87 -27.69 -51.11
C GLY H 99 0.92 -27.32 -49.64
N GLY H 100 0.34 -28.17 -48.81
CA GLY H 100 0.34 -27.98 -47.38
C GLY H 100 1.13 -29.05 -46.68
N LYS H 101 1.93 -29.80 -47.42
CA LYS H 101 2.46 -31.06 -46.92
C LYS H 101 3.21 -30.78 -45.64
N ARG H 102 2.72 -31.37 -44.55
CA ARG H 102 3.27 -31.23 -43.22
C ARG H 102 2.89 -32.48 -42.46
N SER H 103 3.80 -32.96 -41.64
CA SER H 103 3.50 -34.02 -40.68
C SER H 103 3.98 -33.53 -39.35
N VAL H 104 3.09 -33.50 -38.36
CA VAL H 104 3.45 -33.20 -36.98
C VAL H 104 2.93 -34.36 -36.15
N THR H 105 3.84 -35.15 -35.61
CA THR H 105 3.46 -36.32 -34.83
C THR H 105 4.01 -36.17 -33.42
N ASP H 106 3.11 -35.98 -32.47
CA ASP H 106 3.46 -35.80 -31.08
C ASP H 106 3.06 -37.03 -30.30
N GLN H 107 4.00 -37.55 -29.52
CA GLN H 107 3.73 -38.71 -28.69
C GLN H 107 4.37 -38.45 -27.33
N SER H 108 3.55 -38.43 -26.29
CA SER H 108 4.03 -38.22 -24.93
C SER H 108 3.41 -39.27 -24.03
N SER H 109 4.25 -39.92 -23.25
CA SER H 109 3.83 -41.01 -22.39
C SER H 109 4.53 -40.89 -21.05
N GLU H 110 3.76 -40.89 -19.98
CA GLU H 110 4.29 -40.99 -18.65
C GLU H 110 3.85 -42.31 -18.04
N GLU H 111 4.72 -42.90 -17.25
CA GLU H 111 4.38 -44.08 -16.49
C GLU H 111 4.85 -43.89 -15.08
N GLU H 112 4.09 -44.47 -14.15
CA GLU H 112 4.43 -44.42 -12.74
C GLU H 112 4.02 -45.73 -12.13
N ILE H 113 4.88 -46.27 -11.28
CA ILE H 113 4.57 -47.53 -10.63
C ILE H 113 3.60 -47.29 -9.50
N VAL H 114 2.95 -48.36 -9.08
CA VAL H 114 2.01 -48.34 -7.98
C VAL H 114 2.65 -48.99 -6.77
N MET H 115 2.29 -48.52 -5.59
CA MET H 115 2.88 -49.02 -4.36
C MET H 115 1.81 -49.21 -3.30
N ILE H 116 1.74 -50.43 -2.79
CA ILE H 116 0.92 -50.79 -1.65
C ILE H 116 1.45 -50.07 -0.43
N LYS H 117 0.62 -49.94 0.58
CA LYS H 117 1.03 -49.38 1.86
C LYS H 117 0.45 -50.20 3.01
N ASN H 118 1.33 -50.59 3.91
CA ASN H 118 0.93 -51.21 5.17
C ASN H 118 1.79 -50.55 6.26
N GLY H 119 1.14 -49.88 7.19
CA GLY H 119 1.86 -49.17 8.21
C GLY H 119 2.87 -48.22 7.60
N ASP H 120 4.13 -48.42 7.97
CA ASP H 120 5.24 -47.74 7.32
C ASP H 120 5.61 -48.38 5.99
N LYS H 121 5.38 -49.68 5.84
CA LYS H 121 5.84 -50.41 4.68
C LYS H 121 5.17 -49.92 3.41
N GLU H 122 5.89 -50.06 2.31
CA GLU H 122 5.41 -49.69 0.99
C GLU H 122 5.98 -50.73 0.03
N THR H 123 5.13 -51.35 -0.78
CA THR H 123 5.56 -52.45 -1.61
C THR H 123 4.87 -52.45 -2.96
N PRO H 124 5.55 -52.92 -3.99
CA PRO H 124 5.00 -52.89 -5.34
C PRO H 124 3.98 -53.99 -5.57
N VAL H 125 3.27 -53.87 -6.68
CA VAL H 125 2.25 -54.84 -7.06
C VAL H 125 2.85 -55.84 -8.01
N VAL H 126 2.42 -57.08 -7.90
CA VAL H 126 2.86 -58.16 -8.77
C VAL H 126 1.71 -58.55 -9.67
N VAL H 127 1.86 -58.28 -10.96
CA VAL H 127 0.87 -58.66 -11.94
C VAL H 127 1.06 -60.10 -12.37
N GLN H 128 2.06 -60.36 -13.18
CA GLN H 128 2.35 -61.72 -13.62
C GLN H 128 3.86 -61.87 -13.75
N THR H 129 4.24 -62.97 -14.38
CA THR H 129 5.61 -63.42 -14.43
C THR H 129 5.81 -64.11 -15.78
N LYS H 130 6.96 -63.90 -16.39
CA LYS H 130 7.23 -64.46 -17.70
C LYS H 130 8.46 -65.35 -17.69
N LYS H 131 8.50 -66.20 -18.68
CA LYS H 131 9.66 -67.03 -18.90
C LYS H 131 10.61 -66.41 -19.92
N PRO H 132 11.89 -66.71 -19.80
CA PRO H 132 12.90 -66.09 -20.63
C PRO H 132 12.97 -66.64 -22.04
N ASP H 133 13.67 -65.90 -22.89
CA ASP H 133 13.96 -66.37 -24.24
C ASP H 133 15.09 -67.39 -24.20
N ILE H 134 15.59 -67.77 -25.38
CA ILE H 134 16.33 -69.02 -25.53
C ILE H 134 17.38 -68.89 -26.61
N ARG H 135 18.46 -69.68 -26.47
CA ARG H 135 19.44 -69.94 -27.51
C ARG H 135 19.95 -71.38 -27.40
N GLY H 136 19.92 -72.14 -28.49
CA GLY H 136 20.14 -73.57 -28.38
C GLY H 136 20.58 -74.23 -29.67
N VAL H 137 21.25 -75.38 -29.50
CA VAL H 137 21.59 -76.29 -30.60
C VAL H 137 21.53 -77.73 -30.11
N LEU H 138 22.09 -78.62 -30.93
CA LEU H 138 21.68 -80.01 -30.96
C LEU H 138 22.75 -80.93 -31.53
N VAL H 139 22.66 -82.21 -31.19
CA VAL H 139 23.37 -83.28 -31.86
C VAL H 139 22.42 -84.46 -32.03
N VAL H 140 22.60 -85.21 -33.12
CA VAL H 140 21.66 -86.27 -33.47
C VAL H 140 22.34 -87.31 -34.35
N ALA H 141 21.93 -88.58 -34.19
CA ALA H 141 22.57 -89.69 -34.89
C ALA H 141 22.38 -89.60 -36.40
N GLN H 142 21.56 -88.67 -36.84
CA GLN H 142 21.31 -88.45 -38.24
C GLN H 142 20.78 -87.03 -38.36
N GLY H 143 20.80 -86.42 -39.53
CA GLY H 143 20.64 -84.99 -39.52
C GLY H 143 20.82 -84.29 -40.84
N VAL H 144 21.29 -83.04 -40.75
CA VAL H 144 21.25 -82.10 -41.85
C VAL H 144 21.74 -82.67 -43.17
N ASP H 145 22.51 -83.75 -43.17
CA ASP H 145 22.85 -84.38 -44.43
C ASP H 145 21.62 -84.84 -45.19
N ASN H 146 20.52 -85.14 -44.49
CA ASN H 146 19.26 -85.49 -45.15
C ASN H 146 18.31 -84.32 -44.94
N VAL H 147 18.05 -83.60 -46.02
CA VAL H 147 17.42 -82.30 -45.97
C VAL H 147 16.06 -82.40 -45.32
N GLN H 148 15.41 -83.56 -45.47
CA GLN H 148 14.04 -83.69 -44.98
C GLN H 148 14.00 -84.03 -43.51
N ILE H 149 15.11 -84.51 -42.96
CA ILE H 149 15.24 -84.54 -41.52
C ILE H 149 15.90 -83.26 -41.04
N LYS H 150 16.44 -82.48 -41.97
CA LYS H 150 16.97 -81.16 -41.62
C LYS H 150 15.85 -80.18 -41.36
N GLN H 151 14.98 -80.00 -42.35
CA GLN H 151 13.99 -78.94 -42.28
C GLN H 151 12.91 -79.30 -41.27
N THR H 152 12.61 -80.58 -41.15
CA THR H 152 11.66 -81.05 -40.15
C THR H 152 11.96 -80.49 -38.78
N ILE H 153 13.24 -80.52 -38.41
CA ILE H 153 13.62 -80.19 -37.05
C ILE H 153 13.53 -78.69 -36.82
N ILE H 154 14.19 -77.93 -37.69
CA ILE H 154 14.21 -76.48 -37.54
C ILE H 154 12.80 -75.97 -37.27
N GLU H 155 11.87 -76.36 -38.13
CA GLU H 155 10.52 -75.85 -38.03
C GLU H 155 9.86 -76.39 -36.76
N ALA H 156 10.37 -77.51 -36.26
CA ALA H 156 9.86 -78.07 -35.03
C ALA H 156 10.42 -77.34 -33.81
N VAL H 157 11.70 -77.01 -33.86
CA VAL H 157 12.34 -76.40 -32.71
C VAL H 157 11.92 -74.94 -32.57
N THR H 158 12.06 -74.19 -33.66
CA THR H 158 11.77 -72.77 -33.59
C THR H 158 10.35 -72.52 -33.12
N ARG H 159 9.41 -73.28 -33.64
CA ARG H 159 8.01 -73.03 -33.37
C ARG H 159 7.61 -73.43 -31.98
N VAL H 160 8.43 -74.21 -31.29
CA VAL H 160 8.18 -74.53 -29.90
C VAL H 160 8.62 -73.38 -29.00
N LEU H 161 9.83 -72.89 -29.23
CA LEU H 161 10.51 -72.03 -28.28
C LEU H 161 10.44 -70.56 -28.64
N ASP H 162 9.86 -70.22 -29.79
CA ASP H 162 9.92 -68.87 -30.33
C ASP H 162 11.36 -68.44 -30.56
N VAL H 163 12.11 -69.29 -31.26
CA VAL H 163 13.52 -69.05 -31.51
C VAL H 163 13.71 -68.91 -33.02
N PRO H 164 14.09 -67.75 -33.51
CA PRO H 164 14.37 -67.60 -34.95
C PRO H 164 15.49 -68.53 -35.37
N SER H 165 15.60 -68.74 -36.67
CA SER H 165 16.55 -69.73 -37.17
C SER H 165 17.98 -69.35 -36.83
N HIS H 166 18.37 -68.10 -37.07
CA HIS H 166 19.77 -67.75 -36.93
C HIS H 166 20.32 -67.97 -35.54
N ARG H 167 19.47 -68.16 -34.54
CA ARG H 167 19.91 -68.44 -33.19
C ARG H 167 19.87 -69.91 -32.84
N VAL H 168 19.51 -70.76 -33.78
CA VAL H 168 19.46 -72.18 -33.54
C VAL H 168 20.25 -72.88 -34.64
N ALA H 169 20.89 -73.97 -34.28
CA ALA H 169 21.76 -74.65 -35.22
C ALA H 169 21.90 -76.11 -34.82
N VAL H 170 22.36 -76.92 -35.76
CA VAL H 170 22.37 -78.36 -35.62
C VAL H 170 23.63 -78.92 -36.26
N ALA H 171 23.93 -80.17 -35.91
CA ALA H 171 25.15 -80.81 -36.33
C ALA H 171 24.92 -82.26 -36.73
N PRO H 172 25.56 -82.72 -37.80
CA PRO H 172 25.43 -84.13 -38.15
C PRO H 172 26.19 -85.08 -37.25
N LYS H 173 25.78 -86.33 -37.35
CA LYS H 173 26.02 -87.48 -36.48
C LYS H 173 25.83 -87.23 -35.00
N LYS H 174 26.30 -88.18 -34.18
CA LYS H 174 26.31 -88.08 -32.74
C LYS H 174 27.53 -88.79 -32.16
N ILE H 175 27.50 -90.12 -32.20
CA ILE H 175 28.64 -90.94 -31.79
C ILE H 175 28.83 -92.07 -32.78
N LYS H 176 27.83 -92.95 -32.86
CA LYS H 176 27.94 -94.24 -33.53
C LYS H 176 27.23 -94.14 -34.89
N GLU H 177 27.85 -94.73 -35.90
CA GLU H 177 27.25 -94.77 -37.22
C GLU H 177 27.53 -96.12 -37.87
N PRO I 39 5.06 -68.49 -8.16
CA PRO I 39 6.19 -68.50 -9.09
C PRO I 39 5.96 -69.51 -10.22
N LYS I 40 7.04 -70.08 -10.78
CA LYS I 40 6.90 -71.06 -11.85
C LYS I 40 5.87 -72.14 -11.52
N ASP I 41 5.84 -72.65 -10.29
CA ASP I 41 5.12 -73.88 -10.00
C ASP I 41 3.72 -73.91 -10.59
N SER I 42 2.93 -72.85 -10.39
CA SER I 42 1.60 -72.82 -10.99
C SER I 42 1.66 -72.91 -12.51
N ILE I 43 2.85 -72.76 -13.11
CA ILE I 43 2.98 -73.03 -14.54
C ILE I 43 2.95 -74.53 -14.78
N ASP I 44 3.84 -75.26 -14.13
CA ASP I 44 4.11 -76.63 -14.53
C ASP I 44 2.83 -77.43 -14.54
N ASP I 45 1.94 -77.16 -13.58
CA ASP I 45 0.63 -77.79 -13.58
C ASP I 45 -0.09 -77.53 -14.90
N TYR I 46 -0.16 -76.27 -15.32
CA TYR I 46 -0.92 -75.95 -16.52
C TYR I 46 -0.48 -76.79 -17.70
N GLU I 47 0.81 -76.78 -18.00
CA GLU I 47 1.28 -77.48 -19.20
C GLU I 47 0.79 -78.92 -19.20
N LYS I 48 1.08 -79.66 -18.14
CA LYS I 48 0.68 -81.06 -18.11
C LYS I 48 -0.82 -81.19 -18.27
N GLU I 49 -1.58 -80.32 -17.60
CA GLU I 49 -3.02 -80.35 -17.74
C GLU I 49 -3.41 -80.25 -19.21
N TYR I 50 -2.69 -79.44 -19.99
CA TYR I 50 -2.85 -79.47 -21.43
C TYR I 50 -2.30 -80.77 -22.01
N GLU I 51 -1.05 -81.08 -21.70
CA GLU I 51 -0.35 -82.16 -22.37
C GLU I 51 -1.16 -83.45 -22.36
N ASN I 52 -1.89 -83.68 -21.29
CA ASN I 52 -2.62 -84.94 -21.14
C ASN I 52 -3.91 -84.92 -21.95
N GLN I 53 -4.58 -83.77 -22.01
CA GLN I 53 -5.86 -83.72 -22.69
C GLN I 53 -5.70 -84.04 -24.16
N LEU I 54 -4.91 -83.25 -24.87
CA LEU I 54 -4.71 -83.49 -26.28
C LEU I 54 -4.34 -84.94 -26.53
N LYS I 55 -3.44 -85.46 -25.69
CA LYS I 55 -3.05 -86.85 -25.80
C LYS I 55 -4.28 -87.74 -25.82
N GLU I 56 -4.98 -87.82 -24.68
CA GLU I 56 -6.10 -88.74 -24.55
C GLU I 56 -7.15 -88.49 -25.61
N ILE I 57 -7.25 -87.26 -26.10
CA ILE I 57 -8.27 -86.91 -27.06
C ILE I 57 -7.83 -87.29 -28.47
N LEU I 58 -6.59 -86.98 -28.81
CA LEU I 58 -6.17 -87.09 -30.20
C LEU I 58 -5.97 -88.53 -30.62
N GLU I 59 -5.83 -89.43 -29.66
CA GLU I 59 -5.89 -90.84 -30.00
C GLU I 59 -7.25 -91.22 -30.56
N THR I 60 -8.25 -90.36 -30.38
CA THR I 60 -9.64 -90.67 -30.63
C THR I 60 -10.10 -90.21 -32.00
N ILE I 61 -9.20 -89.68 -32.81
CA ILE I 61 -9.53 -89.41 -34.19
C ILE I 61 -9.13 -90.62 -35.00
N ILE I 62 -9.02 -90.46 -36.31
CA ILE I 62 -9.25 -91.52 -37.26
C ILE I 62 -8.70 -92.92 -36.90
N GLY I 63 -7.39 -93.14 -36.81
CA GLY I 63 -6.36 -92.18 -36.50
C GLY I 63 -5.04 -92.64 -37.09
N VAL I 64 -3.89 -92.07 -36.74
CA VAL I 64 -3.64 -91.29 -35.53
C VAL I 64 -3.89 -92.17 -34.33
N ASP I 65 -3.01 -93.17 -34.15
CA ASP I 65 -3.19 -94.19 -33.14
C ASP I 65 -2.39 -93.95 -31.87
N ASP I 66 -1.61 -92.88 -31.78
CA ASP I 66 -0.83 -92.60 -30.58
C ASP I 66 -0.08 -91.28 -30.73
N VAL I 67 0.32 -90.66 -29.61
CA VAL I 67 0.91 -89.34 -29.64
C VAL I 67 1.76 -89.08 -28.40
N SER I 68 2.62 -88.08 -28.54
CA SER I 68 3.43 -87.55 -27.46
C SER I 68 3.64 -86.08 -27.78
N VAL I 69 3.63 -85.23 -26.75
CA VAL I 69 3.55 -83.79 -26.97
C VAL I 69 4.41 -83.04 -25.96
N VAL I 70 4.55 -81.75 -26.23
CA VAL I 70 5.23 -80.80 -25.36
C VAL I 70 4.56 -79.46 -25.59
N VAL I 71 4.62 -78.58 -24.58
CA VAL I 71 4.02 -77.26 -24.67
C VAL I 71 4.82 -76.28 -23.86
N ASN I 72 4.81 -75.01 -24.29
CA ASN I 72 5.48 -73.93 -23.60
C ASN I 72 4.48 -72.83 -23.27
N VAL I 73 4.31 -72.56 -22.00
CA VAL I 73 3.51 -71.46 -21.52
C VAL I 73 4.39 -70.22 -21.44
N ASP I 74 3.81 -69.07 -21.73
CA ASP I 74 4.60 -67.85 -21.83
C ASP I 74 4.55 -67.05 -20.54
N ALA I 75 3.82 -67.52 -19.55
CA ALA I 75 3.60 -66.71 -18.37
C ALA I 75 2.95 -67.53 -17.27
N THR I 76 2.74 -66.88 -16.13
CA THR I 76 1.86 -67.40 -15.11
C THR I 76 0.52 -66.67 -15.24
N SER I 77 -0.37 -66.92 -14.30
CA SER I 77 -1.70 -66.36 -14.36
C SER I 77 -1.66 -64.85 -14.24
N LEU I 78 -2.46 -64.19 -15.05
CA LEU I 78 -2.49 -62.74 -15.15
C LEU I 78 -3.58 -62.16 -14.26
N LYS I 79 -3.17 -61.23 -13.39
CA LYS I 79 -4.09 -60.40 -12.64
C LYS I 79 -4.72 -59.33 -13.53
N VAL I 80 -5.80 -58.75 -13.05
CA VAL I 80 -6.29 -57.49 -13.54
C VAL I 80 -6.73 -56.66 -12.34
N TYR I 81 -6.53 -55.37 -12.42
CA TYR I 81 -6.84 -54.47 -11.32
C TYR I 81 -7.68 -53.33 -11.85
N GLU I 82 -8.59 -52.85 -11.01
CA GLU I 82 -9.54 -51.85 -11.45
C GLU I 82 -8.86 -50.50 -11.57
N LYS I 83 -9.39 -49.64 -12.42
CA LYS I 83 -8.83 -48.33 -12.61
C LYS I 83 -9.91 -47.30 -12.87
N ASN I 84 -9.76 -46.15 -12.22
CA ASN I 84 -10.40 -44.94 -12.67
C ASN I 84 -9.80 -44.55 -14.02
N LYS I 85 -10.54 -43.76 -14.77
CA LYS I 85 -10.14 -43.50 -16.15
C LYS I 85 -10.63 -42.14 -16.62
N SER I 86 -9.94 -41.66 -17.65
CA SER I 86 -10.29 -40.43 -18.34
C SER I 86 -9.85 -40.62 -19.77
N ASN I 87 -10.65 -40.15 -20.70
CA ASN I 87 -10.39 -40.34 -22.12
C ASN I 87 -10.84 -39.12 -22.88
N LYS I 88 -10.02 -38.68 -23.82
CA LYS I 88 -10.33 -37.52 -24.64
C LYS I 88 -9.92 -37.82 -26.06
N ASN I 89 -10.89 -37.82 -26.96
CA ASN I 89 -10.62 -37.95 -28.39
C ASN I 89 -11.15 -36.72 -29.09
N THR I 90 -10.23 -35.89 -29.57
CA THR I 90 -10.58 -34.71 -30.34
C THR I 90 -9.93 -34.84 -31.71
N THR I 91 -10.76 -35.01 -32.73
CA THR I 91 -10.26 -35.10 -34.08
C THR I 91 -11.10 -34.21 -34.98
N THR I 92 -10.47 -33.71 -36.04
CA THR I 92 -11.20 -32.93 -37.02
C THR I 92 -10.63 -33.17 -38.40
N GLU I 93 -11.40 -32.77 -39.41
CA GLU I 93 -11.00 -32.90 -40.81
C GLU I 93 -11.62 -31.76 -41.59
N GLU I 94 -10.93 -31.32 -42.63
CA GLU I 94 -11.36 -30.16 -43.40
C GLU I 94 -11.02 -30.35 -44.87
N THR I 95 -11.94 -29.95 -45.73
CA THR I 95 -11.66 -29.69 -47.14
C THR I 95 -12.53 -28.54 -47.57
N ASP I 96 -12.17 -27.92 -48.69
CA ASP I 96 -12.89 -26.75 -49.15
C ASP I 96 -12.72 -26.60 -50.65
N LYS I 97 -13.13 -25.45 -51.17
CA LYS I 97 -13.11 -25.15 -52.60
C LYS I 97 -11.74 -25.36 -53.23
N GLU I 98 -10.70 -24.78 -52.64
CA GLU I 98 -9.34 -24.95 -53.14
C GLU I 98 -8.78 -26.26 -52.62
N GLY I 99 -8.40 -26.26 -51.35
CA GLY I 99 -8.43 -27.45 -50.54
C GLY I 99 -8.20 -27.09 -49.09
N GLY I 100 -8.87 -27.82 -48.21
CA GLY I 100 -8.72 -27.62 -46.78
C GLY I 100 -8.09 -28.82 -46.11
N LYS I 101 -7.52 -29.72 -46.90
CA LYS I 101 -7.20 -31.05 -46.44
C LYS I 101 -6.31 -30.92 -45.20
N ARG I 102 -6.83 -31.41 -44.09
CA ARG I 102 -6.16 -31.38 -42.81
C ARG I 102 -6.71 -32.53 -41.99
N SER I 103 -5.84 -33.17 -41.22
CA SER I 103 -6.27 -34.15 -40.24
C SER I 103 -5.60 -33.76 -38.94
N VAL I 104 -6.39 -33.55 -37.90
CA VAL I 104 -5.88 -33.33 -36.56
C VAL I 104 -6.55 -34.36 -35.67
N THR I 105 -5.77 -35.31 -35.18
CA THR I 105 -6.30 -36.38 -34.37
C THR I 105 -5.64 -36.34 -33.01
N ASP I 106 -6.40 -35.97 -31.98
CA ASP I 106 -5.90 -35.86 -30.63
C ASP I 106 -6.48 -36.99 -29.80
N GLN I 107 -5.61 -37.69 -29.09
CA GLN I 107 -6.03 -38.77 -28.21
C GLN I 107 -5.25 -38.63 -26.91
N SER I 108 -5.96 -38.46 -25.82
CA SER I 108 -5.35 -38.33 -24.50
C SER I 108 -6.09 -39.24 -23.53
N SER I 109 -5.33 -40.06 -22.81
CA SER I 109 -5.89 -41.03 -21.89
C SER I 109 -5.07 -41.04 -20.63
N GLU I 110 -5.75 -40.90 -19.50
CA GLU I 110 -5.15 -41.09 -18.20
C GLU I 110 -5.78 -42.29 -17.55
N GLU I 111 -4.99 -43.04 -16.81
CA GLU I 111 -5.48 -44.14 -16.02
C GLU I 111 -4.88 -44.05 -14.63
N GLU I 112 -5.66 -44.45 -13.65
CA GLU I 112 -5.21 -44.47 -12.28
C GLU I 112 -5.82 -45.68 -11.60
N ILE I 113 -5.01 -46.37 -10.82
CA ILE I 113 -5.51 -47.54 -10.12
C ILE I 113 -6.33 -47.11 -8.93
N VAL I 114 -7.13 -48.04 -8.43
CA VAL I 114 -7.97 -47.83 -7.27
C VAL I 114 -7.37 -48.60 -6.10
N MET I 115 -7.54 -48.07 -4.90
CA MET I 115 -6.97 -48.66 -3.72
C MET I 115 -7.97 -48.64 -2.58
N ILE I 116 -8.23 -49.83 -2.05
CA ILE I 116 -9.01 -50.02 -0.84
C ILE I 116 -8.26 -49.41 0.32
N LYS I 117 -8.97 -49.12 1.40
CA LYS I 117 -8.36 -48.65 2.63
C LYS I 117 -9.00 -49.32 3.83
N ASN I 118 -8.15 -49.89 4.67
CA ASN I 118 -8.56 -50.41 5.97
C ASN I 118 -7.50 -49.94 6.98
N GLY I 119 -7.95 -49.14 7.94
CA GLY I 119 -7.02 -48.59 8.90
C GLY I 119 -5.90 -47.85 8.20
N ASP I 120 -4.67 -48.28 8.47
CA ASP I 120 -3.50 -47.84 7.72
C ASP I 120 -3.37 -48.55 6.38
N LYS I 121 -3.87 -49.77 6.27
CA LYS I 121 -3.65 -50.59 5.10
C LYS I 121 -4.31 -49.97 3.87
N GLU I 122 -3.71 -50.26 2.72
CA GLU I 122 -4.21 -49.81 1.43
C GLU I 122 -3.93 -50.93 0.44
N THR I 123 -4.94 -51.38 -0.27
CA THR I 123 -4.79 -52.55 -1.13
C THR I 123 -5.58 -52.40 -2.42
N PRO I 124 -5.08 -53.01 -3.49
CA PRO I 124 -5.72 -52.87 -4.79
C PRO I 124 -6.94 -53.75 -4.93
N VAL I 125 -7.71 -53.49 -5.98
CA VAL I 125 -8.91 -54.25 -6.25
C VAL I 125 -8.60 -55.36 -7.24
N VAL I 126 -9.25 -56.50 -7.07
CA VAL I 126 -9.09 -57.64 -7.95
C VAL I 126 -10.36 -57.81 -8.77
N VAL I 127 -10.27 -57.56 -10.06
CA VAL I 127 -11.39 -57.76 -10.95
C VAL I 127 -11.50 -59.20 -11.38
N GLN I 128 -10.63 -59.65 -12.26
CA GLN I 128 -10.65 -61.04 -12.69
C GLN I 128 -9.21 -61.47 -12.94
N THR I 129 -9.09 -62.62 -13.57
CA THR I 129 -7.84 -63.35 -13.72
C THR I 129 -7.89 -64.06 -15.06
N LYS I 130 -6.77 -64.08 -15.77
CA LYS I 130 -6.72 -64.68 -17.08
C LYS I 130 -5.70 -65.79 -17.15
N LYS I 131 -5.89 -66.64 -18.11
CA LYS I 131 -4.93 -67.68 -18.42
C LYS I 131 -3.97 -67.25 -19.52
N PRO I 132 -2.77 -67.81 -19.48
CA PRO I 132 -1.70 -67.39 -20.40
C PRO I 132 -1.86 -67.95 -21.80
N ASP I 133 -1.10 -67.36 -22.72
CA ASP I 133 -1.00 -67.88 -24.08
C ASP I 133 -0.10 -69.10 -24.10
N ILE I 134 0.23 -69.56 -25.31
CA ILE I 134 0.69 -70.94 -25.50
C ILE I 134 1.67 -71.02 -26.66
N ARG I 135 2.58 -72.00 -26.58
CA ARG I 135 3.41 -72.45 -27.69
C ARG I 135 3.63 -73.96 -27.59
N GLY I 136 3.38 -74.70 -28.67
CA GLY I 136 3.32 -76.14 -28.54
C GLY I 136 3.53 -76.87 -29.85
N VAL I 137 3.97 -78.14 -29.72
CA VAL I 137 4.05 -79.10 -30.82
C VAL I 137 3.75 -80.49 -30.30
N LEU I 138 4.06 -81.49 -31.15
CA LEU I 138 3.39 -82.77 -31.13
C LEU I 138 4.21 -83.88 -31.76
N VAL I 139 3.91 -85.12 -31.39
CA VAL I 139 4.34 -86.30 -32.10
C VAL I 139 3.18 -87.28 -32.19
N VAL I 140 3.12 -88.05 -33.26
CA VAL I 140 1.97 -88.91 -33.52
C VAL I 140 2.37 -90.07 -34.43
N ALA I 141 1.74 -91.23 -34.22
CA ALA I 141 2.10 -92.45 -34.94
C ALA I 141 1.82 -92.33 -36.43
N GLN I 142 1.15 -91.25 -36.82
CA GLN I 142 0.84 -90.99 -38.21
C GLN I 142 0.58 -89.50 -38.31
N GLY I 143 0.64 -88.91 -39.49
CA GLY I 143 0.76 -87.47 -39.49
C GLY I 143 0.95 -86.82 -40.84
N VAL I 144 1.66 -85.69 -40.80
CA VAL I 144 1.73 -84.76 -41.91
C VAL I 144 2.00 -85.42 -43.26
N ASP I 145 2.54 -86.63 -43.29
CA ASP I 145 2.65 -87.31 -44.57
C ASP I 145 1.30 -87.52 -45.23
N ASN I 146 0.23 -87.60 -44.43
CA ASN I 146 -1.12 -87.71 -45.00
C ASN I 146 -1.81 -86.37 -44.74
N VAL I 147 -2.01 -85.62 -45.81
CA VAL I 147 -2.37 -84.21 -45.73
C VAL I 147 -3.68 -84.06 -44.98
N GLN I 148 -4.54 -85.06 -45.06
CA GLN I 148 -5.87 -84.92 -44.47
C GLN I 148 -5.87 -85.25 -42.99
N ILE I 149 -4.83 -85.94 -42.52
CA ILE I 149 -4.60 -85.98 -41.09
C ILE I 149 -3.66 -84.87 -40.68
N LYS I 150 -3.06 -84.20 -41.66
CA LYS I 150 -2.26 -83.01 -41.38
C LYS I 150 -3.16 -81.83 -41.05
N GLN I 151 -4.05 -81.48 -41.98
CA GLN I 151 -4.80 -80.25 -41.85
C GLN I 151 -5.85 -80.39 -40.76
N THR I 152 -6.37 -81.59 -40.59
CA THR I 152 -7.33 -81.87 -39.52
C THR I 152 -6.81 -81.37 -38.19
N ILE I 153 -5.54 -81.65 -37.91
CA ILE I 153 -4.99 -81.40 -36.59
C ILE I 153 -4.77 -79.91 -36.38
N ILE I 154 -4.05 -79.28 -37.30
CA ILE I 154 -3.74 -77.87 -37.18
C ILE I 154 -4.99 -77.10 -36.82
N GLU I 155 -6.05 -77.30 -37.60
CA GLU I 155 -7.27 -76.54 -37.40
C GLU I 155 -7.93 -76.94 -36.08
N ALA I 156 -7.60 -78.13 -35.60
CA ALA I 156 -8.11 -78.58 -34.32
C ALA I 156 -7.33 -77.97 -33.16
N VAL I 157 -6.01 -77.89 -33.32
CA VAL I 157 -5.18 -77.41 -32.22
C VAL I 157 -5.30 -75.91 -32.09
N THR I 158 -5.10 -75.20 -33.19
CA THR I 158 -5.10 -73.75 -33.13
C THR I 158 -6.41 -73.23 -32.56
N ARG I 159 -7.52 -73.80 -32.99
CA ARG I 159 -8.82 -73.27 -32.62
C ARG I 159 -9.18 -73.59 -31.18
N VAL I 160 -8.47 -74.52 -30.56
CA VAL I 160 -8.67 -74.77 -29.14
C VAL I 160 -7.95 -73.73 -28.31
N LEU I 161 -6.69 -73.48 -28.62
CA LEU I 161 -5.79 -72.77 -27.74
C LEU I 161 -5.60 -71.31 -28.13
N ASP I 162 -6.19 -70.87 -29.24
CA ASP I 162 -5.92 -69.55 -29.81
C ASP I 162 -4.44 -69.41 -30.15
N VAL I 163 -3.92 -70.39 -30.88
CA VAL I 163 -2.52 -70.44 -31.25
C VAL I 163 -2.42 -70.34 -32.77
N PRO I 164 -1.87 -69.27 -33.31
CA PRO I 164 -1.67 -69.19 -34.75
C PRO I 164 -0.80 -70.32 -35.24
N SER I 165 -0.83 -70.55 -36.56
CA SER I 165 -0.13 -71.70 -37.11
C SER I 165 1.38 -71.60 -36.88
N HIS I 166 1.97 -70.45 -37.16
CA HIS I 166 3.42 -70.39 -37.15
C HIS I 166 4.02 -70.71 -35.79
N ARG I 167 3.23 -70.72 -34.73
CA ARG I 167 3.72 -71.08 -33.41
C ARG I 167 3.43 -72.50 -33.03
N VAL I 168 2.85 -73.27 -33.93
CA VAL I 168 2.53 -74.66 -33.67
C VAL I 168 3.08 -75.50 -34.80
N ALA I 169 3.54 -76.70 -34.48
CA ALA I 169 4.17 -77.53 -35.47
C ALA I 169 4.06 -78.98 -35.05
N VAL I 170 4.28 -79.87 -36.01
CA VAL I 170 4.02 -81.29 -35.85
C VAL I 170 5.10 -82.09 -36.58
N ALA I 171 5.18 -83.38 -36.23
CA ALA I 171 6.22 -84.23 -36.72
C ALA I 171 5.68 -85.61 -37.08
N PRO I 172 6.14 -86.19 -38.19
CA PRO I 172 5.71 -87.55 -38.51
C PRO I 172 6.35 -88.63 -37.65
N LYS I 173 5.69 -89.78 -37.70
CA LYS I 173 5.77 -90.94 -36.83
C LYS I 173 5.74 -90.66 -35.34
N LYS I 174 6.08 -91.68 -34.55
CA LYS I 174 6.24 -91.58 -33.11
C LYS I 174 7.32 -92.52 -32.61
N ILE I 175 7.04 -93.82 -32.63
CA ILE I 175 8.03 -94.83 -32.29
C ILE I 175 7.91 -95.99 -33.28
N LYS I 176 6.77 -96.66 -33.27
CA LYS I 176 6.57 -97.94 -33.91
C LYS I 176 5.79 -97.72 -35.22
N GLU I 177 6.20 -98.42 -36.27
CA GLU I 177 5.51 -98.34 -37.54
C GLU I 177 5.48 -99.73 -38.18
N PRO J 39 -8.90 -68.21 -7.33
CA PRO J 39 -7.86 -68.43 -8.34
C PRO J 39 -8.37 -69.38 -9.44
N LYS J 40 -7.47 -70.15 -10.07
CA LYS J 40 -7.88 -71.09 -11.11
C LYS J 40 -9.07 -71.94 -10.69
N ASP J 41 -9.10 -72.43 -9.45
CA ASP J 41 -10.01 -73.50 -9.07
C ASP J 41 -11.44 -73.25 -9.57
N SER J 42 -11.99 -72.07 -9.33
CA SER J 42 -13.33 -71.78 -9.82
C SER J 42 -13.41 -71.89 -11.34
N ILE J 43 -12.26 -71.97 -12.02
CA ILE J 43 -12.30 -72.27 -13.45
C ILE J 43 -12.64 -73.72 -13.68
N ASP J 44 -11.85 -74.62 -13.08
CA ASP J 44 -11.88 -76.01 -13.47
C ASP J 44 -13.30 -76.55 -13.37
N ASP J 45 -14.04 -76.10 -12.36
CA ASP J 45 -15.43 -76.48 -12.26
C ASP J 45 -16.21 -76.08 -13.51
N TYR J 46 -16.05 -74.82 -13.95
CA TYR J 46 -16.83 -74.37 -15.09
C TYR J 46 -16.65 -75.29 -16.28
N GLU J 47 -15.41 -75.53 -16.70
CA GLU J 47 -15.19 -76.31 -17.90
C GLU J 47 -15.94 -77.63 -17.85
N LYS J 48 -15.71 -78.41 -16.80
CA LYS J 48 -16.37 -79.70 -16.72
C LYS J 48 -17.88 -79.54 -16.75
N GLU J 49 -18.40 -78.54 -16.05
CA GLU J 49 -19.83 -78.29 -16.09
C GLU J 49 -20.30 -78.12 -17.52
N TYR J 50 -19.49 -77.48 -18.35
CA TYR J 50 -19.77 -77.47 -19.79
C TYR J 50 -19.52 -78.85 -20.39
N GLU J 51 -18.34 -79.40 -20.16
CA GLU J 51 -17.92 -80.60 -20.87
C GLU J 51 -18.94 -81.71 -20.77
N ASN J 52 -19.64 -81.78 -19.64
CA ASN J 52 -20.57 -82.87 -19.43
C ASN J 52 -21.89 -82.62 -20.13
N GLN J 53 -22.34 -81.36 -20.16
CA GLN J 53 -23.63 -81.05 -20.74
C GLN J 53 -23.66 -81.41 -22.21
N LEU J 54 -22.78 -80.78 -23.00
CA LEU J 54 -22.74 -81.07 -24.43
C LEU J 54 -22.67 -82.56 -24.66
N LYS J 55 -21.83 -83.24 -23.89
CA LYS J 55 -21.73 -84.68 -24.00
C LYS J 55 -23.11 -85.32 -23.91
N GLU J 56 -23.71 -85.25 -22.72
CA GLU J 56 -24.97 -85.94 -22.49
C GLU J 56 -26.04 -85.50 -23.48
N ILE J 57 -25.92 -84.27 -23.98
CA ILE J 57 -26.94 -83.73 -24.88
C ILE J 57 -26.69 -84.19 -26.30
N LEU J 58 -25.44 -84.13 -26.74
CA LEU J 58 -25.15 -84.32 -28.16
C LEU J 58 -25.26 -85.76 -28.56
N GLU J 59 -25.24 -86.68 -27.60
CA GLU J 59 -25.60 -88.06 -27.91
C GLU J 59 -27.05 -88.17 -28.35
N THR J 60 -27.83 -87.12 -28.12
CA THR J 60 -29.28 -87.16 -28.26
C THR J 60 -29.75 -86.62 -29.61
N ILE J 61 -28.82 -86.28 -30.48
CA ILE J 61 -29.20 -85.95 -31.85
C ILE J 61 -29.11 -87.23 -32.66
N ILE J 62 -29.07 -87.09 -33.97
CA ILE J 62 -29.57 -88.10 -34.88
C ILE J 62 -29.27 -89.56 -34.55
N GLY J 63 -28.03 -90.04 -34.54
CA GLY J 63 -26.80 -89.28 -34.33
C GLY J 63 -25.66 -90.00 -35.02
N VAL J 64 -24.39 -89.67 -34.76
CA VAL J 64 -23.90 -88.94 -33.58
C VAL J 64 -24.22 -89.76 -32.35
N ASP J 65 -23.54 -90.90 -32.22
CA ASP J 65 -23.85 -91.87 -31.18
C ASP J 65 -22.91 -91.79 -29.98
N ASP J 66 -21.93 -90.88 -29.98
CA ASP J 66 -21.03 -90.75 -28.84
C ASP J 66 -20.05 -89.61 -29.06
N VAL J 67 -19.46 -89.08 -27.99
CA VAL J 67 -18.62 -87.89 -28.08
C VAL J 67 -17.65 -87.81 -26.92
N SER J 68 -16.62 -86.99 -27.14
CA SER J 68 -15.64 -86.63 -26.14
C SER J 68 -15.17 -85.22 -26.49
N VAL J 69 -14.94 -84.38 -25.48
CA VAL J 69 -14.77 -82.96 -25.71
C VAL J 69 -13.70 -82.39 -24.79
N VAL J 70 -13.34 -81.15 -25.09
CA VAL J 70 -12.43 -80.34 -24.29
C VAL J 70 -12.83 -78.89 -24.49
N VAL J 71 -12.53 -78.06 -23.51
CA VAL J 71 -12.88 -76.64 -23.58
C VAL J 71 -11.83 -75.83 -22.83
N ASN J 72 -11.64 -74.58 -23.28
CA ASN J 72 -10.72 -73.65 -22.66
C ASN J 72 -11.46 -72.38 -22.29
N VAL J 73 -11.47 -72.08 -21.00
CA VAL J 73 -12.01 -70.84 -20.49
C VAL J 73 -10.91 -69.80 -20.49
N ASP J 74 -11.27 -68.55 -20.77
CA ASP J 74 -10.28 -67.50 -20.93
C ASP J 74 -10.06 -66.71 -19.66
N ALA J 75 -10.81 -67.03 -18.61
CA ALA J 75 -10.76 -66.19 -17.43
C ALA J 75 -11.47 -66.87 -16.27
N THR J 76 -11.47 -66.19 -15.15
CA THR J 76 -12.35 -66.52 -14.04
C THR J 76 -13.52 -65.56 -14.08
N SER J 77 -14.37 -65.62 -13.06
CA SER J 77 -15.57 -64.82 -13.05
C SER J 77 -15.22 -63.34 -12.95
N LEU J 78 -15.96 -62.54 -13.72
CA LEU J 78 -15.71 -61.11 -13.83
C LEU J 78 -16.59 -60.32 -12.87
N LYS J 79 -15.95 -59.49 -12.05
CA LYS J 79 -16.64 -58.49 -11.26
C LYS J 79 -17.11 -57.34 -12.11
N VAL J 80 -18.01 -56.55 -11.55
CA VAL J 80 -18.29 -55.22 -12.03
C VAL J 80 -18.47 -54.33 -10.82
N TYR J 81 -18.03 -53.09 -10.93
CA TYR J 81 -18.07 -52.14 -9.83
C TYR J 81 -18.72 -50.86 -10.32
N GLU J 82 -19.45 -50.22 -9.43
CA GLU J 82 -20.22 -49.05 -9.81
C GLU J 82 -19.32 -47.87 -9.99
N LYS J 83 -19.73 -46.92 -10.82
CA LYS J 83 -18.94 -45.74 -11.07
C LYS J 83 -19.81 -44.51 -11.27
N ASN J 84 -19.40 -43.42 -10.64
CA ASN J 84 -19.82 -42.11 -11.07
C ASN J 84 -19.27 -41.86 -12.46
N LYS J 85 -19.89 -40.93 -13.18
CA LYS J 85 -19.56 -40.76 -14.58
C LYS J 85 -19.81 -39.34 -15.04
N SER J 86 -19.12 -38.99 -16.12
CA SER J 86 -19.28 -37.72 -16.80
C SER J 86 -18.99 -38.00 -18.26
N ASN J 87 -19.76 -37.38 -19.15
CA ASN J 87 -19.65 -37.63 -20.57
C ASN J 87 -19.92 -36.34 -21.32
N LYS J 88 -19.09 -36.07 -22.32
CA LYS J 88 -19.25 -34.87 -23.13
C LYS J 88 -19.01 -35.25 -24.58
N ASN J 89 -20.02 -35.06 -25.42
CA ASN J 89 -19.90 -35.24 -26.85
C ASN J 89 -20.23 -33.93 -27.53
N THR J 90 -19.22 -33.29 -28.09
CA THR J 90 -19.37 -32.08 -28.86
C THR J 90 -18.87 -32.33 -30.26
N THR J 91 -19.80 -32.34 -31.21
CA THR J 91 -19.43 -32.54 -32.60
C THR J 91 -20.15 -31.51 -33.45
N THR J 92 -19.51 -31.12 -34.55
CA THR J 92 -20.16 -30.21 -35.49
C THR J 92 -19.74 -30.57 -36.92
N GLU J 93 -20.50 -30.05 -37.87
CA GLU J 93 -20.24 -30.24 -39.28
C GLU J 93 -20.70 -29.01 -40.04
N GLU J 94 -20.01 -28.71 -41.14
CA GLU J 94 -20.27 -27.49 -41.89
C GLU J 94 -20.08 -27.74 -43.38
N THR J 95 -20.99 -27.18 -44.18
CA THR J 95 -20.75 -26.99 -45.60
C THR J 95 -21.43 -25.68 -45.99
N ASP J 96 -21.03 -25.15 -47.14
CA ASP J 96 -21.54 -23.86 -47.56
C ASP J 96 -21.47 -23.75 -49.09
N LYS J 97 -21.69 -22.54 -49.59
CA LYS J 97 -21.72 -22.25 -51.01
C LYS J 97 -20.47 -22.74 -51.74
N GLU J 98 -19.30 -22.36 -51.24
CA GLU J 98 -18.04 -22.79 -51.85
C GLU J 98 -17.70 -24.19 -51.34
N GLY J 99 -17.23 -24.25 -50.10
CA GLY J 99 -17.43 -25.42 -49.27
C GLY J 99 -17.03 -25.11 -47.86
N GLY J 100 -17.75 -25.69 -46.91
CA GLY J 100 -17.45 -25.52 -45.50
C GLY J 100 -17.02 -26.82 -44.87
N LYS J 101 -16.69 -27.81 -45.69
CA LYS J 101 -16.61 -29.18 -45.21
C LYS J 101 -15.61 -29.22 -44.05
N ARG J 102 -16.12 -29.60 -42.89
CA ARG J 102 -15.36 -29.69 -41.66
C ARG J 102 -16.07 -30.71 -40.79
N SER J 103 -15.29 -31.50 -40.09
CA SER J 103 -15.82 -32.38 -39.05
C SER J 103 -14.99 -32.13 -37.81
N VAL J 104 -15.64 -31.77 -36.72
CA VAL J 104 -14.99 -31.65 -35.43
C VAL J 104 -15.77 -32.53 -34.48
N THR J 105 -15.16 -33.61 -34.03
CA THR J 105 -15.84 -34.56 -33.16
C THR J 105 -15.07 -34.64 -31.85
N ASP J 106 -15.66 -34.12 -30.78
CA ASP J 106 -15.05 -34.11 -29.47
C ASP J 106 -15.77 -35.11 -28.57
N GLN J 107 -14.99 -35.96 -27.93
CA GLN J 107 -15.54 -36.93 -27.00
C GLN J 107 -14.66 -36.95 -25.76
N SER J 108 -15.24 -36.64 -24.62
CA SER J 108 -14.53 -36.64 -23.35
C SER J 108 -15.34 -37.37 -22.32
N SER J 109 -14.70 -38.32 -21.64
CA SER J 109 -15.36 -39.17 -20.68
C SER J 109 -14.47 -39.34 -19.47
N GLU J 110 -15.01 -39.07 -18.30
CA GLU J 110 -14.36 -39.37 -17.05
C GLU J 110 -15.17 -40.42 -16.32
N GLU J 111 -14.48 -41.31 -15.64
CA GLU J 111 -15.12 -42.28 -14.79
C GLU J 111 -14.40 -42.31 -13.46
N GLU J 112 -15.16 -42.55 -12.42
CA GLU J 112 -14.62 -42.65 -11.07
C GLU J 112 -15.41 -43.72 -10.34
N ILE J 113 -14.68 -44.55 -9.61
CA ILE J 113 -15.34 -45.60 -8.86
C ILE J 113 -15.98 -45.02 -7.60
N VAL J 114 -16.90 -45.77 -7.05
CA VAL J 114 -17.58 -45.40 -5.82
C VAL J 114 -17.07 -46.27 -4.70
N MET J 115 -17.04 -45.72 -3.50
CA MET J 115 -16.50 -46.40 -2.34
C MET J 115 -17.39 -46.19 -1.13
N ILE J 116 -17.82 -47.30 -0.56
CA ILE J 116 -18.54 -47.33 0.71
C ILE J 116 -17.60 -46.87 1.80
N LYS J 117 -18.15 -46.45 2.92
CA LYS J 117 -17.38 -46.11 4.09
C LYS J 117 -18.03 -46.65 5.35
N ASN J 118 -17.24 -47.37 6.14
CA ASN J 118 -17.64 -47.80 7.47
C ASN J 118 -16.45 -47.54 8.39
N GLY J 119 -16.65 -46.67 9.36
CA GLY J 119 -15.57 -46.30 10.24
C GLY J 119 -14.37 -45.79 9.46
N ASP J 120 -13.24 -46.46 9.63
CA ASP J 120 -12.07 -46.24 8.79
C ASP J 120 -12.18 -46.96 7.46
N LYS J 121 -12.91 -48.07 7.41
CA LYS J 121 -12.94 -48.92 6.22
C LYS J 121 -13.56 -48.20 5.04
N GLU J 122 -13.12 -48.59 3.87
CA GLU J 122 -13.62 -48.06 2.60
C GLU J 122 -13.64 -49.21 1.62
N THR J 123 -14.78 -49.46 0.98
CA THR J 123 -14.92 -50.64 0.15
C THR J 123 -15.76 -50.35 -1.09
N PRO J 124 -15.47 -51.04 -2.18
CA PRO J 124 -16.17 -50.79 -3.43
C PRO J 124 -17.55 -51.41 -3.46
N VAL J 125 -18.32 -51.01 -4.46
CA VAL J 125 -19.67 -51.52 -4.63
C VAL J 125 -19.65 -52.68 -5.62
N VAL J 126 -20.50 -53.66 -5.38
CA VAL J 126 -20.63 -54.81 -6.25
C VAL J 126 -21.96 -54.74 -6.96
N VAL J 127 -21.93 -54.51 -8.27
CA VAL J 127 -23.12 -54.49 -9.07
C VAL J 127 -23.56 -55.88 -9.46
N GLN J 128 -22.86 -56.50 -10.40
CA GLN J 128 -23.17 -57.86 -10.80
C GLN J 128 -21.88 -58.56 -11.15
N THR J 129 -22.02 -59.72 -11.77
CA THR J 129 -20.96 -60.67 -12.01
C THR J 129 -21.24 -61.36 -13.32
N LYS J 130 -20.21 -61.59 -14.11
CA LYS J 130 -20.37 -62.20 -15.41
C LYS J 130 -19.59 -63.49 -15.53
N LYS J 131 -20.01 -64.29 -16.47
CA LYS J 131 -19.31 -65.49 -16.83
C LYS J 131 -18.36 -65.27 -18.01
N PRO J 132 -17.28 -66.04 -18.05
CA PRO J 132 -16.25 -65.83 -19.05
C PRO J 132 -16.61 -66.35 -20.43
N ASP J 133 -15.82 -65.92 -21.41
CA ASP J 133 -15.93 -66.46 -22.75
C ASP J 133 -15.28 -67.83 -22.83
N ILE J 134 -15.15 -68.36 -24.05
CA ILE J 134 -14.97 -69.79 -24.24
C ILE J 134 -14.12 -70.07 -25.48
N ARG J 135 -13.42 -71.21 -25.45
CA ARG J 135 -12.77 -71.80 -26.62
C ARG J 135 -12.84 -73.32 -26.51
N GLY J 136 -13.32 -74.00 -27.55
CA GLY J 136 -13.63 -75.42 -27.39
C GLY J 136 -13.68 -76.18 -28.70
N VAL J 137 -13.47 -77.51 -28.58
CA VAL J 137 -13.67 -78.46 -29.67
C VAL J 137 -14.18 -79.78 -29.10
N LEU J 138 -14.14 -80.80 -29.96
CA LEU J 138 -15.05 -81.93 -29.86
C LEU J 138 -14.50 -83.17 -30.54
N VAL J 139 -15.01 -84.33 -30.13
CA VAL J 139 -14.87 -85.59 -30.85
C VAL J 139 -16.20 -86.32 -30.82
N VAL J 140 -16.49 -87.06 -31.88
CA VAL J 140 -17.80 -87.69 -32.04
C VAL J 140 -17.71 -88.91 -32.96
N ALA J 141 -18.53 -89.92 -32.68
CA ALA J 141 -18.47 -91.18 -33.41
C ALA J 141 -18.83 -91.02 -34.88
N GLN J 142 -19.30 -89.84 -35.23
CA GLN J 142 -19.67 -89.52 -36.61
C GLN J 142 -19.64 -88.01 -36.70
N GLY J 143 -19.56 -87.44 -37.89
CA GLY J 143 -19.17 -86.05 -37.92
C GLY J 143 -18.95 -85.46 -39.29
N VAL J 144 -18.04 -84.49 -39.33
CA VAL J 144 -17.88 -83.59 -40.46
C VAL J 144 -17.85 -84.29 -41.82
N ASP J 145 -17.55 -85.58 -41.87
CA ASP J 145 -17.67 -86.28 -43.14
C ASP J 145 -19.09 -86.23 -43.69
N ASN J 146 -20.10 -86.10 -42.81
CA ASN J 146 -21.48 -85.93 -43.27
C ASN J 146 -21.87 -84.49 -42.98
N VAL J 147 -22.00 -83.72 -44.05
CA VAL J 147 -22.08 -82.27 -43.97
C VAL J 147 -23.27 -81.86 -43.12
N GLN J 148 -24.33 -82.68 -43.12
CA GLN J 148 -25.54 -82.28 -42.44
C GLN J 148 -25.50 -82.61 -40.96
N ILE J 149 -24.57 -83.48 -40.55
CA ILE J 149 -24.25 -83.56 -39.14
C ILE J 149 -23.08 -82.65 -38.83
N LYS J 150 -22.44 -82.11 -39.86
CA LYS J 150 -21.41 -81.11 -39.66
C LYS J 150 -22.02 -79.76 -39.28
N GLN J 151 -22.90 -79.26 -40.15
CA GLN J 151 -23.40 -77.90 -39.99
C GLN J 151 -24.36 -77.83 -38.82
N THR J 152 -25.09 -78.91 -38.59
CA THR J 152 -26.00 -78.99 -37.45
C THR J 152 -25.29 -78.61 -36.16
N ILE J 153 -24.09 -79.12 -35.97
CA ILE J 153 -23.40 -78.97 -34.70
C ILE J 153 -22.88 -77.56 -34.54
N ILE J 154 -22.13 -77.09 -35.52
CA ILE J 154 -21.54 -75.76 -35.45
C ILE J 154 -22.60 -74.76 -35.01
N GLU J 155 -23.72 -74.76 -35.71
CA GLU J 155 -24.75 -73.77 -35.43
C GLU J 155 -25.37 -74.04 -34.06
N ALA J 156 -25.25 -75.27 -33.58
CA ALA J 156 -25.74 -75.60 -32.26
C ALA J 156 -24.76 -75.16 -31.17
N VAL J 157 -23.47 -75.34 -31.43
CA VAL J 157 -22.48 -75.03 -30.41
C VAL J 157 -22.30 -73.53 -30.29
N THR J 158 -22.05 -72.87 -31.42
CA THR J 158 -21.77 -71.44 -31.38
C THR J 158 -22.90 -70.68 -30.72
N ARG J 159 -24.13 -71.02 -31.06
CA ARG J 159 -25.27 -70.26 -30.60
C ARG J 159 -25.58 -70.50 -29.14
N VAL J 160 -25.02 -71.55 -28.55
CA VAL J 160 -25.14 -71.75 -27.12
C VAL J 160 -24.18 -70.87 -26.36
N LEU J 161 -22.93 -70.86 -26.77
CA LEU J 161 -21.83 -70.34 -25.98
C LEU J 161 -21.40 -68.94 -26.39
N ASP J 162 -21.97 -68.41 -27.46
CA ASP J 162 -21.50 -67.17 -28.08
C ASP J 162 -20.06 -67.31 -28.53
N VAL J 163 -19.79 -68.37 -29.29
CA VAL J 163 -18.45 -68.70 -29.76
C VAL J 163 -18.46 -68.62 -31.28
N PRO J 164 -17.75 -67.67 -31.88
CA PRO J 164 -17.66 -67.64 -33.33
C PRO J 164 -17.05 -68.92 -33.87
N SER J 165 -17.23 -69.14 -35.17
CA SER J 165 -16.80 -70.41 -35.76
C SER J 165 -15.31 -70.60 -35.64
N HIS J 166 -14.51 -69.60 -35.99
CA HIS J 166 -13.08 -69.80 -36.09
C HIS J 166 -12.45 -70.23 -34.77
N ARG J 167 -13.15 -70.09 -33.66
CA ARG J 167 -12.64 -70.52 -32.37
C ARG J 167 -13.18 -71.87 -31.95
N VAL J 168 -13.97 -72.52 -32.79
CA VAL J 168 -14.52 -73.82 -32.47
C VAL J 168 -14.24 -74.75 -33.63
N ALA J 169 -13.99 -76.02 -33.33
CA ALA J 169 -13.60 -76.97 -34.34
C ALA J 169 -13.96 -78.36 -33.90
N VAL J 170 -13.98 -79.28 -34.86
CA VAL J 170 -14.51 -80.62 -34.65
C VAL J 170 -13.67 -81.62 -35.43
N ALA J 171 -13.80 -82.89 -35.07
CA ALA J 171 -12.99 -83.93 -35.64
C ALA J 171 -13.81 -85.18 -35.92
N PRO J 172 -13.57 -85.85 -37.05
CA PRO J 172 -14.27 -87.10 -37.31
C PRO J 172 -13.79 -88.28 -36.48
N LYS J 173 -14.66 -89.27 -36.47
CA LYS J 173 -14.73 -90.44 -35.59
C LYS J 173 -14.59 -90.14 -34.11
N LYS J 174 -14.39 -91.21 -33.32
CA LYS J 174 -14.12 -91.14 -31.91
C LYS J 174 -13.19 -92.27 -31.48
N ILE J 175 -13.72 -93.49 -31.45
CA ILE J 175 -12.92 -94.67 -31.17
C ILE J 175 -13.33 -95.79 -32.11
N LYS J 176 -14.59 -96.21 -32.02
CA LYS J 176 -15.07 -97.45 -32.63
C LYS J 176 -15.89 -97.07 -33.87
N GLU J 177 -15.70 -97.84 -34.94
CA GLU J 177 -16.47 -97.63 -36.15
C GLU J 177 -16.82 -98.98 -36.76
N PRO K 39 -22.41 -65.20 -5.47
CA PRO K 39 -21.52 -65.63 -6.55
C PRO K 39 -22.28 -66.46 -7.60
N LYS K 40 -21.61 -67.39 -8.28
CA LYS K 40 -22.27 -68.24 -9.25
C LYS K 40 -23.57 -68.85 -8.74
N ASP K 41 -23.59 -69.32 -7.49
CA ASP K 41 -24.67 -70.19 -7.03
C ASP K 41 -26.04 -69.67 -7.42
N SER K 42 -26.34 -68.40 -7.16
CA SER K 42 -27.63 -67.86 -7.57
C SER K 42 -27.85 -67.95 -9.06
N ILE K 43 -26.79 -68.25 -9.84
CA ILE K 43 -27.00 -68.55 -11.25
C ILE K 43 -27.63 -69.91 -11.42
N ASP K 44 -26.98 -70.94 -10.87
CA ASP K 44 -27.32 -72.30 -11.22
C ASP K 44 -28.80 -72.56 -11.03
N ASP K 45 -29.35 -71.97 -9.96
CA ASP K 45 -30.78 -72.07 -9.74
C ASP K 45 -31.55 -71.53 -10.94
N TYR K 46 -31.21 -70.33 -11.41
CA TYR K 46 -31.97 -69.74 -12.51
C TYR K 46 -32.06 -70.68 -13.68
N GLU K 47 -30.92 -71.15 -14.19
CA GLU K 47 -30.94 -71.96 -15.40
C GLU K 47 -31.93 -73.11 -15.26
N LYS K 48 -31.78 -73.92 -14.22
CA LYS K 48 -32.67 -75.06 -14.07
C LYS K 48 -34.11 -74.61 -14.00
N GLU K 49 -34.37 -73.52 -13.27
CA GLU K 49 -35.73 -73.01 -13.20
C GLU K 49 -36.27 -72.75 -14.60
N TYR K 50 -35.42 -72.27 -15.51
CA TYR K 50 -35.79 -72.22 -16.91
C TYR K 50 -35.87 -73.62 -17.50
N GLU K 51 -34.81 -74.39 -17.35
CA GLU K 51 -34.67 -75.65 -18.07
C GLU K 51 -35.89 -76.53 -17.87
N ASN K 52 -36.50 -76.47 -16.70
CA ASN K 52 -37.60 -77.37 -16.39
C ASN K 52 -38.89 -76.86 -17.01
N GLN K 53 -39.09 -75.54 -17.02
CA GLN K 53 -40.34 -74.99 -17.51
C GLN K 53 -40.55 -75.34 -18.98
N LEU K 54 -39.64 -74.89 -19.83
CA LEU K 54 -39.76 -75.18 -21.25
C LEU K 54 -39.99 -76.66 -21.47
N LYS K 55 -39.24 -77.49 -20.75
CA LYS K 55 -39.43 -78.93 -20.84
C LYS K 55 -40.90 -79.28 -20.63
N GLU K 56 -41.39 -79.10 -19.41
CA GLU K 56 -42.73 -79.53 -19.07
C GLU K 56 -43.76 -78.88 -19.98
N ILE K 57 -43.45 -77.71 -20.51
CA ILE K 57 -44.42 -76.98 -21.33
C ILE K 57 -44.37 -77.48 -22.77
N LEU K 58 -43.16 -77.66 -23.30
CA LEU K 58 -43.03 -77.91 -24.73
C LEU K 58 -43.46 -79.32 -25.10
N GLU K 59 -43.53 -80.22 -24.13
CA GLU K 59 -44.16 -81.50 -24.40
C GLU K 59 -45.63 -81.32 -24.72
N THR K 60 -46.19 -80.14 -24.45
CA THR K 60 -47.63 -79.90 -24.48
C THR K 60 -48.08 -79.29 -25.79
N ILE K 61 -47.17 -79.13 -26.74
CA ILE K 61 -47.59 -78.74 -28.08
C ILE K 61 -47.81 -80.01 -28.87
N ILE K 62 -47.84 -79.89 -30.18
CA ILE K 62 -48.61 -80.77 -31.04
C ILE K 62 -48.56 -82.28 -30.70
N GLY K 63 -47.44 -82.98 -30.79
CA GLY K 63 -46.07 -82.48 -30.68
C GLY K 63 -45.15 -83.42 -31.44
N VAL K 64 -43.83 -83.32 -31.29
CA VAL K 64 -43.12 -82.70 -30.16
C VAL K 64 -43.50 -83.44 -28.89
N ASP K 65 -43.04 -84.70 -28.79
CA ASP K 65 -43.44 -85.58 -27.71
C ASP K 65 -42.42 -85.68 -26.59
N ASP K 66 -41.29 -84.98 -26.68
CA ASP K 66 -40.29 -85.04 -25.61
C ASP K 66 -39.14 -84.09 -25.93
N VAL K 67 -38.37 -83.70 -24.91
CA VAL K 67 -37.33 -82.68 -25.09
C VAL K 67 -36.26 -82.79 -24.01
N SER K 68 -35.12 -82.18 -24.32
CA SER K 68 -34.01 -82.02 -23.39
C SER K 68 -33.32 -80.72 -23.80
N VAL K 69 -32.85 -79.95 -22.83
CA VAL K 69 -32.42 -78.58 -23.10
C VAL K 69 -31.20 -78.23 -22.27
N VAL K 70 -30.63 -77.08 -22.62
CA VAL K 70 -29.52 -76.47 -21.91
C VAL K 70 -29.65 -74.97 -22.09
N VAL K 71 -29.12 -74.21 -21.15
CA VAL K 71 -29.18 -72.75 -21.22
C VAL K 71 -27.96 -72.14 -20.57
N ASN K 72 -27.56 -70.97 -21.05
CA ASN K 72 -26.44 -70.23 -20.53
C ASN K 72 -26.88 -68.84 -20.12
N VAL K 73 -26.74 -68.54 -18.83
CA VAL K 73 -26.98 -67.21 -18.31
C VAL K 73 -25.71 -66.41 -18.41
N ASP K 74 -25.84 -65.12 -18.68
CA ASP K 74 -24.68 -64.28 -18.95
C ASP K 74 -24.22 -63.55 -17.70
N ALA K 75 -24.93 -63.71 -16.59
CA ALA K 75 -24.64 -62.88 -15.43
C ALA K 75 -25.37 -63.41 -14.21
N THR K 76 -25.14 -62.75 -13.10
CA THR K 76 -25.98 -62.90 -11.93
C THR K 76 -26.96 -61.73 -11.90
N SER K 77 -27.72 -61.62 -10.82
CA SER K 77 -28.74 -60.59 -10.72
C SER K 77 -28.11 -59.22 -10.68
N LEU K 78 -28.72 -58.29 -11.40
CA LEU K 78 -28.22 -56.94 -11.56
C LEU K 78 -28.85 -55.99 -10.55
N LYS K 79 -28.01 -55.30 -9.80
CA LYS K 79 -28.42 -54.19 -8.97
C LYS K 79 -28.72 -52.96 -9.80
N VAL K 80 -29.41 -52.03 -9.19
CA VAL K 80 -29.47 -50.65 -9.67
C VAL K 80 -29.37 -49.74 -8.46
N TYR K 81 -28.71 -48.62 -8.63
CA TYR K 81 -28.49 -47.68 -7.55
C TYR K 81 -28.91 -46.30 -8.00
N GLU K 82 -29.43 -45.52 -7.07
CA GLU K 82 -30.00 -44.23 -7.41
C GLU K 82 -28.89 -43.24 -7.68
N LYS K 83 -29.18 -42.24 -8.50
CA LYS K 83 -28.19 -41.23 -8.83
C LYS K 83 -28.83 -39.86 -8.98
N ASN K 84 -28.17 -38.87 -8.40
CA ASN K 84 -28.36 -37.49 -8.83
C ASN K 84 -27.87 -37.36 -10.26
N LYS K 85 -28.36 -36.34 -10.94
CA LYS K 85 -28.11 -36.23 -12.36
C LYS K 85 -28.12 -34.79 -12.83
N SER K 86 -27.46 -34.59 -13.96
CA SER K 86 -27.42 -33.31 -14.65
C SER K 86 -27.32 -33.64 -16.12
N ASN K 87 -28.01 -32.89 -16.97
CA ASN K 87 -28.06 -33.15 -18.38
C ASN K 87 -28.13 -31.84 -19.13
N LYS K 88 -27.35 -31.73 -20.19
CA LYS K 88 -27.34 -30.54 -21.01
C LYS K 88 -27.29 -30.95 -22.47
N ASN K 89 -28.31 -30.57 -23.23
CA ASN K 89 -28.33 -30.78 -24.66
C ASN K 89 -28.46 -29.42 -25.34
N THR K 90 -27.38 -29.00 -25.99
CA THR K 90 -27.36 -27.78 -26.76
C THR K 90 -27.03 -28.13 -28.19
N THR K 91 -28.00 -27.96 -29.08
CA THR K 91 -27.79 -28.23 -30.49
C THR K 91 -28.36 -27.07 -31.29
N THR K 92 -27.75 -26.83 -32.44
CA THR K 92 -28.28 -25.82 -33.35
C THR K 92 -28.05 -26.25 -34.79
N GLU K 93 -28.76 -25.59 -35.69
CA GLU K 93 -28.66 -25.84 -37.12
C GLU K 93 -28.93 -24.54 -37.86
N GLU K 94 -28.28 -24.38 -39.01
CA GLU K 94 -28.35 -23.14 -39.77
C GLU K 94 -28.33 -23.43 -41.26
N THR K 95 -29.17 -22.70 -42.00
CA THR K 95 -29.02 -22.56 -43.44
C THR K 95 -29.45 -21.15 -43.80
N ASP K 96 -29.05 -20.70 -44.99
CA ASP K 96 -29.34 -19.34 -45.39
C ASP K 96 -29.37 -19.26 -46.92
N LYS K 97 -29.38 -18.03 -47.42
CA LYS K 97 -29.48 -17.74 -48.84
C LYS K 97 -28.39 -18.46 -49.65
N GLU K 98 -27.13 -18.32 -49.25
CA GLU K 98 -26.03 -18.97 -49.94
C GLU K 98 -25.93 -20.42 -49.44
N GLY K 99 -25.40 -20.57 -48.24
CA GLY K 99 -25.75 -21.68 -47.38
C GLY K 99 -25.18 -21.45 -46.00
N GLY K 100 -25.92 -21.86 -44.99
CA GLY K 100 -25.50 -21.76 -43.61
C GLY K 100 -25.28 -23.11 -42.99
N LYS K 101 -25.21 -24.15 -43.82
CA LYS K 101 -25.35 -25.52 -43.32
C LYS K 101 -24.30 -25.75 -42.24
N ARG K 102 -24.79 -26.01 -41.04
CA ARG K 102 -23.96 -26.25 -39.87
C ARG K 102 -24.78 -27.10 -38.93
N SER K 103 -24.12 -28.04 -38.28
CA SER K 103 -24.73 -28.79 -37.19
C SER K 103 -23.76 -28.70 -36.02
N VAL K 104 -24.25 -28.22 -34.89
CA VAL K 104 -23.50 -28.22 -33.65
C VAL K 104 -24.36 -28.93 -32.62
N THR K 105 -23.93 -30.11 -32.21
CA THR K 105 -24.70 -30.91 -31.27
C THR K 105 -23.87 -31.13 -30.02
N ASP K 106 -24.27 -30.51 -28.93
CA ASP K 106 -23.57 -30.62 -27.66
C ASP K 106 -24.39 -31.46 -26.70
N GLN K 107 -23.76 -32.44 -26.10
CA GLN K 107 -24.41 -33.28 -25.12
C GLN K 107 -23.45 -33.46 -23.95
N SER K 108 -23.87 -33.04 -22.77
CA SER K 108 -23.07 -33.18 -21.56
C SER K 108 -23.93 -33.75 -20.46
N SER K 109 -23.43 -34.80 -19.82
CA SER K 109 -24.18 -35.50 -18.79
C SER K 109 -23.23 -35.83 -17.65
N GLU K 110 -23.63 -35.45 -16.45
CA GLU K 110 -22.95 -35.88 -15.24
C GLU K 110 -23.89 -36.75 -14.44
N GLU K 111 -23.33 -37.76 -13.80
CA GLU K 111 -24.08 -38.59 -12.88
C GLU K 111 -23.28 -38.75 -11.61
N GLU K 112 -24.00 -38.83 -10.51
CA GLU K 112 -23.38 -39.03 -9.21
C GLU K 112 -24.29 -39.93 -8.41
N ILE K 113 -23.70 -40.89 -7.70
CA ILE K 113 -24.48 -41.78 -6.89
C ILE K 113 -24.90 -41.10 -5.61
N VAL K 114 -25.89 -41.65 -4.97
CA VAL K 114 -26.41 -41.16 -3.70
C VAL K 114 -25.97 -42.10 -2.60
N MET K 115 -25.74 -41.56 -1.42
CA MET K 115 -25.26 -42.34 -0.30
C MET K 115 -26.00 -41.95 0.98
N ILE K 116 -26.60 -42.96 1.60
CA ILE K 116 -27.20 -42.84 2.91
C ILE K 116 -26.11 -42.58 3.92
N LYS K 117 -26.48 -42.05 5.07
CA LYS K 117 -25.57 -41.86 6.18
C LYS K 117 -26.21 -42.26 7.49
N ASN K 118 -25.52 -43.11 8.23
CA ASN K 118 -25.90 -43.46 9.59
C ASN K 118 -24.60 -43.43 10.41
N GLY K 119 -24.56 -42.53 11.39
CA GLY K 119 -23.36 -42.38 12.18
C GLY K 119 -22.16 -42.12 11.30
N ASP K 120 -21.17 -42.99 11.40
CA ASP K 120 -20.04 -43.01 10.47
C ASP K 120 -20.40 -43.70 9.16
N LYS K 121 -21.32 -44.65 9.18
CA LYS K 121 -21.61 -45.46 8.02
C LYS K 121 -22.17 -44.64 6.88
N GLU K 122 -21.90 -45.11 5.67
CA GLU K 122 -22.39 -44.50 4.45
C GLU K 122 -22.71 -45.63 3.49
N THR K 123 -23.91 -45.65 2.94
CA THR K 123 -24.35 -46.78 2.14
C THR K 123 -25.21 -46.34 0.97
N PRO K 124 -25.15 -47.08 -0.13
CA PRO K 124 -25.87 -46.70 -1.33
C PRO K 124 -27.34 -47.04 -1.24
N VAL K 125 -28.10 -46.50 -2.18
CA VAL K 125 -29.53 -46.74 -2.25
C VAL K 125 -29.81 -47.88 -3.21
N VAL K 126 -30.81 -48.69 -2.90
CA VAL K 126 -31.23 -49.79 -3.73
C VAL K 126 -32.58 -49.45 -4.34
N VAL K 127 -32.60 -49.25 -5.66
CA VAL K 127 -33.82 -49.00 -6.37
C VAL K 127 -34.55 -50.28 -6.70
N GLN K 128 -34.06 -51.02 -7.67
CA GLN K 128 -34.66 -52.30 -8.03
C GLN K 128 -33.55 -53.24 -8.46
N THR K 129 -33.96 -54.34 -9.05
CA THR K 129 -33.12 -55.49 -9.35
C THR K 129 -33.63 -56.11 -10.62
N LYS K 130 -32.73 -56.55 -11.49
CA LYS K 130 -33.11 -57.11 -12.77
C LYS K 130 -32.60 -58.53 -12.92
N LYS K 131 -33.24 -59.23 -13.81
CA LYS K 131 -32.81 -60.54 -14.20
C LYS K 131 -31.93 -60.51 -15.45
N PRO K 132 -31.03 -61.48 -15.56
CA PRO K 132 -30.05 -61.48 -16.63
C PRO K 132 -30.62 -61.93 -17.98
N ASP K 133 -29.84 -61.66 -19.02
CA ASP K 133 -30.15 -62.17 -20.34
C ASP K 133 -29.78 -63.64 -20.45
N ILE K 134 -29.85 -64.18 -21.66
CA ILE K 134 -29.96 -65.62 -21.86
C ILE K 134 -29.29 -66.06 -23.14
N ARG K 135 -28.81 -67.31 -23.15
CA ARG K 135 -28.38 -68.02 -24.35
C ARG K 135 -28.73 -69.50 -24.20
N GLY K 136 -29.41 -70.09 -25.19
CA GLY K 136 -29.99 -71.40 -24.99
C GLY K 136 -30.28 -72.15 -26.28
N VAL K 137 -30.32 -73.49 -26.15
CA VAL K 137 -30.78 -74.39 -27.21
C VAL K 137 -31.50 -75.58 -26.59
N LEU K 138 -31.73 -76.60 -27.42
CA LEU K 138 -32.82 -77.54 -27.24
C LEU K 138 -32.57 -78.87 -27.93
N VAL K 139 -33.27 -79.90 -27.46
CA VAL K 139 -33.42 -81.16 -28.17
C VAL K 139 -34.87 -81.61 -28.03
N VAL K 140 -35.37 -82.30 -29.05
CA VAL K 140 -36.79 -82.66 -29.10
C VAL K 140 -37.00 -83.87 -30.00
N ALA K 141 -37.98 -84.70 -29.64
CA ALA K 141 -38.22 -85.96 -30.35
C ALA K 141 -38.67 -85.73 -31.79
N GLN K 142 -38.92 -84.48 -32.13
CA GLN K 142 -39.32 -84.09 -33.48
C GLN K 142 -39.01 -82.62 -33.61
N GLY K 143 -38.92 -82.08 -34.81
CA GLY K 143 -38.27 -80.80 -34.89
C GLY K 143 -38.05 -80.26 -36.28
N VAL K 144 -36.97 -79.49 -36.41
CA VAL K 144 -36.73 -78.64 -37.56
C VAL K 144 -36.94 -79.32 -38.90
N ASP K 145 -36.90 -80.65 -38.95
CA ASP K 145 -37.25 -81.32 -40.19
C ASP K 145 -38.66 -80.99 -40.64
N ASN K 146 -39.56 -80.66 -39.70
CA ASN K 146 -40.91 -80.24 -40.05
C ASN K 146 -41.00 -78.74 -39.76
N VAL K 147 -41.06 -77.97 -40.83
CA VAL K 147 -40.85 -76.53 -40.77
C VAL K 147 -41.88 -75.90 -39.83
N GLN K 148 -43.05 -76.50 -39.74
CA GLN K 148 -44.12 -75.87 -38.98
C GLN K 148 -44.02 -76.21 -37.50
N ILE K 149 -43.26 -77.23 -37.15
CA ILE K 149 -42.85 -77.37 -35.76
C ILE K 149 -41.51 -76.69 -35.55
N LYS K 150 -40.85 -76.30 -36.65
CA LYS K 150 -39.64 -75.51 -36.54
C LYS K 150 -39.96 -74.08 -36.15
N GLN K 151 -40.78 -73.42 -36.94
CA GLN K 151 -40.99 -71.99 -36.77
C GLN K 151 -41.83 -71.73 -35.53
N THR K 152 -42.74 -72.65 -35.23
CA THR K 152 -43.55 -72.54 -34.03
C THR K 152 -42.69 -72.30 -32.80
N ILE K 153 -41.59 -73.04 -32.69
CA ILE K 153 -40.79 -73.02 -31.48
C ILE K 153 -40.00 -71.74 -31.38
N ILE K 154 -39.25 -71.42 -32.43
CA ILE K 154 -38.41 -70.23 -32.42
C ILE K 154 -39.21 -69.05 -31.92
N GLU K 155 -40.37 -68.82 -32.53
CA GLU K 155 -41.17 -67.67 -32.19
C GLU K 155 -41.71 -67.80 -30.78
N ALA K 156 -41.79 -69.03 -30.29
CA ALA K 156 -42.24 -69.26 -28.92
C ALA K 156 -41.12 -69.01 -27.93
N VAL K 157 -39.90 -69.43 -28.27
CA VAL K 157 -38.80 -69.32 -27.34
C VAL K 157 -38.32 -67.88 -27.25
N THR K 158 -38.04 -67.29 -28.41
CA THR K 158 -37.49 -65.95 -28.42
C THR K 158 -38.39 -64.98 -27.69
N ARG K 159 -39.69 -65.07 -27.93
CA ARG K 159 -40.63 -64.10 -27.40
C ARG K 159 -40.86 -64.28 -25.92
N VAL K 160 -40.46 -65.41 -25.35
CA VAL K 160 -40.52 -65.58 -23.91
C VAL K 160 -39.34 -64.90 -23.24
N LEU K 161 -38.15 -65.14 -23.75
CA LEU K 161 -36.92 -64.83 -23.04
C LEU K 161 -36.26 -63.55 -23.52
N ASP K 162 -36.80 -62.92 -24.56
CA ASP K 162 -36.14 -61.79 -25.22
C ASP K 162 -34.80 -62.22 -25.78
N VAL K 163 -34.80 -63.31 -26.53
CA VAL K 163 -33.59 -63.89 -27.10
C VAL K 163 -33.70 -63.81 -28.62
N PRO K 164 -32.87 -63.02 -29.28
CA PRO K 164 -32.88 -63.01 -30.74
C PRO K 164 -32.58 -64.39 -31.30
N SER K 165 -32.90 -64.57 -32.58
CA SER K 165 -32.78 -65.89 -33.17
C SER K 165 -31.33 -66.38 -33.17
N HIS K 166 -30.39 -65.54 -33.60
CA HIS K 166 -29.03 -66.03 -33.79
C HIS K 166 -28.40 -66.57 -32.52
N ARG K 167 -28.97 -66.29 -31.36
CA ARG K 167 -28.46 -66.81 -30.11
C ARG K 167 -29.21 -68.03 -29.62
N VAL K 168 -30.17 -68.51 -30.39
CA VAL K 168 -30.94 -69.68 -30.02
C VAL K 168 -30.93 -70.65 -31.17
N ALA K 169 -30.91 -71.95 -30.87
CA ALA K 169 -30.79 -72.94 -31.90
C ALA K 169 -31.38 -74.25 -31.40
N VAL K 170 -31.66 -75.15 -32.34
CA VAL K 170 -32.40 -76.36 -32.07
C VAL K 170 -31.83 -77.50 -32.90
N ALA K 171 -32.19 -78.72 -32.51
CA ALA K 171 -31.64 -79.91 -33.11
C ALA K 171 -32.70 -80.97 -33.31
N PRO K 172 -32.68 -81.67 -34.45
CA PRO K 172 -33.63 -82.76 -34.64
C PRO K 172 -33.32 -84.01 -33.82
N LYS K 173 -34.36 -84.82 -33.72
CA LYS K 173 -34.59 -85.95 -32.82
C LYS K 173 -34.28 -85.69 -31.36
N LYS K 174 -34.24 -86.77 -30.58
CA LYS K 174 -33.84 -86.75 -29.18
C LYS K 174 -33.11 -88.03 -28.80
N ILE K 175 -33.87 -89.13 -28.71
CA ILE K 175 -33.30 -90.44 -28.48
C ILE K 175 -33.99 -91.46 -29.38
N LYS K 176 -35.29 -91.64 -29.17
CA LYS K 176 -36.05 -92.74 -29.73
C LYS K 176 -36.87 -92.23 -30.90
N GLU K 177 -36.91 -93.02 -31.97
CA GLU K 177 -37.72 -92.68 -33.12
C GLU K 177 -38.37 -93.94 -33.69
N PRO L 39 -34.92 -59.63 -2.65
CA PRO L 39 -34.22 -60.23 -3.78
C PRO L 39 -35.19 -60.90 -4.75
N LYS L 40 -34.76 -61.95 -5.47
CA LYS L 40 -35.65 -62.66 -6.38
C LYS L 40 -37.00 -63.00 -5.76
N ASP L 41 -37.01 -63.46 -4.50
CA ASP L 41 -38.20 -64.10 -3.95
C ASP L 41 -39.48 -63.32 -4.24
N SER L 42 -39.50 -62.01 -3.98
CA SER L 42 -40.70 -61.24 -4.29
C SER L 42 -41.04 -61.29 -5.77
N ILE L 43 -40.13 -61.79 -6.62
CA ILE L 43 -40.49 -62.05 -8.00
C ILE L 43 -41.39 -63.26 -8.10
N ASP L 44 -40.90 -64.39 -7.58
CA ASP L 44 -41.52 -65.67 -7.89
C ASP L 44 -43.01 -65.63 -7.58
N ASP L 45 -43.35 -64.94 -6.48
CA ASP L 45 -44.76 -64.76 -6.16
C ASP L 45 -45.50 -64.09 -7.31
N TYR L 46 -44.96 -62.98 -7.82
CA TYR L 46 -45.68 -62.26 -8.86
C TYR L 46 -46.04 -63.17 -10.02
N GLU L 47 -45.06 -63.84 -10.59
CA GLU L 47 -45.33 -64.64 -11.78
C GLU L 47 -46.51 -65.58 -11.56
N LYS L 48 -46.43 -66.40 -10.52
CA LYS L 48 -47.51 -67.35 -10.28
C LYS L 48 -48.83 -66.63 -10.10
N GLU L 49 -48.82 -65.51 -9.38
CA GLU L 49 -50.04 -64.73 -9.21
C GLU L 49 -50.63 -64.38 -10.57
N TYR L 50 -49.78 -64.09 -11.55
CA TYR L 50 -50.25 -63.97 -12.92
C TYR L 50 -50.64 -65.31 -13.48
N GLU L 51 -49.73 -66.28 -13.39
CA GLU L 51 -49.90 -67.54 -14.11
C GLU L 51 -51.24 -68.17 -13.80
N ASN L 52 -51.73 -68.00 -12.58
CA ASN L 52 -52.96 -68.66 -12.19
C ASN L 52 -54.18 -67.90 -12.70
N GLN L 53 -54.11 -66.58 -12.72
CA GLN L 53 -55.28 -65.80 -13.13
C GLN L 53 -55.65 -66.10 -14.56
N LEU L 54 -54.74 -65.85 -15.49
CA LEU L 54 -55.02 -66.11 -16.89
C LEU L 54 -55.55 -67.52 -17.07
N LYS L 55 -54.93 -68.47 -16.39
CA LYS L 55 -55.40 -69.84 -16.45
C LYS L 55 -56.89 -69.91 -16.13
N GLU L 56 -57.23 -69.63 -14.87
CA GLU L 56 -58.61 -69.79 -14.42
C GLU L 56 -59.56 -68.96 -15.27
N ILE L 57 -59.08 -67.87 -15.84
CA ILE L 57 -59.94 -66.98 -16.60
C ILE L 57 -60.10 -67.48 -18.02
N LEU L 58 -59.00 -67.90 -18.64
CA LEU L 58 -59.02 -68.16 -20.07
C LEU L 58 -59.74 -69.46 -20.38
N GLU L 59 -59.91 -70.32 -19.39
CA GLU L 59 -60.80 -71.46 -19.59
C GLU L 59 -62.23 -71.00 -19.81
N THR L 60 -62.52 -69.74 -19.51
CA THR L 60 -63.89 -69.23 -19.44
C THR L 60 -64.30 -68.54 -20.72
N ILE L 61 -63.47 -68.56 -21.74
CA ILE L 61 -63.90 -68.10 -23.05
C ILE L 61 -64.42 -69.31 -23.81
N ILE L 62 -64.53 -69.18 -25.12
CA ILE L 62 -65.51 -69.91 -25.90
C ILE L 62 -65.74 -71.39 -25.53
N GLY L 63 -64.78 -72.30 -25.69
CA GLY L 63 -63.34 -72.07 -25.70
C GLY L 63 -62.68 -73.17 -26.51
N VAL L 64 -61.36 -73.33 -26.46
CA VAL L 64 -60.45 -72.87 -25.40
C VAL L 64 -60.86 -73.51 -24.09
N ASP L 65 -60.66 -74.83 -24.00
CA ASP L 65 -61.13 -75.62 -22.88
C ASP L 65 -60.07 -75.91 -21.83
N ASP L 66 -58.83 -75.45 -22.02
CA ASP L 66 -57.78 -75.68 -21.04
C ASP L 66 -56.49 -74.98 -21.45
N VAL L 67 -55.58 -74.74 -20.50
CA VAL L 67 -54.39 -73.95 -20.78
C VAL L 67 -53.29 -74.25 -19.78
N SER L 68 -52.08 -73.89 -20.18
CA SER L 68 -50.89 -73.92 -19.35
C SER L 68 -49.99 -72.80 -19.83
N VAL L 69 -49.31 -72.12 -18.91
CA VAL L 69 -48.65 -70.88 -19.23
C VAL L 69 -47.32 -70.76 -18.51
N VAL L 70 -46.57 -69.75 -18.91
CA VAL L 70 -45.31 -69.36 -18.30
C VAL L 70 -45.16 -67.86 -18.51
N VAL L 71 -44.42 -67.21 -17.62
CA VAL L 71 -44.21 -65.77 -17.70
C VAL L 71 -42.84 -65.41 -17.16
N ASN L 72 -42.27 -64.34 -17.69
CA ASN L 72 -40.98 -63.83 -17.26
C ASN L 72 -41.12 -62.37 -16.85
N VAL L 73 -40.83 -62.11 -15.59
CA VAL L 73 -40.77 -60.76 -15.07
C VAL L 73 -39.37 -60.21 -15.28
N ASP L 74 -39.28 -58.92 -15.56
CA ASP L 74 -38.00 -58.33 -15.93
C ASP L 74 -37.32 -57.70 -14.73
N ALA L 75 -37.94 -57.72 -13.57
CA ALA L 75 -37.41 -56.96 -12.45
C ALA L 75 -38.14 -57.34 -11.17
N THR L 76 -37.70 -56.72 -10.09
CA THR L 76 -38.47 -56.71 -8.86
C THR L 76 -39.18 -55.37 -8.77
N SER L 77 -39.83 -55.11 -7.64
CA SER L 77 -40.62 -53.91 -7.49
C SER L 77 -39.73 -52.67 -7.52
N LEU L 78 -40.21 -51.65 -8.20
CA LEU L 78 -39.47 -50.42 -8.42
C LEU L 78 -39.83 -49.37 -7.38
N LYS L 79 -38.82 -48.85 -6.72
CA LYS L 79 -38.94 -47.68 -5.87
C LYS L 79 -39.06 -46.42 -6.70
N VAL L 80 -39.51 -45.36 -6.07
CA VAL L 80 -39.33 -44.00 -6.55
C VAL L 80 -38.98 -43.13 -5.38
N TYR L 81 -38.12 -42.15 -5.61
CA TYR L 81 -37.64 -41.27 -4.56
C TYR L 81 -37.82 -39.84 -5.01
N GLU L 82 -38.11 -38.97 -4.05
CA GLU L 82 -38.44 -37.60 -4.38
C GLU L 82 -37.18 -36.84 -4.75
N LYS L 83 -37.34 -35.81 -5.55
CA LYS L 83 -36.20 -35.01 -5.97
C LYS L 83 -36.57 -33.54 -6.11
N ASN L 84 -35.69 -32.69 -5.60
CA ASN L 84 -35.65 -31.31 -6.03
C ASN L 84 -35.26 -31.28 -7.50
N LYS L 85 -35.59 -30.18 -8.15
CA LYS L 85 -35.44 -30.12 -9.59
C LYS L 85 -35.20 -28.71 -10.08
N SER L 86 -34.61 -28.64 -11.27
CA SER L 86 -34.38 -27.39 -11.98
C SER L 86 -34.45 -27.75 -13.45
N ASN L 87 -35.05 -26.88 -14.24
CA ASN L 87 -35.26 -27.13 -15.65
C ASN L 87 -35.13 -25.83 -16.42
N LYS L 88 -34.43 -25.89 -17.54
CA LYS L 88 -34.25 -24.71 -18.38
C LYS L 88 -34.39 -25.14 -19.83
N ASN L 89 -35.38 -24.57 -20.51
CA ASN L 89 -35.55 -24.76 -21.94
C ASN L 89 -35.47 -23.41 -22.63
N THR L 90 -34.38 -23.22 -23.36
CA THR L 90 -34.19 -22.01 -24.15
C THR L 90 -34.04 -22.42 -25.60
N THR L 91 -35.03 -22.08 -26.40
CA THR L 91 -34.99 -22.39 -27.82
C THR L 91 -35.38 -21.15 -28.60
N THR L 92 -34.84 -21.02 -29.81
CA THR L 92 -35.22 -19.94 -30.69
C THR L 92 -35.19 -20.40 -32.14
N GLU L 93 -35.83 -19.62 -32.99
CA GLU L 93 -35.88 -19.89 -34.42
C GLU L 93 -35.95 -18.57 -35.16
N GLU L 94 -35.38 -18.53 -36.36
CA GLU L 94 -35.28 -17.30 -37.13
C GLU L 94 -35.42 -17.59 -38.62
N THR L 95 -36.15 -16.72 -39.30
CA THR L 95 -36.10 -16.61 -40.75
C THR L 95 -36.28 -15.15 -41.10
N ASP L 96 -35.89 -14.79 -42.32
CA ASP L 96 -35.94 -13.40 -42.73
C ASP L 96 -36.06 -13.32 -44.25
N LYS L 97 -35.89 -12.11 -44.77
CA LYS L 97 -36.02 -11.81 -46.19
C LYS L 97 -35.17 -12.73 -47.06
N GLU L 98 -33.88 -12.84 -46.76
CA GLU L 98 -32.98 -13.70 -47.51
C GLU L 98 -33.13 -15.12 -47.00
N GLY L 99 -32.54 -15.37 -45.84
CA GLY L 99 -33.03 -16.39 -44.93
C GLY L 99 -32.32 -16.27 -43.61
N GLY L 100 -33.06 -16.54 -42.54
CA GLY L 100 -32.51 -16.51 -41.20
C GLY L 100 -32.51 -17.88 -40.56
N LYS L 101 -32.71 -18.92 -41.39
CA LYS L 101 -33.07 -20.23 -40.86
C LYS L 101 -32.00 -20.65 -39.85
N ARG L 102 -32.44 -20.81 -38.61
CA ARG L 102 -31.59 -21.21 -37.51
C ARG L 102 -32.48 -21.88 -36.50
N SER L 103 -31.96 -22.93 -35.87
CA SER L 103 -32.61 -23.54 -34.73
C SER L 103 -31.57 -23.64 -33.64
N VAL L 104 -31.87 -23.07 -32.49
CA VAL L 104 -31.02 -23.22 -31.31
C VAL L 104 -31.92 -23.74 -30.21
N THR L 105 -31.70 -24.99 -29.80
CA THR L 105 -32.55 -25.61 -28.80
C THR L 105 -31.67 -25.99 -27.61
N ASP L 106 -31.86 -25.31 -26.49
CA ASP L 106 -31.10 -25.53 -25.29
C ASP L 106 -31.99 -26.19 -24.25
N GLN L 107 -31.50 -27.28 -23.68
CA GLN L 107 -32.23 -27.98 -22.64
C GLN L 107 -31.24 -28.35 -21.55
N SER L 108 -31.48 -27.85 -20.35
CA SER L 108 -30.63 -28.13 -19.20
C SER L 108 -31.50 -28.52 -18.03
N SER L 109 -31.16 -29.64 -17.40
CA SER L 109 -31.94 -30.18 -16.30
C SER L 109 -31.00 -30.69 -15.24
N GLU L 110 -31.22 -30.24 -14.02
CA GLU L 110 -30.55 -30.78 -12.86
C GLU L 110 -31.57 -31.46 -11.97
N GLU L 111 -31.16 -32.55 -11.36
CA GLU L 111 -31.99 -33.23 -10.38
C GLU L 111 -31.13 -33.53 -9.16
N GLU L 112 -31.76 -33.48 -8.00
CA GLU L 112 -31.11 -33.78 -6.76
C GLU L 112 -32.11 -34.48 -5.86
N ILE L 113 -31.66 -35.54 -5.21
CA ILE L 113 -32.54 -36.26 -4.32
C ILE L 113 -32.71 -35.51 -3.02
N VAL L 114 -33.75 -35.85 -2.30
CA VAL L 114 -34.04 -35.27 -1.01
C VAL L 114 -33.72 -36.27 0.08
N MET L 115 -33.30 -35.78 1.23
CA MET L 115 -32.90 -36.63 2.32
C MET L 115 -33.44 -36.12 3.64
N ILE L 116 -34.17 -36.99 4.33
CA ILE L 116 -34.65 -36.75 5.68
C ILE L 116 -33.45 -36.70 6.60
N LYS L 117 -33.62 -36.10 7.78
CA LYS L 117 -32.60 -36.10 8.81
C LYS L 117 -33.21 -36.36 10.17
N ASN L 118 -32.64 -37.33 10.86
CA ASN L 118 -32.97 -37.59 12.26
C ASN L 118 -31.63 -37.81 12.98
N GLY L 119 -31.34 -36.94 13.93
CA GLY L 119 -30.07 -37.02 14.62
C GLY L 119 -28.93 -36.99 13.65
N ASP L 120 -28.11 -38.04 13.69
CA ASP L 120 -27.09 -38.28 12.68
C ASP L 120 -27.66 -38.89 11.42
N LYS L 121 -28.75 -39.64 11.52
CA LYS L 121 -29.28 -40.39 10.41
C LYS L 121 -29.75 -39.48 9.29
N GLU L 122 -29.68 -40.00 8.08
CA GLU L 122 -30.13 -39.31 6.88
C GLU L 122 -30.73 -40.36 5.97
N THR L 123 -31.96 -40.15 5.52
CA THR L 123 -32.67 -41.17 4.76
C THR L 123 -33.51 -40.58 3.65
N PRO L 124 -33.68 -41.32 2.56
CA PRO L 124 -34.41 -40.80 1.41
C PRO L 124 -35.91 -40.86 1.62
N VAL L 125 -36.62 -40.18 0.72
CA VAL L 125 -38.07 -40.14 0.77
C VAL L 125 -38.64 -41.20 -0.14
N VAL L 126 -39.75 -41.79 0.27
CA VAL L 126 -40.43 -42.80 -0.52
C VAL L 126 -41.74 -42.21 -1.03
N VAL L 127 -41.82 -42.02 -2.34
CA VAL L 127 -43.02 -41.54 -2.96
C VAL L 127 -44.01 -42.66 -3.21
N GLN L 128 -43.74 -43.48 -4.21
CA GLN L 128 -44.60 -44.62 -4.50
C GLN L 128 -43.74 -45.76 -5.00
N THR L 129 -44.40 -46.76 -5.53
CA THR L 129 -43.82 -48.03 -5.87
C THR L 129 -44.54 -48.56 -7.10
N LYS L 130 -43.80 -49.17 -8.02
CA LYS L 130 -44.38 -49.65 -9.26
C LYS L 130 -44.17 -51.14 -9.42
N LYS L 131 -45.00 -51.70 -10.25
CA LYS L 131 -44.86 -53.08 -10.65
C LYS L 131 -44.09 -53.21 -11.96
N PRO L 132 -43.41 -54.34 -12.12
CA PRO L 132 -42.53 -54.54 -13.27
C PRO L 132 -43.27 -54.87 -14.55
N ASP L 133 -42.54 -54.76 -15.66
CA ASP L 133 -43.05 -55.20 -16.94
C ASP L 133 -42.98 -56.71 -17.05
N ILE L 134 -43.25 -57.24 -18.24
CA ILE L 134 -43.65 -58.63 -18.40
C ILE L 134 -43.16 -59.19 -19.73
N ARG L 135 -42.95 -60.51 -19.75
CA ARG L 135 -42.76 -61.30 -20.97
C ARG L 135 -43.38 -62.68 -20.77
N GLY L 136 -44.23 -63.12 -21.70
CA GLY L 136 -45.03 -64.31 -21.43
C GLY L 136 -45.56 -64.98 -22.68
N VAL L 137 -45.85 -66.28 -22.52
CA VAL L 137 -46.55 -67.09 -23.52
C VAL L 137 -47.44 -68.11 -22.83
N LEU L 138 -47.91 -69.08 -23.63
CA LEU L 138 -49.15 -69.77 -23.34
C LEU L 138 -49.22 -71.13 -24.04
N VAL L 139 -50.07 -72.01 -23.49
CA VAL L 139 -50.52 -73.22 -24.17
C VAL L 139 -52.00 -73.38 -23.91
N VAL L 140 -52.72 -73.96 -24.88
CA VAL L 140 -54.16 -74.04 -24.82
C VAL L 140 -54.68 -75.18 -25.67
N ALA L 141 -55.77 -75.82 -25.23
CA ALA L 141 -56.31 -77.01 -25.90
C ALA L 141 -56.81 -76.69 -27.30
N GLN L 142 -56.84 -75.41 -27.64
CA GLN L 142 -57.27 -74.97 -28.97
C GLN L 142 -56.69 -73.58 -29.14
N GLY L 143 -56.59 -73.08 -30.36
CA GLY L 143 -55.70 -71.94 -30.52
C GLY L 143 -55.50 -71.47 -31.92
N VAL L 144 -54.30 -70.91 -32.15
CA VAL L 144 -53.99 -70.11 -33.33
C VAL L 144 -54.43 -70.77 -34.63
N ASP L 145 -54.65 -72.07 -34.66
CA ASP L 145 -55.22 -72.66 -35.86
C ASP L 145 -56.57 -72.07 -36.21
N ASN L 146 -57.31 -71.57 -35.21
CA ASN L 146 -58.58 -70.91 -35.46
C ASN L 146 -58.36 -69.41 -35.20
N VAL L 147 -58.35 -68.64 -36.27
CA VAL L 147 -57.86 -67.27 -36.25
C VAL L 147 -58.67 -66.45 -35.25
N GLN L 148 -59.94 -66.82 -35.06
CA GLN L 148 -60.80 -65.99 -34.23
C GLN L 148 -60.65 -66.33 -32.76
N ILE L 149 -60.08 -67.48 -32.45
CA ILE L 149 -59.59 -67.69 -31.09
C ILE L 149 -58.13 -67.30 -31.00
N LYS L 150 -57.51 -67.04 -32.14
CA LYS L 150 -56.16 -66.49 -32.14
C LYS L 150 -56.16 -65.03 -31.75
N GLN L 151 -56.89 -64.21 -32.50
CA GLN L 151 -56.81 -62.78 -32.33
C GLN L 151 -57.49 -62.35 -31.04
N THR L 152 -58.53 -63.08 -30.65
CA THR L 152 -59.21 -62.82 -29.39
C THR L 152 -58.22 -62.74 -28.25
N ILE L 153 -57.29 -63.68 -28.21
CA ILE L 153 -56.42 -63.81 -27.06
C ILE L 153 -55.38 -62.70 -27.04
N ILE L 154 -54.67 -62.55 -28.15
CA ILE L 154 -53.62 -61.55 -28.22
C ILE L 154 -54.14 -60.22 -27.69
N GLU L 155 -55.28 -59.78 -28.21
CA GLU L 155 -55.80 -58.49 -27.83
C GLU L 155 -56.26 -58.51 -26.38
N ALA L 156 -56.53 -59.71 -25.87
CA ALA L 156 -56.91 -59.84 -24.47
C ALA L 156 -55.68 -59.81 -23.56
N VAL L 157 -54.61 -60.46 -23.98
CA VAL L 157 -53.43 -60.56 -23.13
C VAL L 157 -52.68 -59.24 -23.12
N THR L 158 -52.38 -58.71 -24.31
CA THR L 158 -51.58 -57.51 -24.38
C THR L 158 -52.22 -56.38 -23.60
N ARG L 159 -53.52 -56.23 -23.73
CA ARG L 159 -54.21 -55.08 -23.16
C ARG L 159 -54.37 -55.21 -21.65
N VAL L 160 -54.15 -56.40 -21.11
CA VAL L 160 -54.13 -56.56 -19.66
C VAL L 160 -52.80 -56.10 -19.09
N LEU L 161 -51.72 -56.57 -19.69
CA LEU L 161 -50.40 -56.51 -19.08
C LEU L 161 -49.54 -55.38 -19.63
N ASP L 162 -50.02 -54.66 -20.62
CA ASP L 162 -49.22 -53.68 -21.36
C ASP L 162 -48.03 -54.36 -22.01
N VAL L 163 -48.30 -55.43 -22.75
CA VAL L 163 -47.27 -56.24 -23.39
C VAL L 163 -47.48 -56.14 -24.90
N PRO L 164 -46.57 -55.53 -25.64
CA PRO L 164 -46.69 -55.52 -27.09
C PRO L 164 -46.70 -56.93 -27.65
N SER L 165 -47.15 -57.05 -28.90
CA SER L 165 -47.32 -58.38 -29.48
C SER L 165 -46.01 -59.13 -29.56
N HIS L 166 -44.96 -58.49 -30.07
CA HIS L 166 -43.74 -59.24 -30.37
C HIS L 166 -43.13 -59.89 -29.14
N ARG L 167 -43.55 -59.49 -27.94
CA ARG L 167 -43.05 -60.10 -26.73
C ARG L 167 -43.97 -61.16 -26.16
N VAL L 168 -45.07 -61.44 -26.85
CA VAL L 168 -46.02 -62.44 -26.40
C VAL L 168 -46.29 -63.41 -27.54
N ALA L 169 -46.49 -64.66 -27.21
CA ALA L 169 -46.64 -65.68 -28.23
C ALA L 169 -47.43 -66.85 -27.66
N VAL L 170 -47.95 -67.67 -28.57
CA VAL L 170 -48.90 -68.71 -28.22
C VAL L 170 -48.62 -69.95 -29.07
N ALA L 171 -49.17 -71.08 -28.62
CA ALA L 171 -48.91 -72.34 -29.25
C ALA L 171 -50.17 -73.19 -29.36
N PRO L 172 -50.37 -73.88 -30.47
CA PRO L 172 -51.53 -74.77 -30.57
C PRO L 172 -51.40 -76.05 -29.76
N LYS L 173 -52.57 -76.65 -29.57
CA LYS L 173 -52.94 -77.70 -28.63
C LYS L 173 -52.48 -77.51 -27.20
N LYS L 174 -52.57 -78.57 -26.41
CA LYS L 174 -52.08 -78.62 -25.05
C LYS L 174 -51.59 -80.02 -24.70
N ILE L 175 -52.53 -80.95 -24.55
CA ILE L 175 -52.21 -82.35 -24.33
C ILE L 175 -53.15 -83.22 -25.15
N LYS L 176 -54.44 -83.15 -24.84
CA LYS L 176 -55.43 -84.09 -25.31
C LYS L 176 -56.24 -83.42 -26.44
N GLU L 177 -56.52 -84.20 -27.49
CA GLU L 177 -57.33 -83.70 -28.59
C GLU L 177 -58.25 -84.81 -29.07
N PRO M 39 -45.85 -51.75 1.01
CA PRO M 39 -45.38 -52.47 -0.16
C PRO M 39 -46.54 -52.95 -1.05
N LYS M 40 -46.37 -54.06 -1.77
CA LYS M 40 -47.44 -54.58 -2.60
C LYS M 40 -48.78 -54.66 -1.87
N ASP M 41 -48.80 -55.10 -0.61
CA ASP M 41 -50.04 -55.51 0.04
C ASP M 41 -51.16 -54.50 -0.17
N SER M 42 -50.91 -53.21 0.06
CA SER M 42 -51.95 -52.21 -0.17
C SER M 42 -52.41 -52.21 -1.62
N ILE M 43 -51.68 -52.87 -2.52
CA ILE M 43 -52.19 -53.05 -3.87
C ILE M 43 -53.31 -54.07 -3.88
N ASP M 44 -53.02 -55.27 -3.38
CA ASP M 44 -53.90 -56.41 -3.62
C ASP M 44 -55.30 -56.08 -3.19
N ASP M 45 -55.43 -55.35 -2.09
CA ASP M 45 -56.75 -54.89 -1.66
C ASP M 45 -57.44 -54.08 -2.76
N TYR M 46 -56.73 -53.10 -3.33
CA TYR M 46 -57.37 -52.26 -4.33
C TYR M 46 -57.99 -53.08 -5.44
N GLU M 47 -57.21 -53.95 -6.07
CA GLU M 47 -57.72 -54.67 -7.23
C GLU M 47 -59.03 -55.36 -6.90
N LYS M 48 -59.04 -56.18 -5.85
CA LYS M 48 -60.25 -56.90 -5.51
C LYS M 48 -61.39 -55.93 -5.25
N GLU M 49 -61.12 -54.84 -4.55
CA GLU M 49 -62.15 -53.84 -4.31
C GLU M 49 -62.76 -53.39 -5.63
N TYR M 50 -61.94 -53.26 -6.66
CA TYR M 50 -62.48 -53.06 -8.00
C TYR M 50 -63.17 -54.31 -8.51
N GLU M 51 -62.45 -55.43 -8.47
CA GLU M 51 -62.92 -56.64 -9.15
C GLU M 51 -64.33 -57.00 -8.74
N ASN M 52 -64.69 -56.73 -7.48
CA ASN M 52 -65.99 -57.14 -6.99
C ASN M 52 -67.07 -56.17 -7.42
N GLN M 53 -66.75 -54.87 -7.46
CA GLN M 53 -67.76 -53.89 -7.80
C GLN M 53 -68.31 -54.12 -9.20
N LEU M 54 -67.43 -54.05 -10.19
CA LEU M 54 -67.88 -54.25 -11.56
C LEU M 54 -68.68 -55.52 -11.68
N LYS M 55 -68.20 -56.59 -11.04
CA LYS M 55 -68.93 -57.84 -11.03
C LYS M 55 -70.36 -57.62 -10.60
N GLU M 56 -70.56 -57.28 -9.33
CA GLU M 56 -71.90 -57.16 -8.77
C GLU M 56 -72.74 -56.17 -9.56
N ILE M 57 -72.09 -55.19 -10.18
CA ILE M 57 -72.83 -54.15 -10.89
C ILE M 57 -73.19 -54.61 -12.29
N LEU M 58 -72.24 -55.23 -12.98
CA LEU M 58 -72.42 -55.49 -14.40
C LEU M 58 -73.40 -56.63 -14.63
N GLU M 59 -73.66 -57.45 -13.63
CA GLU M 59 -74.76 -58.38 -13.73
C GLU M 59 -76.09 -57.66 -13.85
N THR M 60 -76.12 -56.36 -13.55
CA THR M 60 -77.34 -55.60 -13.38
C THR M 60 -77.72 -54.85 -14.65
N ILE M 61 -76.99 -55.03 -15.73
CA ILE M 61 -77.42 -54.50 -17.00
C ILE M 61 -78.22 -55.59 -17.70
N ILE M 62 -78.40 -55.44 -19.00
CA ILE M 62 -79.57 -55.97 -19.69
C ILE M 62 -80.04 -57.37 -19.28
N GLY M 63 -79.29 -58.45 -19.50
CA GLY M 63 -77.85 -58.51 -19.62
C GLY M 63 -77.46 -59.71 -20.46
N VAL M 64 -76.20 -60.13 -20.50
CA VAL M 64 -75.14 -59.84 -19.53
C VAL M 64 -75.57 -60.40 -18.18
N ASP M 65 -75.62 -61.73 -18.08
CA ASP M 65 -76.15 -62.41 -16.92
C ASP M 65 -75.08 -62.90 -15.95
N ASP M 66 -73.80 -62.68 -16.24
CA ASP M 66 -72.74 -63.11 -15.33
C ASP M 66 -71.37 -62.69 -15.86
N VAL M 67 -70.36 -62.61 -14.97
CA VAL M 67 -69.07 -62.08 -15.35
C VAL M 67 -67.98 -62.58 -14.44
N SER M 68 -66.75 -62.45 -14.93
CA SER M 68 -65.53 -62.72 -14.19
C SER M 68 -64.47 -61.79 -14.76
N VAL M 69 -63.60 -61.26 -13.91
CA VAL M 69 -62.73 -60.17 -14.30
C VAL M 69 -61.36 -60.31 -13.68
N VAL M 70 -60.46 -59.46 -14.15
CA VAL M 70 -59.11 -59.32 -13.64
C VAL M 70 -58.69 -57.88 -13.89
N VAL M 71 -57.77 -57.38 -13.07
CA VAL M 71 -57.30 -56.01 -13.19
C VAL M 71 -55.84 -55.92 -12.77
N ASN M 72 -55.12 -54.98 -13.36
CA ASN M 72 -53.72 -54.73 -13.03
C ASN M 72 -53.55 -53.27 -12.63
N VAL M 73 -53.12 -53.07 -11.40
CA VAL M 73 -52.75 -51.76 -10.91
C VAL M 73 -51.30 -51.49 -11.24
N ASP M 74 -50.98 -50.24 -11.55
CA ASP M 74 -49.65 -49.91 -12.02
C ASP M 74 -48.76 -49.42 -10.89
N ALA M 75 -49.29 -49.31 -9.68
CA ALA M 75 -48.54 -48.67 -8.62
C ALA M 75 -49.22 -48.90 -7.28
N THR M 76 -48.59 -48.37 -6.25
CA THR M 76 -49.25 -48.21 -4.97
C THR M 76 -49.68 -46.76 -4.85
N SER M 77 -50.18 -46.38 -3.67
CA SER M 77 -50.70 -45.05 -3.49
C SER M 77 -49.60 -44.01 -3.61
N LEU M 78 -49.93 -42.91 -4.26
CA LEU M 78 -48.99 -41.84 -4.56
C LEU M 78 -49.05 -40.75 -3.52
N LYS M 79 -47.90 -40.44 -2.94
CA LYS M 79 -47.74 -39.26 -2.10
C LYS M 79 -47.68 -38.00 -2.95
N VAL M 80 -47.87 -36.87 -2.30
CA VAL M 80 -47.47 -35.58 -2.82
C VAL M 80 -46.86 -34.78 -1.69
N TYR M 81 -45.85 -33.99 -2.01
CA TYR M 81 -45.13 -33.22 -1.01
C TYR M 81 -45.07 -31.78 -1.46
N GLU M 82 -45.11 -30.87 -0.50
CA GLU M 82 -45.19 -29.46 -0.82
C GLU M 82 -43.85 -28.96 -1.31
N LYS M 83 -43.85 -27.91 -2.11
CA LYS M 83 -42.63 -27.35 -2.63
C LYS M 83 -42.72 -25.84 -2.76
N ASN M 84 -41.65 -25.18 -2.34
CA ASN M 84 -41.38 -23.84 -2.79
C ASN M 84 -41.10 -23.87 -4.28
N LYS M 85 -41.26 -22.73 -4.93
CA LYS M 85 -41.22 -22.72 -6.38
C LYS M 85 -40.74 -21.38 -6.91
N SER M 86 -40.25 -21.43 -8.14
CA SER M 86 -39.84 -20.25 -8.89
C SER M 86 -40.09 -20.59 -10.35
N ASN M 87 -40.57 -19.62 -11.10
CA ASN M 87 -40.93 -19.83 -12.49
C ASN M 87 -40.62 -18.58 -13.28
N LYS M 88 -40.03 -18.77 -14.45
CA LYS M 88 -39.68 -17.66 -15.32
C LYS M 88 -40.02 -18.05 -16.75
N ASN M 89 -40.92 -17.30 -17.37
CA ASN M 89 -41.25 -17.47 -18.77
C ASN M 89 -40.95 -16.17 -19.49
N THR M 90 -39.92 -16.18 -20.30
CA THR M 90 -39.56 -15.04 -21.13
C THR M 90 -39.60 -15.47 -22.58
N THR M 91 -40.57 -14.94 -23.31
CA THR M 91 -40.68 -15.25 -24.72
C THR M 91 -40.89 -13.97 -25.49
N THR M 92 -40.43 -13.96 -26.74
CA THR M 92 -40.66 -12.81 -27.61
C THR M 92 -40.84 -13.28 -29.05
N GLU M 93 -41.38 -12.39 -29.86
CA GLU M 93 -41.59 -12.65 -31.27
C GLU M 93 -41.46 -11.34 -32.04
N GLU M 94 -40.99 -11.42 -33.26
CA GLU M 94 -40.71 -10.23 -34.07
C GLU M 94 -41.02 -10.50 -35.54
N THR M 95 -41.62 -9.49 -36.17
CA THR M 95 -41.66 -9.41 -37.62
C THR M 95 -41.58 -7.94 -37.99
N ASP M 96 -41.22 -7.66 -39.24
CA ASP M 96 -41.04 -6.29 -39.67
C ASP M 96 -41.26 -6.19 -41.18
N LYS M 97 -40.89 -5.04 -41.73
CA LYS M 97 -41.08 -4.73 -43.14
C LYS M 97 -40.49 -5.79 -44.06
N GLU M 98 -39.22 -6.15 -43.85
CA GLU M 98 -38.57 -7.16 -44.65
C GLU M 98 -38.94 -8.53 -44.11
N GLY M 99 -38.33 -8.90 -42.99
CA GLY M 99 -38.94 -9.79 -42.04
C GLY M 99 -38.12 -9.81 -40.77
N GLY M 100 -38.81 -9.92 -39.64
CA GLY M 100 -38.17 -10.00 -38.35
C GLY M 100 -38.37 -11.35 -37.69
N LYS M 101 -38.83 -12.32 -38.47
CA LYS M 101 -39.39 -13.54 -37.90
C LYS M 101 -38.37 -14.16 -36.97
N ARG M 102 -38.71 -14.23 -35.70
CA ARG M 102 -37.88 -14.78 -34.66
C ARG M 102 -38.81 -15.27 -33.57
N SER M 103 -38.45 -16.40 -32.97
CA SER M 103 -39.12 -16.87 -31.77
C SER M 103 -38.04 -17.16 -30.76
N VAL M 104 -38.13 -16.54 -29.60
CA VAL M 104 -37.24 -16.85 -28.48
C VAL M 104 -38.14 -17.19 -27.31
N THR M 105 -38.13 -18.45 -26.89
CA THR M 105 -38.99 -18.90 -25.82
C THR M 105 -38.12 -19.43 -24.70
N ASP M 106 -38.10 -18.72 -23.58
CA ASP M 106 -37.29 -19.09 -22.43
C ASP M 106 -38.22 -19.56 -21.32
N GLN M 107 -37.91 -20.72 -20.78
CA GLN M 107 -38.67 -21.26 -19.67
C GLN M 107 -37.68 -21.81 -18.64
N SER M 108 -37.73 -21.28 -17.44
CA SER M 108 -36.87 -21.71 -16.35
C SER M 108 -37.71 -21.93 -15.12
N SER M 109 -37.54 -23.10 -14.50
CA SER M 109 -38.33 -23.47 -13.34
C SER M 109 -37.42 -24.14 -12.33
N GLU M 110 -37.45 -23.66 -11.11
CA GLU M 110 -36.81 -24.32 -9.99
C GLU M 110 -37.87 -24.78 -9.02
N GLU M 111 -37.64 -25.93 -8.42
CA GLU M 111 -38.50 -26.42 -7.37
C GLU M 111 -37.63 -26.88 -6.22
N GLU M 112 -38.15 -26.71 -5.01
CA GLU M 112 -37.47 -27.14 -3.82
C GLU M 112 -38.51 -27.63 -2.84
N ILE M 113 -38.22 -28.75 -2.20
CA ILE M 113 -39.15 -29.30 -1.24
C ILE M 113 -39.08 -28.51 0.06
N VAL M 114 -40.10 -28.65 0.87
CA VAL M 114 -40.18 -28.01 2.17
C VAL M 114 -39.98 -29.06 3.23
N MET M 115 -39.39 -28.66 4.34
CA MET M 115 -39.06 -29.57 5.42
C MET M 115 -39.39 -28.95 6.77
N ILE M 116 -40.23 -29.65 7.52
CA ILE M 116 -40.54 -29.34 8.90
C ILE M 116 -39.28 -29.52 9.72
N LYS M 117 -39.26 -28.91 10.90
CA LYS M 117 -38.17 -29.08 11.85
C LYS M 117 -38.72 -29.22 13.26
N ASN M 118 -38.29 -30.28 13.93
CA ASN M 118 -38.55 -30.47 15.35
C ASN M 118 -37.24 -30.94 15.97
N GLY M 119 -36.71 -30.14 16.88
CA GLY M 119 -35.43 -30.46 17.48
C GLY M 119 -34.37 -30.66 16.42
N ASP M 120 -33.78 -31.86 16.41
CA ASP M 120 -32.91 -32.29 15.34
C ASP M 120 -33.68 -32.78 14.13
N LYS M 121 -34.88 -33.30 14.33
CA LYS M 121 -35.63 -33.95 13.27
C LYS M 121 -36.00 -32.95 12.18
N GLU M 122 -36.13 -33.48 10.97
CA GLU M 122 -36.52 -32.72 9.80
C GLU M 122 -37.39 -33.63 8.95
N THR M 123 -38.58 -33.19 8.60
CA THR M 123 -39.53 -34.06 7.91
C THR M 123 -40.32 -33.32 6.86
N PRO M 124 -40.72 -34.00 5.80
CA PRO M 124 -41.43 -33.37 4.70
C PRO M 124 -42.89 -33.13 5.02
N VAL M 125 -43.51 -32.33 4.17
CA VAL M 125 -44.92 -32.01 4.32
C VAL M 125 -45.76 -32.95 3.47
N VAL M 126 -46.92 -33.31 3.98
CA VAL M 126 -47.85 -34.17 3.25
C VAL M 126 -49.04 -33.35 2.83
N VAL M 127 -49.18 -33.13 1.53
CA VAL M 127 -50.32 -32.43 0.99
C VAL M 127 -51.52 -33.34 0.84
N GLN M 128 -51.50 -34.20 -0.16
CA GLN M 128 -52.58 -35.15 -0.36
C GLN M 128 -51.99 -36.44 -0.91
N THR M 129 -52.87 -37.30 -1.37
CA THR M 129 -52.57 -38.66 -1.73
C THR M 129 -53.47 -39.04 -2.89
N LYS M 130 -52.94 -39.78 -3.85
CA LYS M 130 -53.71 -40.14 -5.04
C LYS M 130 -53.80 -41.64 -5.19
N LYS M 131 -54.78 -42.04 -5.95
CA LYS M 131 -54.94 -43.42 -6.33
C LYS M 131 -54.31 -43.71 -7.69
N PRO M 132 -53.88 -44.93 -7.89
CA PRO M 132 -53.14 -45.30 -9.09
C PRO M 132 -54.04 -45.49 -10.31
N ASP M 133 -53.38 -45.53 -11.47
CA ASP M 133 -54.06 -45.86 -12.71
C ASP M 133 -54.30 -47.36 -12.79
N ILE M 134 -54.75 -47.82 -13.95
CA ILE M 134 -55.42 -49.11 -14.05
C ILE M 134 -55.17 -49.77 -15.41
N ARG M 135 -55.20 -51.10 -15.42
CA ARG M 135 -55.26 -51.90 -16.63
C ARG M 135 -56.12 -53.15 -16.37
N GLY M 136 -57.11 -53.42 -17.22
CA GLY M 136 -58.10 -54.43 -16.87
C GLY M 136 -58.84 -54.99 -18.07
N VAL M 137 -59.38 -56.21 -17.86
CA VAL M 137 -60.29 -56.86 -18.80
C VAL M 137 -61.30 -57.70 -18.02
N LEU M 138 -62.01 -58.54 -18.76
CA LEU M 138 -63.34 -58.99 -18.38
C LEU M 138 -63.72 -60.31 -19.04
N VAL M 139 -64.68 -61.01 -18.41
CA VAL M 139 -65.40 -62.11 -19.04
C VAL M 139 -66.87 -61.98 -18.67
N VAL M 140 -67.74 -62.41 -19.57
CA VAL M 140 -69.18 -62.21 -19.40
C VAL M 140 -69.96 -63.24 -20.19
N ALA M 141 -71.12 -63.64 -19.66
CA ALA M 141 -71.93 -64.71 -20.27
C ALA M 141 -72.46 -64.31 -21.64
N GLN M 142 -72.28 -63.05 -21.99
CA GLN M 142 -72.70 -62.54 -23.28
C GLN M 142 -71.89 -61.29 -23.53
N GLY M 143 -71.78 -60.82 -24.76
CA GLY M 143 -70.72 -59.87 -25.00
C GLY M 143 -70.52 -59.44 -26.42
N VAL M 144 -69.27 -59.13 -26.75
CA VAL M 144 -68.91 -58.42 -27.97
C VAL M 144 -69.56 -58.97 -29.21
N ASP M 145 -70.03 -60.22 -29.21
CA ASP M 145 -70.80 -60.68 -30.35
C ASP M 145 -72.04 -59.84 -30.60
N ASN M 146 -72.59 -59.21 -29.56
CA ASN M 146 -73.72 -58.31 -29.73
C ASN M 146 -73.20 -56.88 -29.51
N VAL M 147 -73.11 -56.13 -30.59
CA VAL M 147 -72.37 -54.88 -30.63
C VAL M 147 -72.93 -53.92 -29.59
N GLN M 148 -74.22 -54.02 -29.31
CA GLN M 148 -74.84 -53.05 -28.42
C GLN M 148 -74.65 -53.41 -26.96
N ILE M 149 -74.28 -54.65 -26.67
CA ILE M 149 -73.75 -54.96 -25.35
C ILE M 149 -72.23 -54.85 -25.38
N LYS M 150 -71.65 -54.72 -26.57
CA LYS M 150 -70.23 -54.43 -26.68
C LYS M 150 -69.92 -53.00 -26.31
N GLN M 151 -70.54 -52.06 -27.02
CA GLN M 151 -70.18 -50.67 -26.88
C GLN M 151 -70.65 -50.12 -25.55
N THR M 152 -71.79 -50.63 -25.08
CA THR M 152 -72.31 -50.24 -23.77
C THR M 152 -71.24 -50.35 -22.70
N ILE M 153 -70.50 -51.45 -22.72
CA ILE M 153 -69.57 -51.75 -21.64
C ILE M 153 -68.35 -50.86 -21.72
N ILE M 154 -67.71 -50.85 -22.88
CA ILE M 154 -66.50 -50.06 -23.05
C ILE M 154 -66.71 -48.67 -22.50
N GLU M 155 -67.78 -48.02 -22.94
CA GLU M 155 -68.02 -46.64 -22.54
C GLU M 155 -68.34 -46.58 -21.06
N ALA M 156 -68.81 -47.70 -20.51
CA ALA M 156 -69.09 -47.75 -19.09
C ALA M 156 -67.82 -47.95 -18.27
N VAL M 157 -66.92 -48.81 -18.76
CA VAL M 157 -65.72 -49.13 -18.01
C VAL M 157 -64.74 -47.97 -18.07
N THR M 158 -64.44 -47.52 -19.29
CA THR M 158 -63.43 -46.50 -19.44
C THR M 158 -63.77 -45.26 -18.63
N ARG M 159 -65.03 -44.85 -18.68
CA ARG M 159 -65.44 -43.60 -18.06
C ARG M 159 -65.49 -43.69 -16.55
N VAL M 160 -65.47 -44.90 -16.00
CA VAL M 160 -65.37 -45.05 -14.55
C VAL M 160 -63.93 -44.87 -14.10
N LEU M 161 -63.01 -45.54 -14.77
CA LEU M 161 -61.67 -45.73 -14.26
C LEU M 161 -60.65 -44.79 -14.89
N ASP M 162 -61.06 -43.99 -15.86
CA ASP M 162 -60.15 -43.19 -16.68
C ASP M 162 -59.16 -44.09 -17.40
N VAL M 163 -59.69 -45.09 -18.09
CA VAL M 163 -58.89 -46.07 -18.80
C VAL M 163 -59.19 -45.95 -20.29
N PRO M 164 -58.24 -45.53 -21.11
CA PRO M 164 -58.47 -45.50 -22.55
C PRO M 164 -58.79 -46.89 -23.08
N SER M 165 -59.35 -46.92 -24.29
CA SER M 165 -59.82 -48.18 -24.83
C SER M 165 -58.69 -49.18 -25.00
N HIS M 166 -57.58 -48.76 -25.60
CA HIS M 166 -56.56 -49.72 -25.97
C HIS M 166 -55.98 -50.47 -24.78
N ARG M 167 -56.22 -50.01 -23.57
CA ARG M 167 -55.76 -50.70 -22.38
C ARG M 167 -56.82 -51.55 -21.72
N VAL M 168 -58.00 -51.62 -22.32
CA VAL M 168 -59.09 -52.41 -21.79
C VAL M 168 -59.62 -53.31 -22.89
N ALA M 169 -60.05 -54.51 -22.52
CA ALA M 169 -60.47 -55.47 -23.50
C ALA M 169 -61.42 -56.46 -22.86
N VAL M 170 -62.16 -57.18 -23.71
CA VAL M 170 -63.25 -58.02 -23.28
C VAL M 170 -63.29 -59.28 -24.12
N ALA M 171 -64.02 -60.28 -23.62
CA ALA M 171 -64.05 -61.58 -24.24
C ALA M 171 -65.46 -62.16 -24.24
N PRO M 172 -65.86 -62.80 -25.33
CA PRO M 172 -67.18 -63.45 -25.32
C PRO M 172 -67.24 -64.73 -24.50
N LYS M 173 -68.48 -65.09 -24.21
CA LYS M 173 -68.97 -66.06 -23.23
C LYS M 173 -68.37 -65.94 -21.84
N LYS M 174 -68.61 -66.97 -21.03
CA LYS M 174 -68.04 -67.12 -19.71
C LYS M 174 -67.80 -68.59 -19.37
N ILE M 175 -68.89 -69.30 -19.13
CA ILE M 175 -68.83 -70.75 -18.91
C ILE M 175 -69.98 -71.42 -19.65
N LYS M 176 -71.20 -71.09 -19.24
CA LYS M 176 -72.39 -71.83 -19.62
C LYS M 176 -73.13 -71.02 -20.70
N GLU M 177 -73.64 -71.72 -21.71
CA GLU M 177 -74.42 -71.09 -22.75
C GLU M 177 -75.57 -72.00 -23.15
N PRO N 39 -54.76 -41.89 5.36
CA PRO N 39 -54.52 -42.69 4.16
C PRO N 39 -55.81 -42.94 3.38
N LYS N 40 -55.93 -44.07 2.66
CA LYS N 40 -57.14 -44.37 1.92
C LYS N 40 -58.41 -44.18 2.74
N ASP N 41 -58.40 -44.61 4.01
CA ASP N 41 -59.65 -44.76 4.76
C ASP N 41 -60.57 -43.56 4.62
N SER N 42 -60.05 -42.34 4.81
CA SER N 42 -60.90 -41.17 4.65
C SER N 42 -61.46 -41.07 3.23
N ILE N 43 -60.95 -41.87 2.30
CA ILE N 43 -61.58 -41.94 0.99
C ILE N 43 -62.88 -42.73 1.08
N ASP N 44 -62.78 -43.97 1.57
CA ASP N 44 -63.87 -44.91 1.42
C ASP N 44 -65.16 -44.31 1.96
N ASP N 45 -65.06 -43.56 3.04
CA ASP N 45 -66.23 -42.86 3.56
C ASP N 45 -66.83 -41.95 2.50
N TYR N 46 -66.00 -41.12 1.86
CA TYR N 46 -66.53 -40.16 0.91
C TYR N 46 -67.38 -40.86 -0.14
N GLU N 47 -66.83 -41.86 -0.82
CA GLU N 47 -67.56 -42.48 -1.92
C GLU N 47 -68.95 -42.89 -1.48
N LYS N 48 -69.03 -43.70 -0.42
CA LYS N 48 -70.34 -44.16 0.02
C LYS N 48 -71.25 -42.99 0.35
N GLU N 49 -70.72 -41.98 1.01
CA GLU N 49 -71.51 -40.80 1.31
C GLU N 49 -72.12 -40.23 0.03
N TYR N 50 -71.38 -40.28 -1.07
CA TYR N 50 -71.97 -39.97 -2.37
C TYR N 50 -72.92 -41.07 -2.80
N GLU N 51 -72.44 -42.31 -2.80
CA GLU N 51 -73.18 -43.40 -3.41
C GLU N 51 -74.60 -43.48 -2.89
N ASN N 52 -74.79 -43.14 -1.63
CA ASN N 52 -76.11 -43.29 -1.02
C ASN N 52 -77.01 -42.13 -1.38
N GLN N 53 -76.46 -40.93 -1.49
CA GLN N 53 -77.28 -39.76 -1.76
C GLN N 53 -77.96 -39.88 -3.10
N LEU N 54 -77.18 -39.99 -4.17
CA LEU N 54 -77.75 -40.10 -5.50
C LEU N 54 -78.79 -41.20 -5.52
N LYS N 55 -78.48 -42.33 -4.90
CA LYS N 55 -79.43 -43.42 -4.82
C LYS N 55 -80.76 -42.92 -4.28
N GLU N 56 -80.79 -42.55 -3.01
CA GLU N 56 -82.03 -42.18 -2.36
C GLU N 56 -82.72 -41.04 -3.09
N ILE N 57 -81.95 -40.20 -3.78
CA ILE N 57 -82.51 -39.05 -4.45
C ILE N 57 -83.08 -39.43 -5.80
N LEU N 58 -82.32 -40.23 -6.56
CA LEU N 58 -82.65 -40.45 -7.96
C LEU N 58 -83.84 -41.38 -8.11
N GLU N 59 -84.18 -42.12 -7.06
CA GLU N 59 -85.46 -42.83 -7.06
C GLU N 59 -86.62 -41.86 -7.09
N THR N 60 -86.37 -40.59 -6.82
CA THR N 60 -87.41 -39.60 -6.58
C THR N 60 -87.73 -38.79 -7.82
N ILE N 61 -87.12 -39.12 -8.94
CA ILE N 61 -87.55 -38.51 -10.20
C ILE N 61 -88.59 -39.43 -10.81
N ILE N 62 -88.84 -39.26 -12.09
CA ILE N 62 -90.13 -39.55 -12.68
C ILE N 62 -90.85 -40.83 -12.23
N GLY N 63 -90.34 -42.04 -12.47
CA GLY N 63 -88.94 -42.37 -12.69
C GLY N 63 -88.86 -43.63 -13.55
N VAL N 64 -87.71 -44.29 -13.67
CA VAL N 64 -86.55 -44.21 -12.78
C VAL N 64 -86.97 -44.66 -11.40
N ASP N 65 -87.25 -45.95 -11.29
CA ASP N 65 -87.82 -46.52 -10.07
C ASP N 65 -86.80 -47.21 -9.18
N ASP N 66 -85.53 -47.24 -9.56
CA ASP N 66 -84.51 -47.87 -8.73
C ASP N 66 -83.13 -47.72 -9.36
N VAL N 67 -82.07 -47.84 -8.57
CA VAL N 67 -80.72 -47.56 -9.04
C VAL N 67 -79.67 -48.27 -8.20
N SER N 68 -78.49 -48.38 -8.79
CA SER N 68 -77.29 -48.88 -8.14
C SER N 68 -76.12 -48.17 -8.80
N VAL N 69 -75.10 -47.82 -8.03
CA VAL N 69 -74.07 -46.90 -8.50
C VAL N 69 -72.71 -47.31 -7.98
N VAL N 70 -71.70 -46.66 -8.54
CA VAL N 70 -70.32 -46.78 -8.14
C VAL N 70 -69.64 -45.45 -8.44
N VAL N 71 -68.58 -45.14 -7.70
CA VAL N 71 -67.87 -43.89 -7.88
C VAL N 71 -66.39 -44.08 -7.56
N ASN N 72 -65.55 -43.29 -8.22
CA ASN N 72 -64.11 -43.32 -8.00
C ASN N 72 -63.64 -41.93 -7.64
N VAL N 73 -63.08 -41.80 -6.46
CA VAL N 73 -62.43 -40.59 -6.02
C VAL N 73 -60.98 -40.61 -6.46
N ASP N 74 -60.45 -39.45 -6.81
CA ASP N 74 -59.11 -39.38 -7.38
C ASP N 74 -58.07 -39.06 -6.34
N ALA N 75 -58.47 -38.85 -5.10
CA ALA N 75 -57.53 -38.37 -4.10
C ALA N 75 -58.14 -38.45 -2.72
N THR N 76 -57.35 -38.06 -1.74
CA THR N 76 -57.85 -37.77 -0.41
C THR N 76 -57.99 -36.26 -0.29
N SER N 77 -58.31 -35.79 0.91
CA SER N 77 -58.56 -34.38 1.12
C SER N 77 -57.28 -33.57 0.91
N LEU N 78 -57.45 -32.44 0.24
CA LEU N 78 -56.34 -31.58 -0.14
C LEU N 78 -56.11 -30.48 0.89
N LYS N 79 -54.88 -30.39 1.37
CA LYS N 79 -54.43 -29.27 2.17
C LYS N 79 -54.19 -28.05 1.31
N VAL N 80 -54.11 -26.90 1.96
CA VAL N 80 -53.51 -25.71 1.38
C VAL N 80 -52.67 -25.05 2.45
N TYR N 81 -51.56 -24.47 2.05
CA TYR N 81 -50.63 -23.85 2.96
C TYR N 81 -50.33 -22.45 2.48
N GLU N 82 -50.12 -21.55 3.43
CA GLU N 82 -49.96 -20.14 3.09
C GLU N 82 -48.57 -19.92 2.50
N LYS N 83 -48.45 -18.90 1.68
CA LYS N 83 -47.18 -18.58 1.06
C LYS N 83 -46.98 -17.09 0.92
N ASN N 84 -45.78 -16.64 1.24
CA ASN N 84 -45.28 -15.38 0.74
C ASN N 84 -45.14 -15.47 -0.76
N LYS N 85 -45.13 -14.32 -1.42
CA LYS N 85 -45.19 -14.32 -2.87
C LYS N 85 -44.51 -13.10 -3.45
N SER N 86 -44.12 -13.24 -4.71
CA SER N 86 -43.56 -12.18 -5.51
C SER N 86 -43.98 -12.46 -6.94
N ASN N 87 -44.32 -11.41 -7.68
CA ASN N 87 -44.82 -11.56 -9.03
C ASN N 87 -44.34 -10.39 -9.87
N LYS N 88 -43.88 -10.70 -11.07
CA LYS N 88 -43.40 -9.68 -11.98
C LYS N 88 -43.92 -9.99 -13.37
N ASN N 89 -44.70 -9.09 -13.93
CA ASN N 89 -45.16 -9.20 -15.31
C ASN N 89 -44.68 -7.97 -16.06
N THR N 90 -43.72 -8.19 -16.96
CA THR N 90 -43.22 -7.15 -17.82
C THR N 90 -43.46 -7.57 -19.26
N THR N 91 -44.35 -6.86 -19.93
CA THR N 91 -44.63 -7.15 -21.32
C THR N 91 -44.65 -5.84 -22.10
N THR N 92 -44.30 -5.93 -23.38
CA THR N 92 -44.36 -4.77 -24.24
C THR N 92 -44.74 -5.19 -25.65
N GLU N 93 -45.16 -4.21 -26.45
CA GLU N 93 -45.53 -4.43 -27.83
C GLU N 93 -45.21 -3.17 -28.61
N GLU N 94 -44.85 -3.34 -29.89
CA GLU N 94 -44.41 -2.24 -30.72
C GLU N 94 -44.88 -2.44 -32.15
N THR N 95 -45.33 -1.35 -32.76
CA THR N 95 -45.45 -1.26 -34.21
C THR N 95 -45.12 0.18 -34.61
N ASP N 96 -44.81 0.37 -35.88
CA ASP N 96 -44.40 1.69 -36.35
C ASP N 96 -44.72 1.82 -37.83
N LYS N 97 -44.17 2.87 -38.43
CA LYS N 97 -44.41 3.22 -39.83
C LYS N 97 -44.11 2.06 -40.78
N GLU N 98 -42.92 1.46 -40.67
CA GLU N 98 -42.54 0.33 -41.50
C GLU N 98 -43.13 -0.94 -40.89
N GLY N 99 -42.51 -1.41 -39.82
CA GLY N 99 -43.21 -2.17 -38.81
C GLY N 99 -42.31 -2.34 -37.60
N GLY N 100 -42.92 -2.32 -36.42
CA GLY N 100 -42.21 -2.52 -35.18
C GLY N 100 -42.63 -3.79 -34.50
N LYS N 101 -43.32 -4.67 -35.22
CA LYS N 101 -44.06 -5.74 -34.58
C LYS N 101 -43.10 -6.55 -33.73
N ARG N 102 -43.36 -6.55 -32.44
CA ARG N 102 -42.57 -7.24 -31.44
C ARG N 102 -43.49 -7.55 -30.28
N SER N 103 -43.30 -8.71 -29.69
CA SER N 103 -43.96 -9.05 -28.43
C SER N 103 -42.88 -9.54 -27.51
N VAL N 104 -42.76 -8.92 -26.35
CA VAL N 104 -41.86 -9.39 -25.29
C VAL N 104 -42.72 -9.53 -24.06
N THR N 105 -42.93 -10.78 -23.63
CA THR N 105 -43.78 -11.05 -22.48
C THR N 105 -42.94 -11.75 -21.41
N ASP N 106 -42.68 -11.04 -20.32
CA ASP N 106 -41.89 -11.56 -19.22
C ASP N 106 -42.79 -11.84 -18.05
N GLN N 107 -42.67 -13.04 -17.49
CA GLN N 107 -43.44 -13.43 -16.33
C GLN N 107 -42.51 -14.15 -15.38
N SER N 108 -42.35 -13.61 -14.17
CA SER N 108 -41.50 -14.21 -13.16
C SER N 108 -42.27 -14.24 -11.84
N SER N 109 -42.29 -15.42 -11.23
CA SER N 109 -43.04 -15.63 -10.01
C SER N 109 -42.21 -16.47 -9.05
N GLU N 110 -42.05 -15.98 -7.84
CA GLU N 110 -41.46 -16.75 -6.77
C GLU N 110 -42.52 -17.00 -5.71
N GLU N 111 -42.46 -18.17 -5.11
CA GLU N 111 -43.32 -18.49 -3.99
C GLU N 111 -42.47 -19.10 -2.90
N GLU N 112 -42.86 -18.83 -1.67
CA GLU N 112 -42.18 -19.38 -0.51
C GLU N 112 -43.22 -19.66 0.54
N ILE N 113 -43.10 -20.81 1.19
CA ILE N 113 -44.04 -21.16 2.23
C ILE N 113 -43.72 -20.41 3.50
N VAL N 114 -44.69 -20.34 4.38
CA VAL N 114 -44.55 -19.70 5.67
C VAL N 114 -44.46 -20.77 6.74
N MET N 115 -43.72 -20.47 7.80
CA MET N 115 -43.50 -21.43 8.86
C MET N 115 -43.60 -20.76 10.22
N ILE N 116 -44.49 -21.29 11.04
CA ILE N 116 -44.63 -20.91 12.43
C ILE N 116 -43.37 -21.33 13.17
N LYS N 117 -43.13 -20.73 14.32
CA LYS N 117 -42.04 -21.11 15.19
C LYS N 117 -42.49 -21.13 16.64
N ASN N 118 -42.23 -22.26 17.29
CA ASN N 118 -42.41 -22.40 18.73
C ASN N 118 -41.17 -23.10 19.26
N GLY N 119 -40.42 -22.42 20.11
CA GLY N 119 -39.19 -22.98 20.62
C GLY N 119 -38.28 -23.39 19.48
N ASP N 120 -37.93 -24.67 19.47
CA ASP N 120 -37.23 -25.27 18.34
C ASP N 120 -38.18 -25.60 17.20
N LYS N 121 -39.45 -25.88 17.49
CA LYS N 121 -40.38 -26.36 16.50
C LYS N 121 -40.64 -25.33 15.43
N GLU N 122 -40.95 -25.82 14.24
CA GLU N 122 -41.29 -24.99 13.09
C GLU N 122 -42.37 -25.73 12.33
N THR N 123 -43.48 -25.07 12.05
CA THR N 123 -44.63 -25.74 11.46
C THR N 123 -45.35 -24.86 10.46
N PRO N 124 -45.94 -25.47 9.44
CA PRO N 124 -46.60 -24.70 8.39
C PRO N 124 -47.96 -24.19 8.81
N VAL N 125 -48.48 -23.28 8.00
CA VAL N 125 -49.78 -22.69 8.25
C VAL N 125 -50.84 -23.46 7.47
N VAL N 126 -52.01 -23.58 8.07
CA VAL N 126 -53.14 -24.25 7.44
C VAL N 126 -54.19 -23.21 7.09
N VAL N 127 -54.39 -22.98 5.80
CA VAL N 127 -55.40 -22.07 5.34
C VAL N 127 -56.76 -22.73 5.29
N GLN N 128 -56.98 -23.58 4.31
CA GLN N 128 -58.24 -24.31 4.20
C GLN N 128 -57.95 -25.68 3.64
N THR N 129 -59.02 -26.35 3.25
CA THR N 129 -59.02 -27.75 2.89
C THR N 129 -60.06 -27.95 1.81
N LYS N 130 -59.76 -28.78 0.82
CA LYS N 130 -60.66 -29.00 -0.29
C LYS N 130 -61.06 -30.45 -0.41
N LYS N 131 -62.15 -30.64 -1.08
CA LYS N 131 -62.60 -31.97 -1.43
C LYS N 131 -62.15 -32.37 -2.83
N PRO N 132 -61.98 -33.67 -3.04
CA PRO N 132 -61.43 -34.17 -4.28
C PRO N 132 -62.42 -34.19 -5.43
N ASP N 133 -61.88 -34.35 -6.63
CA ASP N 133 -62.70 -34.55 -7.81
C ASP N 133 -63.22 -35.98 -7.85
N ILE N 134 -63.85 -36.36 -8.97
CA ILE N 134 -64.77 -37.48 -8.99
C ILE N 134 -64.74 -38.17 -10.35
N ARG N 135 -65.04 -39.48 -10.34
CA ARG N 135 -65.35 -40.26 -11.53
C ARG N 135 -66.41 -41.32 -11.19
N GLY N 136 -67.49 -41.39 -11.96
CA GLY N 136 -68.63 -42.18 -11.51
C GLY N 136 -69.55 -42.60 -12.64
N VAL N 137 -70.29 -43.69 -12.38
CA VAL N 137 -71.40 -44.16 -13.23
C VAL N 137 -72.48 -44.78 -12.36
N LEU N 138 -73.39 -45.47 -13.03
CA LEU N 138 -74.75 -45.66 -12.54
C LEU N 138 -75.42 -46.88 -13.15
N VAL N 139 -76.44 -47.38 -12.45
CA VAL N 139 -77.42 -48.31 -12.99
C VAL N 139 -78.80 -47.91 -12.51
N VAL N 140 -79.82 -48.16 -13.35
CA VAL N 140 -81.16 -47.67 -13.07
C VAL N 140 -82.19 -48.54 -13.79
N ALA N 141 -83.36 -48.71 -13.16
CA ALA N 141 -84.39 -49.60 -13.69
C ALA N 141 -84.94 -49.11 -15.01
N GLN N 142 -84.55 -47.91 -15.41
CA GLN N 142 -84.97 -47.33 -16.67
C GLN N 142 -83.95 -46.26 -17.00
N GLY N 143 -83.85 -45.82 -18.24
CA GLY N 143 -82.64 -45.10 -18.58
C GLY N 143 -82.48 -44.72 -20.03
N VAL N 144 -81.22 -44.66 -20.44
CA VAL N 144 -80.82 -44.04 -21.69
C VAL N 144 -81.66 -44.46 -22.89
N ASP N 145 -82.37 -45.59 -22.82
CA ASP N 145 -83.29 -45.90 -23.90
C ASP N 145 -84.35 -44.83 -24.06
N ASN N 146 -84.70 -44.10 -23.00
CA ASN N 146 -85.64 -42.99 -23.10
C ASN N 146 -84.84 -41.70 -22.94
N VAL N 147 -84.70 -40.98 -24.04
CA VAL N 147 -83.73 -39.90 -24.15
C VAL N 147 -84.01 -38.85 -23.10
N GLN N 148 -85.28 -38.70 -22.71
CA GLN N 148 -85.63 -37.62 -21.80
C GLN N 148 -85.39 -38.00 -20.35
N ILE N 149 -85.25 -39.29 -20.07
CA ILE N 149 -84.68 -39.70 -18.79
C ILE N 149 -83.19 -39.87 -18.93
N LYS N 150 -82.69 -39.86 -20.16
CA LYS N 150 -81.25 -39.87 -20.38
C LYS N 150 -80.64 -38.52 -20.06
N GLN N 151 -81.13 -37.48 -20.74
CA GLN N 151 -80.48 -36.18 -20.66
C GLN N 151 -80.75 -35.55 -19.31
N THR N 152 -81.92 -35.83 -18.73
CA THR N 152 -82.24 -35.34 -17.41
C THR N 152 -81.14 -35.65 -16.41
N ILE N 153 -80.63 -36.88 -16.47
CA ILE N 153 -79.70 -37.35 -15.45
C ILE N 153 -78.34 -36.72 -15.64
N ILE N 154 -77.80 -36.83 -16.84
CA ILE N 154 -76.48 -36.30 -17.11
C ILE N 154 -76.37 -34.88 -16.57
N GLU N 155 -77.32 -34.04 -16.95
CA GLU N 155 -77.26 -32.65 -16.56
C GLU N 155 -77.46 -32.51 -15.05
N ALA N 156 -78.08 -33.51 -14.45
CA ALA N 156 -78.27 -33.51 -13.01
C ALA N 156 -76.99 -33.95 -12.30
N VAL N 157 -76.33 -34.96 -12.84
CA VAL N 157 -75.15 -35.51 -12.17
C VAL N 157 -73.97 -34.58 -12.32
N THR N 158 -73.68 -34.19 -13.56
CA THR N 158 -72.50 -33.38 -13.81
C THR N 158 -72.55 -32.10 -13.00
N ARG N 159 -73.70 -31.45 -12.95
CA ARG N 159 -73.81 -30.15 -12.34
C ARG N 159 -73.76 -30.22 -10.83
N VAL N 160 -73.93 -31.41 -10.26
CA VAL N 160 -73.75 -31.57 -8.82
C VAL N 160 -72.27 -31.68 -8.48
N LEU N 161 -71.56 -32.51 -9.20
CA LEU N 161 -70.24 -32.95 -8.79
C LEU N 161 -69.11 -32.23 -9.51
N ASP N 162 -69.44 -31.36 -10.47
CA ASP N 162 -68.45 -30.76 -11.36
C ASP N 162 -67.71 -31.85 -12.14
N VAL N 163 -68.48 -32.72 -12.77
CA VAL N 163 -67.94 -33.84 -13.52
C VAL N 163 -68.32 -33.66 -14.98
N PRO N 164 -67.37 -33.44 -15.88
CA PRO N 164 -67.70 -33.37 -17.30
C PRO N 164 -68.33 -34.66 -17.77
N SER N 165 -68.98 -34.60 -18.94
CA SER N 165 -69.72 -35.74 -19.42
C SER N 165 -68.82 -36.94 -19.66
N HIS N 166 -67.69 -36.75 -20.35
CA HIS N 166 -66.91 -37.88 -20.78
C HIS N 166 -66.40 -38.73 -19.63
N ARG N 167 -66.45 -38.23 -18.41
CA ARG N 167 -66.04 -39.00 -17.24
C ARG N 167 -67.20 -39.62 -16.49
N VAL N 168 -68.41 -39.46 -17.01
CA VAL N 168 -69.59 -40.03 -16.37
C VAL N 168 -70.36 -40.81 -17.42
N ALA N 169 -70.99 -41.90 -17.00
CA ALA N 169 -71.65 -42.77 -17.93
C ALA N 169 -72.74 -43.55 -17.19
N VAL N 170 -73.65 -44.11 -17.98
CA VAL N 170 -74.86 -44.72 -17.45
C VAL N 170 -75.20 -45.96 -18.27
N ALA N 171 -76.06 -46.80 -17.69
CA ALA N 171 -76.39 -48.07 -18.30
C ALA N 171 -77.88 -48.37 -18.18
N PRO N 172 -78.49 -48.92 -19.21
CA PRO N 172 -79.90 -49.30 -19.10
C PRO N 172 -80.15 -50.55 -18.25
N LYS N 173 -81.41 -50.65 -17.88
CA LYS N 173 -82.00 -51.50 -16.85
C LYS N 173 -81.29 -51.50 -15.50
N LYS N 174 -81.66 -52.46 -14.65
CA LYS N 174 -81.01 -52.71 -13.37
C LYS N 174 -81.04 -54.20 -13.03
N ILE N 175 -82.22 -54.69 -12.69
CA ILE N 175 -82.42 -56.12 -12.46
C ILE N 175 -83.73 -56.56 -13.10
N LYS N 176 -84.84 -56.01 -12.61
CA LYS N 176 -86.18 -56.49 -12.89
C LYS N 176 -86.83 -55.56 -13.91
N GLU N 177 -87.54 -56.15 -14.87
CA GLU N 177 -88.25 -55.39 -15.86
C GLU N 177 -89.59 -56.06 -16.15
N PRO O 39 -61.24 -30.49 10.17
CA PRO O 39 -61.24 -31.34 8.97
C PRO O 39 -62.62 -31.32 8.30
N LYS O 40 -62.99 -32.40 7.61
CA LYS O 40 -64.31 -32.47 6.97
C LYS O 40 -65.45 -32.04 7.89
N ASP O 41 -65.43 -32.46 9.15
CA ASP O 41 -66.61 -32.36 9.99
C ASP O 41 -67.29 -31.01 9.90
N SER O 42 -66.54 -29.91 10.04
CA SER O 42 -67.16 -28.59 9.91
C SER O 42 -67.79 -28.40 8.55
N ILE O 43 -67.51 -29.28 7.58
CA ILE O 43 -68.25 -29.24 6.33
C ILE O 43 -69.67 -29.76 6.53
N ASP O 44 -69.77 -30.99 7.05
CA ASP O 44 -71.03 -31.70 6.99
C ASP O 44 -72.14 -30.86 7.60
N ASP O 45 -71.81 -30.15 8.67
CA ASP O 45 -72.77 -29.23 9.27
C ASP O 45 -73.27 -28.22 8.24
N TYR O 46 -72.34 -27.57 7.52
CA TYR O 46 -72.76 -26.54 6.58
C TYR O 46 -73.80 -27.05 5.63
N GLU O 47 -73.51 -28.13 4.93
CA GLU O 47 -74.43 -28.61 3.89
C GLU O 47 -75.83 -28.74 4.45
N LYS O 48 -75.99 -29.51 5.52
CA LYS O 48 -77.32 -29.71 6.07
C LYS O 48 -77.97 -28.39 6.44
N GLU O 49 -77.19 -27.50 7.04
CA GLU O 49 -77.72 -26.18 7.38
C GLU O 49 -78.31 -25.52 6.15
N TYR O 50 -77.67 -25.70 4.99
CA TYR O 50 -78.29 -25.30 3.74
C TYR O 50 -79.47 -26.19 3.40
N GLU O 51 -79.24 -27.50 3.38
CA GLU O 51 -80.22 -28.43 2.84
C GLU O 51 -81.59 -28.23 3.48
N ASN O 52 -81.61 -27.85 4.75
CA ASN O 52 -82.87 -27.75 5.45
C ASN O 52 -83.56 -26.43 5.14
N GLN O 53 -82.80 -25.36 4.97
CA GLN O 53 -83.41 -24.05 4.75
C GLN O 53 -84.20 -24.05 3.46
N LEU O 54 -83.52 -24.31 2.34
CA LEU O 54 -84.22 -24.31 1.05
C LEU O 54 -85.45 -25.19 1.13
N LYS O 55 -85.31 -26.35 1.75
CA LYS O 55 -86.44 -27.24 1.92
C LYS O 55 -87.61 -26.49 2.54
N GLU O 56 -87.46 -26.12 3.81
CA GLU O 56 -88.56 -25.51 4.55
C GLU O 56 -89.07 -24.26 3.85
N ILE O 57 -88.21 -23.59 3.09
CA ILE O 57 -88.59 -22.34 2.44
C ILE O 57 -89.32 -22.63 1.14
N LEU O 58 -88.79 -23.55 0.35
CA LEU O 58 -89.27 -23.70 -1.02
C LEU O 58 -90.63 -24.38 -1.06
N GLU O 59 -91.02 -25.06 0.02
CA GLU O 59 -92.40 -25.50 0.13
C GLU O 59 -93.36 -24.32 0.17
N THR O 60 -92.84 -23.12 0.40
CA THR O 60 -93.65 -21.95 0.70
C THR O 60 -93.91 -21.09 -0.53
N ILE O 61 -93.47 -21.54 -1.69
CA ILE O 61 -93.86 -20.86 -2.92
C ILE O 61 -95.10 -21.56 -3.43
N ILE O 62 -95.41 -21.34 -4.70
CA ILE O 62 -96.78 -21.38 -5.18
C ILE O 62 -97.68 -22.49 -4.65
N GLY O 63 -97.44 -23.79 -4.92
CA GLY O 63 -96.16 -24.38 -5.24
C GLY O 63 -96.38 -25.63 -6.07
N VAL O 64 -95.40 -26.50 -6.27
CA VAL O 64 -94.17 -26.64 -5.47
C VAL O 64 -94.56 -27.01 -4.06
N ASP O 65 -95.09 -28.22 -3.90
CA ASP O 65 -95.66 -28.66 -2.63
C ASP O 65 -94.72 -29.53 -1.81
N ASP O 66 -93.51 -29.81 -2.29
CA ASP O 66 -92.57 -30.62 -1.52
C ASP O 66 -91.25 -30.73 -2.26
N VAL O 67 -90.16 -31.06 -1.54
CA VAL O 67 -88.83 -31.05 -2.13
C VAL O 67 -87.88 -31.95 -1.36
N SER O 68 -86.79 -32.29 -2.04
CA SER O 68 -85.66 -33.01 -1.46
C SER O 68 -84.44 -32.55 -2.23
N VAL O 69 -83.31 -32.40 -1.53
CA VAL O 69 -82.16 -31.70 -2.10
C VAL O 69 -80.87 -32.37 -1.68
N VAL O 70 -79.80 -31.91 -2.33
CA VAL O 70 -78.43 -32.31 -2.02
C VAL O 70 -77.55 -31.13 -2.39
N VAL O 71 -76.39 -31.03 -1.74
CA VAL O 71 -75.46 -29.93 -2.00
C VAL O 71 -74.04 -30.41 -1.79
N ASN O 72 -73.11 -29.81 -2.52
CA ASN O 72 -71.69 -30.10 -2.42
C ASN O 72 -70.92 -28.84 -2.12
N VAL O 73 -70.26 -28.81 -0.98
CA VAL O 73 -69.36 -27.75 -0.61
C VAL O 73 -67.98 -28.06 -1.16
N ASP O 74 -67.27 -27.01 -1.57
CA ASP O 74 -65.99 -27.21 -2.25
C ASP O 74 -64.82 -27.10 -1.28
N ALA O 75 -65.08 -26.82 -0.02
CA ALA O 75 -63.99 -26.52 0.90
C ALA O 75 -64.50 -26.48 2.32
N THR O 76 -63.58 -26.25 3.23
CA THR O 76 -63.90 -25.86 4.59
C THR O 76 -63.74 -24.35 4.70
N SER O 77 -63.88 -23.84 5.91
CA SER O 77 -63.82 -22.40 6.11
C SER O 77 -62.44 -21.85 5.79
N LEU O 78 -62.43 -20.71 5.12
CA LEU O 78 -61.20 -20.08 4.64
C LEU O 78 -60.70 -19.05 5.62
N LYS O 79 -59.44 -19.20 6.02
CA LYS O 79 -58.72 -18.19 6.76
C LYS O 79 -58.32 -17.04 5.86
N VAL O 80 -57.97 -15.93 6.48
CA VAL O 80 -57.20 -14.87 5.84
C VAL O 80 -56.17 -14.38 6.84
N TYR O 81 -55.00 -14.03 6.34
CA TYR O 81 -53.89 -13.60 7.17
C TYR O 81 -53.37 -12.28 6.64
N GLU O 82 -52.91 -11.44 7.55
CA GLU O 82 -52.51 -10.10 7.18
C GLU O 82 -51.17 -10.15 6.49
N LYS O 83 -50.91 -9.17 5.64
CA LYS O 83 -49.65 -9.10 4.92
C LYS O 83 -49.18 -7.67 4.74
N ASN O 84 -47.89 -7.46 4.97
CA ASN O 84 -47.20 -6.33 4.42
C ASN O 84 -47.19 -6.45 2.91
N LYS O 85 -47.02 -5.33 2.23
CA LYS O 85 -47.19 -5.31 0.79
C LYS O 85 -46.34 -4.25 0.14
N SER O 86 -46.09 -4.47 -1.15
CA SER O 86 -45.38 -3.53 -2.01
C SER O 86 -45.95 -3.73 -3.39
N ASN O 87 -46.14 -2.64 -4.13
CA ASN O 87 -46.77 -2.69 -5.43
C ASN O 87 -46.13 -1.64 -6.31
N LYS O 88 -45.84 -2.03 -7.55
CA LYS O 88 -45.25 -1.13 -8.51
C LYS O 88 -45.92 -1.34 -9.85
N ASN O 89 -46.56 -0.30 -10.37
CA ASN O 89 -47.13 -0.32 -11.70
C ASN O 89 -46.48 0.79 -12.52
N THR O 90 -45.65 0.39 -13.48
CA THR O 90 -45.02 1.32 -14.39
C THR O 90 -45.45 0.95 -15.80
N THR O 91 -46.24 1.81 -16.41
CA THR O 91 -46.69 1.57 -17.77
C THR O 91 -46.51 2.86 -18.56
N THR O 92 -46.28 2.71 -19.86
CA THR O 92 -46.18 3.86 -20.75
C THR O 92 -46.75 3.51 -22.11
N GLU O 93 -47.03 4.56 -22.88
CA GLU O 93 -47.54 4.41 -24.24
C GLU O 93 -47.04 5.58 -25.07
N GLU O 94 -46.82 5.34 -26.36
CA GLU O 94 -46.24 6.33 -27.25
C GLU O 94 -46.86 6.23 -28.64
N THR O 95 -47.12 7.39 -29.23
CA THR O 95 -47.35 7.50 -30.66
C THR O 95 -46.77 8.83 -31.10
N ASP O 96 -46.54 8.96 -32.41
CA ASP O 96 -45.91 10.17 -32.92
C ASP O 96 -46.31 10.36 -34.38
N LYS O 97 -45.62 11.29 -35.04
CA LYS O 97 -45.89 11.67 -36.42
C LYS O 97 -45.90 10.47 -37.36
N GLU O 98 -44.85 9.67 -37.32
CA GLU O 98 -44.76 8.47 -38.18
C GLU O 98 -45.53 7.34 -37.51
N GLY O 99 -44.94 6.77 -36.47
CA GLY O 99 -45.68 6.16 -35.40
C GLY O 99 -44.75 5.82 -34.26
N GLY O 100 -45.25 5.96 -33.04
CA GLY O 100 -44.49 5.63 -31.85
C GLY O 100 -45.09 4.46 -31.12
N LYS O 101 -46.00 3.73 -31.77
CA LYS O 101 -46.88 2.82 -31.06
C LYS O 101 -46.03 1.84 -30.27
N ARG O 102 -46.18 1.90 -28.95
CA ARG O 102 -45.47 1.06 -28.02
C ARG O 102 -46.33 0.95 -26.78
N SER O 103 -46.33 -0.23 -26.19
CA SER O 103 -46.95 -0.43 -24.88
C SER O 103 -45.91 -1.13 -24.03
N VAL O 104 -45.58 -0.53 -22.90
CA VAL O 104 -44.72 -1.16 -21.91
C VAL O 104 -45.49 -1.14 -20.60
N THR O 105 -45.89 -2.32 -20.14
CA THR O 105 -46.69 -2.42 -18.92
C THR O 105 -45.93 -3.27 -17.92
N ASP O 106 -45.45 -2.62 -16.86
CA ASP O 106 -44.69 -3.29 -15.82
C ASP O 106 -45.54 -3.38 -14.56
N GLN O 107 -45.61 -4.57 -14.01
CA GLN O 107 -46.35 -4.80 -12.78
C GLN O 107 -45.49 -5.69 -11.89
N SER O 108 -45.15 -5.19 -10.71
CA SER O 108 -44.35 -5.93 -9.74
C SER O 108 -45.01 -5.82 -8.39
N SER O 109 -45.21 -6.97 -7.75
CA SER O 109 -45.89 -7.03 -6.47
C SER O 109 -45.17 -8.02 -5.57
N GLU O 110 -44.82 -7.56 -4.38
CA GLU O 110 -44.31 -8.44 -3.34
C GLU O 110 -45.31 -8.47 -2.20
N GLU O 111 -45.44 -9.63 -1.59
CA GLU O 111 -46.25 -9.77 -0.40
C GLU O 111 -45.45 -10.54 0.64
N GLU O 112 -45.68 -10.19 1.88
CA GLU O 112 -45.03 -10.86 3.00
C GLU O 112 -46.03 -10.92 4.13
N ILE O 113 -46.08 -12.08 4.78
CA ILE O 113 -46.99 -12.24 5.90
C ILE O 113 -46.42 -11.56 7.13
N VAL O 114 -47.30 -11.30 8.08
CA VAL O 114 -46.93 -10.70 9.34
C VAL O 114 -46.98 -11.76 10.42
N MET O 115 -46.11 -11.62 11.41
CA MET O 115 -45.99 -12.60 12.47
C MET O 115 -45.87 -11.91 13.82
N ILE O 116 -46.77 -12.26 14.72
CA ILE O 116 -46.73 -11.86 16.12
C ILE O 116 -45.52 -12.51 16.76
N LYS O 117 -45.09 -11.96 17.88
CA LYS O 117 -44.02 -12.55 18.67
C LYS O 117 -44.35 -12.49 20.15
N ASN O 118 -44.26 -13.64 20.80
CA ASN O 118 -44.36 -13.74 22.25
C ASN O 118 -43.24 -14.67 22.70
N GLY O 119 -42.31 -14.14 23.48
CA GLY O 119 -41.18 -14.93 23.90
C GLY O 119 -40.44 -15.51 22.71
N ASP O 120 -40.35 -16.83 22.68
CA ASP O 120 -39.87 -17.56 21.51
C ASP O 120 -40.96 -17.70 20.45
N LYS O 121 -42.23 -17.73 20.85
CA LYS O 121 -43.31 -18.03 19.93
C LYS O 121 -43.44 -16.96 18.87
N GLU O 122 -43.94 -17.39 17.71
CA GLU O 122 -44.19 -16.52 16.58
C GLU O 122 -45.45 -17.03 15.92
N THR O 123 -46.44 -16.17 15.71
CA THR O 123 -47.73 -16.60 15.22
C THR O 123 -48.34 -15.60 14.26
N PRO O 124 -49.12 -16.08 13.30
CA PRO O 124 -49.69 -15.21 12.29
C PRO O 124 -50.90 -14.44 12.80
N VAL O 125 -51.29 -13.46 12.01
CA VAL O 125 -52.43 -12.62 12.36
C VAL O 125 -53.68 -13.17 11.68
N VAL O 126 -54.80 -13.06 12.36
CA VAL O 126 -56.09 -13.50 11.83
C VAL O 126 -56.93 -12.28 11.55
N VAL O 127 -57.19 -12.01 10.28
CA VAL O 127 -58.03 -10.92 9.87
C VAL O 127 -59.49 -11.31 9.94
N GLN O 128 -59.96 -12.11 8.98
CA GLN O 128 -61.33 -12.57 8.99
C GLN O 128 -61.36 -13.98 8.42
N THR O 129 -62.57 -14.42 8.14
CA THR O 129 -62.86 -15.81 7.80
C THR O 129 -64.00 -15.80 6.80
N LYS O 130 -63.94 -16.67 5.81
CA LYS O 130 -64.95 -16.71 4.77
C LYS O 130 -65.63 -18.06 4.70
N LYS O 131 -66.79 -18.05 4.12
CA LYS O 131 -67.51 -19.26 3.83
C LYS O 131 -67.25 -19.74 2.41
N PRO O 132 -67.35 -21.05 2.21
CA PRO O 132 -67.01 -21.65 0.93
C PRO O 132 -68.08 -21.47 -0.14
N ASP O 133 -67.67 -21.74 -1.37
CA ASP O 133 -68.60 -21.78 -2.48
C ASP O 133 -69.40 -23.08 -2.46
N ILE O 134 -70.17 -23.32 -3.51
CA ILE O 134 -71.28 -24.26 -3.46
C ILE O 134 -71.50 -24.94 -4.80
N ARG O 135 -72.04 -26.17 -4.75
CA ARG O 135 -72.59 -26.87 -5.89
C ARG O 135 -73.79 -27.70 -5.45
N GLY O 136 -74.94 -27.57 -6.13
CA GLY O 136 -76.16 -28.12 -5.60
C GLY O 136 -77.24 -28.35 -6.65
N VAL O 137 -78.14 -29.28 -6.31
CA VAL O 137 -79.37 -29.52 -7.07
C VAL O 137 -80.49 -29.93 -6.12
N LEU O 138 -81.58 -30.44 -6.70
CA LEU O 138 -82.89 -30.34 -6.10
C LEU O 138 -83.85 -31.41 -6.64
N VAL O 139 -84.88 -31.70 -5.85
CA VAL O 139 -86.05 -32.44 -6.30
C VAL O 139 -87.29 -31.77 -5.74
N VAL O 140 -88.39 -31.83 -6.48
CA VAL O 140 -89.59 -31.10 -6.12
C VAL O 140 -90.83 -31.74 -6.73
N ALA O 141 -91.95 -31.68 -6.01
CA ALA O 141 -93.18 -32.36 -6.44
C ALA O 141 -93.73 -31.77 -7.73
N GLN O 142 -93.14 -30.67 -8.18
CA GLN O 142 -93.54 -30.02 -9.42
C GLN O 142 -92.36 -29.16 -9.84
N GLY O 143 -92.27 -28.76 -11.10
CA GLY O 143 -90.98 -28.29 -11.52
C GLY O 143 -90.85 -27.95 -12.99
N VAL O 144 -89.64 -28.14 -13.50
CA VAL O 144 -89.23 -27.61 -14.79
C VAL O 144 -90.23 -27.86 -15.91
N ASP O 145 -91.13 -28.82 -15.77
CA ASP O 145 -92.18 -28.96 -16.77
C ASP O 145 -93.03 -27.70 -16.88
N ASN O 146 -93.13 -26.92 -15.80
CA ASN O 146 -93.85 -25.65 -15.85
C ASN O 146 -92.81 -24.55 -15.77
N VAL O 147 -92.61 -23.86 -16.90
CA VAL O 147 -91.47 -22.98 -17.10
C VAL O 147 -91.46 -21.89 -16.04
N GLN O 148 -92.64 -21.51 -15.56
CA GLN O 148 -92.70 -20.38 -14.65
C GLN O 148 -92.43 -20.79 -13.21
N ILE O 149 -92.52 -22.09 -12.92
CA ILE O 149 -91.95 -22.59 -11.68
C ILE O 149 -90.53 -23.06 -11.93
N LYS O 150 -90.14 -23.15 -13.20
CA LYS O 150 -88.75 -23.43 -13.53
C LYS O 150 -87.86 -22.22 -13.27
N GLN O 151 -88.19 -21.11 -13.93
CA GLN O 151 -87.30 -19.96 -13.91
C GLN O 151 -87.33 -19.29 -12.56
N THR O 152 -88.49 -19.33 -11.90
CA THR O 152 -88.61 -18.79 -10.56
C THR O 152 -87.52 -19.31 -9.64
N ILE O 153 -87.25 -20.61 -9.72
CA ILE O 153 -86.37 -21.25 -8.77
C ILE O 153 -84.92 -20.89 -9.06
N ILE O 154 -84.51 -21.11 -10.31
CA ILE O 154 -83.13 -20.84 -10.69
C ILE O 154 -82.71 -19.48 -10.18
N GLU O 155 -83.51 -18.47 -10.49
CA GLU O 155 -83.15 -17.11 -10.14
C GLU O 155 -83.20 -16.94 -8.63
N ALA O 156 -83.96 -17.80 -7.96
CA ALA O 156 -84.02 -17.76 -6.51
C ALA O 156 -82.82 -18.44 -5.88
N VAL O 157 -82.39 -19.56 -6.46
CA VAL O 157 -81.30 -20.32 -5.87
C VAL O 157 -79.97 -19.63 -6.13
N THR O 158 -79.71 -19.31 -7.39
CA THR O 158 -78.43 -18.74 -7.74
C THR O 158 -78.16 -17.48 -6.95
N ARG O 159 -79.17 -16.62 -6.83
CA ARG O 159 -78.97 -15.32 -6.23
C ARG O 159 -78.82 -15.39 -4.72
N VAL O 160 -79.17 -16.52 -4.12
CA VAL O 160 -78.91 -16.72 -2.71
C VAL O 160 -77.46 -17.10 -2.47
N LEU O 161 -76.98 -18.07 -3.23
CA LEU O 161 -75.75 -18.76 -2.92
C LEU O 161 -74.55 -18.27 -3.73
N ASP O 162 -74.79 -17.35 -4.67
CA ASP O 162 -73.76 -16.96 -5.65
C ASP O 162 -73.31 -18.16 -6.46
N VAL O 163 -74.28 -18.88 -7.02
CA VAL O 163 -74.03 -20.08 -7.79
C VAL O 163 -74.48 -19.84 -9.22
N PRO O 164 -73.58 -19.81 -10.19
CA PRO O 164 -74.00 -19.67 -11.58
C PRO O 164 -74.90 -20.82 -11.99
N SER O 165 -75.61 -20.63 -13.10
CA SER O 165 -76.60 -21.62 -13.51
C SER O 165 -75.96 -22.96 -13.80
N HIS O 166 -74.88 -22.99 -14.57
CA HIS O 166 -74.36 -24.27 -15.04
C HIS O 166 -73.95 -25.19 -13.91
N ARG O 167 -73.80 -24.69 -12.69
CA ARG O 167 -73.46 -25.51 -11.55
C ARG O 167 -74.65 -25.90 -10.72
N VAL O 168 -75.85 -25.51 -11.13
CA VAL O 168 -77.06 -25.84 -10.40
C VAL O 168 -78.05 -26.46 -11.37
N ALA O 169 -78.83 -27.40 -10.89
CA ALA O 169 -79.73 -28.13 -11.76
C ALA O 169 -80.87 -28.69 -10.93
N VAL O 170 -81.94 -29.06 -11.63
CA VAL O 170 -83.20 -29.43 -11.00
C VAL O 170 -83.84 -30.57 -11.77
N ALA O 171 -84.80 -31.23 -11.13
CA ALA O 171 -85.42 -32.41 -11.66
C ALA O 171 -86.92 -32.41 -11.44
N PRO O 172 -87.71 -32.83 -12.42
CA PRO O 172 -89.14 -32.94 -12.19
C PRO O 172 -89.56 -34.11 -11.31
N LYS O 173 -90.78 -33.97 -10.83
CA LYS O 173 -91.44 -34.69 -9.74
C LYS O 173 -90.65 -34.83 -8.46
N LYS O 174 -91.13 -35.70 -7.57
CA LYS O 174 -90.45 -36.07 -6.34
C LYS O 174 -90.74 -37.51 -5.97
N ILE O 175 -91.96 -37.77 -5.54
CA ILE O 175 -92.42 -39.14 -5.27
C ILE O 175 -93.83 -39.31 -5.79
N LYS O 176 -94.77 -38.54 -5.23
CA LYS O 176 -96.20 -38.77 -5.41
C LYS O 176 -96.73 -37.73 -6.39
N GLU O 177 -97.61 -38.17 -7.29
CA GLU O 177 -98.25 -37.28 -8.23
C GLU O 177 -99.69 -37.69 -8.41
N PRO P 39 -65.00 -18.03 15.28
CA PRO P 39 -65.26 -18.85 14.10
C PRO P 39 -66.66 -18.58 13.54
N LYS P 40 -67.28 -19.57 12.89
CA LYS P 40 -68.63 -19.39 12.35
C LYS P 40 -69.59 -18.74 13.34
N ASP P 41 -69.55 -19.15 14.61
CA ASP P 41 -70.63 -18.83 15.54
C ASP P 41 -71.04 -17.36 15.47
N SER P 42 -70.08 -16.43 15.53
CA SER P 42 -70.44 -15.03 15.44
C SER P 42 -71.13 -14.71 14.12
N ILE P 43 -71.10 -15.63 13.16
CA ILE P 43 -71.92 -15.45 11.96
C ILE P 43 -73.38 -15.69 12.27
N ASP P 44 -73.68 -16.87 12.81
CA ASP P 44 -75.06 -17.33 12.86
C ASP P 44 -75.93 -16.30 13.55
N ASP P 45 -75.39 -15.65 14.57
CA ASP P 45 -76.10 -14.56 15.22
C ASP P 45 -76.47 -13.48 14.21
N TYR P 46 -75.50 -13.02 13.42
CA TYR P 46 -75.78 -11.93 12.51
C TYR P 46 -76.98 -12.23 11.63
N GLU P 47 -76.96 -13.36 10.93
CA GLU P 47 -78.02 -13.65 9.97
C GLU P 47 -79.38 -13.50 10.64
N LYS P 48 -79.60 -14.22 11.73
CA LYS P 48 -80.90 -14.17 12.38
C LYS P 48 -81.24 -12.75 12.78
N GLU P 49 -80.27 -12.01 13.30
CA GLU P 49 -80.50 -10.63 13.66
C GLU P 49 -81.05 -9.86 12.46
N TYR P 50 -80.55 -10.16 11.27
CA TYR P 50 -81.17 -9.65 10.05
C TYR P 50 -82.53 -10.30 9.82
N GLU P 51 -82.55 -11.63 9.80
CA GLU P 51 -83.73 -12.35 9.36
C GLU P 51 -84.98 -11.89 10.09
N ASN P 52 -84.84 -11.52 11.35
CA ASN P 52 -86.00 -11.16 12.15
C ASN P 52 -86.44 -9.74 11.86
N GLN P 53 -85.50 -8.83 11.62
CA GLN P 53 -85.86 -7.44 11.42
C GLN P 53 -86.73 -7.28 10.19
N LEU P 54 -86.21 -7.66 9.03
CA LEU P 54 -86.98 -7.54 7.81
C LEU P 54 -88.35 -8.17 7.99
N LYS P 55 -88.39 -9.33 8.61
CA LYS P 55 -89.66 -9.98 8.89
C LYS P 55 -90.61 -9.02 9.58
N GLU P 56 -90.30 -8.68 10.83
CA GLU P 56 -91.19 -7.87 11.63
C GLU P 56 -91.51 -6.55 10.96
N ILE P 57 -90.59 -6.06 10.12
CA ILE P 57 -90.78 -4.76 9.48
C ILE P 57 -91.65 -4.90 8.24
N LEU P 58 -91.36 -5.91 7.42
CA LEU P 58 -91.98 -5.98 6.10
C LEU P 58 -93.44 -6.38 6.18
N GLU P 59 -93.86 -6.96 7.30
CA GLU P 59 -95.29 -7.13 7.51
C GLU P 59 -96.00 -5.79 7.61
N THR P 60 -95.24 -4.70 7.77
CA THR P 60 -95.78 -3.40 8.12
C THR P 60 -95.96 -2.51 6.90
N ILE P 61 -95.71 -3.03 5.71
CA ILE P 61 -96.06 -2.30 4.51
C ILE P 61 -97.45 -2.75 4.10
N ILE P 62 -97.81 -2.48 2.86
CA ILE P 62 -99.19 -2.25 2.47
C ILE P 62 -100.25 -3.18 3.09
N GLY P 63 -100.27 -4.48 2.83
CA GLY P 63 -99.16 -5.31 2.42
C GLY P 63 -99.69 -6.50 1.64
N VAL P 64 -98.91 -7.55 1.37
CA VAL P 64 -97.68 -7.92 2.09
C VAL P 64 -98.02 -8.20 3.53
N ASP P 65 -98.76 -9.29 3.75
CA ASP P 65 -99.30 -9.61 5.06
C ASP P 65 -98.48 -10.64 5.83
N ASP P 66 -97.39 -11.15 5.26
CA ASP P 66 -96.57 -12.13 5.98
C ASP P 66 -95.35 -12.50 5.13
N VAL P 67 -94.31 -13.02 5.78
CA VAL P 67 -93.04 -13.27 5.10
C VAL P 67 -92.23 -14.33 5.81
N SER P 68 -91.27 -14.88 5.05
CA SER P 68 -90.27 -15.81 5.55
C SER P 68 -89.04 -15.59 4.69
N VAL P 69 -87.85 -15.66 5.30
CA VAL P 69 -86.64 -15.20 4.63
C VAL P 69 -85.47 -16.10 4.97
N VAL P 70 -84.38 -15.87 4.23
CA VAL P 70 -83.11 -16.52 4.44
C VAL P 70 -82.04 -15.54 3.99
N VAL P 71 -80.84 -15.65 4.55
CA VAL P 71 -79.74 -14.76 4.21
C VAL P 71 -78.42 -15.51 4.31
N ASN P 72 -77.45 -15.10 3.50
CA ASN P 72 -76.12 -15.67 3.51
C ASN P 72 -75.09 -14.57 3.73
N VAL P 73 -74.36 -14.67 4.81
CA VAL P 73 -73.25 -13.80 5.09
C VAL P 73 -71.99 -14.36 4.45
N ASP P 74 -71.12 -13.49 3.96
CA ASP P 74 -69.97 -13.93 3.20
C ASP P 74 -68.73 -14.04 4.07
N ALA P 75 -68.84 -13.70 5.35
CA ALA P 75 -67.64 -13.63 6.17
C ALA P 75 -68.02 -13.48 7.63
N THR P 76 -66.99 -13.43 8.46
CA THR P 76 -67.15 -12.99 9.84
C THR P 76 -66.68 -11.54 9.90
N SER P 77 -66.62 -11.00 11.11
CA SER P 77 -66.28 -9.60 11.28
C SER P 77 -64.85 -9.34 10.85
N LEU P 78 -64.67 -8.22 10.16
CA LEU P 78 -63.39 -7.83 9.58
C LEU P 78 -62.62 -6.92 10.51
N LYS P 79 -61.38 -7.31 10.81
CA LYS P 79 -60.43 -6.45 11.47
C LYS P 79 -59.88 -5.41 10.52
N VAL P 80 -59.27 -4.39 11.10
CA VAL P 80 -58.38 -3.50 10.38
C VAL P 80 -57.20 -3.22 11.29
N TYR P 81 -56.02 -3.10 10.70
CA TYR P 81 -54.79 -2.89 11.44
C TYR P 81 -54.05 -1.70 10.85
N GLU P 82 -53.38 -0.96 11.72
CA GLU P 82 -52.76 0.28 11.29
C GLU P 82 -51.51 -0.03 10.50
N LYS P 83 -51.12 0.88 9.62
CA LYS P 83 -49.94 0.69 8.81
C LYS P 83 -49.23 2.02 8.56
N ASN P 84 -47.90 1.96 8.69
CA ASN P 84 -47.06 2.95 8.07
C ASN P 84 -47.19 2.82 6.56
N LYS P 85 -46.85 3.89 5.86
CA LYS P 85 -47.12 3.92 4.43
C LYS P 85 -46.14 4.81 3.70
N SER P 86 -46.03 4.54 2.40
CA SER P 86 -45.22 5.32 1.48
C SER P 86 -45.93 5.23 0.14
N ASN P 87 -45.97 6.33 -0.58
CA ASN P 87 -46.69 6.41 -1.84
C ASN P 87 -45.93 7.30 -2.80
N LYS P 88 -45.81 6.87 -4.04
CA LYS P 88 -45.13 7.64 -5.06
C LYS P 88 -45.93 7.55 -6.35
N ASN P 89 -46.40 8.70 -6.83
CA ASN P 89 -47.06 8.79 -8.12
C ASN P 89 -46.28 9.74 -8.99
N THR P 90 -45.62 9.19 -10.00
CA THR P 90 -44.90 9.97 -10.98
C THR P 90 -45.49 9.69 -12.34
N THR P 91 -46.15 10.69 -12.91
CA THR P 91 -46.73 10.55 -14.23
C THR P 91 -46.38 11.77 -15.06
N THR P 92 -46.27 11.56 -16.37
CA THR P 92 -46.03 12.68 -17.26
C THR P 92 -46.75 12.44 -18.58
N GLU P 93 -46.89 13.52 -19.36
CA GLU P 93 -47.51 13.48 -20.67
C GLU P 93 -46.87 14.53 -21.55
N GLU P 94 -46.80 14.23 -22.85
CA GLU P 94 -46.12 15.10 -23.80
C GLU P 94 -46.84 15.12 -25.13
N THR P 95 -46.92 16.30 -25.73
CA THR P 95 -47.23 16.44 -27.14
C THR P 95 -46.45 17.65 -27.64
N ASP P 96 -46.29 17.72 -28.96
CA ASP P 96 -45.49 18.78 -29.54
C ASP P 96 -45.95 19.04 -30.98
N LYS P 97 -45.15 19.82 -31.70
CA LYS P 97 -45.45 20.25 -33.06
C LYS P 97 -45.76 19.07 -33.98
N GLU P 98 -44.88 18.07 -34.01
CA GLU P 98 -45.08 16.89 -34.83
C GLU P 98 -46.01 15.93 -34.10
N GLY P 99 -45.46 15.25 -33.10
CA GLY P 99 -46.21 14.80 -31.96
C GLY P 99 -45.28 14.29 -30.89
N GLY P 100 -45.66 14.52 -29.65
CA GLY P 100 -44.89 14.06 -28.51
C GLY P 100 -45.64 13.03 -27.70
N LYS P 101 -46.72 12.49 -28.27
CA LYS P 101 -47.71 11.76 -27.49
C LYS P 101 -47.00 10.65 -26.75
N ARG P 102 -47.04 10.74 -25.43
CA ARG P 102 -46.42 9.78 -24.53
C ARG P 102 -47.19 9.84 -23.23
N SER P 103 -47.39 8.68 -22.62
CA SER P 103 -47.92 8.61 -21.27
C SER P 103 -46.97 7.73 -20.48
N VAL P 104 -46.45 8.25 -19.38
CA VAL P 104 -45.65 7.47 -18.46
C VAL P 104 -46.30 7.64 -17.10
N THR P 105 -46.89 6.57 -16.58
CA THR P 105 -47.59 6.62 -15.31
C THR P 105 -46.93 5.65 -14.35
N ASP P 106 -46.26 6.19 -13.33
CA ASP P 106 -45.57 5.40 -12.35
C ASP P 106 -46.31 5.47 -11.03
N GLN P 107 -46.57 4.32 -10.45
CA GLN P 107 -47.24 4.24 -9.16
C GLN P 107 -46.52 3.20 -8.32
N SER P 108 -45.99 3.63 -7.19
CA SER P 108 -45.28 2.75 -6.27
C SER P 108 -45.80 2.98 -4.86
N SER P 109 -46.16 1.90 -4.20
CA SER P 109 -46.74 1.97 -2.87
C SER P 109 -46.15 0.87 -2.02
N GLU P 110 -45.64 1.25 -0.86
CA GLU P 110 -45.23 0.30 0.15
C GLU P 110 -46.12 0.46 1.37
N GLU P 111 -46.43 -0.65 2.00
CA GLU P 111 -47.15 -0.63 3.25
C GLU P 111 -46.44 -1.53 4.24
N GLU P 112 -46.50 -1.15 5.50
CA GLU P 112 -45.91 -1.92 6.57
C GLU P 112 -46.81 -1.80 7.78
N ILE P 113 -47.03 -2.91 8.45
CA ILE P 113 -47.87 -2.89 9.63
C ILE P 113 -47.09 -2.32 10.80
N VAL P 114 -47.82 -1.91 11.82
CA VAL P 114 -47.25 -1.38 13.04
C VAL P 114 -47.42 -2.41 14.13
N MET P 115 -46.47 -2.44 15.06
CA MET P 115 -46.46 -3.41 16.12
C MET P 115 -46.09 -2.76 17.44
N ILE P 116 -46.98 -2.93 18.41
CA ILE P 116 -46.75 -2.54 19.79
C ILE P 116 -45.65 -3.41 20.35
N LYS P 117 -45.03 -2.96 21.43
CA LYS P 117 -44.04 -3.74 22.15
C LYS P 117 -44.25 -3.61 23.64
N ASN P 118 -44.32 -4.76 24.31
CA ASN P 118 -44.32 -4.82 25.76
C ASN P 118 -43.37 -5.96 26.14
N GLY P 119 -42.31 -5.62 26.84
CA GLY P 119 -41.31 -6.61 27.19
C GLY P 119 -40.81 -7.31 25.96
N ASP P 120 -40.98 -8.64 25.94
CA ASP P 120 -40.73 -9.44 24.76
C ASP P 120 -41.90 -9.37 23.78
N LYS P 121 -43.11 -9.17 24.28
CA LYS P 121 -44.31 -9.25 23.46
C LYS P 121 -44.31 -8.17 22.39
N GLU P 122 -44.97 -8.50 21.28
CA GLU P 122 -45.14 -7.60 20.15
C GLU P 122 -46.53 -7.86 19.59
N THR P 123 -47.33 -6.82 19.45
CA THR P 123 -48.72 -7.01 19.07
C THR P 123 -49.19 -5.91 18.13
N PRO P 124 -50.12 -6.22 17.24
CA PRO P 124 -50.60 -5.26 16.25
C PRO P 124 -51.58 -4.28 16.84
N VAL P 125 -51.85 -3.23 16.08
CA VAL P 125 -52.77 -2.19 16.49
C VAL P 125 -54.15 -2.49 15.91
N VAL P 126 -55.18 -2.17 16.67
CA VAL P 126 -56.56 -2.35 16.25
C VAL P 126 -57.17 -0.99 16.01
N VAL P 127 -57.47 -0.69 14.76
CA VAL P 127 -58.11 0.56 14.40
C VAL P 127 -59.62 0.46 14.58
N GLN P 128 -60.29 -0.24 13.68
CA GLN P 128 -61.73 -0.43 13.79
C GLN P 128 -62.07 -1.80 13.26
N THR P 129 -63.36 -2.02 13.07
CA THR P 129 -63.94 -3.32 12.79
C THR P 129 -65.13 -3.09 11.87
N LYS P 130 -65.32 -3.96 10.89
CA LYS P 130 -66.39 -3.81 9.94
C LYS P 130 -67.32 -5.00 9.94
N LYS P 131 -68.50 -4.76 9.45
CA LYS P 131 -69.46 -5.81 9.23
C LYS P 131 -69.41 -6.34 7.80
N PRO P 132 -69.77 -7.61 7.64
CA PRO P 132 -69.64 -8.26 6.35
C PRO P 132 -70.74 -7.88 5.36
N ASP P 133 -70.49 -8.24 4.10
CA ASP P 133 -71.50 -8.09 3.06
C ASP P 133 -72.52 -9.22 3.17
N ILE P 134 -73.40 -9.31 2.17
CA ILE P 134 -74.67 -10.01 2.34
C ILE P 134 -75.11 -10.64 1.03
N ARG P 135 -75.88 -11.74 1.15
CA ARG P 135 -76.64 -12.33 0.05
C ARG P 135 -77.94 -12.91 0.60
N GLY P 136 -79.08 -12.56 0.00
CA GLY P 136 -80.35 -12.86 0.64
C GLY P 136 -81.53 -12.88 -0.32
N VAL P 137 -82.58 -13.61 0.10
CA VAL P 137 -83.88 -13.62 -0.57
C VAL P 137 -84.98 -13.79 0.47
N LEU P 138 -86.18 -14.08 -0.02
CA LEU P 138 -87.41 -13.75 0.68
C LEU P 138 -88.58 -14.61 0.24
N VAL P 139 -89.59 -14.69 1.09
CA VAL P 139 -90.92 -15.19 0.75
C VAL P 139 -91.95 -14.29 1.39
N VAL P 140 -93.09 -14.13 0.74
CA VAL P 140 -94.11 -13.18 1.19
C VAL P 140 -95.48 -13.58 0.67
N ALA P 141 -96.52 -13.30 1.47
CA ALA P 141 -97.88 -13.72 1.14
C ALA P 141 -98.41 -13.04 -0.11
N GLN P 142 -97.66 -12.08 -0.62
CA GLN P 142 -98.01 -11.36 -1.84
C GLN P 142 -96.72 -10.76 -2.37
N GLY P 143 -96.66 -10.38 -3.63
CA GLY P 143 -95.34 -10.17 -4.16
C GLY P 143 -95.27 -9.86 -5.64
N VAL P 144 -94.15 -10.28 -6.23
CA VAL P 144 -93.74 -9.85 -7.56
C VAL P 144 -94.85 -9.90 -8.60
N ASP P 145 -95.91 -10.67 -8.38
CA ASP P 145 -97.04 -10.60 -9.29
C ASP P 145 -97.63 -9.21 -9.36
N ASN P 146 -97.51 -8.42 -8.29
CA ASN P 146 -97.97 -7.04 -8.30
C ASN P 146 -96.72 -6.15 -8.32
N VAL P 147 -96.50 -5.52 -9.47
CA VAL P 147 -95.23 -4.89 -9.78
C VAL P 147 -94.92 -3.82 -8.74
N GLN P 148 -95.96 -3.21 -8.18
CA GLN P 148 -95.74 -2.08 -7.28
C GLN P 148 -95.44 -2.55 -5.86
N ILE P 149 -95.75 -3.79 -5.54
CA ILE P 149 -95.20 -4.39 -4.34
C ILE P 149 -93.91 -5.13 -4.69
N LYS P 150 -93.65 -5.30 -5.98
CA LYS P 150 -92.37 -5.84 -6.40
C LYS P 150 -91.25 -4.83 -6.24
N GLN P 151 -91.41 -3.68 -6.89
CA GLN P 151 -90.32 -2.72 -6.96
C GLN P 151 -90.11 -2.04 -5.62
N THR P 152 -91.20 -1.87 -4.87
CA THR P 152 -91.12 -1.31 -3.54
C THR P 152 -90.07 -2.02 -2.70
N ILE P 153 -90.08 -3.35 -2.77
CA ILE P 153 -89.25 -4.15 -1.88
C ILE P 153 -87.79 -4.08 -2.29
N ILE P 154 -87.52 -4.38 -3.56
CA ILE P 154 -86.15 -4.39 -4.04
C ILE P 154 -85.45 -3.12 -3.59
N GLU P 155 -86.06 -1.98 -3.86
CA GLU P 155 -85.41 -0.72 -3.56
C GLU P 155 -85.32 -0.53 -2.05
N ALA P 156 -86.17 -1.22 -1.31
CA ALA P 156 -86.11 -1.17 0.14
C ALA P 156 -85.02 -2.07 0.68
N VAL P 157 -84.87 -3.26 0.09
CA VAL P 157 -83.89 -4.20 0.62
C VAL P 157 -82.49 -3.79 0.25
N THR P 158 -82.27 -3.53 -1.04
CA THR P 158 -80.92 -3.23 -1.49
C THR P 158 -80.35 -2.03 -0.75
N ARG P 159 -81.16 -1.00 -0.57
CA ARG P 159 -80.68 0.24 -0.01
C ARG P 159 -80.43 0.15 1.49
N VAL P 160 -80.95 -0.89 2.13
CA VAL P 160 -80.63 -1.13 3.53
C VAL P 160 -79.26 -1.79 3.66
N LEU P 161 -79.04 -2.83 2.88
CA LEU P 161 -77.93 -3.74 3.11
C LEU P 161 -76.75 -3.50 2.20
N ASP P 162 -76.86 -2.57 1.27
CA ASP P 162 -75.86 -2.37 0.21
C ASP P 162 -75.71 -3.64 -0.62
N VAL P 163 -76.84 -4.15 -1.09
CA VAL P 163 -76.89 -5.39 -1.85
C VAL P 163 -77.39 -5.07 -3.25
N PRO P 164 -76.58 -5.21 -4.28
CA PRO P 164 -77.06 -5.01 -5.64
C PRO P 164 -78.20 -5.96 -5.96
N SER P 165 -78.94 -5.63 -7.02
CA SER P 165 -80.13 -6.41 -7.33
C SER P 165 -79.80 -7.86 -7.65
N HIS P 166 -78.80 -8.10 -8.49
CA HIS P 166 -78.58 -9.44 -8.98
C HIS P 166 -78.26 -10.43 -7.87
N ARG P 167 -77.92 -9.96 -6.68
CA ARG P 167 -77.67 -10.84 -5.55
C ARG P 167 -78.84 -10.98 -4.62
N VAL P 168 -79.97 -10.37 -4.95
CA VAL P 168 -81.16 -10.46 -4.13
C VAL P 168 -82.32 -10.87 -5.01
N ALA P 169 -83.23 -11.66 -4.45
CA ALA P 169 -84.32 -12.19 -5.23
C ALA P 169 -85.48 -12.52 -4.32
N VAL P 170 -86.65 -12.68 -4.93
CA VAL P 170 -87.90 -12.79 -4.20
C VAL P 170 -88.81 -13.79 -4.91
N ALA P 171 -89.83 -14.25 -4.18
CA ALA P 171 -90.69 -15.29 -4.65
C ALA P 171 -92.15 -15.01 -4.30
N PRO P 172 -93.08 -15.27 -5.21
CA PRO P 172 -94.48 -15.09 -4.88
C PRO P 172 -95.05 -16.15 -3.95
N LYS P 173 -96.19 -15.78 -3.38
CA LYS P 173 -96.89 -16.35 -2.24
C LYS P 173 -96.03 -16.64 -1.02
N LYS P 174 -96.61 -17.40 -0.08
CA LYS P 174 -95.92 -17.89 1.10
C LYS P 174 -96.45 -19.26 1.51
N ILE P 175 -97.66 -19.27 2.05
CA ILE P 175 -98.35 -20.52 2.38
C ILE P 175 -99.81 -20.42 1.96
N LYS P 176 -100.54 -19.49 2.58
CA LYS P 176 -101.98 -19.43 2.52
C LYS P 176 -102.39 -18.31 1.55
N GLU P 177 -103.40 -18.57 0.73
CA GLU P 177 -103.92 -17.59 -0.17
C GLU P 177 -105.43 -17.70 -0.24
N PRO Q 39 -65.88 -5.08 20.43
CA PRO Q 39 -66.39 -5.84 19.29
C PRO Q 39 -67.74 -5.30 18.82
N LYS Q 40 -68.61 -6.16 18.25
CA LYS Q 40 -69.92 -5.71 17.81
C LYS Q 40 -70.66 -4.89 18.85
N ASP Q 41 -70.60 -5.30 20.12
CA ASP Q 41 -71.52 -4.77 21.13
C ASP Q 41 -71.65 -3.25 21.07
N SER Q 42 -70.53 -2.53 21.04
CA SER Q 42 -70.61 -1.08 20.95
C SER Q 42 -71.33 -0.63 19.68
N ILE Q 43 -71.56 -1.55 18.73
CA ILE Q 43 -72.41 -1.22 17.59
C ILE Q 43 -73.86 -1.16 18.02
N ASP Q 44 -74.35 -2.27 18.60
CA ASP Q 44 -75.78 -2.45 18.76
C ASP Q 44 -76.37 -1.26 19.50
N ASP Q 45 -75.64 -0.73 20.47
CA ASP Q 45 -76.09 0.47 21.15
C ASP Q 45 -76.31 1.61 20.15
N TYR Q 46 -75.33 1.87 19.28
CA TYR Q 46 -75.46 2.99 18.38
C TYR Q 46 -76.77 2.92 17.60
N GLU Q 47 -77.02 1.81 16.91
CA GLU Q 47 -78.19 1.73 16.05
C GLU Q 47 -79.44 2.13 16.80
N LYS Q 48 -79.70 1.47 17.92
CA LYS Q 48 -80.91 1.78 18.67
C LYS Q 48 -80.94 3.24 19.07
N GLU Q 49 -79.81 3.77 19.50
CA GLU Q 49 -79.75 5.18 19.85
C GLU Q 49 -80.22 6.04 18.69
N TYR Q 50 -79.89 5.64 17.47
CA TYR Q 50 -80.49 6.26 16.29
C TYR Q 50 -81.95 5.89 16.18
N GLU Q 51 -82.24 4.59 16.18
CA GLU Q 51 -83.56 4.11 15.84
C GLU Q 51 -84.64 4.80 16.65
N ASN Q 52 -84.34 5.14 17.89
CA ASN Q 52 -85.34 5.72 18.78
C ASN Q 52 -85.53 7.20 18.50
N GLN Q 53 -84.45 7.90 18.17
CA GLN Q 53 -84.54 9.34 17.98
C GLN Q 53 -85.47 9.66 16.82
N LEU Q 54 -85.12 9.18 15.62
CA LEU Q 54 -85.94 9.45 14.46
C LEU Q 54 -87.39 9.10 14.75
N LYS Q 55 -87.61 7.96 15.40
CA LYS Q 55 -88.95 7.57 15.77
C LYS Q 55 -89.64 8.71 16.52
N GLU Q 56 -89.17 8.98 17.73
CA GLU Q 56 -89.84 9.95 18.59
C GLU Q 56 -89.94 11.31 17.92
N ILE Q 57 -89.02 11.60 17.01
CA ILE Q 57 -89.00 12.92 16.36
C ILE Q 57 -89.96 12.94 15.20
N LEU Q 58 -89.95 11.89 14.38
CA LEU Q 58 -90.65 11.95 13.11
C LEU Q 58 -92.15 11.84 13.30
N GLU Q 59 -92.60 11.35 14.45
CA GLU Q 59 -94.01 11.46 14.78
C GLU Q 59 -94.44 12.91 14.90
N THR Q 60 -93.48 13.83 15.00
CA THR Q 60 -93.73 15.22 15.36
C THR Q 60 -93.83 16.12 14.14
N ILE Q 61 -93.77 15.56 12.95
CA ILE Q 61 -94.07 16.34 11.76
C ILE Q 61 -95.54 16.17 11.47
N ILE Q 62 -95.94 16.51 10.25
CA ILE Q 62 -97.27 16.99 9.97
C ILE Q 62 -98.44 16.29 10.68
N GLY Q 63 -98.74 15.01 10.45
CA GLY Q 63 -97.84 13.97 9.97
C GLY Q 63 -98.65 12.92 9.24
N VAL Q 64 -98.11 11.73 8.94
CA VAL Q 64 -96.92 11.13 9.56
C VAL Q 64 -97.20 10.94 11.04
N ASP Q 65 -98.12 10.01 11.33
CA ASP Q 65 -98.60 9.80 12.68
C ASP Q 65 -97.95 8.63 13.40
N ASP Q 66 -97.02 7.92 12.76
CA ASP Q 66 -96.35 6.80 13.43
C ASP Q 66 -95.30 6.20 12.51
N VAL Q 67 -94.32 5.48 13.07
CA VAL Q 67 -93.19 4.99 12.31
C VAL Q 67 -92.54 3.79 12.98
N SER Q 68 -91.77 3.07 12.16
CA SER Q 68 -90.93 1.97 12.60
C SER Q 68 -89.74 1.95 11.65
N VAL Q 69 -88.55 1.65 12.16
CA VAL Q 69 -87.33 1.86 11.39
C VAL Q 69 -86.33 0.75 11.66
N VAL Q 70 -85.29 0.78 10.84
CA VAL Q 70 -84.14 -0.11 10.96
C VAL Q 70 -82.94 0.64 10.41
N VAL Q 71 -81.75 0.30 10.88
CA VAL Q 71 -80.53 0.95 10.43
C VAL Q 71 -79.37 -0.04 10.46
N ASN Q 72 -78.41 0.19 9.57
CA ASN Q 72 -77.21 -0.64 9.49
C ASN Q 72 -75.98 0.25 9.61
N VAL Q 73 -75.20 0.00 10.64
CA VAL Q 73 -73.92 0.65 10.82
C VAL Q 73 -72.86 -0.16 10.09
N ASP Q 74 -71.87 0.55 9.54
CA ASP Q 74 -70.89 -0.11 8.70
C ASP Q 74 -69.63 -0.46 9.47
N ALA Q 75 -69.57 -0.12 10.74
CA ALA Q 75 -68.32 -0.27 11.47
C ALA Q 75 -68.55 -0.05 12.95
N THR Q 76 -67.48 -0.19 13.70
CA THR Q 76 -67.43 0.27 15.08
C THR Q 76 -66.70 1.61 15.08
N SER Q 77 -66.44 2.13 16.28
CA SER Q 77 -65.83 3.43 16.39
C SER Q 77 -64.40 3.41 15.85
N LEU Q 78 -64.06 4.48 15.14
CA LEU Q 78 -62.78 4.60 14.45
C LEU Q 78 -61.78 5.35 15.30
N LYS Q 79 -60.63 4.73 15.52
CA LYS Q 79 -59.47 5.39 16.09
C LYS Q 79 -58.81 6.31 15.09
N VAL Q 80 -57.97 7.20 15.60
CA VAL Q 80 -56.98 7.89 14.80
C VAL Q 80 -55.70 7.94 15.62
N TYR Q 81 -54.58 7.83 14.94
CA TYR Q 81 -53.28 7.79 15.58
C TYR Q 81 -52.37 8.82 14.91
N GLU Q 82 -51.51 9.41 15.72
CA GLU Q 82 -50.69 10.51 15.21
C GLU Q 82 -49.58 9.97 14.34
N LYS Q 83 -49.10 10.79 13.42
CA LYS Q 83 -48.05 10.37 12.52
C LYS Q 83 -47.10 11.52 12.20
N ASN Q 84 -45.82 11.22 12.24
CA ASN Q 84 -44.85 12.01 11.53
C ASN Q 84 -45.12 11.91 10.04
N LYS Q 85 -44.63 12.89 9.29
CA LYS Q 85 -45.00 12.98 7.90
C LYS Q 85 -43.92 13.65 7.07
N SER Q 86 -43.97 13.36 5.78
CA SER Q 86 -43.10 13.98 4.78
C SER Q 86 -43.92 14.02 3.51
N ASN Q 87 -43.79 15.11 2.77
CA ASN Q 87 -44.58 15.31 1.56
C ASN Q 87 -43.74 16.05 0.54
N LYS Q 88 -43.81 15.59 -0.70
CA LYS Q 88 -43.07 16.22 -1.78
C LYS Q 88 -43.97 16.29 -3.00
N ASN Q 89 -44.24 17.49 -3.47
CA ASN Q 89 -44.98 17.72 -4.70
C ASN Q 89 -44.09 18.49 -5.65
N THR Q 90 -43.64 17.82 -6.70
CA THR Q 90 -42.85 18.45 -7.75
C THR Q 90 -43.60 18.28 -9.06
N THR Q 91 -44.08 19.39 -9.58
CA THR Q 91 -44.78 19.36 -10.85
C THR Q 91 -44.27 20.49 -11.72
N THR Q 92 -44.30 20.26 -13.04
CA THR Q 92 -43.92 21.31 -13.97
C THR Q 92 -44.78 21.21 -15.23
N GLU Q 93 -44.76 22.29 -16.01
CA GLU Q 93 -45.49 22.37 -17.26
C GLU Q 93 -44.71 23.27 -18.21
N GLU Q 94 -44.81 22.98 -19.51
CA GLU Q 94 -44.04 23.69 -20.51
C GLU Q 94 -44.85 23.83 -21.79
N THR Q 95 -44.75 25.02 -22.40
CA THR Q 95 -45.13 25.21 -23.79
C THR Q 95 -44.17 26.24 -24.37
N ASP Q 96 -44.11 26.28 -25.70
CA ASP Q 96 -43.16 27.17 -26.36
C ASP Q 96 -43.67 27.51 -27.75
N LYS Q 97 -42.79 28.11 -28.55
CA LYS Q 97 -43.11 28.58 -29.89
C LYS Q 97 -43.71 27.49 -30.76
N GLU Q 98 -43.05 26.34 -30.84
CA GLU Q 98 -43.54 25.22 -31.62
C GLU Q 98 -44.57 24.46 -30.81
N GLY Q 99 -44.09 23.68 -29.85
CA GLY Q 99 -44.83 23.39 -28.64
C GLY Q 99 -43.93 22.71 -27.63
N GLY Q 100 -44.15 23.02 -26.37
CA GLY Q 100 -43.40 22.42 -25.29
C GLY Q 100 -44.27 21.55 -24.41
N LYS Q 101 -45.48 21.24 -24.90
CA LYS Q 101 -46.52 20.72 -24.03
C LYS Q 101 -45.99 19.49 -23.31
N ARG Q 102 -45.91 19.58 -22.00
CA ARG Q 102 -45.43 18.53 -21.13
C ARG Q 102 -46.07 18.73 -19.79
N SER Q 103 -46.42 17.64 -19.13
CA SER Q 103 -46.86 17.68 -17.75
C SER Q 103 -46.04 16.62 -17.02
N VAL Q 104 -45.35 17.05 -15.98
CA VAL Q 104 -44.64 16.12 -15.10
C VAL Q 104 -45.14 16.42 -13.69
N THR Q 105 -45.88 15.48 -13.12
CA THR Q 105 -46.46 15.67 -11.80
C THR Q 105 -45.93 14.59 -10.88
N ASP Q 106 -45.10 15.00 -9.92
CA ASP Q 106 -44.48 14.09 -8.98
C ASP Q 106 -45.11 14.31 -7.61
N GLN Q 107 -45.54 13.22 -6.99
CA GLN Q 107 -46.11 13.28 -5.65
C GLN Q 107 -45.53 12.12 -4.86
N SER Q 108 -44.85 12.44 -3.78
CA SER Q 108 -44.25 11.45 -2.89
C SER Q 108 -44.61 11.78 -1.47
N SER Q 109 -45.12 10.79 -0.74
CA SER Q 109 -45.56 10.98 0.62
C SER Q 109 -45.14 9.79 1.45
N GLU Q 110 -44.48 10.06 2.55
CA GLU Q 110 -44.18 9.05 3.55
C GLU Q 110 -44.93 9.39 4.82
N GLU Q 111 -45.39 8.36 5.50
CA GLU Q 111 -46.00 8.51 6.80
C GLU Q 111 -45.41 7.50 7.74
N GLU Q 112 -45.29 7.89 9.00
CA GLU Q 112 -44.78 7.02 10.03
C GLU Q 112 -45.54 7.32 11.31
N ILE Q 113 -45.92 6.27 12.01
CA ILE Q 113 -46.64 6.45 13.25
C ILE Q 113 -45.68 6.85 14.35
N VAL Q 114 -46.25 7.41 15.40
CA VAL Q 114 -45.48 7.82 16.57
C VAL Q 114 -45.76 6.84 17.70
N MET Q 115 -44.77 6.63 18.54
CA MET Q 115 -44.87 5.67 19.62
C MET Q 115 -44.28 6.24 20.90
N ILE Q 116 -45.10 6.26 21.94
CA ILE Q 116 -44.70 6.60 23.29
C ILE Q 116 -43.75 5.53 23.78
N LYS Q 117 -42.97 5.86 24.81
CA LYS Q 117 -42.10 4.90 25.46
C LYS Q 117 -42.15 5.07 26.96
N ASN Q 118 -42.40 3.96 27.65
CA ASN Q 118 -42.30 3.90 29.10
C ASN Q 118 -41.57 2.60 29.43
N GLY Q 119 -40.41 2.74 30.04
CA GLY Q 119 -39.60 1.58 30.33
C GLY Q 119 -39.33 0.78 29.08
N ASP Q 120 -39.74 -0.49 29.09
CA ASP Q 120 -39.77 -1.33 27.91
C ASP Q 120 -40.97 -1.03 27.02
N LYS Q 121 -42.07 -0.59 27.60
CA LYS Q 121 -43.32 -0.45 26.88
C LYS Q 121 -43.20 0.60 25.79
N GLU Q 122 -44.00 0.41 24.74
CA GLU Q 122 -44.07 1.32 23.61
C GLU Q 122 -45.52 1.33 23.16
N THR Q 123 -46.12 2.50 23.06
CA THR Q 123 -47.54 2.60 22.78
C THR Q 123 -47.87 3.77 21.87
N PRO Q 124 -48.90 3.63 21.06
CA PRO Q 124 -49.26 4.66 20.10
C PRO Q 124 -49.98 5.83 20.75
N VAL Q 125 -50.10 6.90 19.98
CA VAL Q 125 -50.78 8.09 20.44
C VAL Q 125 -52.23 8.07 19.98
N VAL Q 126 -53.11 8.59 20.81
CA VAL Q 126 -54.52 8.68 20.50
C VAL Q 126 -54.89 10.13 20.28
N VAL Q 127 -55.21 10.48 19.05
CA VAL Q 127 -55.64 11.82 18.72
C VAL Q 127 -57.10 12.01 19.01
N GLN Q 128 -57.97 11.47 18.18
CA GLN Q 128 -59.41 11.55 18.40
C GLN Q 128 -60.04 10.27 17.92
N THR Q 129 -61.36 10.31 17.83
CA THR Q 129 -62.20 9.15 17.62
C THR Q 129 -63.40 9.61 16.79
N LYS Q 130 -63.82 8.78 15.84
CA LYS Q 130 -64.92 9.14 14.97
C LYS Q 130 -66.05 8.15 15.06
N LYS Q 131 -67.19 8.61 14.65
CA LYS Q 131 -68.36 7.76 14.53
C LYS Q 131 -68.52 7.23 13.11
N PRO Q 132 -69.13 6.06 12.99
CA PRO Q 132 -69.24 5.38 11.71
C PRO Q 132 -70.31 5.97 10.80
N ASP Q 133 -70.23 5.57 9.53
CA ASP Q 133 -71.27 5.91 8.57
C ASP Q 133 -72.48 5.00 8.77
N ILE Q 134 -73.43 5.08 7.85
CA ILE Q 134 -74.79 4.64 8.12
C ILE Q 134 -75.45 4.09 6.85
N ARG Q 135 -76.40 3.17 7.05
CA ARG Q 135 -77.35 2.74 6.03
C ARG Q 135 -78.69 2.42 6.68
N GLY Q 136 -79.78 2.99 6.16
CA GLY Q 136 -81.04 2.93 6.90
C GLY Q 136 -82.26 3.14 6.03
N VAL Q 137 -83.40 2.63 6.54
CA VAL Q 137 -84.72 2.87 5.99
C VAL Q 137 -85.75 2.92 7.10
N LEU Q 138 -87.02 2.87 6.70
CA LEU Q 138 -88.10 3.43 7.49
C LEU Q 138 -89.45 2.81 7.15
N VAL Q 139 -90.39 2.93 8.08
CA VAL Q 139 -91.81 2.69 7.85
C VAL Q 139 -92.61 3.78 8.56
N VAL Q 140 -93.74 4.15 7.98
CA VAL Q 140 -94.51 5.28 8.49
C VAL Q 140 -95.97 5.16 8.08
N ALA Q 141 -96.87 5.63 8.95
CA ALA Q 141 -98.31 5.48 8.74
C ALA Q 141 -98.79 6.24 7.51
N GLN Q 142 -97.91 7.05 6.93
CA GLN Q 142 -98.21 7.81 5.73
C GLN Q 142 -96.88 8.15 5.11
N GLY Q 143 -96.83 8.51 3.83
CA GLY Q 143 -95.54 8.46 3.20
C GLY Q 143 -95.53 8.75 1.72
N VAL Q 144 -94.56 8.12 1.04
CA VAL Q 144 -94.18 8.46 -0.32
C VAL Q 144 -95.36 8.63 -1.27
N ASP Q 145 -96.53 8.07 -0.96
CA ASP Q 145 -97.69 8.36 -1.78
C ASP Q 145 -98.01 9.83 -1.83
N ASN Q 146 -97.65 10.59 -0.79
CA ASN Q 146 -97.84 12.04 -0.79
C ASN Q 146 -96.45 12.66 -0.91
N VAL Q 147 -96.19 13.24 -2.09
CA VAL Q 147 -94.85 13.61 -2.49
C VAL Q 147 -94.26 14.60 -1.51
N GLN Q 148 -95.12 15.40 -0.88
CA GLN Q 148 -94.62 16.47 -0.02
C GLN Q 148 -94.31 15.96 1.38
N ILE Q 149 -94.84 14.80 1.74
CA ILE Q 149 -94.31 14.11 2.91
C ILE Q 149 -93.22 13.13 2.48
N LYS Q 150 -93.09 12.92 1.17
CA LYS Q 150 -91.98 12.13 0.66
C LYS Q 150 -90.68 12.91 0.72
N GLN Q 151 -90.66 14.07 0.07
CA GLN Q 151 -89.42 14.80 -0.10
C GLN Q 151 -88.98 15.42 1.21
N THR Q 152 -89.95 15.81 2.04
CA THR Q 152 -89.65 16.34 3.35
C THR Q 152 -88.71 15.44 4.12
N ILE Q 153 -88.98 14.14 4.07
CA ILE Q 153 -88.26 13.19 4.91
C ILE Q 153 -86.85 12.98 4.39
N ILE Q 154 -86.74 12.64 3.12
CA ILE Q 154 -85.44 12.36 2.53
C ILE Q 154 -84.46 13.47 2.90
N GLU Q 155 -84.86 14.71 2.66
CA GLU Q 155 -83.97 15.82 2.89
C GLU Q 155 -83.72 15.99 4.38
N ALA Q 156 -84.63 15.47 5.19
CA ALA Q 156 -84.46 15.52 6.64
C ALA Q 156 -83.51 14.42 7.11
N VAL Q 157 -83.64 13.24 6.53
CA VAL Q 157 -82.84 12.11 7.00
C VAL Q 157 -81.41 12.25 6.52
N THR Q 158 -81.24 12.45 5.21
CA THR Q 158 -79.90 12.50 4.65
C THR Q 158 -79.06 13.56 5.33
N ARG Q 159 -79.63 14.73 5.55
CA ARG Q 159 -78.88 15.85 6.06
C ARG Q 159 -78.55 15.71 7.53
N VAL Q 160 -79.19 14.79 8.23
CA VAL Q 160 -78.82 14.50 9.60
C VAL Q 160 -77.61 13.59 9.64
N LEU Q 161 -77.64 12.52 8.87
CA LEU Q 161 -76.72 11.41 9.03
C LEU Q 161 -75.58 11.42 8.03
N ASP Q 162 -75.59 12.36 7.10
CA ASP Q 162 -74.65 12.36 5.96
C ASP Q 162 -74.82 11.08 5.14
N VAL Q 163 -76.05 10.80 4.77
CA VAL Q 163 -76.39 9.58 4.03
C VAL Q 163 -76.94 10.00 2.67
N PRO Q 164 -76.25 9.70 1.58
CA PRO Q 164 -76.79 10.00 0.26
C PRO Q 164 -78.11 9.28 0.04
N SER Q 165 -78.85 9.74 -0.96
CA SER Q 165 -80.20 9.20 -1.17
C SER Q 165 -80.17 7.71 -1.48
N HIS Q 166 -79.30 7.29 -2.40
CA HIS Q 166 -79.39 5.92 -2.88
C HIS Q 166 -79.17 4.89 -1.78
N ARG Q 167 -78.67 5.30 -0.62
CA ARG Q 167 -78.49 4.38 0.49
C ARG Q 167 -79.60 4.48 1.51
N VAL Q 168 -80.62 5.29 1.26
CA VAL Q 168 -81.73 5.44 2.17
C VAL Q 168 -83.02 5.26 1.39
N ALA Q 169 -84.01 4.66 2.02
CA ALA Q 169 -85.24 4.35 1.33
C ALA Q 169 -86.37 4.26 2.33
N VAL Q 170 -87.60 4.32 1.82
CA VAL Q 170 -88.79 4.46 2.64
C VAL Q 170 -89.91 3.64 2.02
N ALA Q 171 -90.94 3.39 2.84
CA ALA Q 171 -92.02 2.55 2.45
C ALA Q 171 -93.37 3.11 2.90
N PRO Q 172 -94.40 3.01 2.07
CA PRO Q 172 -95.72 3.47 2.51
C PRO Q 172 -96.41 2.54 3.49
N LYS Q 173 -97.40 3.12 4.13
CA LYS Q 173 -98.11 2.70 5.34
C LYS Q 173 -97.23 2.25 6.49
N LYS Q 174 -97.86 1.63 7.49
CA LYS Q 174 -97.19 1.02 8.62
C LYS Q 174 -97.95 -0.22 9.10
N ILE Q 175 -99.10 0.00 9.72
CA ILE Q 175 -99.99 -1.09 10.12
C ILE Q 175 -101.42 -0.71 9.81
N LYS Q 176 -101.90 0.34 10.46
CA LYS Q 176 -103.32 0.68 10.52
C LYS Q 176 -103.57 1.85 9.56
N GLU Q 177 -104.67 1.79 8.84
CA GLU Q 177 -105.07 2.86 7.95
C GLU Q 177 -106.57 3.04 8.00
N PRO R 39 -63.85 7.81 25.40
CA PRO R 39 -64.59 7.16 24.31
C PRO R 39 -65.84 7.95 23.95
N LYS R 40 -66.89 7.28 23.44
CA LYS R 40 -68.12 7.97 23.10
C LYS R 40 -68.61 8.92 24.19
N ASP R 41 -68.54 8.51 25.45
CA ASP R 41 -69.25 9.21 26.52
C ASP R 41 -69.10 10.72 26.44
N SER R 42 -67.86 11.22 26.31
CA SER R 42 -67.66 12.65 26.20
C SER R 42 -68.38 13.23 24.98
N ILE R 43 -68.86 12.37 24.07
CA ILE R 43 -69.71 12.85 23.00
C ILE R 43 -71.08 13.19 23.54
N ASP R 44 -71.73 12.20 24.17
CA ASP R 44 -73.15 12.31 24.44
C ASP R 44 -73.45 13.59 25.20
N ASP R 45 -72.56 13.97 26.10
CA ASP R 45 -72.71 15.23 26.80
C ASP R 45 -72.78 16.39 25.80
N TYR R 46 -71.85 16.45 24.86
CA TYR R 46 -71.83 17.59 23.94
C TYR R 46 -73.17 17.77 23.26
N GLU R 47 -73.68 16.72 22.62
CA GLU R 47 -74.91 16.87 21.85
C GLU R 47 -76.00 17.50 22.69
N LYS R 48 -76.31 16.90 23.84
CA LYS R 48 -77.37 17.45 24.67
C LYS R 48 -77.09 18.89 25.04
N GLU R 49 -75.84 19.19 25.38
CA GLU R 49 -75.48 20.56 25.70
C GLU R 49 -75.86 21.50 24.56
N TYR R 50 -75.71 21.03 23.32
CA TYR R 50 -76.27 21.76 22.19
C TYR R 50 -77.79 21.67 22.19
N GLU R 51 -78.31 20.46 22.24
CA GLU R 51 -79.73 20.23 22.01
C GLU R 51 -80.59 21.13 22.89
N ASN R 52 -80.13 21.41 24.10
CA ASN R 52 -80.93 22.16 25.04
C ASN R 52 -80.85 23.66 24.75
N GLN R 53 -79.68 24.14 24.34
CA GLN R 53 -79.51 25.57 24.12
C GLN R 53 -80.44 26.05 23.03
N LEU R 54 -80.29 25.52 21.82
CA LEU R 54 -81.14 25.94 20.73
C LEU R 54 -82.60 25.88 21.12
N LYS R 55 -82.97 24.81 21.80
CA LYS R 55 -84.34 24.69 22.29
C LYS R 55 -84.74 25.93 23.07
N GLU R 56 -84.13 26.11 24.24
CA GLU R 56 -84.52 27.20 25.13
C GLU R 56 -84.42 28.55 24.44
N ILE R 57 -83.53 28.66 23.46
CA ILE R 57 -83.30 29.93 22.80
C ILE R 57 -84.33 30.15 21.70
N LEU R 58 -84.58 29.11 20.90
CA LEU R 58 -85.36 29.30 19.69
C LEU R 58 -86.84 29.48 19.99
N GLU R 59 -87.28 29.10 21.18
CA GLU R 59 -88.61 29.48 21.62
C GLU R 59 -88.74 30.99 21.74
N THR R 60 -87.61 31.70 21.75
CA THR R 60 -87.57 33.10 22.11
C THR R 60 -87.58 34.01 20.89
N ILE R 61 -87.73 33.44 19.70
CA ILE R 61 -87.95 34.27 18.53
C ILE R 61 -89.46 34.39 18.35
N ILE R 62 -89.88 34.79 17.16
CA ILE R 62 -91.11 35.53 16.97
C ILE R 62 -92.33 35.06 17.79
N GLY R 63 -92.90 33.87 17.59
CA GLY R 63 -92.25 32.68 17.07
C GLY R 63 -93.30 31.79 16.43
N VAL R 64 -93.02 30.53 16.10
CA VAL R 64 -91.93 29.71 16.64
C VAL R 64 -92.12 29.57 18.14
N ASP R 65 -93.17 28.84 18.51
CA ASP R 65 -93.58 28.73 19.91
C ASP R 65 -93.11 27.46 20.60
N ASP R 66 -92.39 26.58 19.90
CA ASP R 66 -91.91 25.35 20.52
C ASP R 66 -91.06 24.56 19.54
N VAL R 67 -90.20 23.67 20.04
CA VAL R 67 -89.24 22.97 19.20
C VAL R 67 -88.79 21.66 19.84
N SER R 68 -88.25 20.81 18.98
CA SER R 68 -87.60 19.56 19.37
C SER R 68 -86.52 19.31 18.33
N VAL R 69 -85.37 18.79 18.75
CA VAL R 69 -84.19 18.76 17.90
C VAL R 69 -83.41 17.48 18.11
N VAL R 70 -82.45 17.30 17.21
CA VAL R 70 -81.48 16.20 17.26
C VAL R 70 -80.21 16.71 16.61
N VAL R 71 -79.07 16.14 16.98
CA VAL R 71 -77.79 16.56 16.45
C VAL R 71 -76.84 15.37 16.39
N ASN R 72 -75.93 15.38 15.43
CA ASN R 72 -74.92 14.35 15.27
C ASN R 72 -73.55 14.98 15.29
N VAL R 73 -72.75 14.58 16.26
CA VAL R 73 -71.35 14.98 16.33
C VAL R 73 -70.52 13.98 15.54
N ASP R 74 -69.46 14.47 14.90
CA ASP R 74 -68.69 13.63 14.00
C ASP R 74 -67.47 13.04 14.67
N ALA R 75 -67.25 13.38 15.93
CA ALA R 75 -66.01 13.00 16.57
C ALA R 75 -66.07 13.25 18.06
N THR R 76 -64.99 12.89 18.74
CA THR R 76 -64.75 13.35 20.09
C THR R 76 -63.77 14.52 20.02
N SER R 77 -63.33 14.98 21.18
CA SER R 77 -62.46 16.14 21.24
C SER R 77 -61.12 15.84 20.58
N LEU R 78 -60.63 16.82 19.82
CA LEU R 78 -59.42 16.69 19.04
C LEU R 78 -58.22 17.24 19.81
N LYS R 79 -57.20 16.41 19.95
CA LYS R 79 -55.90 16.84 20.43
C LYS R 79 -55.15 17.60 19.35
N VAL R 80 -54.12 18.31 19.78
CA VAL R 80 -53.07 18.79 18.90
C VAL R 80 -51.75 18.60 19.61
N TYR R 81 -50.72 18.27 18.85
CA TYR R 81 -49.42 17.99 19.39
C TYR R 81 -48.38 18.82 18.65
N GLU R 82 -47.36 19.23 19.37
CA GLU R 82 -46.38 20.15 18.80
C GLU R 82 -45.47 19.40 17.84
N LYS R 83 -44.92 20.11 16.88
CA LYS R 83 -44.03 19.49 15.91
C LYS R 83 -42.92 20.44 15.50
N ASN R 84 -41.72 19.89 15.44
CA ASN R 84 -40.66 20.49 14.65
C ASN R 84 -41.06 20.44 13.19
N LYS R 85 -40.46 21.30 12.39
CA LYS R 85 -40.91 21.46 11.02
C LYS R 85 -39.79 21.91 10.11
N SER R 86 -40.00 21.64 8.83
CA SER R 86 -39.11 22.07 7.76
C SER R 86 -40.00 22.27 6.55
N ASN R 87 -39.72 23.30 5.78
CA ASN R 87 -40.54 23.66 4.64
C ASN R 87 -39.66 24.22 3.55
N LYS R 88 -39.90 23.78 2.32
CA LYS R 88 -39.15 24.25 1.18
C LYS R 88 -40.11 24.49 0.03
N ASN R 89 -40.18 25.72 -0.44
CA ASN R 89 -40.95 26.08 -1.62
C ASN R 89 -40.00 26.67 -2.65
N THR R 90 -39.77 25.92 -3.71
CA THR R 90 -38.96 26.38 -4.83
C THR R 90 -39.82 26.37 -6.07
N THR R 91 -40.13 27.54 -6.58
CA THR R 91 -40.92 27.65 -7.79
C THR R 91 -40.26 28.65 -8.72
N THR R 92 -40.44 28.44 -10.02
CA THR R 92 -39.94 29.39 -11.01
C THR R 92 -40.89 29.46 -12.19
N GLU R 93 -40.72 30.51 -12.98
CA GLU R 93 -41.52 30.72 -14.18
C GLU R 93 -40.67 31.46 -15.20
N GLU R 94 -40.91 31.18 -16.48
CA GLU R 94 -40.10 31.73 -17.55
C GLU R 94 -40.96 32.03 -18.77
N THR R 95 -40.69 33.16 -19.40
CA THR R 95 -41.12 33.44 -20.76
C THR R 95 -40.04 34.25 -21.43
N ASP R 96 -40.07 34.28 -22.76
CA ASP R 96 -39.02 34.96 -23.50
C ASP R 96 -39.57 35.40 -24.86
N LYS R 97 -38.65 35.82 -25.73
CA LYS R 97 -38.97 36.34 -27.05
C LYS R 97 -39.84 35.38 -27.86
N GLU R 98 -39.42 34.12 -27.97
CA GLU R 98 -40.18 33.12 -28.70
C GLU R 98 -41.27 32.57 -27.79
N GLY R 99 -40.87 31.72 -26.85
CA GLY R 99 -41.57 31.58 -25.59
C GLY R 99 -40.74 30.74 -24.65
N GLY R 100 -40.79 31.08 -23.37
CA GLY R 100 -40.10 30.35 -22.34
C GLY R 100 -41.05 29.68 -21.39
N LYS R 101 -42.32 29.60 -21.77
CA LYS R 101 -43.38 29.29 -20.81
C LYS R 101 -43.04 27.97 -20.12
N ARG R 102 -42.84 28.06 -18.82
CA ARG R 102 -42.51 26.93 -17.98
C ARG R 102 -42.99 27.27 -16.59
N SER R 103 -43.50 26.26 -15.89
CA SER R 103 -43.81 26.39 -14.48
C SER R 103 -43.16 25.20 -13.80
N VAL R 104 -42.32 25.47 -12.82
CA VAL R 104 -41.74 24.44 -11.98
C VAL R 104 -42.06 24.83 -10.55
N THR R 105 -42.92 24.05 -9.91
CA THR R 105 -43.35 24.35 -8.55
C THR R 105 -42.96 23.19 -7.65
N ASP R 106 -42.00 23.43 -6.77
CA ASP R 106 -41.50 22.41 -5.85
C ASP R 106 -41.96 22.76 -4.45
N GLN R 107 -42.54 21.78 -3.78
CA GLN R 107 -42.99 21.95 -2.41
C GLN R 107 -42.59 20.70 -1.64
N SER R 108 -41.76 20.88 -0.61
CA SER R 108 -41.31 19.79 0.23
C SER R 108 -41.48 20.19 1.68
N SER R 109 -42.12 19.31 2.46
CA SER R 109 -42.42 19.59 3.84
C SER R 109 -42.16 18.34 4.66
N GLU R 110 -41.38 18.48 5.71
CA GLU R 110 -41.20 17.44 6.70
C GLU R 110 -41.77 17.91 8.01
N GLU R 111 -42.36 16.99 8.74
CA GLU R 111 -42.84 17.27 10.08
C GLU R 111 -42.38 16.16 11.00
N GLU R 112 -42.09 16.53 12.23
CA GLU R 112 -41.68 15.57 13.24
C GLU R 112 -42.27 16.02 14.55
N ILE R 113 -42.79 15.06 15.31
CA ILE R 113 -43.36 15.38 16.59
C ILE R 113 -42.27 15.60 17.61
N VAL R 114 -42.62 16.25 18.70
CA VAL R 114 -41.71 16.51 19.80
C VAL R 114 -42.09 15.60 20.95
N MET R 115 -41.09 15.21 21.73
CA MET R 115 -41.29 14.29 22.83
C MET R 115 -40.50 14.74 24.05
N ILE R 116 -41.23 14.91 25.15
CA ILE R 116 -40.66 15.17 26.46
C ILE R 116 -39.90 13.94 26.89
N LYS R 117 -38.99 14.11 27.85
CA LYS R 117 -38.27 13.00 28.45
C LYS R 117 -38.18 13.19 29.95
N ASN R 118 -38.58 12.15 30.67
CA ASN R 118 -38.38 12.07 32.11
C ASN R 118 -37.89 10.65 32.40
N GLY R 119 -36.68 10.55 32.93
CA GLY R 119 -36.09 9.26 33.17
C GLY R 119 -36.08 8.42 31.92
N ASP R 120 -36.73 7.27 31.99
CA ASP R 120 -37.00 6.45 30.82
C ASP R 120 -38.19 6.96 30.03
N LYS R 121 -39.15 7.62 30.68
CA LYS R 121 -40.38 8.00 30.04
C LYS R 121 -40.15 9.00 28.93
N GLU R 122 -41.05 8.96 27.95
CA GLU R 122 -41.03 9.87 26.82
C GLU R 122 -42.49 10.16 26.48
N THR R 123 -42.85 11.44 26.40
CA THR R 123 -44.25 11.80 26.24
C THR R 123 -44.42 13.00 25.33
N PRO R 124 -45.52 13.07 24.60
CA PRO R 124 -45.74 14.15 23.65
C PRO R 124 -46.17 15.43 24.33
N VAL R 125 -46.14 16.51 23.56
CA VAL R 125 -46.54 17.82 24.05
C VAL R 125 -47.99 18.07 23.70
N VAL R 126 -48.70 18.75 24.59
CA VAL R 126 -50.08 19.11 24.38
C VAL R 126 -50.17 20.61 24.16
N VAL R 127 -50.52 21.01 22.95
CA VAL R 127 -50.70 22.40 22.64
C VAL R 127 -52.08 22.88 23.04
N GLN R 128 -53.09 22.50 22.28
CA GLN R 128 -54.46 22.87 22.61
C GLN R 128 -55.37 21.73 22.20
N THR R 129 -56.66 22.03 22.21
CA THR R 129 -57.72 21.05 22.07
C THR R 129 -58.87 21.73 21.34
N LYS R 130 -59.52 21.00 20.44
CA LYS R 130 -60.59 21.56 19.64
C LYS R 130 -61.88 20.81 19.83
N LYS R 131 -62.94 21.48 19.51
CA LYS R 131 -64.25 20.88 19.49
C LYS R 131 -64.62 20.38 18.10
N PRO R 132 -65.46 19.35 18.05
CA PRO R 132 -65.79 18.71 16.78
C PRO R 132 -66.79 19.49 15.95
N ASP R 133 -66.89 19.08 14.69
CA ASP R 133 -67.92 19.61 13.80
C ASP R 133 -69.26 18.96 14.10
N ILE R 134 -70.25 19.22 13.25
CA ILE R 134 -71.65 19.05 13.63
C ILE R 134 -72.50 18.64 12.44
N ARG R 135 -73.59 17.92 12.72
CA ARG R 135 -74.67 17.67 11.78
C ARG R 135 -76.00 17.63 12.54
N GLY R 136 -77.00 18.39 12.09
CA GLY R 136 -78.18 18.59 12.92
C GLY R 136 -79.40 19.02 12.14
N VAL R 137 -80.57 18.74 12.75
CA VAL R 137 -81.86 19.23 12.28
C VAL R 137 -82.77 19.48 13.48
N LEU R 138 -84.06 19.67 13.18
CA LEU R 138 -84.94 20.45 14.03
C LEU R 138 -86.41 20.09 13.81
N VAL R 139 -87.23 20.39 14.81
CA VAL R 139 -88.68 20.44 14.69
C VAL R 139 -89.19 21.66 15.43
N VAL R 140 -90.28 22.25 14.94
CA VAL R 140 -90.78 23.50 15.48
C VAL R 140 -92.27 23.66 15.19
N ALA R 141 -92.98 24.30 16.12
CA ALA R 141 -94.44 24.43 16.01
C ALA R 141 -94.85 25.27 14.82
N GLN R 142 -93.88 25.89 14.16
CA GLN R 142 -94.12 26.69 12.98
C GLN R 142 -92.80 26.77 12.25
N GLY R 143 -92.78 27.12 10.97
CA GLY R 143 -91.59 26.81 10.23
C GLY R 143 -91.64 27.08 8.75
N VAL R 144 -90.86 26.28 8.02
CA VAL R 144 -90.52 26.54 6.63
C VAL R 144 -91.72 26.93 5.77
N ASP R 145 -92.95 26.61 6.18
CA ASP R 145 -94.09 27.12 5.43
C ASP R 145 -94.12 28.63 5.40
N ASN R 146 -93.54 29.29 6.39
CA ASN R 146 -93.45 30.76 6.37
C ASN R 146 -91.98 31.11 6.14
N VAL R 147 -91.70 31.61 4.94
CA VAL R 147 -90.35 31.72 4.42
C VAL R 147 -89.51 32.57 5.35
N GLN R 148 -90.15 33.53 6.02
CA GLN R 148 -89.39 34.47 6.83
C GLN R 148 -89.07 33.93 8.20
N ILE R 149 -89.78 32.89 8.62
CA ILE R 149 -89.31 32.11 9.75
C ILE R 149 -88.47 30.95 9.26
N LYS R 150 -88.49 30.71 7.95
CA LYS R 150 -87.59 29.71 7.38
C LYS R 150 -86.16 30.23 7.33
N GLN R 151 -85.97 31.36 6.65
CA GLN R 151 -84.63 31.84 6.38
C GLN R 151 -83.97 32.36 7.65
N THR R 152 -84.79 32.93 8.52
CA THR R 152 -84.29 33.40 9.82
C THR R 152 -83.48 32.33 10.52
N ILE R 153 -83.99 31.11 10.51
CA ILE R 153 -83.42 30.05 11.31
C ILE R 153 -82.12 29.57 10.69
N ILE R 154 -82.18 29.20 9.42
CA ILE R 154 -81.00 28.69 8.74
C ILE R 154 -79.81 29.57 9.02
N GLU R 155 -79.98 30.87 8.78
CA GLU R 155 -78.86 31.79 8.93
C GLU R 155 -78.47 31.91 10.40
N ALA R 156 -79.41 31.58 11.28
CA ALA R 156 -79.11 31.59 12.70
C ALA R 156 -78.37 30.34 13.13
N VAL R 157 -78.76 29.19 12.58
CA VAL R 157 -78.16 27.94 13.00
C VAL R 157 -76.78 27.79 12.41
N THR R 158 -76.67 27.96 11.09
CA THR R 158 -75.39 27.74 10.44
C THR R 158 -74.31 28.62 11.03
N ARG R 159 -74.64 29.89 11.28
CA ARG R 159 -73.64 30.84 11.70
C ARG R 159 -73.23 30.64 13.15
N VAL R 160 -73.98 29.86 13.91
CA VAL R 160 -73.57 29.50 15.26
C VAL R 160 -72.55 28.38 15.22
N LEU R 161 -72.85 27.33 14.47
CA LEU R 161 -72.15 26.07 14.58
C LEU R 161 -71.11 25.86 13.50
N ASP R 162 -71.01 26.78 12.54
CA ASP R 162 -70.18 26.59 11.35
C ASP R 162 -70.66 25.37 10.57
N VAL R 163 -71.95 25.32 10.29
CA VAL R 163 -72.58 24.21 9.60
C VAL R 163 -73.13 24.71 8.28
N PRO R 164 -72.59 24.29 7.15
CA PRO R 164 -73.17 24.68 5.87
C PRO R 164 -74.62 24.23 5.75
N SER R 165 -75.34 24.81 4.81
CA SER R 165 -76.76 24.55 4.71
C SER R 165 -77.04 23.09 4.42
N HIS R 166 -76.36 22.51 3.44
CA HIS R 166 -76.74 21.17 3.00
C HIS R 166 -76.65 20.13 4.09
N ARG R 167 -75.98 20.42 5.21
CA ARG R 167 -75.90 19.50 6.32
C ARG R 167 -76.89 19.81 7.42
N VAL R 168 -77.74 20.80 7.23
CA VAL R 168 -78.74 21.16 8.22
C VAL R 168 -80.09 21.23 7.53
N ALA R 169 -81.13 20.85 8.26
CA ALA R 169 -82.45 20.78 7.66
C ALA R 169 -83.49 20.90 8.75
N VAL R 170 -84.71 21.20 8.33
CA VAL R 170 -85.79 21.56 9.24
C VAL R 170 -87.10 20.99 8.72
N ALA R 171 -88.09 20.94 9.62
CA ALA R 171 -89.35 20.32 9.33
C ALA R 171 -90.52 21.14 9.87
N PRO R 172 -91.60 21.25 9.10
CA PRO R 172 -92.77 21.94 9.63
C PRO R 172 -93.55 21.16 10.69
N LYS R 173 -94.36 21.93 11.40
CA LYS R 173 -95.04 21.66 12.66
C LYS R 173 -94.18 21.05 13.75
N LYS R 174 -94.84 20.57 14.80
CA LYS R 174 -94.22 19.84 15.89
C LYS R 174 -95.15 18.77 16.44
N ILE R 175 -96.19 19.21 17.15
CA ILE R 175 -97.24 18.30 17.63
C ILE R 175 -98.60 18.96 17.42
N LYS R 176 -98.81 20.09 18.10
CA LYS R 176 -100.12 20.70 18.25
C LYS R 176 -100.22 21.90 17.30
N GLU R 177 -101.37 22.04 16.66
CA GLU R 177 -101.61 23.16 15.79
C GLU R 177 -103.05 23.64 15.94
N PRO S 39 -58.99 20.06 30.01
CA PRO S 39 -59.91 19.56 29.00
C PRO S 39 -61.02 20.57 28.70
N LYS S 40 -62.21 20.12 28.30
CA LYS S 40 -63.32 21.04 28.04
C LYS S 40 -63.53 22.06 29.15
N ASP S 41 -63.44 21.65 30.41
CA ASP S 41 -63.92 22.48 31.51
C ASP S 41 -63.47 23.93 31.40
N SER S 42 -62.18 24.17 31.17
CA SER S 42 -61.72 25.55 31.02
C SER S 42 -62.40 26.25 29.85
N ILE S 43 -63.10 25.49 28.99
CA ILE S 43 -63.93 26.14 27.97
C ILE S 43 -65.18 26.73 28.61
N ASP S 44 -65.94 25.90 29.30
CA ASP S 44 -67.29 26.27 29.68
C ASP S 44 -67.29 27.59 30.44
N ASP S 45 -66.27 27.78 31.26
CA ASP S 45 -66.11 29.06 31.94
C ASP S 45 -66.04 30.20 30.94
N TYR S 46 -65.19 30.08 29.93
CA TYR S 46 -65.02 31.19 28.99
C TYR S 46 -66.35 31.62 28.41
N GLU S 47 -67.10 30.69 27.82
CA GLU S 47 -68.33 31.08 27.15
C GLU S 47 -69.21 31.92 28.06
N LYS S 48 -69.54 31.39 29.23
CA LYS S 48 -70.41 32.14 30.13
C LYS S 48 -69.82 33.49 30.46
N GLU S 49 -68.52 33.55 30.71
CA GLU S 49 -67.88 34.82 30.97
C GLU S 49 -68.17 35.80 29.85
N TYR S 50 -68.20 35.32 28.61
CA TYR S 50 -68.70 36.14 27.51
C TYR S 50 -70.19 36.35 27.63
N GLU S 51 -70.94 35.25 27.74
CA GLU S 51 -72.39 35.31 27.62
C GLU S 51 -72.99 36.36 28.55
N ASN S 52 -72.39 36.54 29.71
CA ASN S 52 -72.95 37.45 30.69
C ASN S 52 -72.61 38.89 30.37
N GLN S 53 -71.40 39.14 29.86
CA GLN S 53 -70.98 40.51 29.62
C GLN S 53 -71.88 41.17 28.59
N LEU S 54 -71.92 40.61 27.38
CA LEU S 54 -72.75 41.18 26.34
C LEU S 54 -74.16 41.41 26.85
N LYS S 55 -74.69 40.43 27.58
CA LYS S 55 -76.00 40.58 28.17
C LYS S 55 -76.10 41.87 28.95
N GLU S 56 -75.38 41.93 30.07
CA GLU S 56 -75.49 43.07 30.96
C GLU S 56 -75.18 44.38 30.25
N ILE S 57 -74.36 44.31 29.20
CA ILE S 57 -73.95 45.52 28.51
C ILE S 57 -74.99 45.94 27.48
N LEU S 58 -75.50 44.97 26.73
CA LEU S 58 -76.33 45.30 25.58
C LEU S 58 -77.71 45.76 25.98
N GLU S 59 -78.11 45.47 27.21
CA GLU S 59 -79.31 46.11 27.74
C GLU S 59 -79.14 47.61 27.85
N THR S 60 -77.90 48.09 27.76
CA THR S 60 -77.56 49.46 28.09
C THR S 60 -77.49 50.35 26.85
N ILE S 61 -77.84 49.82 25.69
CA ILE S 61 -77.99 50.67 24.53
C ILE S 61 -79.45 51.08 24.46
N ILE S 62 -79.87 51.55 23.29
CA ILE S 62 -80.96 52.52 23.19
C ILE S 62 -82.17 52.29 24.10
N GLY S 63 -82.97 51.23 23.97
CA GLY S 63 -82.61 49.93 23.42
C GLY S 63 -83.86 49.27 22.88
N VAL S 64 -83.85 47.98 22.55
CA VAL S 64 -82.90 46.97 23.02
C VAL S 64 -83.00 46.87 24.53
N ASP S 65 -84.15 46.36 24.99
CA ASP S 65 -84.46 46.33 26.42
C ASP S 65 -84.19 45.00 27.08
N ASP S 66 -83.71 43.99 26.36
CA ASP S 66 -83.41 42.69 26.96
C ASP S 66 -82.82 41.75 25.94
N VAL S 67 -82.11 40.71 26.38
CA VAL S 67 -81.38 39.83 25.49
C VAL S 67 -81.14 38.47 26.10
N SER S 68 -80.83 37.52 25.22
CA SER S 68 -80.41 36.18 25.59
C SER S 68 -79.48 35.72 24.47
N VAL S 69 -78.43 34.99 24.82
CA VAL S 69 -77.35 34.72 23.88
C VAL S 69 -76.82 33.32 24.04
N VAL S 70 -75.98 32.94 23.09
CA VAL S 70 -75.25 31.69 23.08
C VAL S 70 -73.95 31.95 22.32
N VAL S 71 -72.93 31.17 22.63
CA VAL S 71 -71.63 31.31 21.99
C VAL S 71 -70.94 29.96 21.88
N ASN S 72 -70.11 29.81 20.86
CA ASN S 72 -69.33 28.60 20.64
C ASN S 72 -67.87 28.95 20.53
N VAL S 73 -67.09 28.40 21.45
CA VAL S 73 -65.64 28.51 21.41
C VAL S 73 -65.09 27.38 20.58
N ASP S 74 -64.01 27.66 19.85
CA ASP S 74 -63.48 26.68 18.90
C ASP S 74 -62.36 25.87 19.50
N ALA S 75 -61.98 26.16 20.74
CA ALA S 75 -60.77 25.54 21.28
C ALA S 75 -60.68 25.80 22.77
N THR S 76 -59.64 25.26 23.36
CA THR S 76 -59.21 25.65 24.69
C THR S 76 -58.03 26.61 24.53
N SER S 77 -57.41 26.98 25.64
CA SER S 77 -56.34 27.95 25.61
C SER S 77 -55.14 27.40 24.87
N LEU S 78 -54.53 28.26 24.06
CA LEU S 78 -53.42 27.90 23.19
C LEU S 78 -52.09 28.20 23.84
N LYS S 79 -51.25 27.18 23.93
CA LYS S 79 -49.85 27.35 24.30
C LYS S 79 -49.06 27.96 23.17
N VAL S 80 -47.88 28.46 23.50
CA VAL S 80 -46.83 28.73 22.53
C VAL S 80 -45.52 28.29 23.15
N TYR S 81 -44.64 27.76 22.31
CA TYR S 81 -43.37 27.23 22.76
C TYR S 81 -42.25 27.84 21.93
N GLU S 82 -41.12 28.05 22.56
CA GLU S 82 -40.03 28.77 21.90
C GLU S 82 -39.36 27.85 20.90
N LYS S 83 -38.76 28.44 19.88
CA LYS S 83 -38.08 27.66 18.86
C LYS S 83 -36.84 28.38 18.35
N ASN S 84 -35.77 27.60 18.21
CA ASN S 84 -34.69 27.98 17.34
C ASN S 84 -35.20 28.00 15.91
N LYS S 85 -34.50 28.73 15.05
CA LYS S 85 -35.02 28.97 13.72
C LYS S 85 -33.91 29.19 12.72
N SER S 86 -34.27 28.96 11.46
CA SER S 86 -33.40 29.21 10.32
C SER S 86 -34.31 29.58 9.18
N ASN S 87 -33.90 30.54 8.37
CA ASN S 87 -34.73 31.04 7.29
C ASN S 87 -33.84 31.42 6.12
N LYS S 88 -34.27 31.04 4.93
CA LYS S 88 -33.52 31.34 3.72
C LYS S 88 -34.50 31.76 2.65
N ASN S 89 -34.37 32.99 2.16
CA ASN S 89 -35.14 33.48 1.04
C ASN S 89 -34.19 33.88 -0.07
N THR S 90 -34.19 33.10 -1.13
CA THR S 90 -33.39 33.39 -2.31
C THR S 90 -34.33 33.53 -3.49
N THR S 91 -34.45 34.75 -3.99
CA THR S 91 -35.29 35.00 -5.14
C THR S 91 -34.52 35.86 -6.13
N THR S 92 -34.84 35.69 -7.41
CA THR S 92 -34.24 36.52 -8.45
C THR S 92 -35.25 36.76 -9.56
N GLU S 93 -34.95 37.76 -10.38
CA GLU S 93 -35.77 38.12 -11.52
C GLU S 93 -34.88 38.68 -12.61
N GLU S 94 -35.28 38.45 -13.87
CA GLU S 94 -34.45 38.84 -15.00
C GLU S 94 -35.33 39.29 -16.16
N THR S 95 -34.89 40.35 -16.83
CA THR S 95 -35.38 40.69 -18.15
C THR S 95 -34.21 41.28 -18.92
N ASP S 96 -34.33 41.31 -20.24
CA ASP S 96 -33.23 41.78 -21.07
C ASP S 96 -33.79 42.31 -22.40
N LYS S 97 -32.88 42.55 -23.34
CA LYS S 97 -33.19 43.12 -24.64
C LYS S 97 -34.29 42.34 -25.36
N GLU S 98 -34.13 41.02 -25.48
CA GLU S 98 -35.12 40.18 -26.14
C GLU S 98 -36.22 39.86 -25.13
N GLY S 99 -35.93 38.95 -24.21
CA GLY S 99 -36.53 38.95 -22.91
C GLY S 99 -35.81 37.96 -22.02
N GLY S 100 -35.71 38.32 -20.74
CA GLY S 100 -35.08 37.47 -19.75
C GLY S 100 -36.07 36.99 -18.73
N LYS S 101 -37.36 37.16 -19.00
CA LYS S 101 -38.39 37.07 -17.97
C LYS S 101 -38.25 35.72 -17.29
N ARG S 102 -37.94 35.76 -16.00
CA ARG S 102 -37.76 34.58 -15.17
C ARG S 102 -38.06 35.01 -13.75
N SER S 103 -38.71 34.13 -13.01
CA SER S 103 -38.88 34.31 -11.57
C SER S 103 -38.41 33.02 -10.92
N VAL S 104 -37.46 33.13 -10.01
CA VAL S 104 -37.03 32.00 -9.20
C VAL S 104 -37.16 32.45 -7.75
N THR S 105 -38.10 31.85 -7.04
CA THR S 105 -38.36 32.24 -5.66
C THR S 105 -38.13 31.03 -4.77
N ASP S 106 -37.08 31.08 -3.97
CA ASP S 106 -36.72 29.99 -3.08
C ASP S 106 -36.99 30.42 -1.65
N GLN S 107 -37.70 29.57 -0.92
CA GLN S 107 -38.00 29.82 0.47
C GLN S 107 -37.79 28.53 1.23
N SER S 108 -36.87 28.54 2.19
CA SER S 108 -36.57 27.39 3.02
C SER S 108 -36.55 27.81 4.47
N SER S 109 -37.28 27.08 5.30
CA SER S 109 -37.41 27.42 6.71
C SER S 109 -37.34 26.13 7.52
N GLU S 110 -36.46 26.12 8.51
CA GLU S 110 -36.43 25.08 9.49
C GLU S 110 -36.79 25.66 10.84
N GLU S 111 -37.49 24.87 11.64
CA GLU S 111 -37.79 25.23 13.00
C GLU S 111 -37.48 24.06 13.89
N GLU S 112 -37.04 24.36 15.09
CA GLU S 112 -36.74 23.35 16.09
C GLU S 112 -37.13 23.90 17.43
N ILE S 113 -37.77 23.06 18.24
CA ILE S 113 -38.17 23.49 19.56
C ILE S 113 -36.97 23.49 20.49
N VAL S 114 -37.11 24.21 21.59
CA VAL S 114 -36.08 24.29 22.61
C VAL S 114 -36.53 23.47 23.81
N MET S 115 -35.58 22.90 24.51
CA MET S 115 -35.86 22.03 25.64
C MET S 115 -34.92 22.32 26.79
N ILE S 116 -35.51 22.64 27.94
CA ILE S 116 -34.81 22.78 29.20
C ILE S 116 -34.26 21.43 29.59
N LYS S 117 -33.27 21.42 30.47
CA LYS S 117 -32.74 20.20 31.04
C LYS S 117 -32.48 20.36 32.53
N ASN S 118 -33.03 19.43 33.29
CA ASN S 118 -32.73 19.31 34.72
C ASN S 118 -32.51 17.82 34.98
N GLY S 119 -31.30 17.50 35.43
CA GLY S 119 -30.96 16.11 35.65
C GLY S 119 -31.21 15.29 34.41
N ASP S 120 -32.05 14.28 34.55
CA ASP S 120 -32.57 13.53 33.42
C ASP S 120 -33.70 14.26 32.70
N LYS S 121 -34.45 15.08 33.42
CA LYS S 121 -35.65 15.70 32.87
C LYS S 121 -35.32 16.64 31.73
N GLU S 122 -36.27 16.77 30.82
CA GLU S 122 -36.16 17.65 29.67
C GLU S 122 -37.56 18.22 29.44
N THR S 123 -37.67 19.54 29.37
CA THR S 123 -38.98 20.17 29.30
C THR S 123 -38.97 21.39 28.39
N PRO S 124 -40.10 21.66 27.75
CA PRO S 124 -40.18 22.76 26.80
C PRO S 124 -40.31 24.10 27.49
N VAL S 125 -40.13 25.15 26.70
CA VAL S 125 -40.23 26.51 27.20
C VAL S 125 -41.62 27.05 26.95
N VAL S 126 -42.11 27.84 27.88
CA VAL S 126 -43.43 28.47 27.76
C VAL S 126 -43.23 29.95 27.53
N VAL S 127 -43.59 30.41 26.34
CA VAL S 127 -43.53 31.81 26.02
C VAL S 127 -44.75 32.55 26.51
N GLN S 128 -45.87 32.38 25.85
CA GLN S 128 -47.11 33.01 26.27
C GLN S 128 -48.26 32.07 25.95
N THR S 129 -49.46 32.60 26.05
CA THR S 129 -50.70 31.85 26.01
C THR S 129 -51.74 32.73 25.35
N LYS S 130 -52.59 32.14 24.52
CA LYS S 130 -53.58 32.90 23.79
C LYS S 130 -54.98 32.41 24.09
N LYS S 131 -55.92 33.28 23.84
CA LYS S 131 -57.32 32.94 23.93
C LYS S 131 -57.88 32.52 22.58
N PRO S 132 -58.89 31.68 22.60
CA PRO S 132 -59.45 31.11 21.38
C PRO S 132 -60.35 32.05 20.61
N ASP S 133 -60.61 31.68 19.37
CA ASP S 133 -61.58 32.39 18.55
C ASP S 133 -63.00 32.02 18.97
N ILE S 134 -63.99 32.47 18.19
CA ILE S 134 -65.36 32.56 18.68
C ILE S 134 -66.35 32.33 17.55
N ARG S 135 -67.54 31.83 17.93
CA ARG S 135 -68.72 31.80 17.07
C ARG S 135 -69.97 32.02 17.93
N GLY S 136 -70.83 32.96 17.55
CA GLY S 136 -71.88 33.37 18.47
C GLY S 136 -73.06 34.04 17.78
N VAL S 137 -74.21 33.99 18.47
CA VAL S 137 -75.42 34.73 18.10
C VAL S 137 -76.16 35.14 19.36
N LEU S 138 -77.41 35.58 19.15
CA LEU S 138 -78.07 36.52 20.05
C LEU S 138 -79.58 36.46 19.94
N VAL S 139 -80.25 36.90 21.00
CA VAL S 139 -81.67 37.24 20.98
C VAL S 139 -81.88 38.53 21.75
N VAL S 140 -82.86 39.32 21.33
CA VAL S 140 -83.06 40.64 21.89
C VAL S 140 -84.51 41.09 21.71
N ALA S 141 -85.01 41.86 22.67
CA ALA S 141 -86.43 42.27 22.68
C ALA S 141 -86.76 43.17 21.50
N GLN S 142 -85.74 43.59 20.76
CA GLN S 142 -85.91 44.43 19.58
C GLN S 142 -84.66 44.24 18.76
N GLY S 143 -84.68 44.57 17.47
CA GLY S 143 -83.62 44.04 16.66
C GLY S 143 -83.73 44.32 15.18
N VAL S 144 -83.19 43.37 14.40
CA VAL S 144 -82.91 43.56 12.99
C VAL S 144 -84.07 44.18 12.21
N ASP S 145 -85.31 44.10 12.72
CA ASP S 145 -86.38 44.81 12.05
C ASP S 145 -86.12 46.30 11.98
N ASN S 146 -85.35 46.86 12.93
CA ASN S 146 -84.97 48.27 12.88
C ASN S 146 -83.49 48.31 12.53
N VAL S 147 -83.22 48.76 11.31
CA VAL S 147 -81.92 48.60 10.69
C VAL S 147 -80.85 49.29 11.54
N GLN S 148 -81.25 50.35 12.23
CA GLN S 148 -80.25 51.13 12.97
C GLN S 148 -79.94 50.53 14.32
N ILE S 149 -80.81 49.64 14.81
CA ILE S 149 -80.41 48.80 15.92
C ILE S 149 -79.85 47.49 15.38
N LYS S 150 -80.01 47.25 14.08
CA LYS S 150 -79.37 46.10 13.46
C LYS S 150 -77.88 46.34 13.29
N GLN S 151 -77.52 47.41 12.59
CA GLN S 151 -76.14 47.61 12.20
C GLN S 151 -75.31 48.00 13.41
N THR S 152 -75.92 48.73 14.34
CA THR S 152 -75.25 49.10 15.58
C THR S 152 -74.60 47.89 16.23
N ILE S 153 -75.35 46.79 16.29
CA ILE S 153 -74.92 45.63 17.06
C ILE S 153 -73.80 44.91 16.35
N ILE S 154 -74.02 44.56 15.10
CA ILE S 154 -73.02 43.82 14.34
C ILE S 154 -71.66 44.47 14.51
N GLU S 155 -71.59 45.77 14.27
CA GLU S 155 -70.32 46.46 14.31
C GLU S 155 -69.81 46.50 15.75
N ALA S 156 -70.71 46.36 16.71
CA ALA S 156 -70.31 46.32 18.10
C ALA S 156 -69.79 44.95 18.49
N VAL S 157 -70.44 43.90 17.99
CA VAL S 157 -70.06 42.54 18.38
C VAL S 157 -68.78 42.13 17.70
N THR S 158 -68.74 42.28 16.38
CA THR S 158 -67.58 41.81 15.63
C THR S 158 -66.31 42.47 16.12
N ARG S 159 -66.36 43.77 16.37
CA ARG S 159 -65.17 44.52 16.70
C ARG S 159 -64.69 44.24 18.12
N VAL S 160 -65.53 43.63 18.94
CA VAL S 160 -65.09 43.20 20.27
C VAL S 160 -64.31 41.90 20.17
N LEU S 161 -64.87 40.94 19.46
CA LEU S 161 -64.42 39.56 19.54
C LEU S 161 -63.52 39.15 18.38
N ASP S 162 -63.32 40.03 17.41
CA ASP S 162 -62.64 39.68 16.16
C ASP S 162 -63.41 38.57 15.44
N VAL S 163 -64.70 38.78 15.26
CA VAL S 163 -65.57 37.79 14.64
C VAL S 163 -66.13 38.40 13.36
N PRO S 164 -65.77 37.87 12.19
CA PRO S 164 -66.37 38.37 10.95
C PRO S 164 -67.87 38.21 10.96
N SER S 165 -68.53 38.92 10.06
CA SER S 165 -69.98 38.94 10.07
C SER S 165 -70.57 37.56 9.83
N HIS S 166 -70.08 36.86 8.81
CA HIS S 166 -70.75 35.62 8.42
C HIS S 166 -70.77 34.58 9.52
N ARG S 167 -69.98 34.74 10.58
CA ARG S 167 -69.99 33.82 11.69
C ARG S 167 -70.82 34.32 12.87
N VAL S 168 -71.47 35.46 12.71
CA VAL S 168 -72.30 36.00 13.77
C VAL S 168 -73.66 36.34 13.19
N ALA S 169 -74.70 36.16 14.01
CA ALA S 169 -76.04 36.34 13.51
C ALA S 169 -76.96 36.67 14.68
N VAL S 170 -78.13 37.21 14.33
CA VAL S 170 -79.04 37.78 15.31
C VAL S 170 -80.47 37.46 14.91
N ALA S 171 -81.37 37.60 15.88
CA ALA S 171 -82.75 37.24 15.69
C ALA S 171 -83.70 38.26 16.30
N PRO S 172 -84.80 38.58 15.63
CA PRO S 172 -85.77 39.49 16.23
C PRO S 172 -86.59 38.88 17.35
N LYS S 173 -87.19 39.79 18.11
CA LYS S 173 -87.80 39.66 19.42
C LYS S 173 -87.00 38.90 20.46
N LYS S 174 -87.66 38.55 21.56
CA LYS S 174 -87.10 37.71 22.61
C LYS S 174 -88.19 36.85 23.25
N ILE S 175 -89.06 37.48 24.02
CA ILE S 175 -90.22 36.81 24.60
C ILE S 175 -91.44 37.72 24.49
N LYS S 176 -91.38 38.86 25.15
CA LYS S 176 -92.54 39.72 25.39
C LYS S 176 -92.46 40.90 24.43
N GLU S 177 -93.62 41.27 23.87
CA GLU S 177 -93.71 42.42 23.00
C GLU S 177 -95.01 43.16 23.27
N PRO T 39 -51.51 31.20 34.01
CA PRO T 39 -52.60 30.88 33.07
C PRO T 39 -53.51 32.09 32.84
N LYS T 40 -54.78 31.88 32.54
CA LYS T 40 -55.72 32.98 32.35
C LYS T 40 -55.63 34.04 33.45
N ASP T 41 -55.52 33.62 34.71
CA ASP T 41 -55.75 34.53 35.83
C ASP T 41 -55.05 35.87 35.66
N SER T 42 -53.76 35.85 35.33
CA SER T 42 -53.05 37.12 35.12
C SER T 42 -53.68 37.92 33.99
N ILE T 43 -54.57 37.33 33.21
CA ILE T 43 -55.34 38.11 32.24
C ILE T 43 -56.38 38.94 32.95
N ASP T 44 -57.24 38.26 33.72
CA ASP T 44 -58.47 38.89 34.19
C ASP T 44 -58.14 40.18 34.92
N ASP T 45 -57.04 40.19 35.66
CA ASP T 45 -56.59 41.41 36.31
C ASP T 45 -56.39 42.52 35.28
N TYR T 46 -55.66 42.23 34.20
CA TYR T 46 -55.35 43.28 33.25
C TYR T 46 -56.61 43.96 32.76
N GLU T 47 -57.57 43.20 32.25
CA GLU T 47 -58.75 43.81 31.66
C GLU T 47 -59.38 44.80 32.62
N LYS T 48 -59.71 44.36 33.83
CA LYS T 48 -60.35 45.25 34.77
C LYS T 48 -59.49 46.47 35.04
N GLU T 49 -58.18 46.28 35.17
CA GLU T 49 -57.29 47.40 35.37
C GLU T 49 -57.47 48.42 34.25
N TYR T 50 -57.69 47.95 33.03
CA TYR T 50 -58.10 48.85 31.97
C TYR T 50 -59.52 49.34 32.18
N GLU T 51 -60.45 48.41 32.38
CA GLU T 51 -61.87 48.75 32.36
C GLU T 51 -62.18 49.89 33.30
N ASN T 52 -61.46 49.96 34.42
CA ASN T 52 -61.77 50.97 35.43
C ASN T 52 -61.17 52.31 35.06
N GLN T 53 -59.99 52.32 34.46
CA GLN T 53 -59.34 53.58 34.15
C GLN T 53 -60.16 54.39 33.18
N LEU T 54 -60.41 53.85 32.00
CA LEU T 54 -61.20 54.57 31.01
C LEU T 54 -62.49 55.07 31.62
N LYS T 55 -63.14 54.21 32.40
CA LYS T 55 -64.35 54.62 33.08
C LYS T 55 -64.13 55.90 33.85
N GLU T 56 -63.34 55.83 34.91
CA GLU T 56 -63.15 56.98 35.79
C GLU T 56 -62.64 58.19 35.03
N ILE T 57 -61.94 57.97 33.93
CA ILE T 57 -61.35 59.07 33.18
C ILE T 57 -62.38 59.67 32.23
N LEU T 58 -63.13 58.81 31.53
CA LEU T 58 -63.95 59.30 30.44
C LEU T 58 -65.19 60.02 30.94
N GLU T 59 -65.55 59.82 32.20
CA GLU T 59 -66.56 60.67 32.80
C GLU T 59 -66.10 62.11 32.88
N THR T 60 -64.79 62.35 32.69
CA THR T 60 -64.17 63.62 32.97
C THR T 60 -64.03 64.48 31.71
N ILE T 61 -64.56 64.03 30.59
CA ILE T 61 -64.64 64.89 29.43
C ILE T 61 -65.99 65.57 29.46
N ILE T 62 -66.40 66.11 28.32
CA ILE T 62 -67.28 67.27 28.28
C ILE T 62 -68.44 67.29 29.29
N GLY T 63 -69.43 66.40 29.24
CA GLY T 63 -69.38 65.06 28.68
C GLY T 63 -70.77 64.65 28.25
N VAL T 64 -71.03 63.38 27.94
CA VAL T 64 -70.26 62.20 28.35
C VAL T 64 -70.27 62.12 29.87
N ASP T 65 -71.45 61.85 30.43
CA ASP T 65 -71.65 61.89 31.87
C ASP T 65 -71.59 60.52 32.55
N ASP T 66 -71.38 59.44 31.80
CA ASP T 66 -71.29 58.12 32.40
C ASP T 66 -70.96 57.07 31.35
N VAL T 67 -70.44 55.91 31.77
CA VAL T 67 -69.96 54.91 30.82
C VAL T 67 -69.94 53.53 31.45
N SER T 68 -69.89 52.54 30.57
CA SER T 68 -69.71 51.14 30.92
C SER T 68 -68.98 50.51 29.75
N VAL T 69 -68.06 49.58 30.02
CA VAL T 69 -67.13 49.12 29.01
C VAL T 69 -66.86 47.64 29.16
N VAL T 70 -66.19 47.10 28.15
CA VAL T 70 -65.71 45.74 28.11
C VAL T 70 -64.45 45.73 27.26
N VAL T 71 -63.58 44.76 27.50
CA VAL T 71 -62.33 44.65 26.76
C VAL T 71 -61.93 43.20 26.63
N ASN T 72 -61.22 42.88 25.54
CA ASN T 72 -60.71 41.55 25.29
C ASN T 72 -59.22 41.61 25.07
N VAL T 73 -58.49 40.92 25.93
CA VAL T 73 -57.05 40.76 25.78
C VAL T 73 -56.80 39.53 24.93
N ASP T 74 -55.75 39.60 24.12
CA ASP T 74 -55.50 38.53 23.15
C ASP T 74 -54.49 37.52 23.68
N ALA T 75 -53.97 37.73 24.88
CA ALA T 75 -52.88 36.89 25.34
C ALA T 75 -52.62 37.15 26.82
N THR T 76 -51.66 36.40 27.33
CA THR T 76 -51.06 36.71 28.62
C THR T 76 -49.74 37.43 28.35
N SER T 77 -48.98 37.67 29.41
CA SER T 77 -47.74 38.42 29.28
C SER T 77 -46.73 37.64 28.46
N LEU T 78 -46.03 38.37 27.59
CA LEU T 78 -45.08 37.80 26.65
C LEU T 78 -43.67 37.84 27.20
N LYS T 79 -43.03 36.68 27.22
CA LYS T 79 -41.61 36.57 27.49
C LYS T 79 -40.80 37.01 26.29
N VAL T 80 -39.53 37.28 26.53
CA VAL T 80 -38.52 37.33 25.48
C VAL T 80 -37.28 36.65 26.01
N TYR T 81 -36.59 35.96 25.12
CA TYR T 81 -35.40 35.19 25.48
C TYR T 81 -34.27 35.58 24.55
N GLU T 82 -33.06 35.57 25.09
CA GLU T 82 -31.92 36.05 24.34
C GLU T 82 -31.52 35.02 23.31
N LYS T 83 -30.89 35.48 22.23
CA LYS T 83 -30.46 34.59 21.18
C LYS T 83 -29.15 35.04 20.57
N ASN T 84 -28.26 34.07 20.36
CA ASN T 84 -27.19 34.24 19.40
C ASN T 84 -27.80 34.35 18.02
N LYS T 85 -27.05 34.94 17.09
CA LYS T 85 -27.61 35.27 15.80
C LYS T 85 -26.55 35.26 14.72
N SER T 86 -27.05 35.10 13.50
CA SER T 86 -26.23 35.17 12.29
C SER T 86 -27.16 35.70 11.21
N ASN T 87 -26.63 36.57 10.35
CA ASN T 87 -27.42 37.22 9.33
C ASN T 87 -26.57 37.41 8.10
N LYS T 88 -27.15 37.12 6.95
CA LYS T 88 -26.46 37.27 5.68
C LYS T 88 -27.43 37.87 4.67
N ASN T 89 -27.09 39.04 4.16
CA ASN T 89 -27.84 39.68 3.09
C ASN T 89 -26.91 39.88 1.91
N THR T 90 -27.14 39.11 0.86
CA THR T 90 -26.40 39.24 -0.38
C THR T 90 -27.38 39.56 -1.48
N THR T 91 -27.30 40.77 -2.01
CA THR T 91 -28.17 41.17 -3.10
C THR T 91 -27.33 41.87 -4.16
N THR T 92 -27.78 41.75 -5.41
CA THR T 92 -27.11 42.45 -6.49
C THR T 92 -28.13 42.88 -7.53
N GLU T 93 -27.71 43.81 -8.39
CA GLU T 93 -28.54 44.31 -9.46
C GLU T 93 -27.64 44.68 -10.63
N GLU T 94 -28.16 44.53 -11.85
CA GLU T 94 -27.38 44.74 -13.05
C GLU T 94 -28.24 45.36 -14.14
N THR T 95 -27.65 46.31 -14.86
CA THR T 95 -28.16 46.73 -16.16
C THR T 95 -26.96 47.09 -17.02
N ASP T 96 -27.18 47.14 -18.33
CA ASP T 96 -26.08 47.39 -19.25
C ASP T 96 -26.63 48.01 -20.53
N LYS T 97 -25.76 48.06 -21.55
CA LYS T 97 -26.06 48.68 -22.83
C LYS T 97 -27.34 48.13 -23.46
N GLU T 98 -27.45 46.80 -23.57
CA GLU T 98 -28.63 46.16 -24.13
C GLU T 98 -29.70 46.06 -23.04
N GLY T 99 -29.51 45.11 -22.13
CA GLY T 99 -30.00 45.24 -20.79
C GLY T 99 -29.42 44.14 -19.93
N GLY T 100 -29.15 44.46 -18.67
CA GLY T 100 -28.62 43.51 -17.72
C GLY T 100 -29.61 43.24 -16.61
N LYS T 101 -30.85 43.66 -16.79
CA LYS T 101 -31.79 43.75 -15.68
C LYS T 101 -31.86 42.41 -14.99
N ARG T 102 -31.46 42.40 -13.74
CA ARG T 102 -31.44 41.22 -12.89
C ARG T 102 -31.55 41.69 -11.46
N SER T 103 -32.29 40.95 -10.66
CA SER T 103 -32.30 41.17 -9.22
C SER T 103 -32.05 39.82 -8.59
N VAL T 104 -31.03 39.74 -7.75
CA VAL T 104 -30.77 38.56 -6.95
C VAL T 104 -30.70 39.03 -5.52
N THR T 105 -31.67 38.62 -4.71
CA THR T 105 -31.75 39.05 -3.32
C THR T 105 -31.69 37.83 -2.43
N ASP T 106 -30.59 37.67 -1.72
CA ASP T 106 -30.37 36.54 -0.84
C ASP T 106 -30.45 37.02 0.60
N GLN T 107 -31.25 36.32 1.40
CA GLN T 107 -31.38 36.63 2.80
C GLN T 107 -31.36 35.32 3.57
N SER T 108 -30.39 35.17 4.46
CA SER T 108 -30.26 33.98 5.27
C SER T 108 -30.04 34.39 6.72
N SER T 109 -30.84 33.82 7.61
CA SER T 109 -30.79 34.17 9.02
C SER T 109 -30.91 32.91 9.85
N GLU T 110 -29.97 32.74 10.76
CA GLU T 110 -30.05 31.69 11.75
C GLU T 110 -30.19 32.34 13.13
N GLU T 111 -30.97 31.71 13.98
CA GLU T 111 -31.09 32.13 15.36
C GLU T 111 -30.95 30.92 16.24
N GLU T 112 -30.37 31.13 17.41
CA GLU T 112 -30.20 30.09 18.39
C GLU T 112 -30.37 30.71 19.76
N ILE T 113 -31.08 30.02 20.63
CA ILE T 113 -31.29 30.52 21.97
C ILE T 113 -30.04 30.28 22.80
N VAL T 114 -29.96 31.01 23.89
CA VAL T 114 -28.87 30.90 24.83
C VAL T 114 -29.37 30.19 26.08
N MET T 115 -28.49 29.44 26.71
CA MET T 115 -28.85 28.65 27.88
C MET T 115 -27.77 28.76 28.95
N ILE T 116 -28.20 29.18 30.13
CA ILE T 116 -27.39 29.19 31.33
C ILE T 116 -27.09 27.76 31.71
N LYS T 117 -26.05 27.56 32.50
CA LYS T 117 -25.72 26.27 33.05
C LYS T 117 -25.33 26.39 34.51
N ASN T 118 -25.98 25.57 35.33
CA ASN T 118 -25.61 25.40 36.73
C ASN T 118 -25.65 23.90 37.01
N GLY T 119 -24.50 23.35 37.36
CA GLY T 119 -24.41 21.93 37.58
C GLY T 119 -24.91 21.16 36.38
N ASP T 120 -25.93 20.33 36.61
CA ASP T 120 -26.66 19.69 35.53
C ASP T 120 -27.67 20.63 34.90
N LYS T 121 -28.20 21.59 35.65
CA LYS T 121 -29.29 22.42 35.18
C LYS T 121 -28.87 23.27 34.00
N GLU T 122 -29.85 23.59 33.16
CA GLU T 122 -29.67 24.43 31.99
C GLU T 122 -30.94 25.25 31.86
N THR T 123 -30.80 26.57 31.77
CA THR T 123 -31.98 27.44 31.80
C THR T 123 -31.80 28.62 30.86
N PRO T 124 -32.90 29.11 30.30
CA PRO T 124 -32.85 30.20 29.34
C PRO T 124 -32.65 31.55 30.02
N VAL T 125 -32.33 32.53 29.19
CA VAL T 125 -32.13 33.89 29.68
C VAL T 125 -33.42 34.69 29.52
N VAL T 126 -33.67 35.57 30.47
CA VAL T 126 -34.84 36.43 30.45
C VAL T 126 -34.39 37.85 30.18
N VAL T 127 -34.74 38.37 29.00
CA VAL T 127 -34.43 39.73 28.65
C VAL T 127 -35.45 40.70 29.22
N GLN T 128 -36.63 40.73 28.64
CA GLN T 128 -37.69 41.59 29.15
C GLN T 128 -39.02 40.90 28.93
N THR T 129 -40.08 41.66 29.11
CA THR T 129 -41.43 41.15 29.18
C THR T 129 -42.34 42.22 28.59
N LYS T 130 -43.34 41.80 27.83
CA LYS T 130 -44.24 42.73 27.17
C LYS T 130 -45.67 42.53 27.59
N LYS T 131 -46.44 43.55 27.38
CA LYS T 131 -47.87 43.50 27.58
C LYS T 131 -48.60 43.20 26.29
N PRO T 132 -49.76 42.56 26.41
CA PRO T 132 -50.50 42.10 25.24
C PRO T 132 -51.25 43.21 24.52
N ASP T 133 -51.68 42.89 23.31
CA ASP T 133 -52.56 43.77 22.56
C ASP T 133 -53.99 43.68 23.09
N ILE T 134 -54.92 44.29 22.38
CA ILE T 134 -56.21 44.66 22.97
C ILE T 134 -57.32 44.63 21.92
N ARG T 135 -58.54 44.36 22.40
CA ARG T 135 -59.77 44.56 21.63
C ARG T 135 -60.88 45.02 22.58
N GLY T 136 -61.58 46.10 22.25
CA GLY T 136 -62.45 46.72 23.23
C GLY T 136 -63.53 47.60 22.62
N VAL T 137 -64.61 47.77 23.40
CA VAL T 137 -65.68 48.72 23.11
C VAL T 137 -66.23 49.29 24.41
N LEU T 138 -67.38 49.96 24.29
CA LEU T 138 -67.77 51.00 25.22
C LEU T 138 -69.27 51.24 25.23
N VAL T 139 -69.76 51.81 26.33
CA VAL T 139 -71.09 52.41 26.41
C VAL T 139 -70.99 53.72 27.17
N VAL T 140 -71.83 54.68 26.80
CA VAL T 140 -71.73 56.03 27.35
C VAL T 140 -73.07 56.74 27.28
N ALA T 141 -73.35 57.61 28.26
CA ALA T 141 -74.64 58.27 28.36
C ALA T 141 -74.89 59.22 27.20
N GLN T 142 -73.87 59.42 26.37
CA GLN T 142 -73.97 60.27 25.21
C GLN T 142 -72.84 59.85 24.29
N GLY T 143 -72.89 60.17 23.00
CA GLY T 143 -72.03 59.44 22.11
C GLY T 143 -72.20 59.73 20.64
N VAL T 144 -71.91 58.71 19.85
CA VAL T 144 -71.71 58.83 18.41
C VAL T 144 -72.78 59.65 17.73
N ASP T 145 -73.96 59.82 18.32
CA ASP T 145 -74.93 60.73 17.73
C ASP T 145 -74.40 62.14 17.62
N ASN T 146 -73.47 62.53 18.49
CA ASN T 146 -72.83 63.85 18.38
C ASN T 146 -71.40 63.61 17.91
N VAL T 147 -71.13 63.99 16.67
CA VAL T 147 -69.94 63.58 15.95
C VAL T 147 -68.71 64.05 16.71
N GLN T 148 -68.83 65.17 17.42
CA GLN T 148 -67.64 65.74 18.06
C GLN T 148 -67.36 65.10 19.39
N ILE T 149 -68.34 64.39 19.97
CA ILE T 149 -68.02 63.49 21.06
C ILE T 149 -67.77 62.10 20.51
N LYS T 150 -68.08 61.90 19.23
CA LYS T 150 -67.72 60.64 18.57
C LYS T 150 -66.23 60.58 18.29
N GLN T 151 -65.73 61.56 17.54
CA GLN T 151 -64.36 61.49 17.05
C GLN T 151 -63.38 61.72 18.18
N THR T 152 -63.77 62.55 19.14
CA THR T 152 -62.95 62.79 20.33
C THR T 152 -62.50 61.48 20.95
N ILE T 153 -63.44 60.55 21.08
CA ILE T 153 -63.17 59.33 21.84
C ILE T 153 -62.27 58.40 21.06
N ILE T 154 -62.65 58.09 19.83
CA ILE T 154 -61.87 57.18 19.01
C ILE T 154 -60.41 57.54 19.07
N GLU T 155 -60.11 58.81 18.80
CA GLU T 155 -58.72 59.24 18.74
C GLU T 155 -58.11 59.19 20.13
N ALA T 156 -58.95 59.23 21.15
CA ALA T 156 -58.45 59.12 22.52
C ALA T 156 -58.18 57.66 22.89
N VAL T 157 -59.06 56.76 22.47
CA VAL T 157 -58.90 55.36 22.86
C VAL T 157 -57.79 54.71 22.07
N THR T 158 -57.83 54.84 20.75
CA THR T 158 -56.85 54.17 19.92
C THR T 158 -55.44 54.56 20.31
N ARG T 159 -55.22 55.85 20.55
CA ARG T 159 -53.88 56.35 20.76
C ARG T 159 -53.35 55.99 22.14
N VAL T 160 -54.23 55.56 23.04
CA VAL T 160 -53.78 55.05 24.34
C VAL T 160 -53.27 53.63 24.20
N LEU T 161 -54.06 52.79 23.55
CA LEU T 161 -53.89 51.35 23.62
C LEU T 161 -53.17 50.76 22.42
N ASP T 162 -52.87 51.58 21.42
CA ASP T 162 -52.38 51.11 20.12
C ASP T 162 -53.39 50.17 19.47
N VAL T 163 -54.63 50.62 19.39
CA VAL T 163 -55.73 49.83 18.86
C VAL T 163 -56.25 50.53 17.61
N PRO T 164 -56.10 49.93 16.43
CA PRO T 164 -56.67 50.53 15.23
C PRO T 164 -58.17 50.67 15.36
N SER T 165 -58.76 51.49 14.50
CA SER T 165 -60.17 51.79 14.61
C SER T 165 -61.02 50.55 14.45
N HIS T 166 -60.77 49.75 13.41
CA HIS T 166 -61.69 48.68 13.09
C HIS T 166 -61.83 47.66 14.21
N ARG T 167 -60.94 47.67 15.19
CA ARG T 167 -61.04 46.77 16.33
C ARG T 167 -61.67 47.42 17.55
N VAL T 168 -62.10 48.67 17.43
CA VAL T 168 -62.72 49.37 18.53
C VAL T 168 -64.03 49.95 18.05
N ALA T 169 -65.01 49.99 18.94
CA ALA T 169 -66.33 50.42 18.55
C ALA T 169 -67.08 50.92 19.77
N VAL T 170 -68.14 51.68 19.51
CA VAL T 170 -68.85 52.41 20.55
C VAL T 170 -70.35 52.38 20.27
N ALA T 171 -71.13 52.70 21.29
CA ALA T 171 -72.56 52.60 21.21
C ALA T 171 -73.24 53.79 21.87
N PRO T 172 -74.31 54.32 21.29
CA PRO T 172 -75.03 55.40 21.94
C PRO T 172 -75.87 54.95 23.13
N LYS T 173 -76.21 55.98 23.91
CA LYS T 173 -76.74 55.97 25.28
C LYS T 173 -76.02 55.07 26.26
N LYS T 174 -76.66 54.86 27.42
CA LYS T 174 -76.19 53.93 28.44
C LYS T 174 -77.36 53.30 29.17
N ILE T 175 -78.04 54.09 29.99
CA ILE T 175 -79.26 53.65 30.67
C ILE T 175 -80.28 54.78 30.63
N LYS T 176 -79.95 55.89 31.27
CA LYS T 176 -80.90 56.95 31.58
C LYS T 176 -80.69 58.10 30.60
N GLU T 177 -81.77 58.68 30.12
CA GLU T 177 -81.71 59.82 29.24
C GLU T 177 -82.81 60.80 29.59
N PRO U 39 -41.74 40.65 37.25
CA PRO U 39 -42.93 40.55 36.40
C PRO U 39 -43.61 41.92 36.23
N LYS U 40 -44.93 41.95 36.03
CA LYS U 40 -45.64 43.22 35.88
C LYS U 40 -45.26 44.24 36.95
N ASP U 41 -45.15 43.81 38.21
CA ASP U 41 -45.10 44.75 39.33
C ASP U 41 -44.17 45.92 39.07
N SER U 42 -42.93 45.67 38.65
CA SER U 42 -42.02 46.76 38.37
C SER U 42 -42.57 47.68 37.27
N ILE U 43 -43.61 47.25 36.57
CA ILE U 43 -44.28 48.17 35.65
C ILE U 43 -45.10 49.18 36.44
N ASP U 44 -46.01 48.70 37.27
CA ASP U 44 -47.05 49.55 37.82
C ASP U 44 -46.43 50.76 38.50
N ASP U 45 -45.29 50.55 39.16
CA ASP U 45 -44.56 51.67 39.75
C ASP U 45 -44.22 52.71 38.70
N TYR U 46 -43.65 52.28 37.57
CA TYR U 46 -43.22 53.24 36.56
C TYR U 46 -44.37 54.16 36.17
N GLU U 47 -45.49 53.59 35.74
CA GLU U 47 -46.58 54.42 35.24
C GLU U 47 -46.92 55.53 36.22
N LYS U 48 -47.24 55.14 37.45
CA LYS U 48 -47.62 56.16 38.43
C LYS U 48 -46.52 57.19 38.61
N GLU U 49 -45.28 56.73 38.66
CA GLU U 49 -44.17 57.68 38.76
C GLU U 49 -44.23 58.71 37.65
N TYR U 50 -44.64 58.28 36.45
CA TYR U 50 -44.94 59.24 35.40
C TYR U 50 -46.22 60.00 35.72
N GLU U 51 -47.30 59.27 35.99
CA GLU U 51 -48.62 59.87 36.08
C GLU U 51 -48.63 61.07 37.03
N ASN U 52 -47.83 60.99 38.09
CA ASN U 52 -47.85 62.04 39.09
C ASN U 52 -47.04 63.25 38.66
N GLN U 53 -45.94 63.01 37.97
CA GLN U 53 -45.08 64.13 37.59
C GLN U 53 -45.80 65.09 36.67
N LEU U 54 -46.24 64.60 35.52
CA LEU U 54 -46.95 65.46 34.58
C LEU U 54 -48.07 66.19 35.28
N LYS U 55 -48.81 65.48 36.12
CA LYS U 55 -49.87 66.11 36.89
C LYS U 55 -49.34 67.33 37.62
N GLU U 56 -48.49 67.11 38.62
CA GLU U 56 -48.02 68.19 39.46
C GLU U 56 -47.36 69.30 38.64
N ILE U 57 -46.79 68.93 37.50
CA ILE U 57 -46.07 69.90 36.68
C ILE U 57 -47.04 70.69 35.80
N LEU U 58 -47.98 69.99 35.18
CA LEU U 58 -48.78 70.62 34.14
C LEU U 58 -49.81 71.57 34.73
N GLU U 59 -50.10 71.45 36.02
CA GLU U 59 -50.87 72.48 36.67
C GLU U 59 -50.14 73.81 36.68
N THR U 60 -48.83 73.78 36.40
CA THR U 60 -47.95 74.92 36.60
C THR U 60 -47.75 75.73 35.33
N ILE U 61 -48.44 75.38 34.26
CA ILE U 61 -48.44 76.24 33.09
C ILE U 61 -49.63 77.17 33.21
N ILE U 62 -50.02 77.77 32.11
CA ILE U 62 -50.66 79.08 32.10
C ILE U 62 -51.72 79.33 33.19
N GLY U 63 -52.86 78.65 33.24
CA GLY U 63 -53.10 77.32 32.71
C GLY U 63 -54.58 77.18 32.37
N VAL U 64 -55.11 75.98 32.12
CA VAL U 64 -54.55 74.69 32.49
C VAL U 64 -54.45 74.62 34.00
N ASP U 65 -55.62 74.57 34.65
CA ASP U 65 -55.70 74.66 36.10
C ASP U 65 -55.85 73.31 36.80
N ASP U 66 -55.90 72.20 36.05
CA ASP U 66 -56.03 70.89 36.68
C ASP U 66 -55.99 69.80 35.61
N VAL U 67 -55.67 68.56 36.01
CA VAL U 67 -55.47 67.48 35.06
C VAL U 67 -55.66 66.12 35.71
N SER U 68 -55.88 65.14 34.83
CA SER U 68 -55.94 63.73 35.20
C SER U 68 -55.44 62.97 33.99
N VAL U 69 -54.69 61.89 34.21
CA VAL U 69 -53.95 61.25 33.14
C VAL U 69 -53.97 59.74 33.30
N VAL U 70 -53.49 59.09 32.24
CA VAL U 70 -53.28 57.64 32.19
C VAL U 70 -52.12 57.40 31.25
N VAL U 71 -51.43 56.28 31.43
CA VAL U 71 -50.29 55.94 30.60
C VAL U 71 -50.18 54.43 30.46
N ASN U 72 -49.64 53.98 29.33
CA ASN U 72 -49.43 52.57 29.07
C ASN U 72 -47.96 52.34 28.74
N VAL U 73 -47.31 51.53 29.55
CA VAL U 73 -45.96 51.09 29.30
C VAL U 73 -46.01 49.83 28.45
N ASP U 74 -45.03 49.69 27.56
CA ASP U 74 -45.06 48.60 26.60
C ASP U 74 -44.24 47.41 27.06
N ALA U 75 -43.59 47.52 28.22
CA ALA U 75 -42.65 46.49 28.61
C ALA U 75 -42.23 46.68 30.05
N THR U 76 -41.40 45.77 30.51
CA THR U 76 -40.65 45.97 31.75
C THR U 76 -39.24 46.41 31.37
N SER U 77 -38.37 46.50 32.36
CA SER U 77 -37.03 47.00 32.12
C SER U 77 -36.25 46.04 31.24
N LEU U 78 -35.49 46.61 30.31
CA LEU U 78 -34.76 45.87 29.31
C LEU U 78 -33.32 45.64 29.75
N LYS U 79 -32.92 44.38 29.75
CA LYS U 79 -31.52 44.00 29.91
C LYS U 79 -30.74 44.27 28.64
N VAL U 80 -29.43 44.28 28.78
CA VAL U 80 -28.51 44.14 27.66
C VAL U 80 -27.39 43.23 28.10
N TYR U 81 -26.91 42.42 27.18
CA TYR U 81 -25.87 41.44 27.46
C TYR U 81 -24.76 41.59 26.44
N GLU U 82 -23.54 41.36 26.89
CA GLU U 82 -22.39 41.60 26.05
C GLU U 82 -22.27 40.52 25.00
N LYS U 83 -21.66 40.84 23.88
CA LYS U 83 -21.49 39.87 22.81
C LYS U 83 -20.16 40.07 22.10
N ASN U 84 -19.50 38.95 21.83
CA ASN U 84 -18.50 38.91 20.80
C ASN U 84 -19.17 39.14 19.46
N LYS U 85 -18.40 39.55 18.47
CA LYS U 85 -18.99 39.98 17.22
C LYS U 85 -18.04 39.78 16.06
N SER U 86 -18.64 39.71 14.88
CA SER U 86 -17.93 39.61 13.61
C SER U 86 -18.81 40.31 12.60
N ASN U 87 -18.19 41.06 11.70
CA ASN U 87 -18.92 41.85 10.72
C ASN U 87 -18.15 41.87 9.42
N LYS U 88 -18.87 41.69 8.32
CA LYS U 88 -18.25 41.70 7.00
C LYS U 88 -19.16 42.47 6.06
N ASN U 89 -18.64 43.56 5.52
CA ASN U 89 -19.34 44.33 4.49
C ASN U 89 -18.48 44.34 3.25
N THR U 90 -18.95 43.62 2.22
CA THR U 90 -18.29 43.61 0.92
C THR U 90 -19.28 44.11 -0.11
N THR U 91 -19.00 45.29 -0.65
CA THR U 91 -19.86 45.85 -1.68
C THR U 91 -18.99 46.36 -2.81
N THR U 92 -19.53 46.33 -4.02
CA THR U 92 -18.83 46.88 -5.16
C THR U 92 -19.83 47.50 -6.13
N GLU U 93 -19.31 48.32 -7.04
CA GLU U 93 -20.10 48.98 -8.06
C GLU U 93 -19.24 49.17 -9.30
N GLU U 94 -19.88 49.12 -10.46
CA GLU U 94 -19.16 49.16 -11.73
C GLU U 94 -19.97 49.94 -12.76
N THR U 95 -19.27 50.76 -13.54
CA THR U 95 -19.79 51.27 -14.80
C THR U 95 -18.61 51.38 -15.75
N ASP U 96 -18.92 51.47 -17.05
CA ASP U 96 -17.87 51.50 -18.05
C ASP U 96 -18.37 52.21 -19.30
N LYS U 97 -17.60 52.09 -20.38
CA LYS U 97 -17.88 52.75 -21.64
C LYS U 97 -19.28 52.45 -22.16
N GLU U 98 -19.65 51.17 -22.24
CA GLU U 98 -20.98 50.78 -22.69
C GLU U 98 -21.94 50.89 -21.54
N GLY U 99 -21.88 49.92 -20.63
CA GLY U 99 -22.23 50.14 -19.24
C GLY U 99 -21.81 48.95 -18.41
N GLY U 100 -21.38 49.22 -17.19
CA GLY U 100 -20.98 48.20 -16.26
C GLY U 100 -21.90 48.11 -15.08
N LYS U 101 -23.06 48.76 -15.17
CA LYS U 101 -23.87 49.05 -14.00
C LYS U 101 -24.15 47.74 -13.28
N ARG U 102 -23.66 47.66 -12.06
CA ARG U 102 -23.81 46.50 -11.21
C ARG U 102 -23.71 46.99 -9.78
N SER U 103 -24.52 46.41 -8.90
CA SER U 103 -24.38 46.62 -7.48
C SER U 103 -24.34 45.25 -6.84
N VAL U 104 -23.29 44.98 -6.07
CA VAL U 104 -23.20 43.77 -5.28
C VAL U 104 -22.93 44.22 -3.86
N THR U 105 -23.90 44.01 -2.98
CA THR U 105 -23.78 44.46 -1.61
C THR U 105 -23.90 43.24 -0.70
N ASP U 106 -22.79 42.88 -0.06
CA ASP U 106 -22.73 41.73 0.82
C ASP U 106 -22.60 42.22 2.25
N GLN U 107 -23.46 41.69 3.11
CA GLN U 107 -23.41 42.02 4.53
C GLN U 107 -23.59 40.73 5.31
N SER U 108 -22.60 40.40 6.13
CA SER U 108 -22.64 39.21 6.95
C SER U 108 -22.23 39.57 8.37
N SER U 109 -23.05 39.17 9.33
CA SER U 109 -22.83 39.52 10.72
C SER U 109 -23.12 38.30 11.57
N GLU U 110 -22.17 37.95 12.41
CA GLU U 110 -22.38 36.95 13.44
C GLU U 110 -22.28 37.61 14.79
N GLU U 111 -23.10 37.14 15.71
CA GLU U 111 -23.03 37.58 17.09
C GLU U 111 -23.06 36.36 17.99
N GLU U 112 -22.35 36.47 19.10
CA GLU U 112 -22.31 35.41 20.08
C GLU U 112 -22.24 36.05 21.45
N ILE U 113 -23.03 35.52 22.38
CA ILE U 113 -23.02 36.05 23.73
C ILE U 113 -21.79 35.58 24.46
N VAL U 114 -21.48 36.29 25.54
CA VAL U 114 -20.36 35.96 26.40
C VAL U 114 -20.88 35.36 27.69
N MET U 115 -20.12 34.46 28.27
CA MET U 115 -20.53 33.76 29.46
C MET U 115 -19.39 33.66 30.45
N ILE U 116 -19.63 34.16 31.65
CA ILE U 116 -18.74 34.02 32.78
C ILE U 116 -18.69 32.55 33.16
N LYS U 117 -17.65 32.17 33.89
CA LYS U 117 -17.53 30.83 34.44
C LYS U 117 -17.02 30.87 35.86
N ASN U 118 -17.75 30.20 36.74
CA ASN U 118 -17.31 29.97 38.11
C ASN U 118 -17.62 28.50 38.42
N GLY U 119 -16.56 27.75 38.69
CA GLY U 119 -16.74 26.32 38.93
C GLY U 119 -17.47 25.67 37.78
N ASP U 120 -18.61 25.06 38.09
CA ASP U 120 -19.53 24.57 37.08
C ASP U 120 -20.39 25.68 36.51
N LYS U 121 -20.66 26.72 37.29
CA LYS U 121 -21.60 27.75 36.89
C LYS U 121 -21.12 28.51 35.67
N GLU U 122 -22.08 29.00 34.90
CA GLU U 122 -21.84 29.79 33.71
C GLU U 122 -22.92 30.84 33.65
N THR U 123 -22.55 32.10 33.54
CA THR U 123 -23.52 33.18 33.63
C THR U 123 -23.21 34.31 32.67
N PRO U 124 -24.23 35.01 32.18
CA PRO U 124 -24.03 36.07 31.20
C PRO U 124 -23.54 37.34 31.83
N VAL U 125 -23.10 38.25 30.97
CA VAL U 125 -22.60 39.54 31.42
C VAL U 125 -23.72 40.57 31.35
N VAL U 126 -23.72 41.49 32.30
CA VAL U 126 -24.70 42.55 32.35
C VAL U 126 -24.01 43.87 32.02
N VAL U 127 -24.33 44.44 30.87
CA VAL U 127 -23.79 45.72 30.47
C VAL U 127 -24.57 46.85 31.10
N GLN U 128 -25.77 47.12 30.61
CA GLN U 128 -26.60 48.17 31.18
C GLN U 128 -28.04 47.74 31.08
N THR U 129 -28.92 48.69 31.33
CA THR U 129 -30.35 48.46 31.50
C THR U 129 -31.07 49.69 30.96
N LYS U 130 -32.19 49.46 30.29
CA LYS U 130 -32.93 50.55 29.69
C LYS U 130 -34.35 50.62 30.21
N LYS U 131 -34.91 51.78 30.05
CA LYS U 131 -36.30 52.00 30.36
C LYS U 131 -37.18 51.85 29.13
N PRO U 132 -38.43 51.44 29.34
CA PRO U 132 -39.34 51.13 28.24
C PRO U 132 -39.91 52.36 27.57
N ASP U 133 -40.49 52.13 26.40
CA ASP U 133 -41.23 53.16 25.69
C ASP U 133 -42.60 53.35 26.33
N ILE U 134 -43.45 54.14 25.68
CA ILE U 134 -44.59 54.75 26.36
C ILE U 134 -45.76 54.92 25.41
N ARG U 135 -46.98 54.91 25.97
CA ARG U 135 -48.21 55.33 25.31
C ARG U 135 -49.13 56.00 26.33
N GLY U 136 -49.62 57.20 26.03
CA GLY U 136 -50.29 57.98 27.06
C GLY U 136 -51.22 59.05 26.52
N VAL U 137 -52.19 59.42 27.37
CA VAL U 137 -53.07 60.57 27.14
C VAL U 137 -53.41 61.22 28.47
N LEU U 138 -54.40 62.10 28.43
CA LEU U 138 -54.51 63.21 29.37
C LEU U 138 -55.94 63.73 29.49
N VAL U 139 -56.22 64.39 30.61
CA VAL U 139 -57.40 65.23 30.78
C VAL U 139 -56.98 66.50 31.50
N VAL U 140 -57.65 67.60 31.19
CA VAL U 140 -57.25 68.91 31.71
C VAL U 140 -58.43 69.87 31.72
N ALA U 141 -58.46 70.77 32.71
CA ALA U 141 -59.59 71.68 32.90
C ALA U 141 -59.74 72.65 31.74
N GLN U 142 -58.77 72.66 30.84
CA GLN U 142 -58.79 73.50 29.67
C GLN U 142 -57.84 72.87 28.67
N GLY U 143 -57.94 73.20 27.39
CA GLY U 143 -57.29 72.31 26.46
C GLY U 143 -57.51 72.62 25.00
N VAL U 144 -57.49 71.55 24.20
CA VAL U 144 -57.39 71.64 22.75
C VAL U 144 -58.34 72.65 22.12
N ASP U 145 -59.41 73.04 22.80
CA ASP U 145 -60.22 74.11 22.27
C ASP U 145 -59.44 75.40 22.09
N ASN U 146 -58.38 75.61 22.88
CA ASN U 146 -57.52 76.77 22.72
C ASN U 146 -56.20 76.26 22.15
N VAL U 147 -55.97 76.58 20.87
CA VAL U 147 -54.93 75.95 20.08
C VAL U 147 -53.57 76.16 20.73
N GLN U 148 -53.42 77.29 21.43
CA GLN U 148 -52.11 77.63 21.96
C GLN U 148 -51.85 76.95 23.30
N ILE U 149 -52.89 76.45 23.95
CA ILE U 149 -52.67 75.50 25.03
C ILE U 149 -52.74 74.09 24.48
N LYS U 150 -53.17 73.94 23.23
CA LYS U 150 -53.12 72.65 22.57
C LYS U 150 -51.70 72.29 22.17
N GLN U 151 -51.07 73.16 21.39
CA GLN U 151 -49.79 72.82 20.79
C GLN U 151 -48.69 72.86 21.84
N THR U 152 -48.84 73.74 22.82
CA THR U 152 -47.90 73.82 23.92
C THR U 152 -47.67 72.46 24.55
N ILE U 153 -48.75 71.72 24.76
CA ILE U 153 -48.67 70.48 25.52
C ILE U 153 -48.03 69.39 24.69
N ILE U 154 -48.55 69.17 23.48
CA ILE U 154 -48.04 68.12 22.63
C ILE U 154 -46.53 68.19 22.58
N GLU U 155 -46.01 69.38 22.27
CA GLU U 155 -44.58 69.53 22.09
C GLU U 155 -43.87 69.36 23.42
N ALA U 156 -44.61 69.56 24.51
CA ALA U 156 -44.05 69.36 25.84
C ALA U 156 -44.02 67.88 26.20
N VAL U 157 -45.08 67.17 25.87
CA VAL U 157 -45.18 65.77 26.27
C VAL U 157 -44.27 64.91 25.41
N THR U 158 -44.39 65.04 24.10
CA THR U 158 -43.62 64.18 23.21
C THR U 158 -42.14 64.31 23.48
N ARG U 159 -41.66 65.52 23.68
CA ARG U 159 -40.24 65.77 23.79
C ARG U 159 -39.69 65.31 25.13
N VAL U 160 -40.55 65.06 26.10
CA VAL U 160 -40.11 64.48 27.37
C VAL U 160 -39.90 62.98 27.23
N LEU U 161 -40.89 62.30 26.64
CA LEU U 161 -40.98 60.85 26.73
C LEU U 161 -40.50 60.14 25.48
N ASP U 162 -40.12 60.90 24.45
CA ASP U 162 -39.83 60.32 23.13
C ASP U 162 -41.05 59.60 22.58
N VAL U 163 -42.18 60.28 22.58
CA VAL U 163 -43.45 59.72 22.14
C VAL U 163 -43.92 60.49 20.92
N PRO U 164 -43.97 59.89 19.75
CA PRO U 164 -44.52 60.58 18.58
C PRO U 164 -45.95 61.00 18.82
N SER U 165 -46.42 61.92 17.99
CA SER U 165 -47.75 62.49 18.22
C SER U 165 -48.84 61.44 18.12
N HIS U 166 -48.82 60.60 17.09
CA HIS U 166 -49.95 59.72 16.86
C HIS U 166 -50.20 58.75 18.01
N ARG U 167 -49.25 58.59 18.92
CA ARG U 167 -49.43 57.74 20.08
C ARG U 167 -49.83 58.50 21.32
N VAL U 168 -50.01 59.80 21.21
CA VAL U 168 -50.40 60.61 22.36
C VAL U 168 -51.61 61.44 21.96
N ALA U 169 -52.50 61.67 22.92
CA ALA U 169 -53.74 62.35 22.62
C ALA U 169 -54.27 62.99 23.89
N VAL U 170 -55.19 63.93 23.70
CA VAL U 170 -55.66 64.79 24.77
C VAL U 170 -57.15 65.04 24.59
N ALA U 171 -57.77 65.52 25.67
CA ALA U 171 -59.19 65.70 25.71
C ALA U 171 -59.59 66.99 26.40
N PRO U 172 -60.57 67.71 25.88
CA PRO U 172 -61.03 68.92 26.58
C PRO U 172 -61.84 68.65 27.83
N LYS U 173 -61.91 69.72 28.61
CA LYS U 173 -62.33 69.82 30.01
C LYS U 173 -61.72 68.80 30.95
N LYS U 174 -62.29 68.71 32.17
CA LYS U 174 -61.93 67.72 33.16
C LYS U 174 -63.15 67.32 33.99
N ILE U 175 -63.59 68.24 34.85
CA ILE U 175 -64.81 68.05 35.62
C ILE U 175 -65.61 69.34 35.65
N LYS U 176 -65.01 70.38 36.24
CA LYS U 176 -65.71 71.60 36.60
C LYS U 176 -65.36 72.69 35.58
N GLU U 177 -66.35 73.46 35.18
CA GLU U 177 -66.13 74.57 34.28
C GLU U 177 -67.01 75.75 34.68
N PRO V 39 -30.13 48.06 39.58
CA PRO V 39 -31.37 48.19 38.83
C PRO V 39 -31.78 49.66 38.67
N LYS V 40 -33.09 49.94 38.57
CA LYS V 40 -33.54 51.32 38.46
C LYS V 40 -32.90 52.25 39.48
N ASP V 41 -32.77 51.82 40.74
CA ASP V 41 -32.47 52.73 41.84
C ASP V 41 -31.34 53.70 41.49
N SER V 42 -30.21 53.21 40.98
CA SER V 42 -29.13 54.11 40.62
C SER V 42 -29.57 55.11 39.55
N ILE V 43 -30.74 54.90 38.93
CA ILE V 43 -31.28 55.92 38.05
C ILE V 43 -31.82 57.07 38.87
N ASP V 44 -32.74 56.77 39.78
CA ASP V 44 -33.56 57.81 40.40
C ASP V 44 -32.66 58.88 41.01
N ASP V 45 -31.54 58.46 41.58
CA ASP V 45 -30.57 59.41 42.09
C ASP V 45 -30.12 60.37 40.99
N TYR V 46 -29.72 59.83 39.84
CA TYR V 46 -29.20 60.69 38.79
C TYR V 46 -30.17 61.82 38.47
N GLU V 47 -31.41 61.47 38.14
CA GLU V 47 -32.35 62.50 37.71
C GLU V 47 -32.40 63.64 38.69
N LYS V 48 -32.69 63.34 39.95
CA LYS V 48 -32.79 64.41 40.94
C LYS V 48 -31.51 65.21 41.01
N GLU V 49 -30.37 64.53 40.97
CA GLU V 49 -29.10 65.23 40.97
C GLU V 49 -29.05 66.25 39.85
N TYR V 50 -29.61 65.91 38.70
CA TYR V 50 -29.82 66.91 37.66
C TYR V 50 -30.89 67.90 38.05
N GLU V 51 -32.06 67.39 38.43
CA GLU V 51 -33.23 68.25 38.60
C GLU V 51 -32.94 69.42 39.53
N ASN V 52 -32.10 69.19 40.53
CA ASN V 52 -31.84 70.23 41.51
C ASN V 52 -30.85 71.25 41.00
N GLN V 53 -29.85 70.81 40.24
CA GLN V 53 -28.83 71.73 39.77
C GLN V 53 -29.43 72.81 38.89
N LEU V 54 -30.04 72.42 37.79
CA LEU V 54 -30.63 73.38 36.89
C LEU V 54 -31.54 74.34 37.65
N LYS V 55 -32.34 73.78 38.56
CA LYS V 55 -33.19 74.60 39.39
C LYS V 55 -32.38 75.71 40.06
N GLU V 56 -31.52 75.32 40.99
CA GLU V 56 -30.79 76.31 41.78
C GLU V 56 -29.98 77.25 40.90
N ILE V 57 -29.59 76.78 39.71
CA ILE V 57 -28.76 77.58 38.84
C ILE V 57 -29.62 78.55 38.02
N LEU V 58 -30.72 78.04 37.48
CA LEU V 58 -31.46 78.82 36.50
C LEU V 58 -32.24 79.95 37.14
N GLU V 59 -32.45 79.89 38.44
CA GLU V 59 -32.96 81.05 39.14
C GLU V 59 -31.99 82.21 39.08
N THR V 60 -30.74 81.93 38.69
CA THR V 60 -29.64 82.88 38.82
C THR V 60 -29.39 83.62 37.52
N ILE V 61 -30.21 83.41 36.51
CA ILE V 61 -30.13 84.25 35.33
C ILE V 61 -31.11 85.40 35.52
N ILE V 62 -31.46 86.07 34.43
CA ILE V 62 -31.83 87.46 34.46
C ILE V 62 -32.73 87.92 35.62
N GLY V 63 -33.98 87.47 35.76
CA GLY V 63 -34.52 86.22 35.27
C GLY V 63 -36.01 86.37 35.06
N VAL V 64 -36.78 85.29 34.86
CA VAL V 64 -36.46 83.91 35.21
C VAL V 64 -36.26 83.83 36.72
N ASP V 65 -37.35 84.01 37.46
CA ASP V 65 -37.31 84.12 38.91
C ASP V 65 -37.66 82.83 39.63
N ASP V 66 -37.98 81.75 38.91
CA ASP V 66 -38.31 80.48 39.56
C ASP V 66 -38.56 79.40 38.52
N VAL V 67 -38.47 78.13 38.92
CA VAL V 67 -38.54 77.03 37.96
C VAL V 67 -38.95 75.73 38.64
N SER V 68 -39.41 74.81 37.82
CA SER V 68 -39.71 73.45 38.20
C SER V 68 -39.47 72.59 36.97
N VAL V 69 -38.94 71.38 37.15
CA VAL V 69 -38.40 70.61 36.05
C VAL V 69 -38.70 69.14 36.22
N VAL V 70 -38.44 68.40 35.16
CA VAL V 70 -38.52 66.95 35.11
C VAL V 70 -37.51 66.48 34.08
N VAL V 71 -37.04 65.25 34.24
CA VAL V 71 -36.04 64.69 33.33
C VAL V 71 -36.25 63.19 33.21
N ASN V 72 -35.89 62.64 32.06
CA ASN V 72 -35.98 61.21 31.80
C ASN V 72 -34.62 60.70 31.36
N VAL V 73 -34.07 59.79 32.14
CA VAL V 73 -32.85 59.09 31.79
C VAL V 73 -33.20 57.87 30.97
N ASP V 74 -32.34 57.54 30.01
CA ASP V 74 -32.66 56.47 29.07
C ASP V 74 -32.05 55.14 29.50
N ALA V 75 -31.30 55.13 30.60
CA ALA V 75 -30.55 53.94 30.94
C ALA V 75 -30.00 54.05 32.34
N THR V 76 -29.32 53.00 32.75
CA THR V 76 -28.45 53.05 33.92
C THR V 76 -27.02 53.21 33.43
N SER V 77 -26.07 53.13 34.35
CA SER V 77 -24.69 53.36 34.01
C SER V 77 -24.17 52.27 33.09
N LEU V 78 -23.40 52.68 32.09
CA LEU V 78 -22.89 51.80 31.05
C LEU V 78 -21.50 51.30 31.39
N LYS V 79 -21.35 49.99 31.38
CA LYS V 79 -20.05 49.34 31.44
C LYS V 79 -19.33 49.45 30.11
N VAL V 80 -18.03 49.22 30.15
CA VAL V 80 -17.25 48.90 28.97
C VAL V 80 -16.30 47.78 29.33
N TYR V 81 -16.04 46.89 28.40
CA TYR V 81 -15.20 45.74 28.62
C TYR V 81 -14.16 45.67 27.52
N GLU V 82 -12.98 45.20 27.87
CA GLU V 82 -11.87 45.22 26.94
C GLU V 82 -12.05 44.12 25.91
N LYS V 83 -11.46 44.32 24.74
CA LYS V 83 -11.57 43.34 23.68
C LYS V 83 -10.29 43.27 22.87
N ASN V 84 -9.88 42.04 22.57
CA ASN V 84 -8.99 41.80 21.46
C ASN V 84 -9.72 42.15 20.17
N LYS V 85 -8.94 42.41 19.12
CA LYS V 85 -9.53 42.95 17.92
C LYS V 85 -8.74 42.56 16.69
N SER V 86 -9.43 42.61 15.56
CA SER V 86 -8.85 42.38 14.24
C SER V 86 -9.65 43.23 13.29
N ASN V 87 -8.98 43.84 12.33
CA ASN V 87 -9.61 44.75 11.40
C ASN V 87 -8.96 44.62 10.04
N LYS V 88 -9.77 44.58 9.00
CA LYS V 88 -9.27 44.47 7.64
C LYS V 88 -10.08 45.40 6.76
N ASN V 89 -9.41 46.36 6.16
CA ASN V 89 -10.03 47.24 5.18
C ASN V 89 -9.29 47.09 3.87
N THR V 90 -9.95 46.47 2.89
CA THR V 90 -9.41 46.33 1.56
C THR V 90 -10.36 47.01 0.58
N THR V 91 -9.91 48.11 0.01
CA THR V 91 -10.71 48.82 -0.96
C THR V 91 -9.85 49.15 -2.17
N THR V 92 -10.49 49.23 -3.33
CA THR V 92 -9.79 49.63 -4.53
C THR V 92 -10.71 50.43 -5.43
N GLU V 93 -10.11 51.13 -6.39
CA GLU V 93 -10.84 51.93 -7.36
C GLU V 93 -10.06 51.94 -8.67
N GLU V 94 -10.78 52.01 -9.78
CA GLU V 94 -10.17 51.92 -11.09
C GLU V 94 -10.89 52.83 -12.07
N THR V 95 -10.10 53.50 -12.92
CA THR V 95 -10.61 54.10 -14.15
C THR V 95 -9.51 53.98 -15.19
N ASP V 96 -9.90 54.12 -16.46
CA ASP V 96 -8.94 53.94 -17.53
C ASP V 96 -9.39 54.74 -18.76
N LYS V 97 -8.74 54.47 -19.88
CA LYS V 97 -8.99 55.16 -21.14
C LYS V 97 -10.45 55.14 -21.55
N GLU V 98 -11.06 53.96 -21.57
CA GLU V 98 -12.48 53.82 -21.92
C GLU V 98 -13.31 54.13 -20.69
N GLY V 99 -13.36 53.17 -19.78
CA GLY V 99 -13.55 53.46 -18.37
C GLY V 99 -13.31 52.20 -17.56
N GLY V 100 -12.74 52.40 -16.38
CA GLY V 100 -12.48 51.30 -15.47
C GLY V 100 -13.31 51.41 -14.21
N LYS V 101 -14.33 52.27 -14.23
CA LYS V 101 -14.97 52.71 -13.00
C LYS V 101 -15.44 51.49 -12.24
N ARG V 102 -14.88 51.31 -11.06
CA ARG V 102 -15.19 50.21 -10.18
C ARG V 102 -14.89 50.67 -8.77
N SER V 103 -15.72 50.25 -7.83
CA SER V 103 -15.43 50.45 -6.42
C SER V 103 -15.61 49.10 -5.76
N VAL V 104 -14.58 48.63 -5.07
CA VAL V 104 -14.65 47.42 -4.28
C VAL V 104 -14.20 47.81 -2.89
N THR V 105 -15.12 47.81 -1.93
CA THR V 105 -14.81 48.22 -0.57
C THR V 105 -15.09 47.05 0.36
N ASP V 106 -14.03 46.49 0.92
CA ASP V 106 -14.13 45.35 1.81
C ASP V 106 -13.80 45.81 3.22
N GLN V 107 -14.66 45.45 4.15
CA GLN V 107 -14.45 45.77 5.55
C GLN V 107 -14.81 44.54 6.37
N SER V 108 -13.84 44.03 7.12
CA SER V 108 -14.05 42.86 7.96
C SER V 108 -13.47 43.16 9.34
N SER V 109 -14.27 42.91 10.36
CA SER V 109 -13.88 43.21 11.73
C SER V 109 -14.34 42.08 12.62
N GLU V 110 -13.42 41.56 13.40
CA GLU V 110 -13.73 40.61 14.45
C GLU V 110 -13.41 41.25 15.78
N GLU V 111 -14.23 40.94 16.77
CA GLU V 111 -13.96 41.37 18.13
C GLU V 111 -14.15 40.19 19.05
N GLU V 112 -13.36 40.15 20.10
CA GLU V 112 -13.45 39.11 21.10
C GLU V 112 -13.16 39.73 22.45
N ILE V 113 -13.95 39.35 23.43
CA ILE V 113 -13.74 39.88 24.77
C ILE V 113 -12.57 39.20 25.42
N VAL V 114 -12.04 39.82 26.46
CA VAL V 114 -10.94 39.29 27.24
C VAL V 114 -11.48 38.81 28.57
N MET V 115 -10.86 37.78 29.11
CA MET V 115 -11.31 37.17 30.35
C MET V 115 -10.13 36.86 31.24
N ILE V 116 -10.18 37.40 32.45
CA ILE V 116 -9.25 37.09 33.52
C ILE V 116 -9.45 35.63 33.91
N LYS V 117 -8.46 35.06 34.57
CA LYS V 117 -8.55 33.73 35.13
C LYS V 117 -7.94 33.67 36.50
N ASN V 118 -8.71 33.15 37.45
CA ASN V 118 -8.22 32.85 38.79
C ASN V 118 -8.77 31.47 39.15
N GLY V 119 -7.87 30.52 39.35
CA GLY V 119 -8.30 29.16 39.62
C GLY V 119 -9.23 28.66 38.54
N ASP V 120 -10.43 28.28 38.95
CA ASP V 120 -11.51 27.97 38.02
C ASP V 120 -12.19 29.23 37.50
N LYS V 121 -12.19 30.30 38.28
CA LYS V 121 -12.94 31.50 37.93
C LYS V 121 -12.42 32.14 36.66
N GLU V 122 -13.32 32.81 35.96
CA GLU V 122 -13.01 33.53 34.74
C GLU V 122 -13.89 34.78 34.75
N THR V 123 -13.29 35.95 34.58
CA THR V 123 -14.02 37.19 34.74
C THR V 123 -13.56 38.24 33.74
N PRO V 124 -14.47 39.11 33.31
CA PRO V 124 -14.15 40.11 32.30
C PRO V 124 -13.36 41.28 32.87
N VAL V 125 -12.84 42.07 31.96
CA VAL V 125 -12.06 43.25 32.35
C VAL V 125 -12.96 44.47 32.34
N VAL V 126 -12.72 45.37 33.28
CA VAL V 126 -13.46 46.61 33.38
C VAL V 126 -12.55 47.76 32.97
N VAL V 127 -12.85 48.38 31.85
CA VAL V 127 -12.12 49.53 31.39
C VAL V 127 -12.60 50.80 32.06
N GLN V 128 -13.75 51.29 31.65
CA GLN V 128 -14.32 52.48 32.27
C GLN V 128 -15.84 52.35 32.28
N THR V 129 -16.48 53.45 32.58
CA THR V 129 -17.91 53.50 32.86
C THR V 129 -18.42 54.83 32.36
N LYS V 130 -19.61 54.84 31.77
CA LYS V 130 -20.18 56.04 31.20
C LYS V 130 -21.50 56.40 31.84
N LYS V 131 -21.84 57.64 31.70
CA LYS V 131 -23.14 58.12 32.10
C LYS V 131 -24.13 58.14 30.95
N PRO V 132 -25.41 57.98 31.26
CA PRO V 132 -26.43 57.85 30.24
C PRO V 132 -26.81 59.17 29.58
N ASP V 133 -27.52 59.05 28.46
CA ASP V 133 -28.10 60.21 27.81
C ASP V 133 -29.35 60.65 28.54
N ILE V 134 -30.09 61.59 27.95
CA ILE V 134 -31.04 62.42 28.70
C ILE V 134 -32.22 62.80 27.82
N ARG V 135 -33.37 63.03 28.49
CA ARG V 135 -34.53 63.68 27.90
C ARG V 135 -35.23 64.52 28.97
N GLY V 136 -35.51 65.79 28.69
CA GLY V 136 -35.93 66.68 29.77
C GLY V 136 -36.67 67.91 29.28
N VAL V 137 -37.48 68.47 30.19
CA VAL V 137 -38.14 69.76 30.02
C VAL V 137 -38.23 70.47 31.36
N LEU V 138 -39.05 71.53 31.37
CA LEU V 138 -38.88 72.64 32.30
C LEU V 138 -40.16 73.43 32.51
N VAL V 139 -40.22 74.13 33.64
CA VAL V 139 -41.19 75.19 33.88
C VAL V 139 -40.49 76.36 34.55
N VAL V 140 -40.95 77.57 34.28
CA VAL V 140 -40.27 78.77 34.73
C VAL V 140 -41.24 79.94 34.82
N ALA V 141 -41.02 80.83 35.80
CA ALA V 141 -41.93 81.94 36.04
C ALA V 141 -41.98 82.93 34.88
N GLN V 142 -41.10 82.73 33.92
CA GLN V 142 -41.05 83.57 32.73
C GLN V 142 -40.32 82.76 31.68
N GLY V 143 -40.44 83.10 30.41
CA GLY V 143 -40.06 82.10 29.44
C GLY V 143 -40.33 82.44 28.00
N VAL V 144 -40.58 81.39 27.21
CA VAL V 144 -40.56 81.45 25.76
C VAL V 144 -41.35 82.62 25.20
N ASP V 145 -42.27 83.22 25.95
CA ASP V 145 -42.90 84.43 25.46
C ASP V 145 -41.90 85.54 25.20
N ASN V 146 -40.77 85.53 25.91
CA ASN V 146 -39.71 86.51 25.66
C ASN V 146 -38.55 85.76 24.99
N VAL V 147 -38.37 86.02 23.71
CA VAL V 147 -37.53 85.20 22.85
C VAL V 147 -36.11 85.15 23.39
N GLN V 148 -35.70 86.22 24.05
CA GLN V 148 -34.31 86.30 24.49
C GLN V 148 -34.08 85.58 25.79
N ILE V 149 -35.15 85.30 26.54
CA ILE V 149 -35.04 84.33 27.61
C ILE V 149 -35.42 82.95 27.11
N LYS V 150 -35.97 82.90 25.90
CA LYS V 150 -36.21 81.61 25.25
C LYS V 150 -34.91 80.99 24.76
N GLN V 151 -34.21 81.72 23.90
CA GLN V 151 -33.06 81.14 23.22
C GLN V 151 -31.90 80.96 24.18
N THR V 152 -31.80 81.87 25.15
CA THR V 152 -30.77 81.76 26.19
C THR V 152 -30.77 80.39 26.81
N ILE V 153 -31.94 79.87 27.11
CA ILE V 153 -32.05 78.63 27.88
C ILE V 153 -31.70 77.44 27.03
N ILE V 154 -32.35 77.32 25.88
CA ILE V 154 -32.12 76.18 25.00
C ILE V 154 -30.62 75.97 24.83
N GLU V 155 -29.92 77.03 24.46
CA GLU V 155 -28.50 76.91 24.18
C GLU V 155 -27.74 76.60 25.46
N ALA V 156 -28.34 76.94 26.59
CA ALA V 156 -27.72 76.64 27.88
C ALA V 156 -27.95 75.19 28.27
N VAL V 157 -29.16 74.69 28.03
CA VAL V 157 -29.49 73.34 28.46
C VAL V 157 -28.83 72.32 27.55
N THR V 158 -29.02 72.47 26.24
CA THR V 158 -28.51 71.48 25.32
C THR V 158 -27.01 71.30 25.48
N ARG V 159 -26.29 72.41 25.61
CA ARG V 159 -24.85 72.37 25.62
C ARG V 159 -24.30 71.82 26.92
N VAL V 160 -25.11 71.74 27.96
CA VAL V 160 -24.69 71.09 29.19
C VAL V 160 -24.80 69.58 29.06
N LEU V 161 -25.93 69.11 28.57
CA LEU V 161 -26.30 67.71 28.68
C LEU V 161 -26.05 66.91 27.41
N ASP V 162 -25.62 67.57 26.35
CA ASP V 162 -25.54 66.96 25.02
C ASP V 162 -26.92 66.48 24.57
N VAL V 163 -27.90 67.37 24.65
CA VAL V 163 -29.28 67.05 24.31
C VAL V 163 -29.68 67.91 23.12
N PRO V 164 -29.94 67.32 21.97
CA PRO V 164 -30.43 68.10 20.84
C PRO V 164 -31.73 68.79 21.17
N SER V 165 -32.09 69.79 20.37
CA SER V 165 -33.26 70.60 20.67
C SER V 165 -34.53 69.78 20.69
N HIS V 166 -34.75 68.96 19.67
CA HIS V 166 -36.04 68.31 19.53
C HIS V 166 -36.38 67.41 20.71
N ARG V 167 -35.42 67.07 21.56
CA ARG V 167 -35.67 66.27 22.73
C ARG V 167 -35.81 67.09 24.00
N VAL V 168 -35.76 68.41 23.88
CA VAL V 168 -35.89 69.28 25.03
C VAL V 168 -36.94 70.32 24.72
N ALA V 169 -37.70 70.72 25.73
CA ALA V 169 -38.80 71.63 25.52
C ALA V 169 -39.10 72.37 26.82
N VAL V 170 -39.83 73.47 26.68
CA VAL V 170 -40.05 74.40 27.77
C VAL V 170 -41.46 74.94 27.71
N ALA V 171 -41.90 75.53 28.82
CA ALA V 171 -43.26 75.98 28.95
C ALA V 171 -43.33 77.33 29.64
N PRO V 172 -44.20 78.22 29.19
CA PRO V 172 -44.35 79.50 29.90
C PRO V 172 -45.11 79.40 31.22
N LYS V 173 -44.92 80.46 31.99
CA LYS V 173 -45.20 80.63 33.41
C LYS V 173 -44.72 79.52 34.32
N LYS V 174 -45.20 79.55 35.57
CA LYS V 174 -44.97 78.51 36.55
C LYS V 174 -46.17 78.36 37.48
N ILE V 175 -46.36 79.34 38.35
CA ILE V 175 -47.54 79.39 39.22
C ILE V 175 -48.06 80.82 39.28
N LYS V 176 -47.23 81.72 39.81
CA LYS V 176 -47.65 83.06 40.19
C LYS V 176 -47.18 84.05 39.14
N GLU V 177 -48.04 85.01 38.80
CA GLU V 177 -47.67 86.04 37.86
C GLU V 177 -48.27 87.37 38.32
N PRO W 39 -17.16 53.07 40.90
CA PRO W 39 -18.41 53.44 40.23
C PRO W 39 -18.54 54.95 40.09
N LYS W 40 -19.76 55.49 40.08
CA LYS W 40 -19.96 56.93 39.98
C LYS W 40 -19.07 57.72 40.93
N ASP W 41 -18.93 57.27 42.18
CA ASP W 41 -18.37 58.11 43.24
C ASP W 41 -17.11 58.85 42.80
N SER W 42 -16.14 58.14 42.21
CA SER W 42 -14.94 58.81 41.75
C SER W 42 -15.25 59.87 40.69
N ILE W 43 -16.48 59.90 40.18
CA ILE W 43 -16.89 61.01 39.32
C ILE W 43 -17.13 62.24 40.16
N ASP W 44 -18.02 62.12 41.14
CA ASP W 44 -18.56 63.31 41.80
C ASP W 44 -17.44 64.18 42.32
N ASP W 45 -16.37 63.55 42.82
CA ASP W 45 -15.20 64.30 43.24
C ASP W 45 -14.66 65.15 42.10
N TYR W 46 -14.47 64.55 40.93
CA TYR W 46 -13.87 65.29 39.82
C TYR W 46 -14.63 66.57 39.55
N GLU W 47 -15.93 66.48 39.32
CA GLU W 47 -16.70 67.66 38.94
C GLU W 47 -16.44 68.80 39.92
N LYS W 48 -16.69 68.56 41.19
CA LYS W 48 -16.51 69.63 42.17
C LYS W 48 -15.09 70.17 42.13
N GLU W 49 -14.11 69.28 42.02
CA GLU W 49 -12.73 69.72 41.92
C GLU W 49 -12.57 70.71 40.78
N TYR W 50 -13.28 70.49 39.67
CA TYR W 50 -13.36 71.49 38.63
C TYR W 50 -14.19 72.68 39.09
N GLU W 51 -15.41 72.41 39.56
CA GLU W 51 -16.38 73.48 39.81
C GLU W 51 -15.79 74.56 40.69
N ASN W 52 -14.93 74.19 41.62
CA ASN W 52 -14.41 75.15 42.58
C ASN W 52 -13.28 75.96 41.97
N GLN W 53 -12.45 75.34 41.13
CA GLN W 53 -11.30 76.04 40.59
C GLN W 53 -11.75 77.22 39.74
N LEU W 54 -12.51 76.94 38.68
CA LEU W 54 -12.98 78.01 37.81
C LEU W 54 -13.61 79.11 38.63
N LYS W 55 -14.42 78.72 39.61
CA LYS W 55 -15.04 79.71 40.49
C LYS W 55 -13.99 80.63 41.07
N GLU W 56 -13.14 80.08 41.94
CA GLU W 56 -12.18 80.91 42.66
C GLU W 56 -11.28 81.68 41.70
N ILE W 57 -11.08 81.14 40.50
CA ILE W 57 -10.18 81.77 39.55
C ILE W 57 -10.89 82.87 38.78
N LEU W 58 -12.11 82.60 38.34
CA LEU W 58 -12.76 83.50 37.40
C LEU W 58 -13.26 84.76 38.07
N GLU W 59 -13.38 84.74 39.40
CA GLU W 59 -13.60 85.99 40.12
C GLU W 59 -12.42 86.93 39.95
N THR W 60 -11.28 86.42 39.48
CA THR W 60 -10.02 87.13 39.50
C THR W 60 -9.72 87.82 38.18
N ILE W 61 -10.65 87.76 37.23
CA ILE W 61 -10.51 88.57 36.04
C ILE W 61 -11.22 89.89 36.28
N ILE W 62 -11.52 90.61 35.21
CA ILE W 62 -11.61 92.05 35.25
C ILE W 62 -12.32 92.67 36.47
N GLY W 63 -13.61 92.48 36.70
CA GLY W 63 -14.42 91.35 36.28
C GLY W 63 -15.86 91.78 36.18
N VAL W 64 -16.84 90.88 36.05
CA VAL W 64 -16.76 89.46 36.40
C VAL W 64 -16.46 89.34 37.89
N ASP W 65 -17.45 89.73 38.70
CA ASP W 65 -17.27 89.83 40.15
C ASP W 65 -17.81 88.64 40.92
N ASP W 66 -18.39 87.64 40.24
CA ASP W 66 -18.90 86.47 40.94
C ASP W 66 -19.45 85.46 39.94
N VAL W 67 -19.55 84.18 40.34
CA VAL W 67 -19.93 83.13 39.42
C VAL W 67 -20.51 81.93 40.15
N SER W 68 -21.21 81.11 39.37
CA SER W 68 -21.74 79.83 39.81
C SER W 68 -21.76 78.94 38.58
N VAL W 69 -21.46 77.65 38.74
CA VAL W 69 -21.18 76.80 37.60
C VAL W 69 -21.74 75.40 37.84
N VAL W 70 -21.70 74.63 36.75
CA VAL W 70 -22.07 73.23 36.75
C VAL W 70 -21.26 72.56 35.66
N VAL W 71 -21.01 71.27 35.79
CA VAL W 71 -20.22 70.52 34.82
C VAL W 71 -20.71 69.08 34.75
N ASN W 72 -20.56 68.48 33.57
CA ASN W 72 -20.93 67.10 33.35
C ASN W 72 -19.73 66.33 32.82
N VAL W 73 -19.32 65.33 33.57
CA VAL W 73 -18.29 64.41 33.14
C VAL W 73 -18.94 63.27 32.37
N ASP W 74 -18.24 62.77 31.37
CA ASP W 74 -18.82 61.79 30.47
C ASP W 74 -18.45 60.38 30.86
N ALA W 75 -17.64 60.22 31.90
CA ALA W 75 -17.10 58.90 32.21
C ALA W 75 -16.42 58.91 33.56
N THR W 76 -15.94 57.74 33.94
CA THR W 76 -15.00 57.63 35.04
C THR W 76 -13.60 57.51 34.44
N SER W 77 -12.61 57.26 35.29
CA SER W 77 -11.24 57.21 34.84
C SER W 77 -11.02 56.03 33.90
N LEU W 78 -10.26 56.29 32.84
CA LEU W 78 -10.02 55.33 31.78
C LEU W 78 -8.72 54.56 32.02
N LYS W 79 -8.83 53.24 32.03
CA LYS W 79 -7.68 52.36 31.99
C LYS W 79 -7.05 52.33 30.61
N VAL W 80 -5.82 51.84 30.56
CA VAL W 80 -5.22 51.38 29.33
C VAL W 80 -4.46 50.10 29.65
N TYR W 81 -4.47 49.18 28.70
CA TYR W 81 -3.85 47.88 28.88
C TYR W 81 -2.93 47.61 27.71
N GLU W 82 -1.84 46.91 27.99
CA GLU W 82 -0.82 46.72 26.97
C GLU W 82 -1.28 45.68 25.98
N LYS W 83 -0.77 45.76 24.76
CA LYS W 83 -1.14 44.81 23.72
C LYS W 83 0.03 44.50 22.82
N ASN W 84 0.18 43.21 22.52
CA ASN W 84 0.91 42.80 21.34
C ASN W 84 0.18 43.28 20.12
N LYS W 85 0.90 43.38 19.01
CA LYS W 85 0.34 44.02 17.84
C LYS W 85 0.94 43.47 16.56
N SER W 86 0.19 43.66 15.49
CA SER W 86 0.61 43.31 14.13
C SER W 86 -0.09 44.31 13.23
N ASN W 87 0.61 44.78 12.20
CA ASN W 87 0.10 45.79 11.31
C ASN W 87 0.61 45.53 9.92
N LYS W 88 -0.27 45.64 8.94
CA LYS W 88 0.09 45.44 7.55
C LYS W 88 -0.59 46.51 6.72
N ASN W 89 0.21 47.32 6.04
CA ASN W 89 -0.30 48.30 5.10
C ASN W 89 0.29 48.00 3.73
N THR W 90 -0.55 47.53 2.82
CA THR W 90 -0.15 47.28 1.46
C THR W 90 -1.02 48.13 0.55
N THR W 91 -0.41 49.12 -0.09
CA THR W 91 -1.14 49.97 -1.00
C THR W 91 -0.32 50.13 -2.28
N THR W 92 -1.02 50.32 -3.39
CA THR W 92 -0.35 50.58 -4.65
C THR W 92 -1.17 51.54 -5.49
N GLU W 93 -0.52 52.11 -6.49
CA GLU W 93 -1.15 53.03 -7.42
C GLU W 93 -0.49 52.89 -8.77
N GLU W 94 -1.27 53.10 -9.84
CA GLU W 94 -0.78 52.89 -11.19
C GLU W 94 -1.39 53.92 -12.13
N THR W 95 -0.56 54.42 -13.04
CA THR W 95 -1.04 55.10 -14.24
C THR W 95 -0.07 54.76 -15.35
N ASP W 96 -0.50 54.98 -16.59
CA ASP W 96 0.31 54.61 -17.75
C ASP W 96 -0.08 55.48 -18.93
N LYS W 97 0.42 55.09 -20.10
CA LYS W 97 0.23 55.81 -21.35
C LYS W 97 -1.25 56.08 -21.64
N GLU W 98 -2.07 55.04 -21.60
CA GLU W 98 -3.51 55.18 -21.85
C GLU W 98 -4.18 55.64 -20.56
N GLY W 99 -4.33 54.71 -19.63
CA GLY W 99 -4.37 55.03 -18.23
C GLY W 99 -4.30 53.76 -17.41
N GLY W 100 -3.62 53.84 -16.27
CA GLY W 100 -3.50 52.72 -15.36
C GLY W 100 -4.19 52.99 -14.06
N LYS W 101 -5.03 54.03 -14.02
CA LYS W 101 -5.47 54.59 -12.75
C LYS W 101 -6.11 53.48 -11.94
N ARG W 102 -5.50 53.20 -10.79
CA ARG W 102 -5.95 52.17 -9.87
C ARG W 102 -5.47 52.58 -8.50
N SER W 103 -6.28 52.33 -7.50
CA SER W 103 -5.86 52.47 -6.11
C SER W 103 -6.24 51.19 -5.42
N VAL W 104 -5.27 50.52 -4.81
CA VAL W 104 -5.52 49.35 -3.98
C VAL W 104 -4.89 49.65 -2.64
N THR W 105 -5.72 49.83 -1.61
CA THR W 105 -5.23 50.17 -0.29
C THR W 105 -5.66 49.08 0.68
N ASP W 106 -4.69 48.33 1.16
CA ASP W 106 -4.93 47.23 2.09
C ASP W 106 -4.41 47.62 3.45
N GLN W 107 -5.26 47.44 4.46
CA GLN W 107 -4.88 47.72 5.83
C GLN W 107 -5.41 46.59 6.69
N SER W 108 -4.50 45.89 7.37
CA SER W 108 -4.87 44.80 8.25
C SER W 108 -4.14 44.97 9.57
N SER W 109 -4.89 44.89 10.65
CA SER W 109 -4.35 45.12 11.99
C SER W 109 -4.95 44.09 12.94
N GLU W 110 -4.08 43.39 13.65
CA GLU W 110 -4.49 42.54 14.73
C GLU W 110 -3.95 43.10 16.03
N GLU W 111 -4.72 42.96 17.08
CA GLU W 111 -4.28 43.32 18.41
C GLU W 111 -4.63 42.21 19.35
N GLU W 112 -3.78 42.02 20.35
CA GLU W 112 -4.00 41.02 21.37
C GLU W 112 -3.49 41.58 22.67
N ILE W 113 -4.26 41.36 23.74
CA ILE W 113 -3.84 41.84 25.04
C ILE W 113 -2.78 40.94 25.61
N VAL W 114 -2.07 41.46 26.59
CA VAL W 114 -1.04 40.72 27.29
C VAL W 114 -1.55 40.36 28.67
N MET W 115 -1.10 39.22 29.18
CA MET W 115 -1.56 38.72 30.46
C MET W 115 -0.40 38.18 31.27
N ILE W 116 -0.25 38.73 32.47
CA ILE W 116 0.68 38.24 33.47
C ILE W 116 0.23 36.87 33.91
N LYS W 117 1.14 36.10 34.49
CA LYS W 117 0.83 34.82 35.07
C LYS W 117 1.54 34.66 36.40
N ASN W 118 0.76 34.30 37.41
CA ASN W 118 1.27 33.90 38.71
C ASN W 118 0.50 32.66 39.13
N GLY W 119 1.21 31.55 39.30
CA GLY W 119 0.55 30.31 39.62
C GLY W 119 -0.54 29.99 38.62
N ASP W 120 -1.76 29.85 39.12
CA ASP W 120 -2.94 29.76 38.29
C ASP W 120 -3.40 31.11 37.80
N LYS W 121 -3.14 32.18 38.55
CA LYS W 121 -3.67 33.49 38.24
C LYS W 121 -3.13 34.02 36.93
N GLU W 122 -3.94 34.84 36.28
CA GLU W 122 -3.60 35.49 35.03
C GLU W 122 -4.21 36.88 35.09
N THR W 123 -3.41 37.91 34.85
CA THR W 123 -3.88 39.28 35.03
C THR W 123 -3.30 40.21 33.99
N PRO W 124 -4.05 41.24 33.62
CA PRO W 124 -3.63 42.16 32.57
C PRO W 124 -2.59 43.15 33.06
N VAL W 125 -1.99 43.83 32.11
CA VAL W 125 -0.97 44.84 32.41
C VAL W 125 -1.62 46.21 32.45
N VAL W 126 -1.13 47.05 33.34
CA VAL W 126 -1.61 48.41 33.48
C VAL W 126 -0.53 49.36 33.00
N VAL W 127 -0.80 50.03 31.89
CA VAL W 127 0.11 51.01 31.34
C VAL W 127 -0.07 52.35 32.03
N GLN W 128 -1.13 53.06 31.71
CA GLN W 128 -1.41 54.34 32.34
C GLN W 128 -2.91 54.49 32.47
N THR W 129 -3.31 55.70 32.80
CA THR W 129 -4.67 56.03 33.19
C THR W 129 -4.95 57.44 32.69
N LYS W 130 -6.16 57.66 32.21
CA LYS W 130 -6.53 58.96 31.66
C LYS W 130 -7.71 59.56 32.38
N LYS W 131 -7.81 60.85 32.25
CA LYS W 131 -8.96 61.57 32.75
C LYS W 131 -10.02 61.78 31.67
N PRO W 132 -11.27 61.88 32.07
CA PRO W 132 -12.37 61.95 31.13
C PRO W 132 -12.54 63.31 30.50
N ASP W 133 -13.34 63.32 29.43
CA ASP W 133 -13.73 64.57 28.79
C ASP W 133 -14.82 65.26 29.61
N ILE W 134 -15.41 66.32 29.06
CA ILE W 134 -16.11 67.31 29.86
C ILE W 134 -17.26 67.92 29.08
N ARG W 135 -18.29 68.36 29.82
CA ARG W 135 -19.36 69.22 29.32
C ARG W 135 -19.79 70.18 30.43
N GLY W 136 -19.83 71.48 30.15
CA GLY W 136 -19.99 72.45 31.23
C GLY W 136 -20.52 73.80 30.77
N VAL W 137 -21.13 74.50 31.74
CA VAL W 137 -21.54 75.90 31.59
C VAL W 137 -21.39 76.62 32.92
N LEU W 138 -21.98 77.81 32.98
CA LEU W 138 -21.53 78.86 33.86
C LEU W 138 -22.61 79.89 34.17
N VAL W 139 -22.45 80.60 35.28
CA VAL W 139 -23.19 81.81 35.58
C VAL W 139 -22.21 82.82 36.18
N VAL W 140 -22.46 84.11 35.91
CA VAL W 140 -21.52 85.15 36.30
C VAL W 140 -22.24 86.49 36.43
N ALA W 141 -21.77 87.33 37.38
CA ALA W 141 -22.43 88.59 37.68
C ALA W 141 -22.38 89.56 36.51
N GLN W 142 -21.62 89.20 35.48
CA GLN W 142 -21.51 90.01 34.29
C GLN W 142 -21.04 89.07 33.19
N GLY W 143 -21.19 89.42 31.93
CA GLY W 143 -21.07 88.37 30.95
C GLY W 143 -21.39 88.75 29.52
N VAL W 144 -21.90 87.76 28.78
CA VAL W 144 -21.98 87.82 27.34
C VAL W 144 -22.57 89.12 26.80
N ASP W 145 -23.29 89.88 27.62
CA ASP W 145 -23.72 91.20 27.15
C ASP W 145 -22.55 92.09 26.81
N ASN W 146 -21.38 91.87 27.43
CA ASN W 146 -20.18 92.62 27.07
C ASN W 146 -19.25 91.65 26.34
N VAL W 147 -19.11 91.88 25.05
CA VAL W 147 -18.53 90.91 24.14
C VAL W 147 -17.11 90.59 24.58
N GLN W 148 -16.43 91.56 25.18
CA GLN W 148 -15.03 91.37 25.51
C GLN W 148 -14.84 90.62 26.81
N ILE W 149 -15.88 90.56 27.63
CA ILE W 149 -15.88 89.59 28.72
C ILE W 149 -16.55 88.30 28.25
N LYS W 150 -17.19 88.35 27.09
CA LYS W 150 -17.73 87.13 26.49
C LYS W 150 -16.63 86.27 25.92
N GLN W 151 -15.85 86.85 25.00
CA GLN W 151 -14.90 86.05 24.24
C GLN W 151 -13.72 85.66 25.12
N THR W 152 -13.37 86.53 26.06
CA THR W 152 -12.32 86.23 27.02
C THR W 152 -12.52 84.87 27.66
N ILE W 153 -13.76 84.60 28.06
CA ILE W 153 -14.03 83.42 28.86
C ILE W 153 -13.98 82.17 28.00
N ILE W 154 -14.74 82.18 26.91
CA ILE W 154 -14.79 81.02 26.03
C ILE W 154 -13.38 80.52 25.75
N GLU W 155 -12.52 81.42 25.31
CA GLU W 155 -11.18 81.02 24.93
C GLU W 155 -10.39 80.58 26.15
N ALA W 156 -10.82 81.03 27.33
CA ALA W 156 -10.18 80.61 28.56
C ALA W 156 -10.66 79.24 29.00
N VAL W 157 -11.96 78.99 28.85
CA VAL W 157 -12.51 77.73 29.33
C VAL W 157 -12.13 76.59 28.40
N THR W 158 -12.39 76.77 27.10
CA THR W 158 -12.15 75.70 26.16
C THR W 158 -10.70 75.24 26.21
N ARG W 159 -9.78 76.19 26.27
CA ARG W 159 -8.38 75.87 26.17
C ARG W 159 -7.84 75.23 27.43
N VAL W 160 -8.57 75.31 28.53
CA VAL W 160 -8.19 74.59 29.73
C VAL W 160 -8.59 73.13 29.64
N LEU W 161 -9.83 72.88 29.25
CA LEU W 161 -10.46 71.58 29.41
C LEU W 161 -10.46 70.76 28.14
N ASP W 162 -10.00 71.31 27.02
CA ASP W 162 -10.15 70.69 25.71
C ASP W 162 -11.62 70.48 25.38
N VAL W 163 -12.40 71.55 25.52
CA VAL W 163 -13.84 71.51 25.29
C VAL W 163 -14.15 72.42 24.12
N PRO W 164 -14.62 71.89 23.00
CA PRO W 164 -15.03 72.76 21.88
C PRO W 164 -16.15 73.69 22.31
N SER W 165 -16.36 74.72 21.51
CA SER W 165 -17.32 75.75 21.90
C SER W 165 -18.72 75.19 22.02
N HIS W 166 -19.18 74.42 21.03
CA HIS W 166 -20.57 74.03 21.01
C HIS W 166 -20.99 73.22 22.22
N ARG W 167 -20.05 72.71 23.00
CA ARG W 167 -20.36 71.98 24.21
C ARG W 167 -20.24 72.81 25.46
N VAL W 168 -19.94 74.08 25.32
CA VAL W 168 -19.82 74.97 26.47
C VAL W 168 -20.67 76.20 26.21
N ALA W 169 -21.26 76.74 27.28
CA ALA W 169 -22.17 77.84 27.12
C ALA W 169 -22.22 78.63 28.43
N VAL W 170 -22.74 79.85 28.33
CA VAL W 170 -22.69 80.81 29.42
C VAL W 170 -23.97 81.61 29.44
N ALA W 171 -24.20 82.27 30.58
CA ALA W 171 -25.43 82.99 30.81
C ALA W 171 -25.19 84.33 31.49
N PRO W 172 -25.90 85.37 31.09
CA PRO W 172 -25.75 86.65 31.78
C PRO W 172 -26.40 86.70 33.14
N LYS W 173 -25.95 87.70 33.88
CA LYS W 173 -26.08 87.94 35.32
C LYS W 173 -25.76 86.76 36.21
N LYS W 174 -26.13 86.87 37.49
CA LYS W 174 -26.02 85.82 38.47
C LYS W 174 -27.16 85.90 39.49
N ILE W 175 -27.09 86.90 40.36
CA ILE W 175 -28.16 87.18 41.31
C ILE W 175 -28.39 88.68 41.38
N LYS W 176 -27.37 89.41 41.84
CA LYS W 176 -27.50 90.81 42.23
C LYS W 176 -26.91 91.68 41.12
N GLU W 177 -27.60 92.78 40.83
CA GLU W 177 -27.11 93.73 39.86
C GLU W 177 -27.40 95.15 40.33
N PRO X 39 -3.40 55.48 41.15
CA PRO X 39 -4.60 56.08 40.58
C PRO X 39 -4.44 57.60 40.42
N LYS X 40 -5.54 58.36 40.50
CA LYS X 40 -5.46 59.82 40.38
C LYS X 40 -4.37 60.42 41.26
N ASP X 41 -4.22 59.94 42.50
CA ASP X 41 -3.43 60.67 43.49
C ASP X 41 -2.09 61.15 42.95
N SER X 42 -1.32 60.26 42.31
CA SER X 42 -0.06 60.69 41.74
C SER X 42 -0.24 61.79 40.70
N ILE X 43 -1.48 62.05 40.27
CA ILE X 43 -1.72 63.22 39.43
C ILE X 43 -1.66 64.48 40.26
N ASP X 44 -2.47 64.54 41.31
CA ASP X 44 -2.73 65.80 41.98
C ASP X 44 -1.42 66.44 42.41
N ASP X 45 -0.47 65.62 42.83
CA ASP X 45 0.85 66.13 43.16
C ASP X 45 1.46 66.85 41.96
N TYR X 46 1.45 66.23 40.79
CA TYR X 46 2.09 66.83 39.63
C TYR X 46 1.58 68.24 39.39
N GLU X 47 0.26 68.39 39.27
CA GLU X 47 -0.28 69.70 38.92
C GLU X 47 0.26 70.78 39.85
N LYS X 48 0.08 70.59 41.15
CA LYS X 48 0.53 71.61 42.09
C LYS X 48 2.02 71.86 41.93
N GLU X 49 2.80 70.80 41.77
CA GLU X 49 4.23 70.96 41.55
C GLU X 49 4.48 71.90 40.39
N TYR X 50 3.66 71.82 39.34
CA TYR X 50 3.70 72.82 38.29
C TYR X 50 3.14 74.15 38.80
N GLU X 51 1.94 74.12 39.35
CA GLU X 51 1.22 75.35 39.66
C GLU X 51 2.07 76.31 40.48
N ASN X 52 2.91 75.77 41.34
CA ASN X 52 3.68 76.62 42.24
C ASN X 52 4.90 77.20 41.54
N GLN X 53 5.52 76.42 40.65
CA GLN X 53 6.73 76.89 40.01
C GLN X 53 6.46 78.12 39.18
N LEU X 54 5.58 78.01 38.18
CA LEU X 54 5.27 79.13 37.34
C LEU X 54 4.92 80.35 38.18
N LYS X 55 4.12 80.12 39.22
CA LYS X 55 3.77 81.20 40.13
C LYS X 55 5.03 81.91 40.61
N GLU X 56 5.82 81.22 41.43
CA GLU X 56 6.98 81.83 42.06
C GLU X 56 7.93 82.41 41.02
N ILE X 57 7.94 81.85 39.82
CA ILE X 57 8.86 82.29 38.79
C ILE X 57 8.32 83.51 38.06
N LEU X 58 7.04 83.47 37.72
CA LEU X 58 6.50 84.48 36.82
C LEU X 58 6.31 85.81 37.50
N GLU X 59 6.29 85.82 38.83
CA GLU X 59 6.37 87.08 39.54
C GLU X 59 7.69 87.78 39.28
N THR X 60 8.67 87.06 38.73
CA THR X 60 10.05 87.51 38.64
C THR X 60 10.36 88.12 37.29
N ILE X 61 9.38 88.26 36.42
CA ILE X 61 9.58 89.01 35.20
C ILE X 61 9.15 90.44 35.47
N ILE X 62 8.93 91.20 34.42
CA ILE X 62 9.11 92.64 34.44
C ILE X 62 8.64 93.40 35.70
N GLY X 63 7.35 93.45 36.03
CA GLY X 63 6.31 92.50 35.68
C GLY X 63 4.97 93.21 35.69
N VAL X 64 3.84 92.50 35.65
CA VAL X 64 3.66 91.10 36.02
C VAL X 64 4.05 90.94 37.47
N ASP X 65 3.22 91.50 38.35
CA ASP X 65 3.52 91.57 39.78
C ASP X 65 2.83 90.50 40.61
N ASP X 66 2.02 89.64 40.00
CA ASP X 66 1.34 88.59 40.75
C ASP X 66 0.54 87.69 39.82
N VAL X 67 0.21 86.47 40.24
CA VAL X 67 -0.42 85.50 39.38
C VAL X 67 -1.18 84.44 40.17
N SER X 68 -2.07 83.78 39.46
CA SER X 68 -2.80 82.62 39.96
C SER X 68 -3.09 81.75 38.74
N VAL X 69 -3.03 80.43 38.91
CA VAL X 69 -3.00 79.53 37.77
C VAL X 69 -3.80 78.27 38.06
N VAL X 70 -4.01 77.51 37.00
CA VAL X 70 -4.64 76.20 37.04
C VAL X 70 -4.05 75.39 35.91
N VAL X 71 -4.05 74.06 36.05
CA VAL X 71 -3.50 73.18 35.03
C VAL X 71 -4.26 71.87 35.01
N ASN X 72 -4.32 71.24 33.84
CA ASN X 72 -4.97 69.96 33.67
C ASN X 72 -3.98 68.97 33.07
N VAL X 73 -3.71 67.91 33.80
CA VAL X 73 -2.92 66.81 33.32
C VAL X 73 -3.83 65.82 32.62
N ASP X 74 -3.32 65.19 31.57
CA ASP X 74 -4.15 64.34 30.74
C ASP X 74 -4.02 62.88 31.12
N ALA X 75 -3.18 62.57 32.10
CA ALA X 75 -2.89 61.18 32.39
C ALA X 75 -2.12 61.05 33.69
N THR X 76 -1.84 59.81 34.05
CA THR X 76 -0.86 59.52 35.07
C THR X 76 0.44 59.13 34.37
N SER X 77 1.42 58.70 35.15
CA SER X 77 2.72 58.38 34.60
C SER X 77 2.64 57.19 33.66
N LEU X 78 3.35 57.29 32.56
CA LEU X 78 3.32 56.30 31.49
C LEU X 78 4.45 55.29 31.65
N LYS X 79 4.09 54.02 31.69
CA LYS X 79 5.05 52.93 31.59
C LYS X 79 5.55 52.77 30.16
N VAL X 80 6.65 52.06 30.02
CA VAL X 80 7.06 51.48 28.76
C VAL X 80 7.58 50.09 29.04
N TYR X 81 7.32 49.18 28.12
CA TYR X 81 7.69 47.79 28.27
C TYR X 81 8.45 47.34 27.04
N GLU X 82 9.40 46.45 27.24
CA GLU X 82 10.28 46.05 26.15
C GLU X 82 9.55 45.12 25.21
N LYS X 83 9.98 45.10 23.97
CA LYS X 83 9.35 44.24 22.98
C LYS X 83 10.37 43.70 21.99
N ASN X 84 10.24 42.41 21.70
CA ASN X 84 10.79 41.86 20.48
C ASN X 84 10.07 42.47 19.30
N LYS X 85 10.71 42.43 18.14
CA LYS X 85 10.18 43.16 17.00
C LYS X 85 10.58 42.52 15.70
N SER X 86 9.79 42.83 14.68
CA SER X 86 10.04 42.41 13.30
C SER X 86 9.48 43.52 12.43
N ASN X 87 10.17 43.83 11.36
CA ASN X 87 9.81 44.93 10.49
C ASN X 87 10.15 44.57 9.06
N LYS X 88 9.23 44.85 8.15
CA LYS X 88 9.44 44.58 6.74
C LYS X 88 8.91 45.75 5.94
N ASN X 89 9.79 46.40 5.20
CA ASN X 89 9.42 47.46 4.28
C ASN X 89 9.83 47.05 2.89
N THR X 90 8.85 46.74 2.05
CA THR X 90 9.08 46.41 0.66
C THR X 90 8.32 47.41 -0.19
N THR X 91 9.07 48.27 -0.89
CA THR X 91 8.45 49.24 -1.77
C THR X 91 9.18 49.23 -3.10
N THR X 92 8.45 49.56 -4.16
CA THR X 92 9.06 49.68 -5.47
C THR X 92 8.37 50.78 -6.26
N GLU X 93 9.04 51.20 -7.33
CA GLU X 93 8.53 52.23 -8.22
C GLU X 93 9.04 51.96 -9.61
N GLU X 94 8.24 52.31 -10.62
CA GLU X 94 8.57 52.01 -12.00
C GLU X 94 8.10 53.13 -12.91
N THR X 95 8.94 53.46 -13.89
CA THR X 95 8.52 54.22 -15.06
C THR X 95 9.32 53.71 -16.24
N ASP X 96 8.83 53.99 -17.45
CA ASP X 96 9.47 53.47 -18.65
C ASP X 96 9.16 54.39 -19.82
N LYS X 97 9.49 53.91 -21.01
CA LYS X 97 9.35 54.67 -22.26
C LYS X 97 7.92 55.20 -22.45
N GLU X 98 6.92 54.35 -22.33
CA GLU X 98 5.53 54.76 -22.46
C GLU X 98 5.06 55.35 -21.14
N GLY X 99 4.79 54.47 -20.18
CA GLY X 99 4.94 54.79 -18.78
C GLY X 99 4.81 53.53 -17.96
N GLY X 100 5.59 53.48 -16.88
CA GLY X 100 5.56 52.36 -15.96
C GLY X 100 5.03 52.76 -14.60
N LYS X 101 4.42 53.95 -14.51
CA LYS X 101 4.19 54.59 -13.24
C LYS X 101 3.41 53.62 -12.35
N ARG X 102 4.04 53.23 -11.26
CA ARG X 102 3.48 52.31 -10.29
C ARG X 102 4.14 52.62 -8.96
N SER X 103 3.37 52.54 -7.89
CA SER X 103 3.91 52.60 -6.55
C SER X 103 3.35 51.40 -5.81
N VAL X 104 4.22 50.58 -5.27
CA VAL X 104 3.81 49.48 -4.40
C VAL X 104 4.59 49.65 -3.11
N THR X 105 3.89 49.98 -2.03
CA THR X 105 4.53 50.23 -0.76
C THR X 105 3.98 49.25 0.26
N ASP X 106 4.82 48.31 0.69
CA ASP X 106 4.44 47.29 1.64
C ASP X 106 5.13 47.57 2.96
N GLN X 107 4.35 47.57 4.03
CA GLN X 107 4.88 47.77 5.37
C GLN X 107 4.21 46.77 6.29
N SER X 108 5.01 45.92 6.90
CA SER X 108 4.51 44.90 7.83
C SER X 108 5.36 44.94 9.09
N SER X 109 4.69 45.02 10.23
CA SER X 109 5.37 45.12 11.51
C SER X 109 4.66 44.25 12.51
N GLU X 110 5.43 43.39 13.17
CA GLU X 110 4.95 42.63 14.30
C GLU X 110 5.68 43.08 15.54
N GLU X 111 4.98 43.10 16.65
CA GLU X 111 5.58 43.38 17.94
C GLU X 111 5.10 42.35 18.93
N GLU X 112 5.97 42.00 19.86
CA GLU X 112 5.65 41.07 20.90
C GLU X 112 6.36 41.51 22.16
N ILE X 113 5.64 41.46 23.27
CA ILE X 113 6.24 41.85 24.54
C ILE X 113 7.14 40.76 25.04
N VAL X 114 8.02 41.13 25.96
CA VAL X 114 8.94 40.21 26.60
C VAL X 114 8.47 39.96 28.02
N MET X 115 8.73 38.76 28.51
CA MET X 115 8.28 38.37 29.82
C MET X 115 9.38 37.61 30.56
N ILE X 116 9.73 38.13 31.73
CA ILE X 116 10.61 37.47 32.66
C ILE X 116 9.95 36.21 33.16
N LYS X 117 10.74 35.28 33.69
CA LYS X 117 10.22 34.08 34.32
C LYS X 117 10.99 33.78 35.59
N ASN X 118 10.23 33.59 36.66
CA ASN X 118 10.77 33.10 37.93
C ASN X 118 9.79 32.04 38.43
N GLY X 119 10.29 30.81 38.55
CA GLY X 119 9.43 29.72 38.95
C GLY X 119 8.23 29.62 38.04
N ASP X 120 7.04 29.71 38.63
CA ASP X 120 5.80 29.86 37.89
C ASP X 120 5.58 31.28 37.41
N LYS X 121 6.11 32.27 38.12
CA LYS X 121 5.81 33.66 37.84
C LYS X 121 6.34 34.07 36.47
N GLU X 122 5.65 35.03 35.88
CA GLU X 122 6.02 35.61 34.59
C GLU X 122 5.70 37.09 34.67
N THR X 123 6.66 37.94 34.36
CA THR X 123 6.48 39.37 34.55
C THR X 123 7.15 40.17 33.45
N PRO X 124 6.58 41.33 33.12
CA PRO X 124 7.09 42.14 32.03
C PRO X 124 8.33 42.91 32.42
N VAL X 125 8.99 43.46 31.41
CA VAL X 125 10.19 44.25 31.62
C VAL X 125 9.83 45.72 31.69
N VAL X 126 10.53 46.46 32.53
CA VAL X 126 10.34 47.89 32.69
C VAL X 126 11.54 48.61 32.09
N VAL X 127 11.33 49.30 30.99
CA VAL X 127 12.37 50.10 30.38
C VAL X 127 12.50 51.44 31.04
N GLN X 128 11.57 52.35 30.79
CA GLN X 128 11.60 53.66 31.42
C GLN X 128 10.16 54.09 31.66
N THR X 129 10.02 55.36 31.99
CA THR X 129 8.79 55.95 32.48
C THR X 129 8.74 57.38 31.99
N LYS X 130 7.57 57.84 31.59
CA LYS X 130 7.43 59.18 31.04
C LYS X 130 6.44 60.00 31.84
N LYS X 131 6.57 61.28 31.70
CA LYS X 131 5.63 62.22 32.27
C LYS X 131 4.56 62.62 31.27
N PRO X 132 3.38 62.96 31.77
CA PRO X 132 2.23 63.24 30.91
C PRO X 132 2.29 64.61 30.26
N ASP X 133 1.43 64.78 29.26
CA ASP X 133 1.23 66.08 28.63
C ASP X 133 0.37 66.96 29.53
N ILE X 134 -0.04 68.11 28.99
CA ILE X 134 -0.47 69.22 29.83
C ILE X 134 -1.55 70.04 29.13
N ARG X 135 -2.41 70.68 29.93
CA ARG X 135 -3.32 71.73 29.50
C ARG X 135 -3.48 72.76 30.62
N GLY X 136 -3.30 74.05 30.32
CA GLY X 136 -3.18 75.02 31.39
C GLY X 136 -3.47 76.44 30.95
N VAL X 137 -3.86 77.26 31.95
CA VAL X 137 -4.00 78.71 31.81
C VAL X 137 -3.61 79.38 33.11
N LEU X 138 -3.96 80.67 33.20
CA LEU X 138 -3.24 81.62 34.03
C LEU X 138 -4.08 82.83 34.40
N VAL X 139 -3.70 83.50 35.48
CA VAL X 139 -4.16 84.84 35.82
C VAL X 139 -2.97 85.65 36.32
N VAL X 140 -2.98 86.95 36.05
CA VAL X 140 -1.83 87.79 36.35
C VAL X 140 -2.26 89.24 36.51
N ALA X 141 -1.58 89.98 37.40
CA ALA X 141 -1.97 91.35 37.74
C ALA X 141 -1.81 92.29 36.55
N GLN X 142 -1.22 91.79 35.47
CA GLN X 142 -1.04 92.56 34.25
C GLN X 142 -0.84 91.54 33.15
N GLY X 143 -1.02 91.90 31.89
CA GLY X 143 -1.19 90.85 30.93
C GLY X 143 -1.53 91.28 29.52
N VAL X 144 -2.27 90.41 28.84
CA VAL X 144 -2.46 90.48 27.40
C VAL X 144 -2.82 91.87 26.89
N ASP X 145 -3.32 92.76 27.74
CA ASP X 145 -3.52 94.13 27.29
C ASP X 145 -2.23 94.78 26.83
N ASN X 146 -1.09 94.33 27.37
CA ASN X 146 0.21 94.84 26.92
C ASN X 146 0.88 93.71 26.14
N VAL X 147 0.95 93.89 24.83
CA VAL X 147 1.27 92.82 23.90
C VAL X 147 2.63 92.25 24.22
N GLN X 148 3.52 93.06 24.77
CA GLN X 148 4.89 92.60 24.99
C GLN X 148 5.02 91.84 26.29
N ILE X 149 4.06 91.98 27.19
CA ILE X 149 3.96 91.03 28.28
C ILE X 149 3.01 89.91 27.90
N LYS X 150 2.31 90.07 26.78
CA LYS X 150 1.50 88.98 26.25
C LYS X 150 2.38 87.91 25.61
N GLN X 151 3.17 88.33 24.62
CA GLN X 151 3.89 87.36 23.81
C GLN X 151 5.03 86.76 24.61
N THR X 152 5.61 87.54 25.50
CA THR X 152 6.66 87.04 26.38
C THR X 152 6.25 85.76 27.06
N ILE X 153 5.02 85.73 27.56
CA ILE X 153 4.58 84.63 28.40
C ILE X 153 4.32 83.39 27.56
N ILE X 154 3.51 83.53 26.52
CA ILE X 154 3.16 82.40 25.68
C ILE X 154 4.41 81.64 25.30
N GLU X 155 5.41 82.36 24.78
CA GLU X 155 6.61 81.70 24.30
C GLU X 155 7.39 81.12 25.47
N ALA X 156 7.15 81.66 26.66
CA ALA X 156 7.79 81.13 27.86
C ALA X 156 7.09 79.87 28.35
N VAL X 157 5.76 79.87 28.30
CA VAL X 157 5.01 78.75 28.84
C VAL X 157 5.09 77.56 27.91
N THR X 158 4.77 77.79 26.64
CA THR X 158 4.73 76.68 25.70
C THR X 158 6.06 75.96 25.65
N ARG X 159 7.15 76.71 25.62
CA ARG X 159 8.45 76.12 25.41
C ARG X 159 8.95 75.38 26.65
N VAL X 160 8.33 75.61 27.80
CA VAL X 160 8.66 74.84 28.98
C VAL X 160 7.98 73.48 28.94
N LEU X 161 6.69 73.47 28.65
CA LEU X 161 5.85 72.32 28.88
C LEU X 161 5.57 71.51 27.63
N ASP X 162 6.05 71.97 26.47
CA ASP X 162 5.69 71.38 25.18
C ASP X 162 4.18 71.46 24.97
N VAL X 163 3.63 72.66 25.14
CA VAL X 163 2.21 72.89 25.03
C VAL X 163 1.97 73.85 23.87
N PRO X 164 1.34 73.41 22.79
CA PRO X 164 1.01 74.33 21.71
C PRO X 164 0.14 75.47 22.20
N SER X 165 0.06 76.53 21.39
CA SER X 165 -0.64 77.72 21.84
C SER X 165 -2.12 77.44 22.07
N HIS X 166 -2.78 76.77 21.13
CA HIS X 166 -4.23 76.67 21.23
C HIS X 166 -4.69 75.95 22.48
N ARG X 167 -3.82 75.27 23.19
CA ARG X 167 -4.17 74.61 24.44
C ARG X 167 -3.80 75.41 25.66
N VAL X 168 -3.27 76.60 25.48
CA VAL X 168 -2.88 77.45 26.59
C VAL X 168 -3.50 78.82 26.37
N ALA X 169 -3.89 79.46 27.48
CA ALA X 169 -4.58 80.73 27.37
C ALA X 169 -4.38 81.50 28.66
N VAL X 170 -4.66 82.80 28.58
CA VAL X 170 -4.34 83.74 29.65
C VAL X 170 -5.44 84.78 29.76
N ALA X 171 -5.45 85.48 30.90
CA ALA X 171 -6.50 86.40 31.21
C ALA X 171 -5.94 87.68 31.84
N PRO X 172 -6.48 88.84 31.47
CA PRO X 172 -6.03 90.07 32.12
C PRO X 172 -6.55 90.25 33.54
N LYS X 173 -5.86 91.15 34.23
CA LYS X 173 -5.83 91.40 35.66
C LYS X 173 -5.68 90.19 36.55
N LYS X 174 -5.92 90.39 37.85
CA LYS X 174 -5.95 89.32 38.84
C LYS X 174 -6.96 89.63 39.94
N ILE X 175 -6.63 90.60 40.79
CA ILE X 175 -7.55 91.08 41.80
C ILE X 175 -7.48 92.60 41.87
N LYS X 176 -6.32 93.12 42.23
CA LYS X 176 -6.13 94.51 42.62
C LYS X 176 -5.48 95.26 41.45
N GLU X 177 -5.96 96.46 41.19
CA GLU X 177 -5.38 97.31 40.16
C GLU X 177 -5.35 98.76 40.64
N PRO Y 39 10.56 55.19 40.34
CA PRO Y 39 9.45 56.00 39.85
C PRO Y 39 9.89 57.47 39.66
N LYS Y 40 8.97 58.42 39.81
CA LYS Y 40 9.32 59.83 39.66
C LYS Y 40 10.58 60.21 40.43
N ASP Y 41 10.72 59.73 41.66
CA ASP Y 41 11.70 60.29 42.59
C ASP Y 41 13.07 60.49 41.93
N SER Y 42 13.60 59.48 41.25
CA SER Y 42 14.89 59.65 40.58
C SER Y 42 14.83 60.77 39.54
N ILE Y 43 13.64 61.25 39.20
CA ILE Y 43 13.55 62.44 38.36
C ILE Y 43 13.93 63.67 39.16
N ASP Y 44 13.22 63.90 40.27
CA ASP Y 44 13.27 65.18 40.94
C ASP Y 44 14.70 65.56 41.24
N ASP Y 45 15.51 64.57 41.62
CA ASP Y 45 16.93 64.82 41.83
C ASP Y 45 17.57 65.41 40.58
N TYR Y 46 17.34 64.78 39.42
CA TYR Y 46 18.00 65.26 38.21
C TYR Y 46 17.75 66.73 37.99
N GLU Y 47 16.48 67.14 37.96
CA GLU Y 47 16.18 68.53 37.63
C GLU Y 47 16.98 69.48 38.50
N LYS Y 48 16.87 69.33 39.81
CA LYS Y 48 17.58 70.25 40.70
C LYS Y 48 19.07 70.21 40.43
N GLU Y 49 19.61 69.01 40.22
CA GLU Y 49 21.03 68.90 39.90
C GLU Y 49 21.37 69.77 38.69
N TYR Y 50 20.47 69.84 37.72
CA TYR Y 50 20.62 70.83 36.65
C TYR Y 50 20.37 72.23 37.18
N GLU Y 51 19.23 72.43 37.82
CA GLU Y 51 18.79 73.79 38.16
C GLU Y 51 19.87 74.56 38.89
N ASN Y 52 20.65 73.87 39.70
CA ASN Y 52 21.64 74.55 40.52
C ASN Y 52 22.88 74.89 39.72
N GLN Y 53 23.28 74.00 38.80
CA GLN Y 53 24.50 74.22 38.06
C GLN Y 53 24.41 75.49 37.23
N LEU Y 54 23.46 75.53 36.31
CA LEU Y 54 23.30 76.71 35.47
C LEU Y 54 23.26 77.97 36.32
N LYS Y 55 22.52 77.91 37.42
CA LYS Y 55 22.45 79.03 38.33
C LYS Y 55 23.86 79.49 38.71
N GLU Y 56 24.56 78.65 39.47
CA GLU Y 56 25.86 79.04 40.00
C GLU Y 56 26.82 79.42 38.89
N ILE Y 57 26.63 78.86 37.70
CA ILE Y 57 27.53 79.11 36.59
C ILE Y 57 27.18 80.41 35.89
N LEU Y 58 25.89 80.62 35.64
CA LEU Y 58 25.48 81.70 34.76
C LEU Y 58 25.62 83.06 35.44
N GLU Y 59 25.70 83.08 36.77
CA GLU Y 59 26.08 84.30 37.45
C GLU Y 59 27.49 84.73 37.07
N THR Y 60 28.25 83.83 36.47
CA THR Y 60 29.68 84.01 36.26
C THR Y 60 30.01 84.55 34.87
N ILE Y 61 29.00 84.85 34.09
CA ILE Y 61 29.25 85.56 32.84
C ILE Y 61 29.13 87.05 33.13
N ILE Y 62 28.97 87.84 32.08
CA ILE Y 62 29.43 89.21 32.06
C ILE Y 62 29.21 90.04 33.33
N GLY Y 63 27.99 90.35 33.77
CA GLY Y 63 26.76 89.61 33.51
C GLY Y 63 25.59 90.57 33.60
N VAL Y 64 24.34 90.10 33.67
CA VAL Y 64 23.93 88.75 34.07
C VAL Y 64 24.39 88.52 35.50
N ASP Y 65 23.75 89.24 36.43
CA ASP Y 65 24.18 89.25 37.82
C ASP Y 65 23.35 88.34 38.72
N ASP Y 66 22.34 87.65 38.18
CA ASP Y 66 21.55 86.75 39.01
C ASP Y 66 20.51 86.02 38.15
N VAL Y 67 19.99 84.89 38.62
CA VAL Y 67 19.12 84.05 37.82
C VAL Y 67 18.24 83.17 38.69
N SER Y 68 17.17 82.68 38.06
CA SER Y 68 16.27 81.70 38.63
C SER Y 68 15.74 80.90 37.46
N VAL Y 69 15.56 79.59 37.64
CA VAL Y 69 15.32 78.70 36.52
C VAL Y 69 14.32 77.62 36.89
N VAL Y 70 13.89 76.90 35.86
CA VAL Y 70 13.02 75.74 35.97
C VAL Y 70 13.35 74.82 34.81
N VAL Y 71 13.11 73.53 34.98
CA VAL Y 71 13.40 72.56 33.93
C VAL Y 71 12.40 71.42 34.01
N ASN Y 72 12.12 70.80 32.85
CA ASN Y 72 11.23 69.67 32.75
C ASN Y 72 11.95 68.51 32.09
N VAL Y 73 12.07 67.42 32.82
CA VAL Y 73 12.61 66.19 32.30
C VAL Y 73 11.47 65.39 31.69
N ASP Y 74 11.78 64.67 30.60
CA ASP Y 74 10.73 64.00 29.86
C ASP Y 74 10.60 62.54 30.26
N ALA Y 75 11.44 62.07 31.18
CA ALA Y 75 11.47 60.65 31.47
C ALA Y 75 12.30 60.39 32.71
N THR Y 76 12.37 59.12 33.07
CA THR Y 76 13.36 58.64 34.02
C THR Y 76 14.49 58.01 33.23
N SER Y 77 15.43 57.39 33.94
CA SER Y 77 16.59 56.83 33.30
C SER Y 77 16.20 55.67 32.39
N LEU Y 78 16.84 55.63 31.23
CA LEU Y 78 16.55 54.66 30.19
C LEU Y 78 17.47 53.46 30.27
N LYS Y 79 16.87 52.27 30.36
CA LYS Y 79 17.60 51.03 30.20
C LYS Y 79 17.94 50.77 28.75
N VAL Y 80 18.87 49.85 28.55
CA VAL Y 80 19.07 49.21 27.26
C VAL Y 80 19.31 47.74 27.53
N TYR Y 81 18.82 46.90 26.64
CA TYR Y 81 18.93 45.46 26.79
C TYR Y 81 19.48 44.87 25.51
N GLU Y 82 20.27 43.82 25.65
CA GLU Y 82 20.96 43.25 24.51
C GLU Y 82 20.00 42.48 23.65
N LYS Y 83 20.31 42.37 22.37
CA LYS Y 83 19.46 41.65 21.45
C LYS Y 83 20.28 40.91 20.40
N ASN Y 84 19.88 39.67 20.14
CA ASN Y 84 20.21 39.02 18.90
C ASN Y 84 19.54 39.77 17.76
N LYS Y 85 20.06 39.59 16.56
CA LYS Y 85 19.61 40.42 15.46
C LYS Y 85 19.76 39.69 14.13
N SER Y 86 18.97 40.15 13.17
CA SER Y 86 19.03 39.70 11.79
C SER Y 86 18.62 40.88 10.94
N ASN Y 87 19.29 41.06 9.81
CA ASN Y 87 19.06 42.21 8.96
C ASN Y 87 19.22 41.78 7.51
N LYS Y 88 18.30 42.23 6.67
CA LYS Y 88 18.35 41.92 5.25
C LYS Y 88 18.00 43.18 4.48
N ASN Y 89 18.92 43.64 3.66
CA ASN Y 89 18.68 44.75 2.75
C ASN Y 89 18.91 44.26 1.33
N THR Y 90 17.83 44.14 0.57
CA THR Y 90 17.88 43.77 -0.82
C THR Y 90 17.27 44.91 -1.63
N THR Y 91 18.11 45.60 -2.40
CA THR Y 91 17.62 46.67 -3.23
C THR Y 91 18.23 46.52 -4.61
N THR Y 92 17.50 46.97 -5.63
CA THR Y 92 18.01 46.96 -6.99
C THR Y 92 17.49 48.18 -7.74
N GLU Y 93 18.15 48.47 -8.85
CA GLU Y 93 17.77 49.57 -9.72
C GLU Y 93 18.11 49.20 -11.16
N GLU Y 94 17.33 49.70 -12.10
CA GLU Y 94 17.48 49.33 -13.50
C GLU Y 94 17.17 50.52 -14.40
N THR Y 95 17.98 50.69 -15.44
CA THR Y 95 17.62 51.51 -16.58
C THR Y 95 18.21 50.84 -17.81
N ASP Y 96 17.70 51.22 -18.98
CA ASP Y 96 18.13 50.58 -20.21
C ASP Y 96 17.92 51.55 -21.38
N LYS Y 97 18.05 51.00 -22.59
CA LYS Y 97 17.95 51.76 -23.83
C LYS Y 97 16.66 52.57 -23.92
N GLU Y 98 15.52 51.92 -23.71
CA GLU Y 98 14.22 52.60 -23.75
C GLU Y 98 13.98 53.27 -22.40
N GLY Y 99 13.62 52.45 -21.41
CA GLY Y 99 13.94 52.75 -20.03
C GLY Y 99 13.65 51.55 -19.18
N GLY Y 100 14.47 51.34 -18.16
CA GLY Y 100 14.29 50.25 -17.22
C GLY Y 100 13.96 50.76 -15.84
N LYS Y 101 13.60 52.03 -15.73
CA LYS Y 101 13.60 52.70 -14.44
C LYS Y 101 12.71 51.91 -13.49
N ARG Y 102 13.33 51.41 -12.43
CA ARG Y 102 12.68 50.62 -11.41
C ARG Y 102 13.50 50.80 -10.15
N SER Y 103 12.81 50.87 -9.03
CA SER Y 103 13.46 50.82 -7.72
C SER Y 103 12.73 49.77 -6.92
N VAL Y 104 13.46 48.79 -6.43
CA VAL Y 104 12.93 47.79 -5.51
C VAL Y 104 13.82 47.81 -4.29
N THR Y 105 13.28 48.28 -3.17
CA THR Y 105 14.07 48.40 -1.95
C THR Y 105 13.42 47.55 -0.88
N ASP Y 106 14.08 46.46 -0.51
CA ASP Y 106 13.59 45.54 0.50
C ASP Y 106 14.41 45.68 1.76
N GLN Y 107 13.74 45.83 2.88
CA GLN Y 107 14.39 45.94 4.16
C GLN Y 107 13.62 45.08 5.16
N SER Y 108 14.28 44.09 5.72
CA SER Y 108 13.69 43.20 6.70
C SER Y 108 14.61 43.07 7.89
N SER Y 109 14.06 43.28 9.08
CA SER Y 109 14.84 43.26 10.30
C SER Y 109 14.07 42.53 11.37
N GLU Y 110 14.70 41.55 11.98
CA GLU Y 110 14.17 40.90 13.17
C GLU Y 110 15.07 41.20 14.34
N GLU Y 111 14.47 41.37 15.50
CA GLU Y 111 15.21 41.52 16.73
C GLU Y 111 14.62 40.61 17.77
N GLU Y 112 15.48 40.10 18.63
CA GLU Y 112 15.06 39.24 19.72
C GLU Y 112 15.94 39.55 20.92
N ILE Y 113 15.31 39.64 22.08
CA ILE Y 113 16.07 39.92 23.28
C ILE Y 113 16.80 38.66 23.74
N VAL Y 114 17.79 38.86 24.58
CA VAL Y 114 18.56 37.78 25.16
C VAL Y 114 18.17 37.63 26.61
N MET Y 115 18.23 36.41 27.11
CA MET Y 115 17.81 36.11 28.46
C MET Y 115 18.80 35.15 29.12
N ILE Y 116 19.32 35.59 30.26
CA ILE Y 116 20.14 34.78 31.13
C ILE Y 116 19.29 33.68 31.70
N LYS Y 117 19.92 32.61 32.17
CA LYS Y 117 19.24 31.54 32.86
C LYS Y 117 20.02 31.10 34.09
N ASN Y 118 19.33 31.06 35.22
CA ASN Y 118 19.85 30.48 36.45
C ASN Y 118 18.74 29.62 37.04
N GLY Y 119 19.00 28.32 37.14
CA GLY Y 119 17.98 27.43 37.62
C GLY Y 119 16.71 27.55 36.81
N ASP Y 120 15.62 27.88 37.49
CA ASP Y 120 14.38 28.25 36.84
C ASP Y 120 14.39 29.69 36.35
N LYS Y 121 15.15 30.56 37.00
CA LYS Y 121 15.11 31.99 36.71
C LYS Y 121 15.60 32.28 35.31
N GLU Y 122 15.07 33.36 34.76
CA GLU Y 122 15.44 33.85 33.44
C GLU Y 122 15.42 35.36 33.51
N THR Y 123 16.50 36.01 33.11
CA THR Y 123 16.62 37.45 33.29
C THR Y 123 17.32 38.11 32.13
N PRO Y 124 16.97 39.35 31.83
CA PRO Y 124 17.55 40.05 30.68
C PRO Y 124 18.93 40.56 30.97
N VAL Y 125 19.60 40.97 29.90
CA VAL Y 125 20.95 41.52 30.01
C VAL Y 125 20.89 43.03 30.08
N VAL Y 126 21.79 43.61 30.84
CA VAL Y 126 21.88 45.06 30.99
C VAL Y 126 23.14 45.53 30.31
N VAL Y 127 22.99 46.26 29.20
CA VAL Y 127 24.10 46.83 28.50
C VAL Y 127 24.56 48.13 29.13
N GLN Y 128 23.79 49.20 28.93
CA GLN Y 128 24.12 50.47 29.54
C GLN Y 128 22.82 51.18 29.87
N THR Y 129 22.96 52.46 30.19
CA THR Y 129 21.91 53.27 30.76
C THR Y 129 22.09 54.68 30.25
N LYS Y 130 21.01 55.36 29.93
CA LYS Y 130 21.07 56.69 29.39
C LYS Y 130 20.33 57.69 30.24
N LYS Y 131 20.71 58.93 30.06
CA LYS Y 131 20.01 60.03 30.68
C LYS Y 131 18.96 60.63 29.76
N PRO Y 132 17.91 61.19 30.34
CA PRO Y 132 16.78 61.69 29.57
C PRO Y 132 17.04 63.02 28.89
N ASP Y 133 16.15 63.34 27.95
CA ASP Y 133 16.16 64.65 27.33
C ASP Y 133 15.56 65.69 28.26
N ILE Y 134 15.34 66.90 27.75
CA ILE Y 134 15.19 68.07 28.60
C ILE Y 134 14.24 69.08 27.96
N ARG Y 135 13.59 69.87 28.82
CA ARG Y 135 12.87 71.09 28.43
C ARG Y 135 12.99 72.13 29.54
N GLY Y 136 13.40 73.35 29.21
CA GLY Y 136 13.78 74.29 30.26
C GLY Y 136 13.74 75.74 29.82
N VAL Y 137 13.59 76.62 30.83
CA VAL Y 137 13.72 78.06 30.67
C VAL Y 137 14.32 78.66 31.93
N LEU Y 138 14.24 79.99 32.01
CA LEU Y 138 15.20 80.78 32.78
C LEU Y 138 14.64 82.13 33.18
N VAL Y 139 15.22 82.72 34.22
CA VAL Y 139 15.06 84.12 34.57
C VAL Y 139 16.41 84.68 34.97
N VAL Y 140 16.63 85.96 34.67
CA VAL Y 140 17.94 86.57 34.87
C VAL Y 140 17.81 88.09 35.04
N ALA Y 141 18.69 88.67 35.86
CA ALA Y 141 18.61 90.08 36.20
C ALA Y 141 18.85 90.98 34.99
N GLN Y 142 19.25 90.37 33.88
CA GLN Y 142 19.47 91.09 32.63
C GLN Y 142 19.38 90.05 31.54
N GLY Y 143 19.18 90.44 30.30
CA GLY Y 143 18.74 89.43 29.36
C GLY Y 143 18.38 89.92 27.98
N VAL Y 144 17.43 89.21 27.37
CA VAL Y 144 17.15 89.31 25.95
C VAL Y 144 17.02 90.74 25.45
N ASP Y 145 16.78 91.71 26.31
CA ASP Y 145 16.80 93.10 25.86
C ASP Y 145 18.17 93.48 25.29
N ASN Y 146 19.24 92.82 25.76
CA ASN Y 146 20.57 93.06 25.19
C ASN Y 146 20.94 91.82 24.38
N VAL Y 147 20.94 91.99 23.07
CA VAL Y 147 20.98 90.88 22.13
C VAL Y 147 22.23 90.05 22.37
N GLN Y 148 23.30 90.68 22.83
CA GLN Y 148 24.56 89.97 22.95
C GLN Y 148 24.65 89.19 24.26
N ILE Y 149 23.80 89.52 25.22
CA ILE Y 149 23.61 88.61 26.34
C ILE Y 149 22.44 87.68 26.04
N LYS Y 150 21.69 87.98 24.98
CA LYS Y 150 20.65 87.07 24.54
C LYS Y 150 21.25 85.85 23.84
N GLN Y 151 22.03 86.11 22.79
CA GLN Y 151 22.49 85.02 21.94
C GLN Y 151 23.55 84.21 22.66
N THR Y 152 24.33 84.86 23.50
CA THR Y 152 25.34 84.17 24.30
C THR Y 152 24.74 82.99 25.04
N ILE Y 153 23.57 83.20 25.63
CA ILE Y 153 22.99 82.20 26.51
C ILE Y 153 22.44 81.04 25.72
N ILE Y 154 21.58 81.34 24.75
CA ILE Y 154 20.96 80.29 23.94
C ILE Y 154 22.02 79.30 23.49
N GLU Y 155 23.08 79.82 22.89
CA GLU Y 155 24.10 78.94 22.33
C GLU Y 155 24.83 78.22 23.45
N ALA Y 156 24.79 78.80 24.65
CA ALA Y 156 25.41 78.15 25.79
C ALA Y 156 24.52 77.06 26.36
N VAL Y 157 23.22 77.32 26.41
CA VAL Y 157 22.31 76.36 27.03
C VAL Y 157 22.09 75.18 26.11
N THR Y 158 21.73 75.45 24.86
CA THR Y 158 21.39 74.37 23.95
C THR Y 158 22.55 73.40 23.81
N ARG Y 159 23.76 73.93 23.68
CA ARG Y 159 24.92 73.10 23.39
C ARG Y 159 25.35 72.28 24.60
N VAL Y 160 24.88 72.63 25.78
CA VAL Y 160 25.14 71.82 26.96
C VAL Y 160 24.21 70.62 26.99
N LEU Y 161 22.93 70.85 26.80
CA LEU Y 161 21.90 69.89 27.11
C LEU Y 161 21.38 69.14 25.90
N ASP Y 162 21.84 69.49 24.71
CA ASP Y 162 21.27 68.99 23.45
C ASP Y 162 19.80 69.36 23.35
N VAL Y 163 19.51 70.64 23.55
CA VAL Y 163 18.15 71.15 23.54
C VAL Y 163 18.02 72.13 22.38
N PRO Y 164 17.23 71.82 21.36
CA PRO Y 164 17.00 72.78 20.29
C PRO Y 164 16.39 74.06 20.83
N SER Y 165 16.47 75.12 20.01
CA SER Y 165 16.04 76.43 20.48
C SER Y 165 14.56 76.44 20.83
N HIS Y 166 13.71 75.91 19.97
CA HIS Y 166 12.28 76.08 20.16
C HIS Y 166 11.78 75.48 21.47
N ARG Y 167 12.57 74.64 22.12
CA ARG Y 167 12.19 74.06 23.39
C ARG Y 167 12.81 74.78 24.57
N VAL Y 168 13.54 75.85 24.33
CA VAL Y 168 14.16 76.61 25.40
C VAL Y 168 13.81 78.07 25.22
N ALA Y 169 13.64 78.77 26.32
CA ALA Y 169 13.19 80.14 26.26
C ALA Y 169 13.64 80.88 27.51
N VAL Y 170 13.61 82.21 27.43
CA VAL Y 170 14.19 83.07 28.45
C VAL Y 170 13.32 84.30 28.63
N ALA Y 171 13.53 84.99 29.74
CA ALA Y 171 12.71 86.11 30.12
C ALA Y 171 13.55 87.25 30.69
N PRO Y 172 13.23 88.49 30.34
CA PRO Y 172 13.95 89.61 30.94
C PRO Y 172 13.58 89.89 32.40
N LYS Y 173 14.48 90.64 33.00
CA LYS Y 173 14.67 90.89 34.42
C LYS Y 173 14.66 89.67 35.32
N LYS Y 174 14.57 89.90 36.63
CA LYS Y 174 14.41 88.88 37.64
C LYS Y 174 13.56 89.38 38.80
N ILE Y 175 14.14 90.26 39.61
CA ILE Y 175 13.40 90.92 40.69
C ILE Y 175 13.77 92.39 40.72
N LYS Y 176 15.04 92.68 40.98
CA LYS Y 176 15.51 94.02 41.33
C LYS Y 176 16.21 94.62 40.10
N GLU Y 177 15.95 95.90 39.86
CA GLU Y 177 16.60 96.60 38.77
C GLU Y 177 16.94 98.01 39.22
N PRO Z 39 24.08 52.19 38.47
CA PRO Z 39 23.11 53.20 38.06
C PRO Z 39 23.80 54.55 37.80
N LYS Z 40 23.10 55.67 38.00
CA LYS Z 40 23.70 56.98 37.81
C LYS Z 40 25.07 57.12 38.48
N ASP Z 41 25.22 56.62 39.71
CA ASP Z 41 26.36 56.98 40.54
C ASP Z 41 27.68 56.91 39.78
N SER Z 42 27.94 55.81 39.08
CA SER Z 42 29.18 55.74 38.31
C SER Z 42 29.26 56.83 37.26
N ILE Z 43 28.16 57.54 36.99
CA ILE Z 43 28.25 58.73 36.15
C ILE Z 43 28.91 59.86 36.90
N ASP Z 44 28.35 60.21 38.06
CA ASP Z 44 28.70 61.48 38.70
C ASP Z 44 30.20 61.57 38.89
N ASP Z 45 30.83 60.44 39.22
CA ASP Z 45 32.28 60.41 39.32
C ASP Z 45 32.92 60.86 38.01
N TYR Z 46 32.48 60.29 36.88
CA TYR Z 46 33.13 60.63 35.61
C TYR Z 46 33.15 62.13 35.39
N GLU Z 47 31.99 62.77 35.45
CA GLU Z 47 31.94 64.18 35.12
C GLU Z 47 32.97 64.97 35.91
N LYS Z 48 32.94 64.85 37.24
CA LYS Z 48 33.87 65.61 38.05
C LYS Z 48 35.31 65.28 37.66
N GLU Z 49 35.59 64.00 37.44
CA GLU Z 49 36.93 63.62 37.01
C GLU Z 49 37.34 64.40 35.77
N TYR Z 50 36.40 64.65 34.86
CA TYR Z 50 36.65 65.57 33.77
C TYR Z 50 36.72 67.00 34.29
N GLU Z 51 35.69 67.43 35.01
CA GLU Z 51 35.54 68.83 35.36
C GLU Z 51 36.80 69.39 36.00
N ASN Z 52 37.50 68.57 36.76
CA ASN Z 52 38.67 69.05 37.49
C ASN Z 52 39.88 69.14 36.58
N GLN Z 53 40.03 68.18 35.66
CA GLN Z 53 41.22 68.17 34.82
C GLN Z 53 41.30 69.42 33.98
N LEU Z 54 40.30 69.65 33.14
CA LEU Z 54 40.32 70.83 32.29
C LEU Z 54 40.57 72.07 33.11
N LYS Z 55 39.93 72.16 34.27
CA LYS Z 55 40.15 73.28 35.17
C LYS Z 55 41.63 73.45 35.43
N GLU Z 56 42.22 72.50 36.16
CA GLU Z 56 43.61 72.63 36.58
C GLU Z 56 44.54 72.81 35.39
N ILE Z 57 44.14 72.30 34.23
CA ILE Z 57 45.00 72.36 33.05
C ILE Z 57 44.85 73.71 32.35
N LEU Z 58 43.61 74.17 32.19
CA LEU Z 58 43.36 75.31 31.33
C LEU Z 58 43.79 76.60 31.98
N GLU Z 59 43.99 76.60 33.30
CA GLU Z 59 44.64 77.74 33.92
C GLU Z 59 46.07 77.89 33.43
N THR Z 60 46.61 76.86 32.78
CA THR Z 60 48.03 76.75 32.47
C THR Z 60 48.35 77.22 31.06
N ILE Z 61 47.36 77.71 30.33
CA ILE Z 61 47.64 78.35 29.06
C ILE Z 61 47.83 79.83 29.34
N ILE Z 62 47.75 80.63 28.29
CA ILE Z 62 48.45 81.89 28.20
C ILE Z 62 48.50 82.76 29.48
N GLY Z 63 47.39 83.30 30.00
CA GLY Z 63 46.03 82.81 29.85
C GLY Z 63 45.07 83.98 30.02
N VAL Z 64 43.77 83.76 30.18
CA VAL Z 64 43.14 82.51 30.64
C VAL Z 64 43.65 82.20 32.03
N ASP Z 65 43.25 83.04 33.00
CA ASP Z 65 43.77 82.97 34.35
C ASP Z 65 42.85 82.23 35.33
N ASP Z 66 41.70 81.75 34.88
CA ASP Z 66 40.80 81.03 35.78
C ASP Z 66 39.58 80.52 35.01
N VAL Z 67 38.90 79.50 35.54
CA VAL Z 67 37.82 78.85 34.82
C VAL Z 67 36.85 78.15 35.76
N SER Z 68 35.67 77.88 35.23
CA SER Z 68 34.64 77.09 35.88
C SER Z 68 33.87 76.40 34.77
N VAL Z 69 33.46 75.16 34.99
CA VAL Z 69 32.97 74.33 33.90
C VAL Z 69 31.81 73.46 34.37
N VAL Z 70 31.17 72.84 33.38
CA VAL Z 70 30.11 71.87 33.58
C VAL Z 70 30.16 70.90 32.41
N VAL Z 71 29.70 69.68 32.62
CA VAL Z 71 29.71 68.67 31.58
C VAL Z 71 28.51 67.74 31.74
N ASN Z 72 28.05 67.20 30.63
CA ASN Z 72 26.93 66.26 30.60
C ASN Z 72 27.38 64.98 29.91
N VAL Z 73 27.34 63.88 30.66
CA VAL Z 73 27.58 62.56 30.11
C VAL Z 73 26.27 61.99 29.60
N ASP Z 74 26.34 61.24 28.52
CA ASP Z 74 25.13 60.77 27.85
C ASP Z 74 24.76 59.37 28.30
N ALA Z 75 25.55 58.76 29.16
CA ALA Z 75 25.33 57.35 29.46
C ALA Z 75 26.19 56.94 30.65
N THR Z 76 26.04 55.68 31.02
CA THR Z 76 26.99 55.03 31.90
C THR Z 76 27.92 54.18 31.04
N SER Z 77 28.77 53.39 31.69
CA SER Z 77 29.76 52.61 30.97
C SER Z 77 29.09 51.55 30.12
N LEU Z 78 29.60 51.39 28.91
CA LEU Z 78 29.04 50.49 27.92
C LEU Z 78 29.72 49.13 27.95
N LYS Z 79 28.92 48.09 28.10
CA LYS Z 79 29.37 46.72 27.91
C LYS Z 79 29.55 46.41 26.44
N VAL Z 80 30.27 45.33 26.18
CA VAL Z 80 30.24 44.65 24.90
C VAL Z 80 30.22 43.15 25.17
N TYR Z 81 29.50 42.42 24.34
CA TYR Z 81 29.34 40.99 24.50
C TYR Z 81 29.67 40.31 23.19
N GLU Z 82 30.24 39.12 23.30
CA GLU Z 82 30.73 38.43 22.12
C GLU Z 82 29.58 37.85 21.35
N LYS Z 83 29.76 37.68 20.04
CA LYS Z 83 28.71 37.14 19.20
C LYS Z 83 29.29 36.26 18.11
N ASN Z 84 28.65 35.12 17.91
CA ASN Z 84 28.75 34.42 16.65
C ASN Z 84 28.14 35.27 15.56
N LYS Z 85 28.53 35.00 14.31
CA LYS Z 85 28.16 35.88 13.24
C LYS Z 85 28.07 35.15 11.92
N SER Z 86 27.31 35.75 11.01
CA SER Z 86 27.17 35.29 9.64
C SER Z 86 26.94 36.53 8.81
N ASN Z 87 27.53 36.57 7.62
CA ASN Z 87 27.47 37.73 6.77
C ASN Z 87 27.44 37.28 5.32
N LYS Z 88 26.56 37.91 4.55
CA LYS Z 88 26.43 37.59 3.14
C LYS Z 88 26.27 38.88 2.37
N ASN Z 89 27.21 39.15 1.47
CA ASN Z 89 27.12 40.29 0.56
C ASN Z 89 27.13 39.76 -0.86
N THR Z 90 25.99 39.86 -1.53
CA THR Z 90 25.87 39.48 -2.92
C THR Z 90 25.42 40.70 -3.70
N THR Z 91 26.31 41.22 -4.54
CA THR Z 91 25.97 42.36 -5.36
C THR Z 91 26.44 42.10 -6.78
N THR Z 92 25.72 42.67 -7.73
CA THR Z 92 26.13 42.57 -9.13
C THR Z 92 25.80 43.87 -9.86
N GLU Z 93 26.40 44.01 -11.04
CA GLU Z 93 26.19 45.17 -11.89
C GLU Z 93 26.35 44.73 -13.34
N GLU Z 94 25.59 45.37 -14.23
CA GLU Z 94 25.56 44.98 -15.63
C GLU Z 94 25.42 46.21 -16.51
N THR Z 95 26.16 46.21 -17.62
CA THR Z 95 25.89 47.08 -18.75
C THR Z 95 26.23 46.31 -20.01
N ASP Z 96 25.71 46.78 -21.14
CA ASP Z 96 25.93 46.07 -22.39
C ASP Z 96 25.81 47.05 -23.55
N LYS Z 97 25.74 46.49 -24.76
CA LYS Z 97 25.69 47.25 -26.00
C LYS Z 97 24.58 48.29 -26.00
N GLU Z 98 23.35 47.88 -25.70
CA GLU Z 98 22.22 48.80 -25.65
C GLU Z 98 22.21 49.49 -24.30
N GLY Z 99 21.79 48.77 -23.27
CA GLY Z 99 22.25 49.00 -21.93
C GLY Z 99 21.80 47.88 -21.03
N GLY Z 100 22.64 47.52 -20.08
CA GLY Z 100 22.34 46.49 -19.11
C GLY Z 100 22.21 47.05 -17.72
N LYS Z 101 22.11 48.37 -17.60
CA LYS Z 101 22.34 49.04 -16.33
C LYS Z 101 21.40 48.44 -15.29
N ARG Z 102 22.00 47.83 -14.28
CA ARG Z 102 21.29 47.18 -13.20
C ARG Z 102 22.21 47.19 -12.01
N SER Z 103 21.64 47.41 -10.84
CA SER Z 103 22.36 47.23 -9.59
C SER Z 103 21.51 46.34 -8.71
N VAL Z 104 22.08 45.24 -8.26
CA VAL Z 104 21.43 44.37 -7.29
C VAL Z 104 22.41 44.22 -6.14
N THR Z 105 22.05 44.79 -4.99
CA THR Z 105 22.93 44.75 -3.84
C THR Z 105 22.22 44.05 -2.70
N ASP Z 106 22.69 42.86 -2.36
CA ASP Z 106 22.11 42.04 -1.31
C ASP Z 106 23.04 42.03 -0.11
N GLN Z 107 22.48 42.32 1.05
CA GLN Z 107 23.26 42.29 2.28
C GLN Z 107 22.41 41.59 3.33
N SER Z 108 22.91 40.49 3.87
CA SER Z 108 22.23 39.74 4.91
C SER Z 108 23.20 39.44 6.02
N SER Z 109 22.80 39.76 7.24
CA SER Z 109 23.65 39.59 8.41
C SER Z 109 22.82 39.03 9.55
N GLU Z 110 23.31 37.94 10.13
CA GLU Z 110 22.75 37.41 11.36
C GLU Z 110 23.79 37.53 12.45
N GLU Z 111 23.32 37.82 13.65
CA GLU Z 111 24.17 37.83 14.82
C GLU Z 111 23.49 37.05 15.92
N GLU Z 112 24.30 36.38 16.72
CA GLU Z 112 23.82 35.62 17.85
C GLU Z 112 24.83 35.77 18.97
N ILE Z 113 24.32 35.97 20.18
CA ILE Z 113 25.21 36.09 21.31
C ILE Z 113 25.70 34.74 21.74
N VAL Z 114 26.78 34.74 22.50
CA VAL Z 114 27.38 33.54 23.04
C VAL Z 114 27.08 33.46 24.52
N MET Z 115 26.94 32.25 25.03
CA MET Z 115 26.58 32.03 26.41
C MET Z 115 27.41 30.91 27.02
N ILE Z 116 28.09 31.25 28.10
CA ILE Z 116 28.81 30.29 28.93
C ILE Z 116 27.79 29.37 29.57
N LYS Z 117 28.25 28.21 30.02
CA LYS Z 117 27.43 27.29 30.77
C LYS Z 117 28.20 26.71 31.95
N ASN Z 118 27.61 26.80 33.12
CA ASN Z 118 28.11 26.14 34.31
C ASN Z 118 26.89 25.52 35.00
N GLY Z 119 26.91 24.20 35.11
CA GLY Z 119 25.77 23.51 35.68
C GLY Z 119 24.49 23.88 34.96
N ASP Z 120 23.54 24.41 35.72
CA ASP Z 120 22.34 25.01 35.16
C ASP Z 120 22.61 26.42 34.64
N LYS Z 121 23.56 27.14 35.22
CA LYS Z 121 23.77 28.53 34.91
C LYS Z 121 24.20 28.73 33.47
N GLU Z 122 23.85 29.89 32.94
CA GLU Z 122 24.21 30.29 31.59
C GLU Z 122 24.47 31.78 31.64
N THR Z 123 25.62 32.21 31.15
CA THR Z 123 26.03 33.60 31.30
C THR Z 123 26.77 34.11 30.07
N PRO Z 124 26.63 35.39 29.78
CA PRO Z 124 27.25 35.95 28.58
C PRO Z 124 28.73 36.20 28.76
N VAL Z 125 29.38 36.48 27.64
CA VAL Z 125 30.81 36.74 27.62
C VAL Z 125 31.04 38.24 27.67
N VAL Z 126 32.09 38.65 28.37
CA VAL Z 126 32.47 40.04 28.47
C VAL Z 126 33.75 40.26 27.68
N VAL Z 127 33.64 41.00 26.59
CA VAL Z 127 34.80 41.34 25.79
C VAL Z 127 35.54 42.53 26.36
N GLN Z 128 34.99 43.72 26.20
CA GLN Z 128 35.60 44.91 26.76
C GLN Z 128 34.49 45.86 27.18
N THR Z 129 34.89 47.08 27.47
CA THR Z 129 34.06 48.09 28.11
C THR Z 129 34.49 49.43 27.56
N LYS Z 130 33.52 50.31 27.31
CA LYS Z 130 33.81 51.61 26.73
C LYS Z 130 33.34 52.73 27.63
N LYS Z 131 33.93 53.87 27.40
CA LYS Z 131 33.51 55.08 28.05
C LYS Z 131 32.52 55.88 27.20
N PRO Z 132 31.65 56.64 27.85
CA PRO Z 132 30.58 57.33 27.15
C PRO Z 132 31.03 58.59 26.44
N ASP Z 133 30.17 59.08 25.57
CA ASP Z 133 30.37 60.37 24.91
C ASP Z 133 30.05 61.50 25.88
N ILE Z 134 30.03 62.72 25.36
CA ILE Z 134 30.18 63.92 26.19
C ILE Z 134 29.40 65.08 25.61
N ARG Z 135 28.98 65.99 26.50
CA ARG Z 135 28.47 67.31 26.15
C ARG Z 135 28.89 68.31 27.23
N GLY Z 136 29.50 69.43 26.85
CA GLY Z 136 30.13 70.29 27.85
C GLY Z 136 30.33 71.71 27.39
N VAL Z 137 30.44 72.61 28.39
CA VAL Z 137 30.83 74.01 28.20
C VAL Z 137 31.64 74.48 29.40
N LEU Z 138 31.83 75.79 29.47
CA LEU Z 138 32.97 76.39 30.14
C LEU Z 138 32.71 77.83 30.57
N VAL Z 139 33.48 78.29 31.55
CA VAL Z 139 33.61 79.70 31.89
C VAL Z 139 35.08 79.99 32.16
N VAL Z 140 35.51 81.20 31.84
CA VAL Z 140 36.93 81.54 31.92
C VAL Z 140 37.10 83.05 32.08
N ALA Z 141 38.14 83.45 32.82
CA ALA Z 141 38.36 84.86 33.15
C ALA Z 141 38.67 85.68 31.90
N GLN Z 142 38.85 85.01 30.78
CA GLN Z 142 39.12 85.66 29.50
C GLN Z 142 38.75 84.66 28.43
N GLY Z 143 38.53 85.09 27.20
CA GLY Z 143 37.83 84.18 26.33
C GLY Z 143 37.47 84.72 24.97
N VAL Z 144 36.36 84.21 24.44
CA VAL Z 144 35.99 84.36 23.05
C VAL Z 144 36.11 85.78 22.53
N ASP Z 145 36.12 86.79 23.39
CA ASP Z 145 36.38 88.14 22.91
C ASP Z 145 37.74 88.24 22.24
N ASN Z 146 38.69 87.40 22.62
CA ASN Z 146 40.00 87.37 21.97
C ASN Z 146 40.06 86.09 21.15
N VAL Z 147 40.00 86.25 19.83
CA VAL Z 147 39.75 85.15 18.92
C VAL Z 147 40.83 84.08 19.08
N GLN Z 148 42.03 84.50 19.45
CA GLN Z 148 43.14 83.57 19.49
C GLN Z 148 43.17 82.78 20.79
N ILE Z 149 42.49 83.28 21.82
CA ILE Z 149 42.20 82.42 22.96
C ILE Z 149 40.85 81.74 22.77
N LYS Z 150 40.10 82.17 21.76
CA LYS Z 150 38.88 81.48 21.40
C LYS Z 150 39.18 80.18 20.69
N GLN Z 151 39.91 80.26 19.59
CA GLN Z 151 40.07 79.10 18.72
C GLN Z 151 41.01 78.10 19.37
N THR Z 152 41.97 78.60 20.14
CA THR Z 152 42.89 77.73 20.87
C THR Z 152 42.12 76.69 21.67
N ILE Z 153 41.06 77.12 22.35
CA ILE Z 153 40.37 76.25 23.29
C ILE Z 153 39.55 75.22 22.56
N ILE Z 154 38.70 75.68 21.64
CA ILE Z 154 37.83 74.77 20.91
C ILE Z 154 38.63 73.59 20.40
N GLU Z 155 39.72 73.89 19.71
CA GLU Z 155 40.50 72.82 19.09
C GLU Z 155 41.18 71.99 20.16
N ALA Z 156 41.34 72.56 21.35
CA ALA Z 156 41.91 71.81 22.46
C ALA Z 156 40.88 70.92 23.11
N VAL Z 157 39.65 71.41 23.26
CA VAL Z 157 38.63 70.66 23.96
C VAL Z 157 38.11 69.53 23.08
N THR Z 158 37.71 69.88 21.86
CA THR Z 158 37.11 68.87 20.98
C THR Z 158 38.04 67.70 20.78
N ARG Z 159 39.32 67.98 20.55
CA ARG Z 159 40.27 66.94 20.19
C ARG Z 159 40.63 66.07 21.37
N VAL Z 160 40.32 66.50 22.59
CA VAL Z 160 40.51 65.64 23.75
C VAL Z 160 39.38 64.65 23.87
N LEU Z 161 38.15 65.13 23.77
CA LEU Z 161 36.98 64.38 24.18
C LEU Z 161 36.23 63.75 23.02
N ASP Z 162 36.66 64.01 21.79
CA ASP Z 162 35.91 63.62 20.60
C ASP Z 162 34.54 64.27 20.60
N VAL Z 163 34.51 65.58 20.80
CA VAL Z 163 33.28 66.34 20.88
C VAL Z 163 33.25 67.32 19.72
N PRO Z 164 32.34 67.17 18.77
CA PRO Z 164 32.22 68.16 17.70
C PRO Z 164 31.93 69.53 18.26
N SER Z 165 32.14 70.55 17.42
CA SER Z 165 32.00 71.91 17.90
C SER Z 165 30.59 72.22 18.36
N HIS Z 166 29.58 71.86 17.56
CA HIS Z 166 28.23 72.31 17.87
C HIS Z 166 27.73 71.82 19.22
N ARG Z 167 28.38 70.84 19.82
CA ARG Z 167 28.01 70.35 21.13
C ARG Z 167 28.84 70.94 22.25
N VAL Z 168 29.74 71.85 21.94
CA VAL Z 168 30.57 72.47 22.94
C VAL Z 168 30.50 73.97 22.76
N ALA Z 169 30.56 74.71 23.86
CA ALA Z 169 30.38 76.13 23.80
C ALA Z 169 31.05 76.77 25.01
N VAL Z 170 31.28 78.08 24.91
CA VAL Z 170 32.08 78.81 25.86
C VAL Z 170 31.48 80.19 26.08
N ALA Z 171 31.91 80.82 27.18
CA ALA Z 171 31.36 82.08 27.59
C ALA Z 171 32.43 83.04 28.08
N PRO Z 172 32.34 84.32 27.73
CA PRO Z 172 33.30 85.28 28.25
C PRO Z 172 33.11 85.63 29.72
N LYS Z 173 34.19 86.19 30.25
CA LYS Z 173 34.53 86.41 31.66
C LYS Z 173 34.34 85.21 32.57
N LYS Z 174 34.39 85.47 33.87
CA LYS Z 174 34.13 84.49 34.91
C LYS Z 174 33.48 85.14 36.13
N ILE Z 175 34.28 85.91 36.87
CA ILE Z 175 33.78 86.70 37.98
C ILE Z 175 34.41 88.08 37.97
N LYS Z 176 35.74 88.11 38.13
CA LYS Z 176 36.48 89.32 38.41
C LYS Z 176 37.19 89.78 37.13
N GLU Z 177 37.16 91.08 36.88
CA GLU Z 177 37.85 91.65 35.75
C GLU Z 177 38.49 92.97 36.14
N PRO AA 39 36.58 46.63 35.64
CA PRO AA 39 35.81 47.80 35.29
C PRO AA 39 36.72 48.99 34.96
N LYS AA 40 36.26 50.23 35.19
CA LYS AA 40 37.09 51.40 34.93
C LYS AA 40 38.50 51.27 35.50
N ASP AA 41 38.64 50.76 36.72
CA ASP AA 41 39.89 50.89 37.46
C ASP AA 41 41.12 50.56 36.60
N SER AA 42 41.12 49.44 35.90
CA SER AA 42 42.25 49.12 35.04
C SER AA 42 42.46 50.17 33.97
N ILE AA 43 41.50 51.08 33.77
CA ILE AA 43 41.75 52.22 32.91
C ILE AA 43 42.67 53.21 33.59
N ASP AA 44 42.28 53.67 34.78
CA ASP AA 44 42.91 54.84 35.37
C ASP AA 44 44.42 54.64 35.45
N ASP AA 45 44.84 53.41 35.74
CA ASP AA 45 46.25 53.10 35.73
C ASP AA 45 46.87 53.42 34.37
N TYR AA 46 46.25 52.94 33.29
CA TYR AA 46 46.84 53.14 31.98
C TYR AA 46 47.14 54.61 31.73
N GLU AA 47 46.13 55.46 31.86
CA GLU AA 47 46.33 56.86 31.51
C GLU AA 47 47.55 57.43 32.21
N LYS AA 48 47.59 57.32 33.53
CA LYS AA 48 48.72 57.88 34.25
C LYS AA 48 50.03 57.29 33.78
N GLU AA 49 50.05 55.98 33.54
CA GLU AA 49 51.25 55.34 33.02
C GLU AA 49 51.70 56.03 31.75
N TYR AA 50 50.75 56.45 30.91
CA TYR AA 50 51.10 57.30 29.79
C TYR AA 50 51.49 58.69 30.27
N GLU AA 51 50.62 59.31 31.07
CA GLU AA 51 50.77 60.73 31.40
C GLU AA 51 52.16 61.03 31.93
N ASN AA 52 52.74 60.09 32.66
CA ASN AA 52 54.02 60.34 33.28
C ASN AA 52 55.17 60.18 32.29
N GLN AA 53 55.05 59.22 31.38
CA GLN AA 53 56.15 58.97 30.45
C GLN AA 53 56.41 60.18 29.58
N LEU AA 54 55.41 60.60 28.82
CA LEU AA 54 55.59 61.75 27.95
C LEU AA 54 56.14 62.92 28.73
N LYS AA 55 55.61 63.13 29.93
CA LYS AA 55 56.12 64.19 30.78
C LYS AA 55 57.63 64.07 30.94
N GLU AA 56 58.07 63.03 31.62
CA GLU AA 56 59.49 62.88 31.94
C GLU AA 56 60.34 62.88 30.68
N ILE AA 57 59.77 62.46 29.56
CA ILE AA 57 60.53 62.35 28.33
C ILE AA 57 60.58 63.69 27.62
N LEU AA 58 59.45 64.39 27.55
CA LEU AA 58 59.35 65.55 26.69
C LEU AA 58 60.09 66.75 27.28
N GLU AA 59 60.37 66.70 28.58
CA GLU AA 59 61.28 67.70 29.13
C GLU AA 59 62.67 67.56 28.53
N THR AA 60 62.95 66.44 27.86
CA THR AA 60 64.29 66.07 27.45
C THR AA 60 64.58 66.45 26.01
N ILE AA 61 63.65 67.13 25.35
CA ILE AA 61 63.95 67.70 24.06
C ILE AA 61 64.45 69.13 24.28
N ILE AA 62 64.43 69.93 23.23
CA ILE AA 62 65.37 71.02 23.07
C ILE AA 62 65.68 71.86 24.33
N GLY AA 63 64.74 72.61 24.91
CA GLY AA 63 63.31 72.39 24.88
C GLY AA 63 62.61 73.73 25.10
N VAL AA 64 61.30 73.76 25.36
CA VAL AA 64 60.48 72.67 25.89
C VAL AA 64 61.02 72.26 27.25
N ASP AA 65 60.87 73.16 28.22
CA ASP AA 65 61.46 72.99 29.54
C ASP AA 65 60.51 72.46 30.59
N ASP AA 66 59.25 72.21 30.24
CA ASP AA 66 58.30 71.66 31.22
C ASP AA 66 56.95 71.40 30.55
N VAL AA 67 56.13 70.54 31.15
CA VAL AA 67 54.88 70.11 30.52
C VAL AA 67 53.89 69.61 31.55
N SER AA 68 52.63 69.58 31.11
CA SER AA 68 51.52 69.00 31.84
C SER AA 68 50.55 68.48 30.80
N VAL AA 69 49.92 67.33 31.07
CA VAL AA 69 49.19 66.61 30.05
C VAL AA 69 47.94 65.99 30.61
N VAL AA 70 47.12 65.50 29.69
CA VAL AA 70 45.91 64.75 29.99
C VAL AA 70 45.68 63.79 28.82
N VAL AA 71 45.00 62.68 29.09
CA VAL AA 71 44.74 61.68 28.07
C VAL AA 71 43.41 61.01 28.34
N ASN AA 72 42.76 60.56 27.27
CA ASN AA 72 41.50 59.85 27.35
C ASN AA 72 41.61 58.51 26.65
N VAL AA 73 41.42 57.45 27.41
CA VAL AA 73 41.36 56.11 26.87
C VAL AA 73 39.94 55.80 26.47
N ASP AA 74 39.77 55.04 25.39
CA ASP AA 74 38.45 54.82 24.83
C ASP AA 74 37.85 53.52 25.33
N ALA AA 75 38.57 52.76 26.14
CA ALA AA 75 38.12 51.42 26.48
C ALA AA 75 38.96 50.86 27.60
N THR AA 76 38.60 49.65 28.01
CA THR AA 76 39.47 48.83 28.83
C THR AA 76 40.15 47.82 27.92
N SER AA 77 40.88 46.88 28.51
CA SER AA 77 41.64 45.93 27.73
C SER AA 77 40.72 45.01 26.95
N LEU AA 78 41.10 44.74 25.71
CA LEU AA 78 40.29 43.97 24.78
C LEU AA 78 40.71 42.51 24.78
N LYS AA 79 39.74 41.64 25.01
CA LYS AA 79 39.90 40.21 24.81
C LYS AA 79 39.90 39.86 23.34
N VAL AA 80 40.37 38.66 23.04
CA VAL AA 80 40.11 38.00 21.78
C VAL AA 80 39.82 36.55 22.07
N TYR AA 81 38.92 35.96 21.30
CA TYR AA 81 38.49 34.59 21.51
C TYR AA 81 38.59 33.85 20.19
N GLU AA 82 38.92 32.57 20.28
CA GLU AA 82 39.19 31.80 19.08
C GLU AA 82 37.88 31.46 18.40
N LYS AA 83 37.92 31.25 17.10
CA LYS AA 83 36.74 30.92 16.34
C LYS AA 83 37.04 29.95 15.22
N ASN AA 84 36.17 28.95 15.08
CA ASN AA 84 36.04 28.23 13.84
C ASN AA 84 35.52 29.18 12.77
N LYS AA 85 35.76 28.85 11.52
CA LYS AA 85 35.49 29.78 10.45
C LYS AA 85 35.16 29.07 9.16
N SER AA 86 34.46 29.81 8.30
CA SER AA 86 34.12 29.38 6.95
C SER AA 86 34.08 30.64 6.12
N ASN AA 87 34.58 30.57 4.90
CA ASN AA 87 34.68 31.72 4.02
C ASN AA 87 34.44 31.28 2.59
N LYS AA 88 33.64 32.06 1.88
CA LYS AA 88 33.35 31.77 0.48
C LYS AA 88 33.38 33.07 -0.29
N ASN AA 89 34.28 33.16 -1.26
CA ASN AA 89 34.34 34.27 -2.18
C ASN AA 89 34.14 33.75 -3.59
N THR AA 90 33.00 34.07 -4.16
CA THR AA 90 32.69 33.72 -5.55
C THR AA 90 32.43 35.01 -6.31
N THR AA 91 33.34 35.34 -7.21
CA THR AA 91 33.18 36.53 -8.03
C THR AA 91 33.46 36.17 -9.47
N THR AA 92 32.81 36.87 -10.39
CA THR AA 92 33.07 36.70 -11.81
C THR AA 92 32.94 38.02 -12.54
N GLU AA 93 33.48 38.05 -13.75
CA GLU AA 93 33.41 39.22 -14.61
C GLU AA 93 33.37 38.76 -16.05
N GLU AA 94 32.70 39.53 -16.89
CA GLU AA 94 32.48 39.15 -18.29
C GLU AA 94 32.51 40.38 -19.18
N THR AA 95 33.14 40.24 -20.34
CA THR AA 95 32.96 41.14 -21.46
C THR AA 95 33.06 40.32 -22.72
N ASP AA 96 32.55 40.87 -23.82
CA ASP AA 96 32.52 40.13 -25.07
C ASP AA 96 32.51 41.12 -26.24
N LYS AA 97 32.25 40.58 -27.43
CA LYS AA 97 32.25 41.33 -28.67
C LYS AA 97 31.36 42.57 -28.61
N GLU AA 98 30.10 42.40 -28.21
CA GLU AA 98 29.17 43.51 -28.09
C GLU AA 98 29.41 44.21 -26.76
N GLY AA 99 28.93 43.58 -25.69
CA GLY AA 99 29.54 43.73 -24.39
C GLY AA 99 28.94 42.71 -23.44
N GLY AA 100 29.77 42.20 -22.54
CA GLY AA 100 29.35 41.25 -21.54
C GLY AA 100 29.45 41.82 -20.15
N LYS AA 101 29.61 43.15 -20.05
CA LYS AA 101 30.06 43.76 -18.81
C LYS AA 101 29.10 43.34 -17.70
N ARG AA 102 29.65 42.63 -16.73
CA ARG AA 102 28.91 42.14 -15.58
C ARG AA 102 29.91 41.97 -14.46
N SER AA 103 29.48 42.30 -13.25
CA SER AA 103 30.26 41.99 -12.06
C SER AA 103 29.31 41.29 -11.11
N VAL AA 104 29.69 40.10 -10.68
CA VAL AA 104 28.97 39.37 -9.65
C VAL AA 104 29.97 39.04 -8.58
N THR AA 105 29.83 39.66 -7.41
CA THR AA 105 30.78 39.46 -6.33
C THR AA 105 30.02 38.90 -5.13
N ASP AA 106 30.28 37.65 -4.80
CA ASP AA 106 29.63 36.97 -3.70
C ASP AA 106 30.64 36.77 -2.58
N GLN AA 107 30.25 37.17 -1.39
CA GLN AA 107 31.08 36.99 -0.22
C GLN AA 107 30.20 36.48 0.92
N SER AA 108 30.52 35.30 1.43
CA SER AA 108 29.79 34.70 2.53
C SER AA 108 30.77 34.22 3.57
N SER AA 109 30.52 34.60 4.82
CA SER AA 109 31.42 34.28 5.92
C SER AA 109 30.60 33.89 7.12
N GLU AA 110 30.90 32.74 7.68
CA GLU AA 110 30.35 32.32 8.96
C GLU AA 110 31.47 32.25 9.97
N GLU AA 111 31.16 32.61 11.19
CA GLU AA 111 32.08 32.46 12.29
C GLU AA 111 31.35 31.83 13.46
N GLU AA 112 32.08 31.02 14.21
CA GLU AA 112 31.55 30.38 15.38
C GLU AA 112 32.64 30.32 16.42
N ILE AA 113 32.29 30.62 17.66
CA ILE AA 113 33.26 30.58 18.72
C ILE AA 113 33.52 29.14 19.13
N VAL AA 114 34.63 28.95 19.81
CA VAL AA 114 35.02 27.65 20.32
C VAL AA 114 34.83 27.64 21.82
N MET AA 115 34.49 26.48 22.36
CA MET AA 115 34.21 26.34 23.77
C MET AA 115 34.85 25.09 24.33
N ILE AA 116 35.67 25.28 25.36
CA ILE AA 116 36.25 24.20 26.14
C ILE AA 116 35.13 23.50 26.88
N LYS AA 117 35.39 22.27 27.31
CA LYS AA 117 34.46 21.53 28.15
C LYS AA 117 35.20 20.81 29.26
N ASN AA 118 34.72 21.03 30.48
CA ASN AA 118 35.18 20.28 31.64
C ASN AA 118 33.92 19.91 32.43
N GLY AA 119 33.69 18.61 32.55
CA GLY AA 119 32.49 18.15 33.22
C GLY AA 119 31.26 18.76 32.60
N ASP AA 120 30.49 19.47 33.41
CA ASP AA 120 29.39 20.30 32.93
C ASP AA 120 29.88 21.62 32.37
N LYS AA 121 30.99 22.14 32.87
CA LYS AA 121 31.45 23.46 32.53
C LYS AA 121 31.79 23.58 31.05
N GLU AA 122 31.63 24.78 30.53
CA GLU AA 122 31.95 25.10 29.14
C GLU AA 122 32.51 26.51 29.15
N THR AA 123 33.68 26.70 28.57
CA THR AA 123 34.36 28.00 28.66
C THR AA 123 35.08 28.35 27.37
N PRO AA 124 35.17 29.63 27.07
CA PRO AA 124 35.79 30.06 25.82
C PRO AA 124 37.29 30.02 25.87
N VAL AA 125 37.90 30.15 24.70
CA VAL AA 125 39.35 30.14 24.58
C VAL AA 125 39.88 31.56 24.59
N VAL AA 126 41.03 31.75 25.20
CA VAL AA 126 41.68 33.05 25.25
C VAL AA 126 42.91 33.01 24.36
N VAL AA 127 42.87 33.77 23.27
CA VAL AA 127 44.00 33.88 22.39
C VAL AA 127 45.00 34.90 22.88
N GLN AA 128 44.68 36.17 22.74
CA GLN AA 128 45.54 37.23 23.23
C GLN AA 128 44.68 38.37 23.72
N THR AA 129 45.33 39.49 23.95
CA THR AA 129 44.76 40.64 24.63
C THR AA 129 45.39 41.88 24.03
N LYS AA 130 44.60 42.93 23.84
CA LYS AA 130 45.08 44.15 23.22
C LYS AA 130 44.91 45.34 24.13
N LYS AA 131 45.68 46.34 23.84
CA LYS AA 131 45.56 47.61 24.50
C LYS AA 131 44.69 48.58 23.71
N PRO AA 132 44.03 49.50 24.41
CA PRO AA 132 43.06 50.39 23.79
C PRO AA 132 43.71 51.53 23.01
N ASP AA 133 42.87 52.18 22.20
CA ASP AA 133 43.28 53.39 21.52
C ASP AA 133 43.25 54.57 22.48
N ILE AA 134 43.43 55.78 21.95
CA ILE AA 134 43.87 56.91 22.75
C ILE AA 134 43.30 58.21 22.20
N ARG AA 135 43.12 59.19 23.11
CA ARG AA 135 42.85 60.59 22.78
C ARG AA 135 43.54 61.49 23.81
N GLY AA 136 44.31 62.47 23.36
CA GLY AA 136 45.18 63.18 24.29
C GLY AA 136 45.62 64.54 23.80
N VAL AA 137 45.97 65.39 24.77
CA VAL AA 137 46.61 66.69 24.53
C VAL AA 137 47.58 67.00 25.66
N LEU AA 138 48.03 68.26 25.69
CA LEU AA 138 49.31 68.62 26.26
C LEU AA 138 49.37 70.09 26.68
N VAL AA 139 50.28 70.38 27.60
CA VAL AA 139 50.70 71.75 27.89
C VAL AA 139 52.22 71.75 28.06
N VAL AA 140 52.86 72.84 27.69
CA VAL AA 140 54.32 72.92 27.65
C VAL AA 140 54.78 74.35 27.77
N ALA AA 141 55.93 74.56 28.43
CA ALA AA 141 56.45 75.90 28.71
C ALA AA 141 56.82 76.64 27.43
N GLN AA 142 56.78 75.94 26.31
CA GLN AA 142 57.07 76.53 25.01
C GLN AA 142 56.43 75.62 23.98
N GLY AA 143 56.20 76.07 22.76
CA GLY AA 143 55.28 75.32 21.95
C GLY AA 143 54.93 75.92 20.63
N VAL AA 144 53.70 75.63 20.18
CA VAL AA 144 53.26 75.84 18.83
C VAL AA 144 53.61 77.22 18.28
N ASP AA 145 53.88 78.20 19.12
CA ASP AA 145 54.35 79.48 18.60
C ASP AA 145 55.66 79.31 17.83
N ASN AA 146 56.45 78.30 18.15
CA ASN AA 146 57.68 78.03 17.40
C ASN AA 146 57.43 76.75 16.60
N VAL AA 147 57.29 76.91 15.29
CA VAL AA 147 56.76 75.88 14.42
C VAL AA 147 57.63 74.63 14.51
N GLN AA 148 58.91 74.81 14.79
CA GLN AA 148 59.82 73.67 14.76
C GLN AA 148 59.81 72.91 16.07
N ILE AA 149 59.31 73.52 17.14
CA ILE AA 149 58.95 72.74 18.31
C ILE AA 149 57.49 72.33 18.23
N LYS AA 150 56.76 72.90 17.28
CA LYS AA 150 55.39 72.45 17.02
C LYS AA 150 55.38 71.12 16.31
N GLN AA 151 56.03 71.06 15.15
CA GLN AA 151 55.90 69.89 14.30
C GLN AA 151 56.67 68.72 14.89
N THR AA 152 57.78 69.02 15.58
CA THR AA 152 58.55 68.00 16.26
C THR AA 152 57.67 67.13 17.12
N ILE AA 153 56.77 67.76 17.86
CA ILE AA 153 56.00 67.04 18.87
C ILE AA 153 54.93 66.18 18.22
N ILE AA 154 54.12 66.80 17.37
CA ILE AA 154 53.04 66.08 16.72
C ILE AA 154 53.56 64.76 16.18
N GLU AA 155 54.63 64.83 15.40
CA GLU AA 155 55.14 63.65 14.73
C GLU AA 155 55.72 62.69 15.77
N ALA AA 156 56.08 63.23 16.93
CA ALA AA 156 56.58 62.39 18.00
C ALA AA 156 55.44 61.71 18.75
N VAL AA 157 54.36 62.43 18.98
CA VAL AA 157 53.26 61.88 19.77
C VAL AA 157 52.47 60.89 18.94
N THR AA 158 52.05 61.30 17.75
CA THR AA 158 51.21 60.44 16.95
C THR AA 158 51.88 59.10 16.69
N ARG AA 159 53.16 59.13 16.37
CA ARG AA 159 53.85 57.93 15.95
C ARG AA 159 54.14 57.00 17.12
N VAL AA 160 54.01 57.49 18.34
CA VAL AA 160 54.12 56.61 19.51
C VAL AA 160 52.83 55.85 19.73
N LEU AA 161 51.72 56.57 19.71
CA LEU AA 161 50.45 56.06 20.22
C LEU AA 161 49.51 55.58 19.13
N ASP AA 162 49.88 55.74 17.87
CA ASP AA 162 48.99 55.50 16.74
C ASP AA 162 47.77 56.40 16.83
N VAL AA 163 48.01 57.70 17.01
CA VAL AA 163 46.96 58.69 17.17
C VAL AA 163 47.03 59.66 16.00
N PRO AA 164 46.04 59.68 15.12
CA PRO AA 164 46.03 60.67 14.05
C PRO AA 164 46.05 62.07 14.60
N SER AA 165 46.38 63.03 13.75
CA SER AA 165 46.55 64.40 14.20
C SER AA 165 45.26 64.97 14.77
N HIS AA 166 44.15 64.81 14.05
CA HIS AA 166 42.94 65.51 14.45
C HIS AA 166 42.46 65.13 15.84
N ARG AA 167 42.96 64.04 16.41
CA ARG AA 167 42.60 63.64 17.75
C ARG AA 167 43.60 64.06 18.80
N VAL AA 168 44.64 64.78 18.40
CA VAL AA 168 45.66 65.23 19.32
C VAL AA 168 45.86 66.73 19.13
N ALA AA 169 46.14 67.42 20.20
CA ALA AA 169 46.23 68.86 20.14
C ALA AA 169 47.11 69.36 21.29
N VAL AA 170 47.58 70.60 21.14
CA VAL AA 170 48.58 71.16 22.02
C VAL AA 170 48.28 72.63 22.27
N ALA AA 171 48.91 73.17 23.31
CA ALA AA 171 48.63 74.52 23.74
C ALA AA 171 49.91 75.25 24.12
N PRO AA 172 50.03 76.52 23.77
CA PRO AA 172 51.20 77.28 24.20
C PRO AA 172 51.19 77.66 25.68
N LYS AA 173 52.40 78.01 26.12
CA LYS AA 173 52.88 78.15 27.49
C LYS AA 173 52.54 77.02 28.43
N LYS AA 174 52.75 77.27 29.72
CA LYS AA 174 52.37 76.36 30.80
C LYS AA 174 51.96 77.13 32.05
N ILE AA 175 52.94 77.72 32.70
CA ILE AA 175 52.69 78.60 33.85
C ILE AA 175 53.58 79.82 33.76
N LYS AA 176 54.89 79.60 33.82
CA LYS AA 176 55.88 80.65 34.03
C LYS AA 176 56.56 80.96 32.69
N GLU AA 177 56.77 82.24 32.43
CA GLU AA 177 57.46 82.66 31.23
C GLU AA 177 58.37 83.84 31.55
N PRO BA 39 47.52 38.74 31.98
CA PRO BA 39 46.96 40.06 31.67
C PRO BA 39 48.06 41.04 31.25
N LYS BA 40 47.87 42.34 31.49
CA LYS BA 40 48.89 43.33 31.15
C LYS BA 40 50.28 42.93 31.61
N ASP BA 41 50.41 42.40 32.83
CA ASP BA 41 51.73 42.29 33.47
C ASP BA 41 52.79 41.74 32.53
N SER BA 42 52.52 40.63 31.85
CA SER BA 42 53.50 40.09 30.91
C SER BA 42 53.83 41.09 29.81
N ILE BA 43 53.05 42.17 29.68
CA ILE BA 43 53.44 43.23 28.77
C ILE BA 43 54.59 44.03 29.36
N ASP BA 44 54.38 44.55 30.57
CA ASP BA 44 55.27 45.58 31.09
C ASP BA 44 56.71 45.09 31.05
N ASP BA 45 56.91 43.81 31.34
CA ASP BA 45 58.24 43.23 31.23
C ASP BA 45 58.79 43.42 29.83
N TYR BA 46 58.01 43.07 28.80
CA TYR BA 46 58.53 43.14 27.45
C TYR BA 46 59.08 44.52 27.15
N GLU BA 47 58.27 45.56 27.34
CA GLU BA 47 58.71 46.90 26.95
C GLU BA 47 60.07 47.22 27.55
N LYS BA 48 60.20 47.11 28.87
CA LYS BA 48 61.46 47.44 29.49
C LYS BA 48 62.59 46.60 28.93
N GLU BA 49 62.33 45.31 28.72
CA GLU BA 49 63.34 44.46 28.12
C GLU BA 49 63.82 45.04 26.80
N TYR BA 50 62.91 45.63 26.03
CA TYR BA 50 63.33 46.40 24.88
C TYR BA 50 64.01 47.69 25.30
N GLU BA 51 63.35 48.47 26.16
CA GLU BA 51 63.79 49.83 26.44
C GLU BA 51 65.25 49.85 26.86
N ASN BA 52 65.70 48.81 27.56
CA ASN BA 52 67.05 48.82 28.09
C ASN BA 52 68.06 48.44 27.01
N GLN BA 53 67.69 47.52 26.13
CA GLN BA 53 68.64 47.06 25.13
C GLN BA 53 69.07 48.20 24.22
N LEU BA 54 68.11 48.79 23.52
CA LEU BA 54 68.44 49.89 22.63
C LEU BA 54 69.26 50.94 23.34
N LYS BA 55 68.88 51.25 24.57
CA LYS BA 55 69.65 52.19 25.37
C LYS BA 55 71.11 51.78 25.40
N GLU BA 56 71.39 50.68 26.08
CA GLU BA 56 72.77 50.26 26.29
C GLU BA 56 73.52 50.09 24.97
N ILE BA 57 72.79 49.78 23.90
CA ILE BA 57 73.41 49.53 22.62
C ILE BA 57 73.67 50.83 21.88
N LEU BA 58 72.69 51.72 21.89
CA LEU BA 58 72.76 52.88 21.02
C LEU BA 58 73.74 53.92 21.54
N GLU BA 59 74.12 53.83 22.81
CA GLU BA 59 75.24 54.63 23.27
C GLU BA 59 76.53 54.22 22.57
N THR BA 60 76.53 53.07 21.90
CA THR BA 60 77.74 52.45 21.40
C THR BA 60 77.98 52.77 19.93
N ILE BA 61 77.16 53.61 19.34
CA ILE BA 61 77.47 54.10 18.01
C ILE BA 61 78.24 55.40 18.17
N ILE BA 62 78.30 56.19 17.11
CA ILE BA 62 79.41 57.08 16.87
C ILE BA 62 79.98 57.85 18.08
N GLY BA 63 79.25 58.77 18.73
CA GLY BA 63 77.80 58.84 18.81
C GLY BA 63 77.39 60.27 19.05
N VAL BA 64 76.14 60.57 19.41
CA VAL BA 64 75.17 59.65 20.01
C VAL BA 64 75.73 59.15 21.34
N ASP BA 65 75.82 60.07 22.31
CA ASP BA 65 76.47 59.79 23.57
C ASP BA 65 75.51 59.45 24.70
N ASP BA 66 74.21 59.44 24.45
CA ASP BA 66 73.25 59.10 25.50
C ASP BA 66 71.83 59.10 24.95
N VAL BA 67 70.90 58.42 25.63
CA VAL BA 67 69.56 58.24 25.10
C VAL BA 67 68.56 57.94 26.20
N SER BA 68 67.29 58.15 25.87
CA SER BA 68 66.16 57.80 26.69
C SER BA 68 65.02 57.47 25.73
N VAL BA 69 64.22 56.47 26.07
CA VAL BA 69 63.28 55.90 25.12
C VAL BA 69 61.97 55.54 25.78
N VAL BA 70 61.01 55.22 24.94
CA VAL BA 70 59.69 54.71 25.33
C VAL BA 70 59.21 53.82 24.21
N VAL BA 71 58.35 52.86 24.54
CA VAL BA 71 57.82 51.92 23.56
C VAL BA 71 56.40 51.53 23.94
N ASN BA 72 55.60 51.21 22.93
CA ASN BA 72 54.23 50.75 23.12
C ASN BA 72 54.04 49.42 22.43
N VAL BA 73 53.72 48.41 23.23
CA VAL BA 73 53.35 47.10 22.72
C VAL BA 73 51.86 47.08 22.43
N ASP BA 74 51.47 46.36 21.38
CA ASP BA 74 50.09 46.40 20.93
C ASP BA 74 49.29 45.24 21.49
N ALA BA 75 49.92 44.36 22.25
CA ALA BA 75 49.25 43.14 22.65
C ALA BA 75 50.05 42.42 23.72
N THR BA 76 49.50 41.31 24.17
CA THR BA 76 50.25 40.34 24.93
C THR BA 76 50.65 39.21 23.99
N SER BA 77 51.23 38.15 24.55
CA SER BA 77 51.72 37.07 23.73
C SER BA 77 50.58 36.35 23.03
N LEU BA 78 50.81 36.00 21.77
CA LEU BA 78 49.81 35.40 20.92
C LEU BA 78 49.93 33.89 20.92
N LYS BA 79 48.83 33.22 21.23
CA LYS BA 79 48.69 31.79 21.05
C LYS BA 79 48.51 31.44 19.58
N VAL BA 80 48.72 30.18 19.27
CA VAL BA 80 48.24 29.57 18.04
C VAL BA 80 47.71 28.20 18.38
N TYR BA 81 46.65 27.80 17.70
CA TYR BA 81 45.98 26.54 17.96
C TYR BA 81 45.83 25.79 16.65
N GLU BA 82 45.93 24.47 16.73
CA GLU BA 82 45.94 23.66 15.53
C GLU BA 82 44.54 23.58 14.95
N LYS BA 83 44.44 23.36 13.66
CA LYS BA 83 43.15 23.26 13.00
C LYS BA 83 43.18 22.25 11.87
N ASN BA 84 42.13 21.44 11.82
CA ASN BA 84 41.77 20.76 10.60
C ASN BA 84 41.37 21.79 9.56
N LYS BA 85 41.43 21.40 8.30
CA LYS BA 85 41.27 22.38 7.24
C LYS BA 85 40.70 21.75 5.99
N SER BA 86 40.10 22.60 5.17
CA SER BA 86 39.59 22.23 3.86
C SER BA 86 39.72 23.48 3.01
N ASN BA 87 40.10 23.31 1.76
CA ASN BA 87 40.34 24.41 0.86
C ASN BA 87 39.92 24.03 -0.54
N LYS BA 88 39.24 24.95 -1.21
CA LYS BA 88 38.78 24.72 -2.57
C LYS BA 88 39.01 25.98 -3.37
N ASN BA 89 39.82 25.90 -4.41
CA ASN BA 89 40.03 26.98 -5.35
C ASN BA 89 39.63 26.51 -6.73
N THR BA 90 38.53 27.04 -7.22
CA THR BA 90 38.05 26.75 -8.57
C THR BA 90 37.99 28.05 -9.33
N THR BA 91 38.87 28.20 -10.31
CA THR BA 91 38.87 29.40 -11.12
C THR BA 91 38.97 28.98 -12.59
N THR BA 92 38.40 29.81 -13.46
CA THR BA 92 38.52 29.57 -14.89
C THR BA 92 38.58 30.90 -15.63
N GLU BA 93 39.02 30.82 -16.88
CA GLU BA 93 39.12 31.98 -17.75
C GLU BA 93 38.88 31.53 -19.18
N GLU BA 94 38.30 32.41 -19.98
CA GLU BA 94 37.91 32.09 -21.35
C GLU BA 94 38.11 33.29 -22.26
N THR BA 95 38.61 33.02 -23.46
CA THR BA 95 38.52 33.94 -24.58
C THR BA 95 38.36 33.10 -25.83
N ASP BA 96 37.89 33.75 -26.90
CA ASP BA 96 37.62 33.02 -28.13
C ASP BA 96 37.70 33.99 -29.32
N LYS BA 97 37.25 33.51 -30.47
CA LYS BA 97 37.31 34.25 -31.72
C LYS BA 97 36.68 35.63 -31.62
N GLU BA 98 35.44 35.71 -31.12
CA GLU BA 98 34.76 36.98 -30.94
C GLU BA 98 35.22 37.62 -29.65
N GLY BA 99 34.72 37.10 -28.54
CA GLY BA 99 35.44 37.13 -27.28
C GLY BA 99 34.74 36.25 -26.28
N GLY BA 100 35.53 35.60 -25.44
CA GLY BA 100 35.00 34.74 -24.39
C GLY BA 100 35.31 35.29 -23.02
N LYS BA 101 35.74 36.55 -22.96
CA LYS BA 101 36.38 37.07 -21.77
C LYS BA 101 35.46 36.86 -20.58
N ARG BA 102 35.92 36.06 -19.64
CA ARG BA 102 35.21 35.71 -18.44
C ARG BA 102 36.24 35.37 -17.39
N SER BA 103 35.97 35.77 -16.15
CA SER BA 103 36.76 35.32 -15.02
C SER BA 103 35.77 34.81 -13.99
N VAL BA 104 35.94 33.57 -13.57
CA VAL BA 104 35.18 33.00 -12.48
C VAL BA 104 36.19 32.48 -11.47
N THR BA 105 36.26 33.12 -10.31
CA THR BA 105 37.22 32.75 -9.30
C THR BA 105 36.47 32.36 -8.04
N ASP BA 106 36.51 31.06 -7.71
CA ASP BA 106 35.83 30.53 -6.55
C ASP BA 106 36.86 30.14 -5.51
N GLN BA 107 36.65 30.61 -4.29
CA GLN BA 107 37.52 30.28 -3.18
C GLN BA 107 36.64 29.95 -1.98
N SER BA 108 36.78 28.74 -1.48
CA SER BA 108 36.03 28.29 -0.31
C SER BA 108 36.97 27.63 0.66
N SER BA 109 36.90 28.06 1.92
CA SER BA 109 37.80 27.57 2.95
C SER BA 109 37.01 27.35 4.22
N GLU BA 110 37.13 26.16 4.78
CA GLU BA 110 36.62 25.86 6.09
C GLU BA 110 37.77 25.57 7.02
N GLU BA 111 37.63 26.00 8.26
CA GLU BA 111 38.59 25.68 9.29
C GLU BA 111 37.84 25.20 10.52
N GLU BA 112 38.46 24.26 11.22
CA GLU BA 112 37.90 23.74 12.45
C GLU BA 112 39.04 23.47 13.40
N ILE BA 113 38.85 23.84 14.65
CA ILE BA 113 39.88 23.62 15.64
C ILE BA 113 39.89 22.15 16.05
N VAL BA 114 40.98 21.74 16.65
CA VAL BA 114 41.15 20.40 17.15
C VAL BA 114 41.08 20.43 18.66
N MET BA 115 40.58 19.36 19.24
CA MET BA 115 40.37 19.28 20.68
C MET BA 115 40.81 17.92 21.21
N ILE BA 116 41.73 17.96 22.16
CA ILE BA 116 42.14 16.79 22.92
C ILE BA 116 40.97 16.32 23.75
N LYS BA 117 41.02 15.07 24.19
CA LYS BA 117 40.04 14.52 25.10
C LYS BA 117 40.70 13.68 26.17
N ASN BA 118 40.37 13.98 27.41
CA ASN BA 118 40.77 13.17 28.56
C ASN BA 118 39.53 13.04 29.44
N GLY BA 119 39.05 11.81 29.60
CA GLY BA 119 37.85 11.60 30.37
C GLY BA 119 36.70 12.44 29.83
N ASP BA 120 36.15 13.28 30.69
CA ASP BA 120 35.20 14.30 30.27
C ASP BA 120 35.89 15.51 29.66
N LYS BA 121 37.12 15.80 30.06
CA LYS BA 121 37.80 17.02 29.66
C LYS BA 121 38.03 17.05 28.16
N GLU BA 122 38.08 18.26 27.63
CA GLU BA 122 38.34 18.51 26.22
C GLU BA 122 39.16 19.79 26.16
N THR BA 123 40.30 19.75 25.49
CA THR BA 123 41.22 20.88 25.51
C THR BA 123 41.88 21.08 24.16
N PRO BA 124 42.21 22.33 23.83
CA PRO BA 124 42.79 22.63 22.53
C PRO BA 124 44.26 22.30 22.48
N VAL BA 125 44.79 22.31 21.26
CA VAL BA 125 46.20 22.02 21.03
C VAL BA 125 46.99 23.31 20.98
N VAL BA 126 48.21 23.28 21.49
CA VAL BA 126 49.09 24.43 21.47
C VAL BA 126 50.22 24.15 20.50
N VAL BA 127 50.24 24.88 19.40
CA VAL BA 127 51.30 24.77 18.43
C VAL BA 127 52.51 25.59 18.83
N GLN BA 128 52.43 26.90 18.69
CA GLN BA 128 53.52 27.76 19.10
C GLN BA 128 52.93 29.05 19.63
N THR BA 129 53.80 30.03 19.80
CA THR BA 129 53.52 31.27 20.49
C THR BA 129 54.33 32.37 19.83
N LYS BA 130 53.74 33.54 19.67
CA LYS BA 130 54.40 34.64 19.00
C LYS BA 130 54.54 35.85 19.90
N LYS BA 131 55.47 36.68 19.53
CA LYS BA 131 55.63 37.96 20.18
C LYS BA 131 54.90 39.07 19.44
N PRO BA 132 54.49 40.10 20.18
CA PRO BA 132 53.67 41.15 19.61
C PRO BA 132 54.46 42.15 18.77
N ASP BA 133 53.71 42.95 18.02
CA ASP BA 133 54.29 44.06 17.29
C ASP BA 133 54.56 45.22 18.23
N ILE BA 134 54.94 46.37 17.66
CA ILE BA 134 55.64 47.40 18.40
C ILE BA 134 55.28 48.79 17.88
N ARG BA 135 55.37 49.78 18.79
CA ARG BA 135 55.36 51.20 18.44
C ARG BA 135 56.27 51.95 19.40
N GLY BA 136 57.20 52.77 18.88
CA GLY BA 136 58.25 53.30 19.74
C GLY BA 136 58.90 54.55 19.19
N VAL BA 137 59.48 55.33 20.12
CA VAL BA 137 60.34 56.46 19.80
C VAL BA 137 61.44 56.59 20.85
N LEU BA 138 62.12 57.74 20.83
CA LEU BA 138 63.48 57.85 21.30
C LEU BA 138 63.85 59.27 21.68
N VAL BA 139 64.87 59.40 22.53
CA VAL BA 139 65.58 60.64 22.76
C VAL BA 139 67.08 60.36 22.82
N VAL BA 140 67.88 61.31 22.38
CA VAL BA 140 69.32 61.09 22.23
C VAL BA 140 70.07 62.41 22.29
N ALA BA 141 71.28 62.39 22.86
CA ALA BA 141 72.06 63.61 23.07
C ALA BA 141 72.47 64.26 21.75
N GLN BA 142 72.21 63.58 20.66
CA GLN BA 142 72.50 64.10 19.33
C GLN BA 142 71.63 63.32 18.37
N GLY BA 143 71.40 63.81 17.16
CA GLY BA 143 70.29 63.25 16.44
C GLY BA 143 69.96 63.91 15.13
N VAL BA 144 68.66 63.86 14.79
CA VAL BA 144 68.16 64.15 13.45
C VAL BA 144 68.74 65.42 12.86
N ASP BA 145 69.25 66.35 13.68
CA ASP BA 145 69.93 67.49 13.09
C ASP BA 145 71.11 67.09 12.23
N ASN BA 146 71.72 65.94 12.51
CA ASN BA 146 72.81 65.43 11.67
C ASN BA 146 72.26 64.22 10.91
N VAL BA 147 72.06 64.41 9.62
CA VAL BA 147 71.27 63.49 8.80
C VAL BA 147 71.88 62.10 8.86
N GLN BA 148 73.20 62.04 9.02
CA GLN BA 148 73.86 60.73 8.95
C GLN BA 148 73.81 59.99 10.27
N ILE BA 149 73.50 60.69 11.36
CA ILE BA 149 73.10 60.00 12.57
C ILE BA 149 71.58 59.88 12.61
N LYS BA 150 70.90 60.58 11.70
CA LYS BA 150 69.47 60.41 11.56
C LYS BA 150 69.14 59.09 10.87
N GLN BA 151 69.67 58.92 9.67
CA GLN BA 151 69.27 57.78 8.85
C GLN BA 151 69.83 56.49 9.40
N THR BA 152 71.02 56.58 9.99
CA THR BA 152 71.64 55.42 10.63
C THR BA 152 70.67 54.74 11.58
N ILE BA 153 69.98 55.53 12.38
CA ILE BA 153 69.16 54.99 13.45
C ILE BA 153 67.91 54.35 12.90
N ILE BA 154 67.17 55.11 12.10
CA ILE BA 154 65.91 54.60 11.55
C ILE BA 154 66.12 53.21 10.98
N GLU BA 155 67.13 53.07 10.12
CA GLU BA 155 67.35 51.81 9.45
C GLU BA 155 67.81 50.76 10.45
N ALA BA 156 68.35 51.22 11.58
CA ALA BA 156 68.77 50.31 12.63
C ALA BA 156 67.58 49.85 13.46
N VAL BA 157 66.67 50.78 13.77
CA VAL BA 157 65.55 50.46 14.64
C VAL BA 157 64.53 49.63 13.90
N THR BA 158 64.11 50.11 12.73
CA THR BA 158 63.04 49.43 12.01
C THR BA 158 63.43 47.98 11.72
N ARG BA 159 64.66 47.76 11.31
CA ARG BA 159 65.08 46.45 10.86
C ARG BA 159 65.26 45.48 12.02
N VAL BA 160 65.33 45.99 13.24
CA VAL BA 160 65.36 45.12 14.41
C VAL BA 160 63.97 44.62 14.74
N LEU BA 161 63.01 45.54 14.79
CA LEU BA 161 61.73 45.28 15.40
C LEU BA 161 60.63 44.99 14.40
N ASP BA 162 60.92 45.08 13.11
CA ASP BA 162 59.91 45.02 12.05
C ASP BA 162 58.90 46.14 12.22
N VAL BA 163 59.40 47.36 12.36
CA VAL BA 163 58.57 48.54 12.58
C VAL BA 163 58.74 49.46 11.39
N PRO BA 164 57.71 49.68 10.59
CA PRO BA 164 57.81 50.65 9.50
C PRO BA 164 58.13 52.03 10.03
N SER BA 165 58.58 52.90 9.13
CA SER BA 165 59.05 54.21 9.56
C SER BA 165 57.94 55.01 10.21
N HIS BA 166 56.77 55.07 9.58
CA HIS BA 166 55.76 56.00 10.05
C HIS BA 166 55.31 55.72 11.48
N ARG BA 167 55.63 54.56 12.03
CA ARG BA 167 55.30 54.24 13.40
C ARG BA 167 56.45 54.46 14.37
N VAL BA 168 57.58 54.96 13.87
CA VAL BA 168 58.73 55.22 14.71
C VAL BA 168 59.19 56.63 14.47
N ALA BA 169 59.69 57.27 15.52
CA ALA BA 169 60.06 58.67 15.43
C ALA BA 169 61.10 58.98 16.49
N VAL BA 170 61.77 60.11 16.28
CA VAL BA 170 62.94 60.47 17.08
C VAL BA 170 62.95 61.96 17.32
N ALA BA 171 63.74 62.38 18.31
CA ALA BA 171 63.76 63.75 18.73
C ALA BA 171 65.19 64.23 19.00
N PRO BA 172 65.52 65.45 18.62
CA PRO BA 172 66.86 65.96 18.95
C PRO BA 172 67.04 66.34 20.41
N LYS BA 173 68.31 66.46 20.76
CA LYS BA 173 68.92 66.51 22.09
C LYS BA 173 68.43 65.46 23.07
N LYS BA 174 68.78 65.67 24.34
CA LYS BA 174 68.32 64.85 25.45
C LYS BA 174 68.16 65.69 26.72
N ILE BA 175 69.30 66.09 27.29
CA ILE BA 175 69.30 66.99 28.43
C ILE BA 175 70.40 68.02 28.26
N LYS BA 176 71.65 67.55 28.22
CA LYS BA 176 72.83 68.39 28.34
C LYS BA 176 73.45 68.56 26.95
N GLU BA 177 73.89 69.78 26.64
CA GLU BA 177 74.55 70.05 25.39
C GLU BA 177 75.69 71.03 25.63
N PRO CA 39 56.43 28.87 27.65
CA PRO CA 39 56.11 30.27 27.35
C PRO CA 39 57.35 31.02 26.84
N LYS CA 40 57.43 32.33 27.07
CA LYS CA 40 58.59 33.11 26.63
C LYS CA 40 59.91 32.45 27.00
N ASP CA 41 60.04 31.91 28.21
CA ASP CA 41 61.34 31.54 28.75
C ASP CA 41 62.21 30.80 27.74
N SER CA 42 61.67 29.75 27.10
CA SER CA 42 62.45 29.04 26.11
C SER CA 42 62.89 29.95 24.96
N ILE CA 43 62.32 31.15 24.88
CA ILE CA 43 62.84 32.12 23.92
C ILE CA 43 64.16 32.68 24.41
N ASP CA 44 64.15 33.24 25.62
CA ASP CA 44 65.27 34.08 26.05
C ASP CA 44 66.57 33.32 25.93
N ASP CA 45 66.55 32.03 26.21
CA ASP CA 45 67.72 31.20 26.01
C ASP CA 45 68.19 31.28 24.56
N TYR CA 46 67.28 31.08 23.61
CA TYR CA 46 67.70 31.05 22.22
C TYR CA 46 68.48 32.30 21.85
N GLU CA 47 67.90 33.47 22.09
CA GLU CA 47 68.56 34.70 21.66
C GLU CA 47 70.00 34.75 22.13
N LYS CA 48 70.20 34.62 23.44
CA LYS CA 48 71.55 34.70 23.96
C LYS CA 48 72.45 33.66 23.33
N GLU CA 49 71.93 32.45 23.16
CA GLU CA 49 72.71 31.41 22.50
C GLU CA 49 73.19 31.88 21.14
N TYR CA 50 72.36 32.64 20.44
CA TYR CA 50 72.82 33.32 19.23
C TYR CA 50 73.77 34.45 19.58
N GLU CA 51 73.33 35.34 20.46
CA GLU CA 51 74.05 36.59 20.70
C GLU CA 51 75.51 36.33 21.01
N ASN CA 52 75.81 35.23 21.68
CA ASN CA 52 77.17 34.97 22.11
C ASN CA 52 78.01 34.41 20.98
N GLN CA 53 77.40 33.57 20.13
CA GLN CA 53 78.16 32.93 19.07
C GLN CA 53 78.73 33.96 18.12
N LEU CA 54 77.85 34.74 17.48
CA LEU CA 54 78.31 35.75 16.54
C LEU CA 54 79.38 36.60 17.18
N LYS CA 55 79.16 36.99 18.43
CA LYS CA 55 80.15 37.77 19.15
C LYS CA 55 81.51 37.09 19.08
N GLU CA 56 81.63 35.95 19.75
CA GLU CA 56 82.91 35.28 19.87
C GLU CA 56 83.50 34.96 18.50
N ILE CA 57 82.64 34.79 17.50
CA ILE CA 57 83.12 34.43 16.16
C ILE CA 57 83.56 35.65 15.40
N LEU CA 58 82.77 36.72 15.46
CA LEU CA 58 83.00 37.85 14.57
C LEU CA 58 84.20 38.67 14.99
N GLU CA 59 84.65 38.51 16.22
CA GLU CA 59 85.94 39.07 16.60
C GLU CA 59 87.07 38.42 15.81
N THR CA 60 86.80 37.30 15.16
CA THR CA 60 87.82 36.45 14.57
C THR CA 60 88.00 36.72 13.09
N ILE CA 61 87.32 37.70 12.55
CA ILE CA 61 87.60 38.12 11.19
C ILE CA 61 88.63 39.25 11.28
N ILE CA 62 88.75 40.00 10.20
CA ILE CA 62 89.99 40.67 9.86
C ILE CA 62 90.78 41.31 11.00
N GLY CA 63 90.30 42.35 11.69
CA GLY CA 63 88.90 42.69 11.88
C GLY CA 63 88.79 44.19 12.13
N VAL CA 64 87.66 44.72 12.58
CA VAL CA 64 86.58 44.01 13.27
C VAL CA 64 87.13 43.42 14.55
N ASP CA 65 87.48 44.30 15.49
CA ASP CA 65 88.16 43.90 16.71
C ASP CA 65 87.25 43.76 17.92
N ASP CA 66 85.94 44.00 17.78
CA ASP CA 66 85.02 43.86 18.90
C ASP CA 66 83.59 44.13 18.45
N VAL CA 67 82.60 43.64 19.20
CA VAL CA 67 81.21 43.72 18.78
C VAL CA 67 80.27 43.63 19.97
N SER CA 68 79.04 44.07 19.72
CA SER CA 68 77.92 43.95 20.63
C SER CA 68 76.68 43.84 19.77
N VAL CA 69 75.72 43.02 20.19
CA VAL CA 69 74.62 42.64 19.30
C VAL CA 69 73.32 42.54 20.08
N VAL CA 70 72.25 42.40 19.32
CA VAL CA 70 70.90 42.17 19.82
C VAL CA 70 70.17 41.38 18.75
N VAL CA 71 69.17 40.62 19.17
CA VAL CA 71 68.39 39.80 18.25
C VAL CA 71 66.97 39.67 18.74
N ASN CA 72 66.03 39.52 17.80
CA ASN CA 72 64.63 39.34 18.10
C ASN CA 72 64.13 38.06 17.46
N VAL CA 73 63.67 37.14 18.28
CA VAL CA 73 63.03 35.93 17.82
C VAL CA 73 61.55 36.20 17.65
N ASP CA 74 60.94 35.56 16.64
CA ASP CA 74 59.57 35.86 16.30
C ASP CA 74 58.60 34.88 16.93
N ALA CA 75 59.11 33.90 17.66
CA ALA CA 75 58.25 32.83 18.14
C ALA CA 75 58.98 31.97 19.15
N THR CA 76 58.25 30.99 19.66
CA THR CA 76 58.86 29.89 20.39
C THR CA 76 58.96 28.71 19.43
N SER CA 77 59.37 27.56 19.96
CA SER CA 77 59.58 26.40 19.12
C SER CA 77 58.26 25.91 18.53
N LEU CA 78 58.33 25.54 17.27
CA LEU CA 78 57.16 25.13 16.50
C LEU CA 78 56.99 23.62 16.51
N LYS CA 79 55.80 23.18 16.92
CA LYS CA 79 55.39 21.81 16.77
C LYS CA 79 55.03 21.49 15.33
N VAL CA 80 54.97 20.20 15.03
CA VAL CA 80 54.29 19.71 13.85
C VAL CA 80 53.53 18.47 14.25
N TYR CA 81 52.36 18.28 13.66
CA TYR CA 81 51.49 17.17 13.99
C TYR CA 81 51.09 16.46 12.71
N GLU CA 82 50.94 15.15 12.80
CA GLU CA 82 50.70 14.35 11.61
C GLU CA 82 49.27 14.54 11.15
N LYS CA 83 49.03 14.34 9.87
CA LYS CA 83 47.70 14.49 9.31
C LYS CA 83 47.45 13.49 8.21
N ASN CA 84 46.26 12.90 8.24
CA ASN CA 84 45.68 12.30 7.07
C ASN CA 84 45.41 13.38 6.06
N LYS CA 85 45.30 12.99 4.79
CA LYS CA 85 45.24 13.98 3.73
C LYS CA 85 44.47 13.46 2.54
N SER CA 86 43.98 14.41 1.75
CA SER CA 86 43.31 14.15 0.49
C SER CA 86 43.61 15.35 -0.40
N ASN CA 87 43.85 15.11 -1.67
CA ASN CA 87 44.24 16.14 -2.60
C ASN CA 87 43.64 15.85 -3.96
N LYS CA 88 43.09 16.87 -4.58
CA LYS CA 88 42.50 16.73 -5.90
C LYS CA 88 42.90 17.92 -6.74
N ASN CA 89 43.61 17.67 -7.83
CA ASN CA 89 43.94 18.70 -8.80
C ASN CA 89 43.36 18.30 -10.14
N THR CA 90 42.34 19.04 -10.56
CA THR CA 90 41.72 18.85 -11.86
C THR CA 90 41.85 20.14 -12.63
N THR CA 91 42.66 20.12 -13.68
CA THR CA 91 42.83 21.28 -14.52
C THR CA 91 42.73 20.86 -15.98
N THR CA 92 42.27 21.78 -16.82
CA THR CA 92 42.23 21.52 -18.24
C THR CA 92 42.49 22.80 -19.01
N GLU CA 93 42.80 22.64 -20.29
CA GLU CA 93 43.05 23.76 -21.18
C GLU CA 93 42.63 23.36 -22.58
N GLU CA 94 42.17 24.34 -23.36
CA GLU CA 94 41.62 24.09 -24.68
C GLU CA 94 41.97 25.22 -25.63
N THR CA 95 42.32 24.85 -26.85
CA THR CA 95 42.32 25.78 -27.97
C THR CA 95 41.90 24.99 -29.21
N ASP CA 96 41.48 25.70 -30.24
CA ASP CA 96 40.99 25.05 -31.45
C ASP CA 96 41.16 25.97 -32.64
N LYS CA 97 40.53 25.59 -33.75
CA LYS CA 97 40.64 26.30 -35.02
C LYS CA 97 40.30 27.78 -34.90
N GLU CA 98 39.14 28.10 -34.30
CA GLU CA 98 38.74 29.48 -34.10
C GLU CA 98 39.41 30.02 -32.85
N GLY CA 99 38.91 29.61 -31.70
CA GLY CA 99 39.71 29.50 -30.51
C GLY CA 99 38.93 28.77 -29.43
N GLY CA 100 39.64 27.98 -28.64
CA GLY CA 100 39.05 27.25 -27.54
C GLY CA 100 39.56 27.73 -26.22
N LYS CA 101 40.23 28.89 -26.20
CA LYS CA 101 41.06 29.27 -25.07
C LYS CA 101 40.20 29.24 -23.82
N ARG CA 102 40.58 28.37 -22.90
CA ARG CA 102 39.89 28.17 -21.63
C ARG CA 102 40.92 27.63 -20.66
N SER CA 103 40.83 28.08 -19.43
CA SER CA 103 41.60 27.49 -18.34
C SER CA 103 40.62 27.19 -17.24
N VAL CA 104 40.58 25.94 -16.81
CA VAL CA 104 39.80 25.53 -15.64
C VAL CA 104 40.76 24.83 -14.72
N THR CA 105 41.05 25.45 -13.58
CA THR CA 105 42.01 24.90 -12.63
C THR CA 105 41.29 24.65 -11.31
N ASP CA 106 41.10 23.38 -10.97
CA ASP CA 106 40.43 22.99 -9.75
C ASP CA 106 41.44 22.42 -8.79
N GLN CA 107 41.41 22.92 -7.56
CA GLN CA 107 42.29 22.43 -6.51
C GLN CA 107 41.47 22.28 -5.25
N SER CA 108 41.40 21.06 -4.73
CA SER CA 108 40.66 20.78 -3.51
C SER CA 108 41.54 19.94 -2.59
N SER CA 109 41.66 20.38 -1.35
CA SER CA 109 42.52 19.73 -0.38
C SER CA 109 41.80 19.66 0.95
N GLU CA 110 41.74 18.48 1.52
CA GLU CA 110 41.27 18.29 2.87
C GLU CA 110 42.42 17.78 3.72
N GLU CA 111 42.46 18.23 4.96
CA GLU CA 111 43.42 17.73 5.92
C GLU CA 111 42.69 17.40 7.20
N GLU CA 112 43.17 16.38 7.88
CA GLU CA 112 42.62 15.97 9.15
C GLU CA 112 43.76 15.49 10.02
N ILE CA 113 43.73 15.89 11.28
CA ILE CA 113 44.77 15.47 12.19
C ILE CA 113 44.53 14.04 12.63
N VAL CA 114 45.57 13.42 13.14
CA VAL CA 114 45.52 12.07 13.66
C VAL CA 114 45.57 12.13 15.17
N MET CA 115 44.91 11.16 15.81
CA MET CA 115 44.81 11.13 17.25
C MET CA 115 45.01 9.72 17.77
N ILE CA 116 45.99 9.59 18.65
CA ILE CA 116 46.23 8.36 19.39
C ILE CA 116 45.06 8.12 20.32
N LYS CA 117 44.90 6.89 20.77
CA LYS CA 117 43.90 6.54 21.76
C LYS CA 117 44.48 5.59 22.79
N ASN CA 118 44.31 5.96 24.05
CA ASN CA 118 44.62 5.07 25.17
C ASN CA 118 43.46 5.20 26.15
N GLY CA 119 42.77 4.09 26.37
CA GLY CA 119 41.60 4.11 27.22
C GLY CA 119 40.62 5.15 26.76
N ASP CA 120 40.30 6.09 27.65
CA ASP CA 120 39.54 7.27 27.29
C ASP CA 120 40.39 8.33 26.61
N LYS CA 121 41.69 8.37 26.91
CA LYS CA 121 42.55 9.43 26.43
C LYS CA 121 42.67 9.42 24.93
N GLU CA 122 42.90 10.60 24.37
CA GLU CA 122 43.10 10.79 22.94
C GLU CA 122 44.15 11.88 22.80
N THR CA 123 45.20 11.62 22.04
CA THR CA 123 46.32 12.55 21.98
C THR CA 123 46.91 12.62 20.58
N PRO CA 124 47.44 13.78 20.21
CA PRO CA 124 47.97 13.96 18.86
C PRO CA 124 49.34 13.34 18.70
N VAL CA 125 49.76 13.25 17.45
CA VAL CA 125 51.07 12.69 17.12
C VAL CA 125 52.08 13.81 16.97
N VAL CA 126 53.31 13.54 17.40
CA VAL CA 126 54.39 14.50 17.30
C VAL CA 126 55.37 14.01 16.24
N VAL CA 127 55.44 14.73 15.13
CA VAL CA 127 56.39 14.41 14.08
C VAL CA 127 57.75 14.98 14.38
N GLN CA 128 57.92 16.27 14.23
CA GLN CA 128 59.19 16.92 14.53
C GLN CA 128 58.90 18.30 15.08
N THR CA 129 59.95 19.09 15.17
CA THR CA 129 59.97 20.35 15.86
C THR CA 129 60.92 21.27 15.12
N LYS CA 130 60.56 22.54 14.99
CA LYS CA 130 61.36 23.48 14.25
C LYS CA 130 61.80 24.65 15.12
N LYS CA 131 62.83 25.29 14.67
CA LYS CA 131 63.31 26.51 15.28
C LYS CA 131 62.74 27.74 14.58
N PRO CA 132 62.60 28.83 15.32
CA PRO CA 132 61.96 30.02 14.81
C PRO CA 132 62.86 30.85 13.89
N ASP CA 133 62.21 31.77 13.18
CA ASP CA 133 62.93 32.75 12.39
C ASP CA 133 63.51 33.84 13.28
N ILE CA 134 64.04 34.89 12.67
CA ILE CA 134 64.99 35.77 13.35
C ILE CA 134 64.87 37.20 12.83
N ARG CA 135 65.21 38.15 13.70
CA ARG CA 135 65.44 39.55 13.34
C ARG CA 135 66.56 40.12 14.22
N GLY CA 136 67.59 40.73 13.61
CA GLY CA 136 68.78 41.05 14.38
C GLY CA 136 69.62 42.16 13.76
N VAL CA 137 70.41 42.80 14.63
CA VAL CA 137 71.45 43.76 14.24
C VAL CA 137 72.62 43.67 15.19
N LEU CA 138 73.51 44.66 15.10
CA LEU CA 138 74.90 44.51 15.46
C LEU CA 138 75.57 45.83 15.79
N VAL CA 139 76.66 45.76 16.56
CA VAL CA 139 77.61 46.84 16.71
C VAL CA 139 79.01 46.27 16.66
N VAL CA 140 79.96 47.05 16.14
CA VAL CA 140 81.30 46.56 15.90
C VAL CA 140 82.30 47.72 15.87
N ALA CA 141 83.52 47.46 16.34
CA ALA CA 141 84.53 48.50 16.48
C ALA CA 141 84.96 49.06 15.13
N GLN CA 142 84.49 48.44 14.06
CA GLN CA 142 84.77 48.89 12.71
C GLN CA 142 83.69 48.30 11.84
N GLY CA 143 83.47 48.82 10.64
CA GLY CA 143 82.22 48.48 10.01
C GLY CA 143 81.91 49.18 8.71
N VAL CA 144 80.62 49.38 8.48
CA VAL CA 144 80.09 49.76 7.18
C VAL CA 144 80.84 50.91 6.53
N ASP CA 145 81.59 51.71 7.28
CA ASP CA 145 82.43 52.71 6.63
C ASP CA 145 83.44 52.08 5.69
N ASN CA 146 83.83 50.83 5.94
CA ASN CA 146 84.73 50.12 5.02
C ASN CA 146 83.90 49.04 4.34
N VAL CA 147 83.64 49.26 3.06
CA VAL CA 147 82.64 48.51 2.32
C VAL CA 147 82.97 47.03 2.34
N GLN CA 148 84.26 46.71 2.42
CA GLN CA 148 84.65 45.31 2.31
C GLN CA 148 84.55 44.59 3.65
N ILE CA 149 84.48 45.34 4.74
CA ILE CA 149 84.05 44.74 5.99
C ILE CA 149 82.54 44.92 6.15
N LYS CA 150 81.94 45.73 5.28
CA LYS CA 150 80.49 45.84 5.26
C LYS CA 150 79.86 44.60 4.62
N GLN CA 151 80.25 44.33 3.38
CA GLN CA 151 79.58 43.30 2.61
C GLN CA 151 79.93 41.92 3.15
N THR CA 152 81.15 41.78 3.64
CA THR CA 152 81.59 40.53 4.25
C THR CA 152 80.58 40.04 5.28
N ILE CA 153 80.11 40.95 6.12
CA ILE CA 153 79.29 40.58 7.26
C ILE CA 153 77.90 40.19 6.81
N ILE CA 154 77.25 41.08 6.06
CA ILE CA 154 75.90 40.83 5.61
C ILE CA 154 75.79 39.42 5.05
N GLU CA 155 76.67 39.10 4.13
CA GLU CA 155 76.60 37.81 3.46
C GLU CA 155 76.92 36.69 4.45
N ALA CA 156 77.63 37.04 5.52
CA ALA CA 156 77.94 36.06 6.55
C ALA CA 156 76.76 35.85 7.48
N VAL CA 157 76.07 36.94 7.83
CA VAL CA 157 74.98 36.84 8.79
C VAL CA 157 73.76 36.23 8.15
N THR CA 158 73.35 36.78 7.01
CA THR CA 158 72.13 36.31 6.38
C THR CA 158 72.20 34.82 6.09
N ARG CA 159 73.34 34.36 5.58
CA ARG CA 159 73.45 32.99 5.13
C ARG CA 159 73.53 32.01 6.28
N VAL CA 160 73.80 32.50 7.49
CA VAL CA 160 73.75 31.64 8.66
C VAL CA 160 72.32 31.43 9.11
N LEU CA 161 71.56 32.51 9.22
CA LEU CA 161 70.30 32.51 9.93
C LEU CA 161 69.09 32.43 9.01
N ASP CA 162 69.30 32.45 7.70
CA ASP CA 162 68.21 32.59 6.73
C ASP CA 162 67.45 33.89 6.96
N VAL CA 163 68.19 34.98 7.03
CA VAL CA 163 67.63 36.30 7.30
C VAL CA 163 67.88 37.17 6.08
N PRO CA 164 66.84 37.59 5.36
CA PRO CA 164 67.04 38.51 4.25
C PRO CA 164 67.68 39.80 4.73
N SER CA 165 68.21 40.58 3.78
CA SER CA 165 68.96 41.76 4.15
C SER CA 165 68.07 42.78 4.87
N HIS CA 166 66.89 43.06 4.33
CA HIS CA 166 66.11 44.16 4.86
C HIS CA 166 65.74 43.98 6.32
N ARG CA 167 65.87 42.78 6.86
CA ARG CA 167 65.60 42.53 8.28
C ARG CA 167 66.84 42.52 9.14
N VAL CA 168 67.99 42.80 8.55
CA VAL CA 168 69.23 42.82 9.30
C VAL CA 168 69.95 44.12 9.00
N ALA CA 169 70.63 44.66 9.99
CA ALA CA 169 71.26 45.95 9.85
C ALA CA 169 72.41 46.07 10.82
N VAL CA 170 73.28 47.04 10.55
CA VAL CA 170 74.54 47.17 11.25
C VAL CA 170 74.86 48.64 11.47
N ALA CA 171 75.80 48.89 12.38
CA ALA CA 171 76.12 50.23 12.77
C ALA CA 171 77.62 50.43 12.94
N PRO CA 172 78.15 51.56 12.51
CA PRO CA 172 79.59 51.81 12.73
C PRO CA 172 79.94 52.16 14.17
N LYS CA 173 81.24 52.01 14.41
CA LYS CA 173 81.95 51.95 15.69
C LYS CA 173 81.35 51.02 16.73
N LYS CA 174 81.82 51.16 17.96
CA LYS CA 174 81.30 50.45 19.12
C LYS CA 174 81.42 51.30 20.38
N ILE CA 175 82.64 51.48 20.86
CA ILE CA 175 82.90 52.37 21.98
C ILE CA 175 84.17 53.17 21.71
N LYS CA 176 85.30 52.46 21.59
CA LYS CA 176 86.62 53.05 21.59
C LYS CA 176 87.15 53.10 20.16
N GLU CA 177 87.79 54.21 19.80
CA GLU CA 177 88.40 54.34 18.50
C GLU CA 177 89.72 55.08 18.63
N PRO DA 39 62.90 17.48 22.82
CA PRO DA 39 62.84 18.90 22.53
C PRO DA 39 64.15 19.41 21.91
N LYS DA 40 64.50 20.68 22.11
CA LYS DA 40 65.75 21.22 21.58
C LYS DA 40 66.95 20.31 21.85
N ASP DA 41 67.05 19.76 23.06
CA ASP DA 41 68.31 19.15 23.51
C ASP DA 41 68.93 18.24 22.45
N SER DA 42 68.15 17.33 21.87
CA SER DA 42 68.71 16.47 20.83
C SER DA 42 69.22 17.27 19.65
N ILE DA 43 68.89 18.57 19.57
CA ILE DA 43 69.52 19.42 18.57
C ILE DA 43 70.95 19.71 18.95
N ASP DA 44 71.14 20.26 20.15
CA ASP DA 44 72.43 20.87 20.48
C ASP DA 44 73.55 19.88 20.26
N ASP DA 45 73.29 18.61 20.58
CA ASP DA 45 74.26 17.57 20.30
C ASP DA 45 74.63 17.55 18.83
N TYR DA 46 73.63 17.53 17.94
CA TYR DA 46 73.92 17.41 16.53
C TYR DA 46 74.90 18.49 16.08
N GLU DA 47 74.59 19.75 16.34
CA GLU DA 47 75.42 20.82 15.83
C GLU DA 47 76.88 20.60 16.20
N LYS DA 48 77.16 20.44 17.49
CA LYS DA 48 78.53 20.26 17.91
C LYS DA 48 79.16 19.06 17.23
N GLU DA 49 78.41 17.97 17.12
CA GLU DA 49 78.92 16.80 16.43
C GLU DA 49 79.38 17.17 15.03
N TYR DA 50 78.65 18.07 14.36
CA TYR DA 50 79.14 18.64 13.12
C TYR DA 50 80.31 19.57 13.39
N GLU DA 51 80.13 20.54 14.28
CA GLU DA 51 81.10 21.62 14.44
C GLU DA 51 82.50 21.08 14.64
N ASN DA 52 82.62 19.95 15.31
CA ASN DA 52 83.95 19.43 15.64
C ASN DA 52 84.55 18.70 14.46
N GLN DA 53 83.74 18.01 13.67
CA GLN DA 53 84.28 17.22 12.57
C GLN DA 53 84.95 18.13 11.56
N LEU DA 54 84.21 19.05 10.97
CA LEU DA 54 84.77 19.95 9.99
C LEU DA 54 86.03 20.59 10.53
N LYS DA 55 85.99 21.02 11.79
CA LYS DA 55 87.17 21.59 12.41
C LYS DA 55 88.36 20.66 12.26
N GLU DA 56 88.31 19.51 12.94
CA GLU DA 56 89.44 18.60 12.96
C GLU DA 56 89.85 18.18 11.56
N ILE DA 57 88.90 18.18 10.63
CA ILE DA 57 89.18 17.72 9.27
C ILE DA 57 89.80 18.84 8.45
N LEU DA 58 89.24 20.03 8.55
CA LEU DA 58 89.61 21.10 7.62
C LEU DA 58 90.98 21.67 7.94
N GLU DA 59 91.48 21.43 9.14
CA GLU DA 59 92.88 21.73 9.41
C GLU DA 59 93.80 20.89 8.55
N THR DA 60 93.27 19.83 7.95
CA THR DA 60 94.05 18.80 7.30
C THR DA 60 94.17 19.01 5.79
N ILE DA 61 93.65 20.10 5.29
CA ILE DA 61 93.91 20.47 3.91
C ILE DA 61 95.13 21.37 3.90
N ILE DA 62 95.33 22.08 2.80
CA ILE DA 62 96.64 22.49 2.36
C ILE DA 62 97.62 22.98 3.43
N GLY DA 63 97.40 24.09 4.14
CA GLY DA 63 96.12 24.70 4.42
C GLY DA 63 96.32 26.19 4.64
N VAL DA 64 95.34 26.93 5.18
CA VAL DA 64 94.21 26.45 5.96
C VAL DA 64 94.73 25.77 7.20
N ASP DA 65 95.31 26.57 8.10
CA ASP DA 65 95.99 26.05 9.27
C ASP DA 65 95.16 26.09 10.55
N ASP DA 66 93.93 26.58 10.49
CA ASP DA 66 93.09 26.61 11.69
C ASP DA 66 91.70 27.16 11.34
N VAL DA 67 90.71 26.87 12.18
CA VAL DA 67 89.33 27.21 11.87
C VAL DA 67 88.47 27.31 13.12
N SER DA 68 87.34 27.98 12.95
CA SER DA 68 86.29 28.09 13.96
C SER DA 68 84.99 28.22 13.19
N VAL DA 69 83.92 27.61 13.69
CA VAL DA 69 82.71 27.43 12.90
C VAL DA 69 81.48 27.59 13.78
N VAL DA 70 80.34 27.67 13.09
CA VAL DA 70 79.02 27.70 13.70
C VAL DA 70 78.07 27.06 12.71
N VAL DA 71 76.97 26.51 13.21
CA VAL DA 71 75.99 25.85 12.36
C VAL DA 71 74.60 26.01 12.96
N ASN DA 72 73.59 26.03 12.10
CA ASN DA 72 72.20 26.13 12.50
C ASN DA 72 71.42 24.97 11.92
N VAL DA 73 70.86 24.16 12.80
CA VAL DA 73 69.96 23.09 12.41
C VAL DA 73 68.54 23.65 12.35
N ASP DA 74 67.76 23.14 11.40
CA ASP DA 74 66.45 23.70 11.15
C ASP DA 74 65.36 22.92 11.88
N ALA DA 75 65.73 21.86 12.58
CA ALA DA 75 64.71 20.99 13.14
C ALA DA 75 65.33 20.00 14.11
N THR DA 76 64.48 19.18 14.69
CA THR DA 76 64.92 17.99 15.38
C THR DA 76 64.71 16.81 14.45
N SER DA 77 64.93 15.60 14.96
CA SER DA 77 64.84 14.41 14.13
C SER DA 77 63.43 14.19 13.65
N LEU DA 78 63.32 13.81 12.39
CA LEU DA 78 62.04 13.63 11.72
C LEU DA 78 61.57 12.19 11.77
N LYS DA 79 60.36 11.98 12.28
CA LYS DA 79 59.68 10.72 12.18
C LYS DA 79 59.15 10.48 10.78
N VAL DA 80 58.82 9.23 10.51
CA VAL DA 80 57.97 8.87 9.39
C VAL DA 80 57.02 7.79 9.87
N TYR DA 81 55.80 7.83 9.37
CA TYR DA 81 54.76 6.91 9.78
C TYR DA 81 54.13 6.29 8.54
N GLU DA 82 53.73 5.04 8.68
CA GLU DA 82 53.25 4.30 7.52
C GLU DA 82 51.86 4.76 7.17
N LYS DA 83 51.49 4.60 5.90
CA LYS DA 83 50.17 5.01 5.45
C LYS DA 83 49.64 4.08 4.39
N ASN DA 84 48.37 3.72 4.53
CA ASN DA 84 47.60 3.24 3.41
C ASN DA 84 47.46 4.36 2.39
N LYS DA 85 47.19 3.99 1.16
CA LYS DA 85 47.23 4.97 0.08
C LYS DA 85 46.29 4.61 -1.04
N SER DA 86 45.94 5.63 -1.81
CA SER DA 86 45.13 5.51 -3.01
C SER DA 86 45.60 6.62 -3.93
N ASN DA 87 45.67 6.33 -5.22
CA ASN DA 87 46.18 7.27 -6.19
C ASN DA 87 45.43 7.08 -7.49
N LYS DA 88 45.06 8.20 -8.10
CA LYS DA 88 44.35 8.18 -9.36
C LYS DA 88 44.90 9.27 -10.25
N ASN DA 89 45.46 8.88 -11.39
CA ASN DA 89 45.91 9.81 -12.40
C ASN DA 89 45.16 9.54 -13.69
N THR DA 90 44.28 10.46 -14.04
CA THR DA 90 43.53 10.39 -15.28
C THR DA 90 43.85 11.63 -16.09
N THR DA 91 44.56 11.44 -17.19
CA THR DA 91 44.88 12.55 -18.06
C THR DA 91 44.59 12.15 -19.50
N THR DA 92 44.25 13.14 -20.32
CA THR DA 92 44.05 12.89 -21.74
C THR DA 92 44.49 14.10 -22.54
N GLU DA 93 44.67 13.87 -23.84
CA GLU DA 93 45.07 14.91 -24.77
C GLU DA 93 44.46 14.61 -26.13
N GLU DA 94 44.14 15.66 -26.88
CA GLU DA 94 43.45 15.52 -28.15
C GLU DA 94 43.94 16.55 -29.14
N THR DA 95 44.12 16.12 -30.39
CA THR DA 95 44.21 17.02 -31.52
C THR DA 95 43.55 16.33 -32.70
N ASP DA 96 43.20 17.12 -33.72
CA ASP DA 96 42.50 16.56 -34.86
C ASP DA 96 42.76 17.43 -36.09
N LYS DA 97 41.98 17.18 -37.14
CA LYS DA 97 42.13 17.84 -38.42
C LYS DA 97 42.09 19.36 -38.29
N GLU DA 98 41.07 19.90 -37.62
CA GLU DA 98 40.95 21.34 -37.43
C GLU DA 98 41.81 21.73 -36.24
N GLY DA 99 41.33 21.43 -35.04
CA GLY DA 99 42.19 21.17 -33.91
C GLY DA 99 41.37 20.62 -32.77
N GLY DA 100 41.97 19.70 -32.02
CA GLY DA 100 41.33 19.10 -30.87
C GLY DA 100 42.02 19.48 -29.59
N LYS DA 101 42.90 20.49 -29.65
CA LYS DA 101 43.87 20.70 -28.59
C LYS DA 101 43.12 20.85 -27.27
N ARG DA 102 43.39 19.91 -26.37
CA ARG DA 102 42.79 19.87 -25.06
C ARG DA 102 43.76 19.14 -24.15
N SER DA 103 43.86 19.60 -22.92
CA SER DA 103 44.59 18.87 -21.89
C SER DA 103 43.65 18.77 -20.70
N VAL DA 104 43.40 17.55 -20.26
CA VAL DA 104 42.65 17.30 -19.03
C VAL DA 104 43.53 16.43 -18.16
N THR DA 105 44.02 16.99 -17.06
CA THR DA 105 44.92 16.26 -16.18
C THR DA 105 44.28 16.17 -14.80
N ASP DA 106 43.87 14.96 -14.43
CA ASP DA 106 43.23 14.70 -13.16
C ASP DA 106 44.19 13.95 -12.25
N GLN DA 107 44.34 14.45 -11.04
CA GLN DA 107 45.19 13.80 -10.06
C GLN DA 107 44.45 13.82 -8.74
N SER DA 108 44.19 12.64 -8.19
CA SER DA 108 43.51 12.50 -6.91
C SER DA 108 44.28 11.52 -6.05
N SER DA 109 44.57 11.93 -4.83
CA SER DA 109 45.37 11.13 -3.91
C SER DA 109 44.76 11.21 -2.53
N GLU DA 110 44.50 10.05 -1.94
CA GLU DA 110 44.12 9.97 -0.54
C GLU DA 110 45.21 9.24 0.22
N GLU DA 111 45.43 9.68 1.44
CA GLU DA 111 46.35 9.01 2.34
C GLU DA 111 45.68 8.84 3.68
N GLU DA 112 45.99 7.74 4.33
CA GLU DA 112 45.48 7.45 5.65
C GLU DA 112 46.56 6.76 6.43
N ILE DA 113 46.71 7.16 7.69
CA ILE DA 113 47.72 6.54 8.53
C ILE DA 113 47.24 5.20 9.01
N VAL DA 114 48.18 4.39 9.45
CA VAL DA 114 47.91 3.07 9.99
C VAL DA 114 48.08 3.12 11.49
N MET DA 115 47.31 2.31 12.19
CA MET DA 115 47.32 2.29 13.64
C MET DA 115 47.28 0.87 14.17
N ILE DA 116 48.27 0.55 14.98
CA ILE DA 116 48.33 -0.69 15.72
C ILE DA 116 47.21 -0.69 16.74
N LYS DA 117 46.86 -1.88 17.22
CA LYS DA 117 45.89 -2.02 18.29
C LYS DA 117 46.35 -3.07 19.29
N ASN DA 118 46.35 -2.67 20.56
CA ASN DA 118 46.57 -3.58 21.67
C ASN DA 118 45.53 -3.24 22.73
N GLY DA 119 44.66 -4.19 23.02
CA GLY DA 119 43.59 -3.94 23.96
C GLY DA 119 42.79 -2.73 23.55
N ASP DA 120 42.73 -1.75 24.44
CA ASP DA 120 42.18 -0.44 24.12
C ASP DA 120 43.17 0.43 23.36
N LYS DA 121 44.46 0.22 23.55
CA LYS DA 121 45.48 1.09 23.00
C LYS DA 121 45.49 1.05 21.48
N GLU DA 122 45.89 2.16 20.89
CA GLU DA 122 46.01 2.31 19.46
C GLU DA 122 47.24 3.18 19.21
N THR DA 123 48.16 2.72 18.38
CA THR DA 123 49.43 3.42 18.22
C THR DA 123 49.91 3.36 16.78
N PRO DA 124 50.62 4.39 16.34
CA PRO DA 124 51.07 4.47 14.96
C PRO DA 124 52.28 3.59 14.71
N VAL DA 125 52.58 3.41 13.43
CA VAL DA 125 53.72 2.62 13.01
C VAL DA 125 54.91 3.51 12.78
N VAL DA 126 56.10 3.02 13.11
CA VAL DA 126 57.33 3.74 12.91
C VAL DA 126 58.12 3.07 11.80
N VAL DA 127 58.24 3.75 10.67
CA VAL DA 127 59.02 3.26 9.56
C VAL DA 127 60.50 3.55 9.75
N GLN DA 128 60.89 4.79 9.55
CA GLN DA 128 62.28 5.18 9.75
C GLN DA 128 62.31 6.59 10.29
N THR DA 129 63.50 7.16 10.29
CA THR DA 129 63.81 8.41 10.96
C THR DA 129 64.86 9.12 10.13
N LYS DA 130 64.74 10.43 10.01
CA LYS DA 130 65.66 11.20 9.20
C LYS DA 130 66.37 12.26 10.00
N LYS DA 131 67.48 12.69 9.47
CA LYS DA 131 68.21 13.80 10.02
C LYS DA 131 67.86 15.11 9.34
N PRO DA 132 67.98 16.20 10.08
CA PRO DA 132 67.54 17.50 9.59
C PRO DA 132 68.50 18.14 8.60
N ASP DA 133 68.00 19.16 7.92
CA ASP DA 133 68.83 19.98 7.05
C ASP DA 133 69.67 20.94 7.89
N ILE DA 134 70.35 21.86 7.22
CA ILE DA 134 71.50 22.54 7.79
C ILE DA 134 71.62 23.97 7.27
N ARG DA 135 72.21 24.85 8.09
CA ARG DA 135 72.68 26.16 7.70
C ARG DA 135 73.95 26.50 8.48
N GLY DA 136 75.02 26.91 7.79
CA GLY DA 136 76.31 27.00 8.44
C GLY DA 136 77.29 27.91 7.76
N VAL DA 137 78.26 28.39 8.54
CA VAL DA 137 79.43 29.13 8.05
C VAL DA 137 80.64 28.82 8.92
N LEU DA 138 81.68 29.62 8.75
CA LEU DA 138 83.04 29.20 9.01
C LEU DA 138 83.98 30.37 9.27
N VAL DA 139 85.09 30.09 9.94
CA VAL DA 139 86.25 30.97 10.02
C VAL DA 139 87.50 30.14 9.86
N VAL DA 140 88.53 30.72 9.27
CA VAL DA 140 89.74 29.98 8.93
C VAL DA 140 90.94 30.92 8.81
N ALA DA 141 92.11 30.43 9.19
CA ALA DA 141 93.32 31.26 9.23
C ALA DA 141 93.74 31.72 7.85
N GLN DA 142 93.08 31.20 6.83
CA GLN DA 142 93.33 31.58 5.45
C GLN DA 142 92.10 31.21 4.66
N GLY DA 143 91.89 31.76 3.48
CA GLY DA 143 90.55 31.67 2.96
C GLY DA 143 90.29 32.41 1.68
N VAL DA 144 89.04 32.85 1.54
CA VAL DA 144 88.49 33.33 0.28
C VAL DA 144 89.40 34.30 -0.46
N ASP DA 145 90.34 34.96 0.22
CA ASP DA 145 91.31 35.76 -0.51
C ASP DA 145 92.10 34.95 -1.51
N ASN DA 146 92.28 33.65 -1.27
CA ASN DA 146 92.94 32.77 -2.23
C ASN DA 146 91.87 31.87 -2.84
N VAL DA 147 91.56 32.14 -4.10
CA VAL DA 147 90.37 31.60 -4.74
C VAL DA 147 90.41 30.08 -4.72
N GLN DA 148 91.62 29.51 -4.73
CA GLN DA 148 91.72 28.06 -4.85
C GLN DA 148 91.59 27.38 -3.49
N ILE DA 149 91.75 28.13 -2.41
CA ILE DA 149 91.30 27.63 -1.12
C ILE DA 149 89.88 28.09 -0.86
N LYS DA 150 89.39 29.01 -1.68
CA LYS DA 150 87.98 29.40 -1.60
C LYS DA 150 87.09 28.31 -2.17
N GLN DA 151 87.32 27.96 -3.43
CA GLN DA 151 86.39 27.07 -4.13
C GLN DA 151 86.52 25.65 -3.61
N THR DA 152 87.73 25.28 -3.19
CA THR DA 152 87.96 23.98 -2.60
C THR DA 152 86.96 23.70 -1.49
N ILE DA 153 86.74 24.69 -0.63
CA ILE DA 153 85.95 24.47 0.57
C ILE DA 153 84.48 24.37 0.24
N ILE DA 154 83.97 25.37 -0.48
CA ILE DA 154 82.55 25.38 -0.82
C ILE DA 154 82.14 24.02 -1.34
N GLU DA 155 82.87 23.52 -2.33
CA GLU DA 155 82.49 22.27 -2.96
C GLU DA 155 82.67 21.11 -1.99
N ALA DA 156 83.51 21.32 -0.98
CA ALA DA 156 83.70 20.31 0.04
C ALA DA 156 82.58 20.34 1.07
N VAL DA 157 82.14 21.53 1.45
CA VAL DA 157 81.13 21.65 2.49
C VAL DA 157 79.77 21.28 1.95
N THR DA 158 79.38 21.89 0.83
CA THR DA 158 78.05 21.67 0.31
C THR DA 158 77.81 20.20 0.04
N ARG DA 159 78.79 19.53 -0.54
CA ARG DA 159 78.61 18.16 -0.98
C ARG DA 159 78.59 17.18 0.19
N VAL DA 160 79.03 17.61 1.36
CA VAL DA 160 78.91 16.78 2.54
C VAL DA 160 77.50 16.85 3.10
N LEU DA 161 76.98 18.06 3.25
CA LEU DA 161 75.80 18.31 4.06
C LEU DA 161 74.54 18.47 3.23
N ASP DA 162 74.65 18.44 1.91
CA ASP DA 162 73.54 18.78 1.02
C ASP DA 162 73.05 20.20 1.28
N VAL DA 163 73.99 21.13 1.28
CA VAL DA 163 73.72 22.54 1.57
C VAL DA 163 74.04 23.35 0.32
N PRO DA 164 73.05 23.94 -0.33
CA PRO DA 164 73.34 24.82 -1.47
C PRO DA 164 74.24 25.96 -1.06
N SER DA 165 74.84 26.60 -2.06
CA SER DA 165 75.83 27.63 -1.77
C SER DA 165 75.22 28.80 -1.01
N HIS DA 166 74.07 29.31 -1.46
CA HIS DA 166 73.57 30.55 -0.89
C HIS DA 166 73.27 30.44 0.60
N ARG DA 167 73.22 29.24 1.16
CA ARG DA 167 73.00 29.05 2.58
C ARG DA 167 74.29 28.81 3.34
N VAL DA 168 75.42 28.84 2.68
CA VAL DA 168 76.70 28.63 3.32
C VAL DA 168 77.62 29.78 2.95
N ALA DA 169 78.48 30.17 3.88
CA ALA DA 169 79.33 31.32 3.66
C ALA DA 169 80.56 31.21 4.54
N VAL DA 170 81.58 31.99 4.20
CA VAL DA 170 82.89 31.87 4.79
C VAL DA 170 83.50 33.26 4.95
N ALA DA 171 84.53 33.33 5.79
CA ALA DA 171 85.14 34.58 6.15
C ALA DA 171 86.65 34.48 6.19
N PRO DA 172 87.37 35.49 5.69
CA PRO DA 172 88.83 35.46 5.80
C PRO DA 172 89.35 35.73 7.20
N LYS DA 173 90.61 35.34 7.35
CA LYS DA 173 91.39 35.15 8.57
C LYS DA 173 90.71 34.35 9.67
N LYS DA 174 91.30 34.40 10.87
CA LYS DA 174 90.74 33.80 12.07
C LYS DA 174 91.10 34.62 13.30
N ILE DA 175 92.37 34.56 13.69
CA ILE DA 175 92.90 35.38 14.77
C ILE DA 175 94.26 35.92 14.38
N LYS DA 176 95.22 35.01 14.19
CA LYS DA 176 96.63 35.34 14.09
C LYS DA 176 97.05 35.27 12.62
N GLU DA 177 97.86 36.24 12.20
CA GLU DA 177 98.38 36.25 10.85
C GLU DA 177 99.83 36.72 10.87
#